data_2KCW
#
_entry.id   2KCW
#
_entity_poly.entity_id   1
_entity_poly.type   'polypeptide(L)'
_entity_poly.pdbx_seq_one_letter_code
;MVISIRRSRHEEGEELVAIWCRSVDATHDFLSAEYRTELEDLVRSFLPEAPLWVAVNERDQPVGFMLLSGQHMDALFIDP
DVRGCGVGRVLVEHALSMAPELTTNVNEQNEQAVGFYKKVGFKVTGRSEVDDLGKPYPLLNLAYVGA
;
_entity_poly.pdbx_strand_id   A
#
# COMPACT_ATOMS: atom_id res chain seq x y z
N MET A 1 -3.06 -21.53 -0.88
CA MET A 1 -4.15 -20.60 -1.09
C MET A 1 -3.85 -19.84 -2.36
N VAL A 2 -4.85 -19.76 -3.22
CA VAL A 2 -4.89 -19.06 -4.47
C VAL A 2 -5.02 -17.54 -4.18
N ILE A 3 -4.59 -16.68 -5.11
CA ILE A 3 -4.76 -15.24 -5.08
C ILE A 3 -5.21 -14.83 -6.49
N SER A 4 -6.11 -13.86 -6.56
CA SER A 4 -6.43 -13.12 -7.77
C SER A 4 -6.54 -11.64 -7.39
N ILE A 5 -6.55 -10.73 -8.35
CA ILE A 5 -6.69 -9.29 -8.12
C ILE A 5 -7.90 -8.82 -8.92
N ARG A 6 -8.70 -7.91 -8.38
CA ARG A 6 -9.81 -7.28 -9.08
C ARG A 6 -10.04 -5.87 -8.55
N ARG A 7 -10.90 -5.07 -9.17
CA ARG A 7 -11.38 -3.84 -8.55
C ARG A 7 -12.11 -4.15 -7.26
N SER A 8 -12.02 -3.22 -6.31
CA SER A 8 -12.70 -3.28 -5.04
C SER A 8 -14.19 -3.05 -5.23
N ARG A 9 -14.92 -3.47 -4.22
CA ARG A 9 -16.30 -3.09 -3.99
C ARG A 9 -16.35 -2.07 -2.89
N HIS A 10 -17.46 -1.36 -2.83
CA HIS A 10 -17.69 -0.40 -1.76
C HIS A 10 -17.75 -1.04 -0.40
N GLU A 11 -18.59 -2.06 -0.32
CA GLU A 11 -19.08 -2.54 0.95
C GLU A 11 -17.93 -3.24 1.67
N GLU A 12 -16.94 -3.75 0.92
CA GLU A 12 -15.76 -4.36 1.50
C GLU A 12 -14.73 -3.30 1.93
N GLY A 13 -15.01 -2.00 1.70
CA GLY A 13 -14.10 -0.91 2.03
C GLY A 13 -13.62 -0.97 3.47
N GLU A 14 -14.49 -1.31 4.43
CA GLU A 14 -14.12 -1.35 5.84
C GLU A 14 -13.08 -2.43 6.14
N GLU A 15 -13.07 -3.50 5.35
CA GLU A 15 -12.03 -4.52 5.45
C GLU A 15 -10.69 -3.95 4.99
N LEU A 16 -10.71 -3.03 4.03
CA LEU A 16 -9.50 -2.40 3.52
C LEU A 16 -8.98 -1.40 4.55
N VAL A 17 -9.87 -0.67 5.21
CA VAL A 17 -9.52 0.15 6.37
C VAL A 17 -8.88 -0.75 7.43
N ALA A 18 -9.48 -1.91 7.72
CA ALA A 18 -8.95 -2.82 8.71
C ALA A 18 -7.55 -3.29 8.30
N ILE A 19 -7.35 -3.70 7.05
CA ILE A 19 -6.06 -4.15 6.51
C ILE A 19 -5.03 -3.03 6.68
N TRP A 20 -5.35 -1.81 6.26
CA TRP A 20 -4.47 -0.66 6.44
C TRP A 20 -4.10 -0.53 7.92
N CYS A 21 -5.09 -0.62 8.82
CA CYS A 21 -4.87 -0.43 10.25
C CYS A 21 -3.86 -1.44 10.78
N ARG A 22 -3.99 -2.73 10.45
CA ARG A 22 -2.99 -3.70 10.90
C ARG A 22 -1.67 -3.57 10.19
N SER A 23 -1.66 -3.17 8.91
CA SER A 23 -0.39 -2.90 8.26
C SER A 23 0.34 -1.79 9.01
N VAL A 24 -0.38 -0.79 9.50
CA VAL A 24 0.22 0.30 10.25
C VAL A 24 0.67 -0.20 11.61
N ASP A 25 -0.13 -1.01 12.29
CA ASP A 25 0.24 -1.56 13.60
C ASP A 25 1.48 -2.46 13.49
N ALA A 26 1.60 -3.19 12.38
CA ALA A 26 2.68 -4.15 12.24
C ALA A 26 3.99 -3.49 11.80
N THR A 27 3.94 -2.43 10.97
CA THR A 27 5.15 -1.94 10.31
C THR A 27 5.26 -0.41 10.27
N HIS A 28 4.28 0.36 10.71
CA HIS A 28 4.37 1.83 10.76
C HIS A 28 4.04 2.34 12.15
N ASP A 29 4.33 1.56 13.21
CA ASP A 29 3.86 1.84 14.57
C ASP A 29 4.38 3.19 15.10
N PHE A 30 5.44 3.71 14.47
CA PHE A 30 5.98 5.05 14.70
C PHE A 30 4.91 6.14 14.57
N LEU A 31 3.81 5.87 13.85
CA LEU A 31 2.64 6.73 13.78
C LEU A 31 2.00 6.92 15.14
N SER A 32 2.22 8.12 15.69
CA SER A 32 1.64 8.56 16.94
C SER A 32 0.13 8.45 16.88
N ALA A 33 -0.50 8.22 18.04
CA ALA A 33 -1.92 7.94 18.14
C ALA A 33 -2.78 9.04 17.51
N GLU A 34 -2.37 10.29 17.60
CA GLU A 34 -3.18 11.39 17.06
C GLU A 34 -3.22 11.30 15.56
N TYR A 35 -2.04 11.13 14.99
CA TYR A 35 -1.93 11.01 13.58
C TYR A 35 -2.54 9.71 13.05
N ARG A 36 -2.44 8.63 13.82
CA ARG A 36 -3.15 7.39 13.56
C ARG A 36 -4.64 7.64 13.42
N THR A 37 -5.22 8.36 14.36
CA THR A 37 -6.64 8.60 14.40
C THR A 37 -7.04 9.40 13.16
N GLU A 38 -6.30 10.45 12.83
CA GLU A 38 -6.68 11.32 11.73
C GLU A 38 -6.50 10.62 10.38
N LEU A 39 -5.44 9.81 10.26
CA LEU A 39 -5.26 8.97 9.10
C LEU A 39 -6.42 8.00 8.99
N GLU A 40 -6.74 7.27 10.06
CA GLU A 40 -7.77 6.24 10.01
C GLU A 40 -9.12 6.83 9.58
N ASP A 41 -9.46 8.03 10.04
CA ASP A 41 -10.69 8.70 9.65
C ASP A 41 -10.69 8.99 8.14
N LEU A 42 -9.62 9.60 7.63
CA LEU A 42 -9.57 9.99 6.22
C LEU A 42 -9.50 8.74 5.34
N VAL A 43 -8.78 7.71 5.77
CA VAL A 43 -8.71 6.40 5.16
C VAL A 43 -10.11 5.80 5.09
N ARG A 44 -10.89 5.85 6.18
CA ARG A 44 -12.26 5.36 6.20
C ARG A 44 -13.20 6.23 5.36
N SER A 45 -12.81 7.44 5.01
CA SER A 45 -13.55 8.32 4.13
C SER A 45 -13.03 8.20 2.70
N PHE A 46 -12.18 7.20 2.39
CA PHE A 46 -11.49 7.16 1.11
C PHE A 46 -11.41 5.74 0.55
N LEU A 47 -10.86 4.77 1.28
CA LEU A 47 -10.74 3.40 0.78
C LEU A 47 -12.08 2.81 0.32
N PRO A 48 -13.22 3.02 1.03
CA PRO A 48 -14.52 2.57 0.55
C PRO A 48 -14.99 3.17 -0.80
N GLU A 49 -14.35 4.20 -1.34
CA GLU A 49 -14.80 4.91 -2.55
C GLU A 49 -13.68 5.06 -3.60
N ALA A 50 -12.43 4.85 -3.19
CA ALA A 50 -11.27 4.99 -4.04
C ALA A 50 -11.27 3.88 -5.11
N PRO A 51 -10.73 4.18 -6.31
CA PRO A 51 -10.64 3.25 -7.42
C PRO A 51 -9.46 2.29 -7.16
N LEU A 52 -9.57 1.47 -6.12
CA LEU A 52 -8.54 0.53 -5.71
C LEU A 52 -8.64 -0.76 -6.52
N TRP A 53 -7.63 -1.61 -6.35
CA TRP A 53 -7.58 -2.99 -6.76
C TRP A 53 -7.30 -3.77 -5.47
N VAL A 54 -7.95 -4.91 -5.26
CA VAL A 54 -7.78 -5.74 -4.08
C VAL A 54 -7.22 -7.09 -4.49
N ALA A 55 -6.23 -7.58 -3.74
CA ALA A 55 -5.88 -8.97 -3.74
C ALA A 55 -6.94 -9.72 -2.95
N VAL A 56 -7.44 -10.82 -3.47
CA VAL A 56 -8.45 -11.63 -2.84
C VAL A 56 -7.95 -13.05 -2.80
N ASN A 57 -8.22 -13.74 -1.69
CA ASN A 57 -7.98 -15.17 -1.58
C ASN A 57 -9.12 -15.95 -2.27
N GLU A 58 -9.10 -17.28 -2.15
CA GLU A 58 -10.06 -18.21 -2.75
C GLU A 58 -11.53 -17.93 -2.40
N ARG A 59 -11.81 -17.19 -1.33
CA ARG A 59 -13.17 -16.84 -0.89
C ARG A 59 -13.68 -15.56 -1.53
N ASP A 60 -12.93 -14.96 -2.45
CA ASP A 60 -13.20 -13.63 -2.98
C ASP A 60 -13.37 -12.62 -1.84
N GLN A 61 -12.36 -12.61 -0.97
CA GLN A 61 -12.34 -11.91 0.30
C GLN A 61 -11.01 -11.15 0.35
N PRO A 62 -11.01 -9.83 0.53
CA PRO A 62 -9.81 -9.02 0.35
C PRO A 62 -8.76 -9.34 1.41
N VAL A 63 -7.50 -9.44 0.99
CA VAL A 63 -6.35 -9.67 1.86
C VAL A 63 -5.27 -8.60 1.67
N GLY A 64 -5.39 -7.76 0.65
CA GLY A 64 -4.57 -6.57 0.46
C GLY A 64 -5.20 -5.69 -0.60
N PHE A 65 -4.69 -4.47 -0.78
CA PHE A 65 -5.13 -3.55 -1.80
C PHE A 65 -3.99 -2.68 -2.32
N MET A 66 -4.20 -2.10 -3.49
CA MET A 66 -3.22 -1.30 -4.23
C MET A 66 -4.00 -0.22 -4.96
N LEU A 67 -3.46 0.99 -4.97
CA LEU A 67 -3.99 2.11 -5.72
C LEU A 67 -2.96 2.38 -6.79
N LEU A 68 -3.38 2.31 -8.06
CA LEU A 68 -2.57 2.72 -9.19
C LEU A 68 -3.50 3.39 -10.21
N SER A 69 -3.05 4.55 -10.70
CA SER A 69 -3.56 5.23 -11.89
C SER A 69 -2.36 5.95 -12.53
N GLY A 70 -2.45 6.31 -13.81
CA GLY A 70 -1.31 6.80 -14.56
C GLY A 70 -0.26 5.70 -14.54
N GLN A 71 0.89 5.94 -13.90
CA GLN A 71 1.89 4.89 -13.73
C GLN A 71 2.43 4.92 -12.30
N HIS A 72 1.56 5.30 -11.38
CA HIS A 72 1.92 5.67 -10.06
C HIS A 72 1.08 4.87 -9.06
N MET A 73 1.68 3.85 -8.45
CA MET A 73 1.04 3.09 -7.39
C MET A 73 1.18 3.86 -6.07
N ASP A 74 0.25 4.77 -5.77
CA ASP A 74 0.30 5.62 -4.57
C ASP A 74 0.28 4.77 -3.29
N ALA A 75 -0.46 3.65 -3.28
CA ALA A 75 -0.68 2.88 -2.07
C ALA A 75 -0.59 1.39 -2.36
N LEU A 76 -0.09 0.66 -1.38
CA LEU A 76 -0.02 -0.79 -1.34
C LEU A 76 0.00 -1.19 0.13
N PHE A 77 -1.01 -1.93 0.59
CA PHE A 77 -1.12 -2.39 1.98
C PHE A 77 -1.74 -3.80 1.95
N ILE A 78 -1.31 -4.70 2.84
CA ILE A 78 -1.69 -6.10 2.82
C ILE A 78 -1.64 -6.59 4.26
N ASP A 79 -2.60 -7.44 4.63
CA ASP A 79 -2.70 -8.05 5.94
C ASP A 79 -1.36 -8.74 6.27
N PRO A 80 -0.71 -8.39 7.39
CA PRO A 80 0.55 -9.00 7.78
C PRO A 80 0.51 -10.53 7.80
N ASP A 81 -0.64 -11.17 8.03
CA ASP A 81 -0.73 -12.66 8.07
C ASP A 81 -0.33 -13.28 6.73
N VAL A 82 -0.51 -12.56 5.62
CA VAL A 82 -0.33 -13.14 4.28
C VAL A 82 0.69 -12.38 3.46
N ARG A 83 1.30 -11.34 4.04
CA ARG A 83 2.43 -10.68 3.41
C ARG A 83 3.52 -11.66 3.04
N GLY A 84 3.84 -12.56 3.97
CA GLY A 84 4.88 -13.55 3.76
C GLY A 84 4.52 -14.51 2.62
N CYS A 85 3.23 -14.66 2.29
CA CYS A 85 2.77 -15.56 1.24
C CYS A 85 3.08 -15.05 -0.16
N GLY A 86 3.57 -13.81 -0.32
CA GLY A 86 4.02 -13.31 -1.60
C GLY A 86 3.02 -12.38 -2.26
N VAL A 87 1.88 -12.09 -1.61
CA VAL A 87 0.84 -11.20 -2.13
C VAL A 87 1.46 -9.83 -2.45
N GLY A 88 2.49 -9.42 -1.70
CA GLY A 88 3.27 -8.24 -2.02
C GLY A 88 3.75 -8.24 -3.47
N ARG A 89 4.34 -9.35 -3.95
CA ARG A 89 4.70 -9.45 -5.36
C ARG A 89 3.45 -9.44 -6.22
N VAL A 90 2.42 -10.23 -5.89
CA VAL A 90 1.28 -10.37 -6.80
C VAL A 90 0.67 -8.99 -7.09
N LEU A 91 0.51 -8.14 -6.08
CA LEU A 91 -0.06 -6.81 -6.27
C LEU A 91 0.89 -5.91 -7.07
N VAL A 92 2.20 -5.94 -6.78
CA VAL A 92 3.16 -5.16 -7.55
C VAL A 92 3.16 -5.62 -9.02
N GLU A 93 3.09 -6.93 -9.27
CA GLU A 93 3.09 -7.47 -10.63
C GLU A 93 1.82 -7.02 -11.34
N HIS A 94 0.67 -6.97 -10.64
CA HIS A 94 -0.55 -6.44 -11.21
C HIS A 94 -0.35 -4.99 -11.64
N ALA A 95 0.25 -4.18 -10.76
CA ALA A 95 0.53 -2.78 -11.03
C ALA A 95 1.47 -2.65 -12.23
N LEU A 96 2.53 -3.45 -12.27
CA LEU A 96 3.49 -3.46 -13.36
C LEU A 96 2.90 -3.87 -14.68
N SER A 97 1.94 -4.78 -14.66
CA SER A 97 1.27 -5.21 -15.87
C SER A 97 0.53 -4.04 -16.52
N MET A 98 -0.02 -3.11 -15.74
CA MET A 98 -0.69 -1.94 -16.28
C MET A 98 0.27 -0.78 -16.55
N ALA A 99 1.43 -0.75 -15.88
CA ALA A 99 2.36 0.35 -15.89
C ALA A 99 3.78 -0.22 -15.85
N PRO A 100 4.46 -0.44 -16.99
CA PRO A 100 5.82 -0.95 -17.00
C PRO A 100 6.84 0.01 -16.37
N GLU A 101 6.54 1.31 -16.35
CA GLU A 101 7.46 2.37 -15.89
C GLU A 101 7.03 2.86 -14.49
N LEU A 102 6.46 1.92 -13.72
CA LEU A 102 5.80 2.13 -12.45
C LEU A 102 6.64 2.95 -11.48
N THR A 103 5.96 3.78 -10.68
CA THR A 103 6.50 4.49 -9.53
C THR A 103 5.62 4.21 -8.32
N THR A 104 6.12 4.46 -7.12
CA THR A 104 5.36 4.31 -5.89
C THR A 104 5.95 5.25 -4.83
N ASN A 105 5.38 5.25 -3.64
CA ASN A 105 5.92 5.94 -2.49
C ASN A 105 5.72 5.11 -1.23
N VAL A 106 6.42 5.47 -0.16
CA VAL A 106 6.38 4.79 1.13
C VAL A 106 6.82 5.80 2.18
N ASN A 107 6.25 5.74 3.39
CA ASN A 107 6.68 6.59 4.50
C ASN A 107 8.06 6.10 4.97
N GLU A 108 9.01 7.02 5.15
CA GLU A 108 10.41 6.72 5.46
C GLU A 108 10.54 5.91 6.75
N GLN A 109 9.64 6.15 7.73
CA GLN A 109 9.70 5.48 9.04
C GLN A 109 9.60 3.97 8.90
N ASN A 110 8.88 3.49 7.89
CA ASN A 110 8.76 2.06 7.63
C ASN A 110 9.93 1.57 6.78
N GLU A 111 11.12 1.58 7.39
CA GLU A 111 12.35 1.11 6.76
C GLU A 111 12.21 -0.35 6.30
N GLN A 112 11.34 -1.13 6.95
CA GLN A 112 11.07 -2.50 6.54
C GLN A 112 10.49 -2.50 5.12
N ALA A 113 9.47 -1.67 4.86
CA ALA A 113 8.87 -1.57 3.54
C ALA A 113 9.84 -0.93 2.54
N VAL A 114 10.69 0.02 2.96
CA VAL A 114 11.73 0.52 2.08
C VAL A 114 12.61 -0.66 1.63
N GLY A 115 13.04 -1.52 2.57
CA GLY A 115 13.84 -2.70 2.23
C GLY A 115 13.07 -3.65 1.32
N PHE A 116 11.81 -3.94 1.64
CA PHE A 116 10.97 -4.87 0.89
C PHE A 116 10.88 -4.37 -0.56
N TYR A 117 10.53 -3.11 -0.75
CA TYR A 117 10.29 -2.58 -2.08
C TYR A 117 11.60 -2.60 -2.89
N LYS A 118 12.76 -2.36 -2.26
CA LYS A 118 14.05 -2.55 -2.94
C LYS A 118 14.26 -4.00 -3.38
N LYS A 119 13.93 -4.99 -2.54
CA LYS A 119 14.04 -6.38 -2.94
C LYS A 119 13.17 -6.68 -4.15
N VAL A 120 11.97 -6.12 -4.17
CA VAL A 120 11.03 -6.30 -5.25
C VAL A 120 11.55 -5.64 -6.51
N GLY A 121 12.20 -4.48 -6.37
CA GLY A 121 12.95 -3.88 -7.44
C GLY A 121 12.84 -2.36 -7.53
N PHE A 122 12.19 -1.69 -6.59
CA PHE A 122 12.12 -0.25 -6.63
C PHE A 122 13.45 0.39 -6.24
N LYS A 123 13.66 1.65 -6.64
CA LYS A 123 14.82 2.46 -6.31
C LYS A 123 14.31 3.88 -6.10
N VAL A 124 14.84 4.58 -5.10
CA VAL A 124 14.32 5.87 -4.67
C VAL A 124 14.71 6.91 -5.74
N THR A 125 13.75 7.75 -6.08
CA THR A 125 13.81 8.75 -7.13
C THR A 125 13.37 10.13 -6.62
N GLY A 126 12.84 10.23 -5.39
CA GLY A 126 12.60 11.50 -4.75
C GLY A 126 12.25 11.29 -3.29
N ARG A 127 12.03 12.38 -2.56
CA ARG A 127 11.51 12.34 -1.21
C ARG A 127 10.87 13.68 -0.86
N SER A 128 10.32 13.77 0.34
CA SER A 128 9.72 14.95 0.92
C SER A 128 10.19 15.01 2.37
N GLU A 129 10.23 16.18 3.00
CA GLU A 129 10.70 16.32 4.37
C GLU A 129 9.58 16.19 5.39
N VAL A 130 8.36 16.12 4.89
CA VAL A 130 7.15 15.95 5.64
C VAL A 130 6.33 14.92 4.88
N ASP A 131 5.22 14.50 5.46
CA ASP A 131 4.32 13.55 4.82
C ASP A 131 3.44 14.29 3.82
N ASP A 132 2.61 15.23 4.29
CA ASP A 132 1.73 16.02 3.42
C ASP A 132 1.26 17.28 4.14
N LEU A 133 0.79 17.14 5.38
CA LEU A 133 0.18 18.26 6.11
C LEU A 133 1.25 19.02 6.92
N GLY A 134 2.51 18.94 6.50
CA GLY A 134 3.63 19.56 7.21
C GLY A 134 4.08 18.73 8.41
N LYS A 135 3.49 17.54 8.62
CA LYS A 135 3.90 16.64 9.67
C LYS A 135 5.29 16.12 9.37
N PRO A 136 6.17 16.04 10.38
CA PRO A 136 7.56 15.65 10.21
C PRO A 136 7.73 14.13 10.05
N TYR A 137 7.00 13.52 9.12
CA TYR A 137 7.02 12.08 8.85
C TYR A 137 7.26 11.88 7.37
N PRO A 138 8.51 12.04 6.91
CA PRO A 138 8.82 12.07 5.48
C PRO A 138 8.19 10.96 4.65
N LEU A 139 7.89 11.30 3.39
CA LEU A 139 7.52 10.36 2.34
C LEU A 139 8.71 10.19 1.41
N LEU A 140 8.90 9.00 0.85
CA LEU A 140 9.90 8.71 -0.18
C LEU A 140 9.15 8.37 -1.45
N ASN A 141 9.69 8.73 -2.61
CA ASN A 141 9.14 8.38 -3.92
C ASN A 141 10.16 7.50 -4.64
N LEU A 142 9.70 6.45 -5.30
CA LEU A 142 10.53 5.41 -5.85
C LEU A 142 10.00 5.09 -7.24
N ALA A 143 10.85 4.52 -8.08
CA ALA A 143 10.53 4.07 -9.41
C ALA A 143 10.99 2.63 -9.50
N TYR A 144 10.28 1.87 -10.29
CA TYR A 144 10.71 0.52 -10.54
C TYR A 144 11.90 0.64 -11.44
N VAL A 145 13.00 0.19 -10.88
CA VAL A 145 14.22 0.03 -11.60
C VAL A 145 14.52 -1.44 -11.78
N GLY A 146 14.15 -2.43 -10.88
CA GLY A 146 14.36 -3.83 -10.19
C GLY A 146 14.89 -5.14 -10.72
N ALA A 147 14.80 -4.94 -11.97
CA ALA A 147 15.90 -5.10 -12.85
C ALA A 147 17.12 -5.84 -12.31
N MET A 1 -3.32 -21.26 -0.60
CA MET A 1 -4.60 -20.72 -1.12
C MET A 1 -4.36 -19.89 -2.38
N VAL A 2 -5.29 -19.93 -3.34
CA VAL A 2 -5.24 -19.12 -4.55
C VAL A 2 -5.25 -17.63 -4.18
N ILE A 3 -4.62 -16.81 -5.01
CA ILE A 3 -4.67 -15.35 -4.98
C ILE A 3 -5.08 -14.91 -6.38
N SER A 4 -5.87 -13.84 -6.41
CA SER A 4 -6.20 -13.09 -7.63
C SER A 4 -6.23 -11.61 -7.23
N ILE A 5 -6.26 -10.71 -8.21
CA ILE A 5 -6.46 -9.29 -7.98
C ILE A 5 -7.71 -8.90 -8.77
N ARG A 6 -8.53 -8.00 -8.22
CA ARG A 6 -9.70 -7.43 -8.91
C ARG A 6 -9.94 -6.00 -8.45
N ARG A 7 -10.88 -5.30 -9.07
CA ARG A 7 -11.33 -4.02 -8.55
C ARG A 7 -12.05 -4.24 -7.23
N SER A 8 -11.92 -3.24 -6.36
CA SER A 8 -12.55 -3.23 -5.06
C SER A 8 -14.04 -2.87 -5.17
N ARG A 9 -14.85 -3.43 -4.28
CA ARG A 9 -16.24 -3.03 -4.09
C ARG A 9 -16.29 -1.86 -3.11
N HIS A 10 -17.48 -1.30 -2.88
CA HIS A 10 -17.67 -0.21 -1.94
C HIS A 10 -17.78 -0.73 -0.49
N GLU A 11 -18.64 -1.74 -0.24
CA GLU A 11 -18.96 -2.13 1.13
C GLU A 11 -17.81 -2.88 1.81
N GLU A 12 -16.94 -3.54 1.03
CA GLU A 12 -15.76 -4.19 1.55
C GLU A 12 -14.67 -3.18 1.96
N GLY A 13 -14.88 -1.88 1.70
CA GLY A 13 -13.95 -0.81 2.07
C GLY A 13 -13.51 -0.88 3.53
N GLU A 14 -14.41 -1.23 4.46
CA GLU A 14 -14.06 -1.32 5.88
C GLU A 14 -13.05 -2.44 6.15
N GLU A 15 -13.04 -3.50 5.34
CA GLU A 15 -12.04 -4.55 5.42
C GLU A 15 -10.68 -3.99 4.97
N LEU A 16 -10.68 -3.03 4.04
CA LEU A 16 -9.46 -2.41 3.55
C LEU A 16 -8.92 -1.43 4.60
N VAL A 17 -9.80 -0.69 5.27
CA VAL A 17 -9.45 0.11 6.43
C VAL A 17 -8.81 -0.80 7.49
N ALA A 18 -9.39 -1.97 7.74
CA ALA A 18 -8.85 -2.93 8.70
C ALA A 18 -7.47 -3.42 8.27
N ILE A 19 -7.27 -3.75 7.00
CA ILE A 19 -5.99 -4.20 6.45
C ILE A 19 -4.94 -3.10 6.65
N TRP A 20 -5.27 -1.86 6.28
CA TRP A 20 -4.42 -0.71 6.53
C TRP A 20 -4.07 -0.62 8.02
N CYS A 21 -5.04 -0.78 8.92
CA CYS A 21 -4.80 -0.71 10.36
C CYS A 21 -3.80 -1.80 10.78
N ARG A 22 -3.95 -3.03 10.29
CA ARG A 22 -3.00 -4.12 10.58
C ARG A 22 -1.62 -3.80 10.04
N SER A 23 -1.56 -3.26 8.82
CA SER A 23 -0.32 -2.87 8.18
C SER A 23 0.42 -1.82 9.00
N VAL A 24 -0.33 -0.90 9.60
CA VAL A 24 0.22 0.18 10.40
C VAL A 24 0.66 -0.39 11.75
N ASP A 25 -0.15 -1.21 12.41
CA ASP A 25 0.22 -1.83 13.68
C ASP A 25 1.50 -2.67 13.55
N ALA A 26 1.65 -3.36 12.42
CA ALA A 26 2.76 -4.26 12.17
C ALA A 26 4.04 -3.55 11.72
N THR A 27 3.93 -2.50 10.89
CA THR A 27 5.13 -1.93 10.25
C THR A 27 5.22 -0.39 10.24
N HIS A 28 4.19 0.34 10.70
CA HIS A 28 4.19 1.81 10.72
C HIS A 28 3.81 2.34 12.11
N ASP A 29 4.08 1.56 13.17
CA ASP A 29 3.61 1.85 14.54
C ASP A 29 4.14 3.19 15.09
N PHE A 30 5.16 3.75 14.44
CA PHE A 30 5.70 5.09 14.64
C PHE A 30 4.62 6.19 14.56
N LEU A 31 3.50 5.92 13.89
CA LEU A 31 2.32 6.78 13.86
C LEU A 31 1.73 6.86 15.27
N SER A 32 2.02 7.94 15.98
CA SER A 32 1.46 8.27 17.29
C SER A 32 -0.07 8.31 17.24
N ALA A 33 -0.74 8.13 18.38
CA ALA A 33 -2.18 7.92 18.47
C ALA A 33 -3.01 9.03 17.80
N GLU A 34 -2.59 10.29 17.89
CA GLU A 34 -3.33 11.39 17.26
C GLU A 34 -3.26 11.25 15.73
N TYR A 35 -2.05 11.04 15.19
CA TYR A 35 -1.83 10.85 13.77
C TYR A 35 -2.53 9.57 13.29
N ARG A 36 -2.50 8.51 14.10
CA ARG A 36 -3.20 7.24 13.86
C ARG A 36 -4.69 7.51 13.67
N THR A 37 -5.31 8.28 14.56
CA THR A 37 -6.72 8.55 14.56
C THR A 37 -7.10 9.35 13.31
N GLU A 38 -6.37 10.44 13.02
CA GLU A 38 -6.69 11.30 11.89
C GLU A 38 -6.49 10.56 10.57
N LEU A 39 -5.46 9.72 10.47
CA LEU A 39 -5.26 8.87 9.31
C LEU A 39 -6.43 7.89 9.19
N GLU A 40 -6.75 7.13 10.24
CA GLU A 40 -7.76 6.08 10.16
C GLU A 40 -9.11 6.66 9.71
N ASP A 41 -9.46 7.87 10.17
CA ASP A 41 -10.67 8.55 9.76
C ASP A 41 -10.64 8.91 8.28
N LEU A 42 -9.56 9.53 7.79
CA LEU A 42 -9.49 9.97 6.41
C LEU A 42 -9.39 8.76 5.47
N VAL A 43 -8.69 7.71 5.89
CA VAL A 43 -8.60 6.42 5.24
C VAL A 43 -9.99 5.81 5.13
N ARG A 44 -10.78 5.79 6.21
CA ARG A 44 -12.15 5.31 6.18
C ARG A 44 -13.09 6.25 5.42
N SER A 45 -12.64 7.46 5.08
CA SER A 45 -13.38 8.37 4.22
C SER A 45 -12.92 8.25 2.76
N PHE A 46 -12.02 7.31 2.45
CA PHE A 46 -11.35 7.24 1.16
C PHE A 46 -11.32 5.82 0.61
N LEU A 47 -10.78 4.83 1.33
CA LEU A 47 -10.68 3.46 0.80
C LEU A 47 -12.04 2.89 0.36
N PRO A 48 -13.17 3.14 1.06
CA PRO A 48 -14.48 2.70 0.59
C PRO A 48 -14.93 3.30 -0.75
N GLU A 49 -14.29 4.35 -1.28
CA GLU A 49 -14.73 5.01 -2.52
C GLU A 49 -13.59 5.17 -3.56
N ALA A 50 -12.33 4.99 -3.15
CA ALA A 50 -11.15 5.20 -3.98
C ALA A 50 -11.08 4.18 -5.14
N PRO A 51 -10.43 4.55 -6.26
CA PRO A 51 -10.28 3.70 -7.45
C PRO A 51 -9.19 2.65 -7.25
N LEU A 52 -9.41 1.76 -6.29
CA LEU A 52 -8.46 0.75 -5.82
C LEU A 52 -8.55 -0.55 -6.62
N TRP A 53 -7.62 -1.44 -6.30
CA TRP A 53 -7.58 -2.83 -6.70
C TRP A 53 -7.26 -3.60 -5.42
N VAL A 54 -7.79 -4.81 -5.26
CA VAL A 54 -7.61 -5.62 -4.08
C VAL A 54 -7.07 -6.98 -4.44
N ALA A 55 -6.11 -7.45 -3.64
CA ALA A 55 -5.65 -8.82 -3.69
C ALA A 55 -6.72 -9.56 -2.91
N VAL A 56 -7.23 -10.64 -3.48
CA VAL A 56 -8.26 -11.46 -2.86
C VAL A 56 -7.72 -12.87 -2.76
N ASN A 57 -8.04 -13.50 -1.64
CA ASN A 57 -7.77 -14.90 -1.40
C ASN A 57 -8.79 -15.76 -2.16
N GLU A 58 -8.72 -17.07 -1.94
CA GLU A 58 -9.58 -18.08 -2.54
C GLU A 58 -11.07 -17.90 -2.19
N ARG A 59 -11.39 -17.09 -1.16
CA ARG A 59 -12.75 -16.73 -0.78
C ARG A 59 -13.26 -15.50 -1.54
N ASP A 60 -12.47 -14.96 -2.49
CA ASP A 60 -12.73 -13.70 -3.20
C ASP A 60 -12.91 -12.53 -2.22
N GLN A 61 -12.17 -12.60 -1.12
CA GLN A 61 -12.29 -11.76 0.07
C GLN A 61 -10.94 -11.04 0.18
N PRO A 62 -10.92 -9.71 0.41
CA PRO A 62 -9.70 -8.91 0.31
C PRO A 62 -8.69 -9.26 1.41
N VAL A 63 -7.42 -9.33 1.01
CA VAL A 63 -6.28 -9.55 1.90
C VAL A 63 -5.17 -8.50 1.69
N GLY A 64 -5.25 -7.68 0.65
CA GLY A 64 -4.40 -6.52 0.43
C GLY A 64 -5.06 -5.60 -0.58
N PHE A 65 -4.54 -4.39 -0.77
CA PHE A 65 -5.02 -3.46 -1.78
C PHE A 65 -3.87 -2.62 -2.32
N MET A 66 -4.05 -2.06 -3.52
CA MET A 66 -3.18 -1.05 -4.09
C MET A 66 -4.02 0.03 -4.78
N LEU A 67 -3.46 1.24 -4.86
CA LEU A 67 -4.02 2.40 -5.54
C LEU A 67 -3.02 2.70 -6.64
N LEU A 68 -3.45 2.68 -7.89
CA LEU A 68 -2.61 3.03 -9.03
C LEU A 68 -3.49 3.71 -10.08
N SER A 69 -2.94 4.74 -10.70
CA SER A 69 -3.45 5.43 -11.86
C SER A 69 -2.22 6.05 -12.54
N GLY A 70 -2.29 6.31 -13.85
CA GLY A 70 -1.12 6.70 -14.63
C GLY A 70 -0.05 5.60 -14.49
N GLN A 71 1.08 5.93 -13.86
CA GLN A 71 2.17 5.00 -13.59
C GLN A 71 2.63 5.07 -12.12
N HIS A 72 1.86 5.70 -11.22
CA HIS A 72 2.24 5.91 -9.83
C HIS A 72 1.30 5.14 -8.90
N MET A 73 1.80 4.03 -8.33
CA MET A 73 1.09 3.22 -7.36
C MET A 73 1.17 3.94 -6.03
N ASP A 74 0.29 4.92 -5.85
CA ASP A 74 0.27 5.82 -4.70
C ASP A 74 0.06 5.10 -3.36
N ALA A 75 -0.48 3.87 -3.35
CA ALA A 75 -0.70 3.10 -2.12
C ALA A 75 -0.54 1.60 -2.39
N LEU A 76 -0.07 0.88 -1.38
CA LEU A 76 0.01 -0.57 -1.32
C LEU A 76 0.03 -0.94 0.17
N PHE A 77 -0.94 -1.72 0.63
CA PHE A 77 -1.06 -2.18 2.03
C PHE A 77 -1.66 -3.59 2.01
N ILE A 78 -1.24 -4.45 2.93
CA ILE A 78 -1.56 -5.87 2.90
C ILE A 78 -1.56 -6.37 4.35
N ASP A 79 -2.50 -7.26 4.62
CA ASP A 79 -2.64 -7.96 5.88
C ASP A 79 -1.30 -8.68 6.14
N PRO A 80 -0.60 -8.38 7.25
CA PRO A 80 0.64 -9.06 7.63
C PRO A 80 0.60 -10.59 7.51
N ASP A 81 -0.57 -11.21 7.71
CA ASP A 81 -0.74 -12.66 7.68
C ASP A 81 -0.43 -13.28 6.31
N VAL A 82 -0.52 -12.51 5.22
CA VAL A 82 -0.33 -13.02 3.85
C VAL A 82 0.90 -12.40 3.18
N ARG A 83 1.65 -11.52 3.85
CA ARG A 83 2.88 -10.97 3.28
C ARG A 83 3.88 -12.10 3.02
N GLY A 84 3.95 -13.10 3.91
CA GLY A 84 4.78 -14.28 3.73
C GLY A 84 4.37 -15.12 2.51
N CYS A 85 3.09 -15.08 2.12
CA CYS A 85 2.57 -15.76 0.95
C CYS A 85 2.97 -15.04 -0.36
N GLY A 86 3.60 -13.86 -0.29
CA GLY A 86 4.13 -13.15 -1.45
C GLY A 86 3.09 -12.28 -2.14
N VAL A 87 1.95 -11.98 -1.49
CA VAL A 87 0.91 -11.12 -2.07
C VAL A 87 1.47 -9.76 -2.49
N GLY A 88 2.50 -9.26 -1.79
CA GLY A 88 3.27 -8.09 -2.19
C GLY A 88 3.70 -8.16 -3.65
N ARG A 89 4.34 -9.25 -4.07
CA ARG A 89 4.71 -9.40 -5.48
C ARG A 89 3.46 -9.47 -6.35
N VAL A 90 2.41 -10.20 -5.96
CA VAL A 90 1.23 -10.31 -6.82
C VAL A 90 0.65 -8.91 -7.11
N LEU A 91 0.52 -8.06 -6.09
CA LEU A 91 -0.04 -6.72 -6.26
C LEU A 91 0.92 -5.83 -7.07
N VAL A 92 2.22 -5.90 -6.81
CA VAL A 92 3.22 -5.16 -7.57
C VAL A 92 3.20 -5.60 -9.03
N GLU A 93 3.08 -6.90 -9.32
CA GLU A 93 3.05 -7.41 -10.68
C GLU A 93 1.77 -6.95 -11.39
N HIS A 94 0.65 -6.83 -10.66
CA HIS A 94 -0.57 -6.27 -11.20
C HIS A 94 -0.36 -4.82 -11.64
N ALA A 95 0.28 -4.04 -10.78
CA ALA A 95 0.62 -2.66 -11.07
C ALA A 95 1.57 -2.58 -12.27
N LEU A 96 2.64 -3.38 -12.29
CA LEU A 96 3.62 -3.43 -13.38
C LEU A 96 2.94 -3.80 -14.70
N SER A 97 1.92 -4.65 -14.67
CA SER A 97 1.18 -5.05 -15.87
C SER A 97 0.47 -3.85 -16.52
N MET A 98 0.02 -2.88 -15.73
CA MET A 98 -0.64 -1.67 -16.24
C MET A 98 0.36 -0.54 -16.49
N ALA A 99 1.52 -0.55 -15.82
CA ALA A 99 2.52 0.50 -15.81
C ALA A 99 3.91 -0.14 -15.82
N PRO A 100 4.54 -0.38 -16.98
CA PRO A 100 5.87 -0.97 -17.01
C PRO A 100 6.93 -0.06 -16.35
N GLU A 101 6.67 1.24 -16.28
CA GLU A 101 7.57 2.27 -15.79
C GLU A 101 7.14 2.71 -14.38
N LEU A 102 6.58 1.77 -13.62
CA LEU A 102 5.93 1.95 -12.34
C LEU A 102 6.78 2.76 -11.37
N THR A 103 6.07 3.57 -10.58
CA THR A 103 6.61 4.33 -9.46
C THR A 103 5.72 4.08 -8.26
N THR A 104 6.23 4.32 -7.05
CA THR A 104 5.44 4.22 -5.83
C THR A 104 6.03 5.12 -4.75
N ASN A 105 5.47 5.05 -3.55
CA ASN A 105 5.92 5.82 -2.40
C ASN A 105 5.66 5.04 -1.11
N VAL A 106 6.38 5.42 -0.04
CA VAL A 106 6.35 4.77 1.26
C VAL A 106 6.80 5.79 2.31
N ASN A 107 6.28 5.72 3.53
CA ASN A 107 6.75 6.59 4.61
C ASN A 107 8.14 6.14 5.04
N GLU A 108 9.08 7.08 5.17
CA GLU A 108 10.48 6.82 5.48
C GLU A 108 10.64 6.01 6.77
N GLN A 109 9.77 6.21 7.77
CA GLN A 109 9.90 5.55 9.06
C GLN A 109 9.75 4.03 8.93
N ASN A 110 8.97 3.55 7.96
CA ASN A 110 8.80 2.14 7.67
C ASN A 110 9.98 1.64 6.83
N GLU A 111 11.18 1.70 7.42
CA GLU A 111 12.41 1.23 6.80
C GLU A 111 12.30 -0.24 6.39
N GLN A 112 11.44 -1.02 7.06
CA GLN A 112 11.19 -2.41 6.74
C GLN A 112 10.58 -2.51 5.34
N ALA A 113 9.57 -1.70 5.04
CA ALA A 113 8.96 -1.63 3.74
C ALA A 113 9.89 -1.00 2.71
N VAL A 114 10.72 -0.02 3.08
CA VAL A 114 11.76 0.48 2.19
C VAL A 114 12.64 -0.70 1.75
N GLY A 115 13.09 -1.54 2.69
CA GLY A 115 13.88 -2.73 2.41
C GLY A 115 13.13 -3.72 1.53
N PHE A 116 11.86 -3.99 1.86
CA PHE A 116 11.00 -4.88 1.09
C PHE A 116 10.93 -4.41 -0.36
N TYR A 117 10.63 -3.13 -0.58
CA TYR A 117 10.44 -2.61 -1.92
C TYR A 117 11.79 -2.63 -2.68
N LYS A 118 12.93 -2.42 -2.02
CA LYS A 118 14.24 -2.62 -2.64
C LYS A 118 14.40 -4.06 -3.13
N LYS A 119 14.05 -5.06 -2.31
CA LYS A 119 14.15 -6.48 -2.72
C LYS A 119 13.30 -6.73 -3.96
N VAL A 120 12.09 -6.16 -3.97
CA VAL A 120 11.13 -6.32 -5.05
C VAL A 120 11.67 -5.72 -6.35
N GLY A 121 12.37 -4.58 -6.27
CA GLY A 121 13.10 -3.99 -7.39
C GLY A 121 12.96 -2.47 -7.51
N PHE A 122 12.38 -1.80 -6.51
CA PHE A 122 12.28 -0.34 -6.54
C PHE A 122 13.61 0.31 -6.12
N LYS A 123 13.83 1.55 -6.59
CA LYS A 123 14.98 2.37 -6.31
C LYS A 123 14.46 3.80 -6.12
N VAL A 124 14.98 4.54 -5.15
CA VAL A 124 14.46 5.85 -4.74
C VAL A 124 14.78 6.89 -5.82
N THR A 125 13.77 7.69 -6.15
CA THR A 125 13.80 8.70 -7.18
C THR A 125 13.39 10.07 -6.63
N GLY A 126 12.89 10.14 -5.38
CA GLY A 126 12.67 11.41 -4.70
C GLY A 126 12.27 11.20 -3.25
N ARG A 127 12.00 12.29 -2.54
CA ARG A 127 11.40 12.28 -1.21
C ARG A 127 10.65 13.59 -1.00
N SER A 128 10.11 13.75 0.20
CA SER A 128 9.45 14.96 0.67
C SER A 128 10.01 15.33 2.05
N GLU A 129 9.80 16.57 2.49
CA GLU A 129 10.22 17.03 3.83
C GLU A 129 9.22 16.60 4.91
N VAL A 130 8.03 16.12 4.50
CA VAL A 130 6.89 15.77 5.33
C VAL A 130 6.24 14.54 4.70
N ASP A 131 5.18 14.00 5.31
CA ASP A 131 4.44 12.89 4.71
C ASP A 131 3.52 13.40 3.61
N ASP A 132 2.56 14.26 3.97
CA ASP A 132 1.73 14.99 3.01
C ASP A 132 1.04 16.21 3.63
N LEU A 133 0.44 16.04 4.82
CA LEU A 133 -0.39 17.05 5.49
C LEU A 133 0.49 17.94 6.40
N GLY A 134 1.76 18.10 6.03
CA GLY A 134 2.76 18.76 6.87
C GLY A 134 3.22 17.92 8.07
N LYS A 135 2.90 16.62 8.08
CA LYS A 135 3.29 15.69 9.14
C LYS A 135 4.82 15.54 9.09
N PRO A 136 5.57 15.69 10.20
CA PRO A 136 7.03 15.76 10.19
C PRO A 136 7.69 14.37 10.04
N TYR A 137 7.18 13.52 9.13
CA TYR A 137 7.53 12.12 8.99
C TYR A 137 7.65 11.85 7.49
N PRO A 138 8.79 12.17 6.84
CA PRO A 138 8.94 12.15 5.40
C PRO A 138 8.34 10.99 4.61
N LEU A 139 7.90 11.29 3.39
CA LEU A 139 7.51 10.33 2.37
C LEU A 139 8.71 10.17 1.45
N LEU A 140 8.88 8.98 0.89
CA LEU A 140 9.90 8.69 -0.11
C LEU A 140 9.18 8.29 -1.39
N ASN A 141 9.77 8.60 -2.55
CA ASN A 141 9.24 8.24 -3.86
C ASN A 141 10.27 7.39 -4.57
N LEU A 142 9.82 6.34 -5.23
CA LEU A 142 10.65 5.30 -5.80
C LEU A 142 10.12 4.96 -7.19
N ALA A 143 10.96 4.33 -8.01
CA ALA A 143 10.64 3.83 -9.32
C ALA A 143 11.13 2.40 -9.43
N TYR A 144 10.46 1.58 -10.24
CA TYR A 144 10.88 0.21 -10.48
C TYR A 144 12.08 0.23 -11.43
N VAL A 145 13.19 -0.37 -11.00
CA VAL A 145 14.45 -0.40 -11.75
C VAL A 145 14.99 -1.85 -11.84
N GLY A 146 14.51 -2.77 -10.98
CA GLY A 146 14.98 -4.15 -10.90
C GLY A 146 14.41 -5.07 -11.99
N ALA A 147 14.13 -4.53 -13.19
CA ALA A 147 13.72 -5.29 -14.35
C ALA A 147 14.77 -6.35 -14.69
N MET A 1 -3.55 -21.52 -0.83
CA MET A 1 -4.39 -20.30 -0.92
C MET A 1 -4.21 -19.64 -2.30
N VAL A 2 -5.22 -19.71 -3.16
CA VAL A 2 -5.24 -18.94 -4.40
C VAL A 2 -5.33 -17.45 -4.06
N ILE A 3 -4.83 -16.60 -4.96
CA ILE A 3 -5.00 -15.16 -4.91
C ILE A 3 -5.43 -14.73 -6.30
N SER A 4 -6.35 -13.79 -6.34
CA SER A 4 -6.73 -13.04 -7.53
C SER A 4 -6.83 -11.57 -7.12
N ILE A 5 -6.86 -10.67 -8.08
CA ILE A 5 -6.93 -9.23 -7.84
C ILE A 5 -8.11 -8.69 -8.65
N ARG A 6 -8.84 -7.71 -8.11
CA ARG A 6 -9.94 -7.02 -8.80
C ARG A 6 -10.13 -5.63 -8.21
N ARG A 7 -10.98 -4.79 -8.80
CA ARG A 7 -11.38 -3.53 -8.18
C ARG A 7 -12.07 -3.83 -6.85
N SER A 8 -11.92 -2.91 -5.92
CA SER A 8 -12.57 -2.90 -4.62
C SER A 8 -14.10 -2.81 -4.73
N ARG A 9 -14.78 -3.17 -3.65
CA ARG A 9 -16.22 -2.95 -3.44
C ARG A 9 -16.36 -1.93 -2.30
N HIS A 10 -17.51 -1.28 -2.19
CA HIS A 10 -17.74 -0.31 -1.13
C HIS A 10 -17.84 -1.00 0.23
N GLU A 11 -18.60 -2.09 0.32
CA GLU A 11 -18.95 -2.71 1.61
C GLU A 11 -17.74 -3.36 2.29
N GLU A 12 -16.75 -3.81 1.52
CA GLU A 12 -15.54 -4.40 2.06
C GLU A 12 -14.52 -3.32 2.47
N GLY A 13 -14.82 -2.02 2.26
CA GLY A 13 -13.91 -0.93 2.56
C GLY A 13 -13.40 -0.97 4.00
N GLU A 14 -14.26 -1.29 4.96
CA GLU A 14 -13.86 -1.36 6.37
C GLU A 14 -12.82 -2.46 6.62
N GLU A 15 -12.82 -3.53 5.83
CA GLU A 15 -11.80 -4.57 5.91
C GLU A 15 -10.47 -4.03 5.39
N LEU A 16 -10.49 -3.12 4.41
CA LEU A 16 -9.30 -2.49 3.88
C LEU A 16 -8.73 -1.50 4.89
N VAL A 17 -9.60 -0.75 5.58
CA VAL A 17 -9.22 0.08 6.72
C VAL A 17 -8.57 -0.80 7.79
N ALA A 18 -9.14 -1.97 8.09
CA ALA A 18 -8.60 -2.90 9.07
C ALA A 18 -7.23 -3.45 8.65
N ILE A 19 -7.03 -3.74 7.37
CA ILE A 19 -5.76 -4.18 6.81
C ILE A 19 -4.72 -3.06 6.95
N TRP A 20 -5.07 -1.83 6.55
CA TRP A 20 -4.23 -0.66 6.76
C TRP A 20 -3.86 -0.53 8.26
N CYS A 21 -4.82 -0.69 9.18
CA CYS A 21 -4.58 -0.55 10.60
C CYS A 21 -3.52 -1.55 11.08
N ARG A 22 -3.66 -2.84 10.75
CA ARG A 22 -2.66 -3.83 11.14
C ARG A 22 -1.34 -3.64 10.40
N SER A 23 -1.36 -3.03 9.21
CA SER A 23 -0.14 -2.67 8.51
C SER A 23 0.59 -1.53 9.23
N VAL A 24 -0.14 -0.63 9.87
CA VAL A 24 0.46 0.40 10.70
C VAL A 24 1.03 -0.26 11.95
N ASP A 25 0.26 -1.13 12.62
CA ASP A 25 0.69 -1.79 13.85
C ASP A 25 1.98 -2.60 13.65
N ALA A 26 2.10 -3.29 12.51
CA ALA A 26 3.21 -4.18 12.24
C ALA A 26 4.41 -3.46 11.65
N THR A 27 4.22 -2.41 10.83
CA THR A 27 5.32 -1.85 10.05
C THR A 27 5.39 -0.32 9.95
N HIS A 28 4.47 0.44 10.58
CA HIS A 28 4.50 1.91 10.58
C HIS A 28 4.25 2.45 12.01
N ASP A 29 4.71 1.72 13.03
CA ASP A 29 4.50 2.05 14.45
C ASP A 29 5.05 3.44 14.85
N PHE A 30 5.89 4.03 14.00
CA PHE A 30 6.43 5.37 14.13
C PHE A 30 5.34 6.45 14.22
N LEU A 31 4.17 6.21 13.63
CA LEU A 31 3.01 7.10 13.68
C LEU A 31 2.60 7.31 15.13
N SER A 32 2.44 8.57 15.54
CA SER A 32 1.89 8.93 16.83
C SER A 32 0.46 8.42 16.96
N ALA A 33 -0.07 8.33 18.19
CA ALA A 33 -1.47 7.97 18.38
C ALA A 33 -2.39 8.99 17.72
N GLU A 34 -2.01 10.27 17.74
CA GLU A 34 -2.75 11.35 17.10
C GLU A 34 -2.77 11.13 15.58
N TYR A 35 -1.61 10.89 14.97
CA TYR A 35 -1.54 10.70 13.51
C TYR A 35 -2.23 9.40 13.11
N ARG A 36 -2.11 8.34 13.92
CA ARG A 36 -2.85 7.08 13.77
C ARG A 36 -4.35 7.34 13.74
N THR A 37 -4.87 8.22 14.59
CA THR A 37 -6.29 8.47 14.68
C THR A 37 -6.74 9.26 13.45
N GLU A 38 -6.07 10.37 13.13
CA GLU A 38 -6.49 11.26 12.06
C GLU A 38 -6.32 10.59 10.69
N LEU A 39 -5.27 9.78 10.51
CA LEU A 39 -5.11 8.98 9.31
C LEU A 39 -6.27 8.01 9.19
N GLU A 40 -6.58 7.22 10.24
CA GLU A 40 -7.61 6.20 10.14
C GLU A 40 -8.95 6.81 9.75
N ASP A 41 -9.28 8.00 10.25
CA ASP A 41 -10.52 8.68 9.89
C ASP A 41 -10.57 9.02 8.41
N LEU A 42 -9.50 9.61 7.87
CA LEU A 42 -9.47 10.01 6.47
C LEU A 42 -9.39 8.78 5.56
N VAL A 43 -8.64 7.76 5.98
CA VAL A 43 -8.53 6.46 5.33
C VAL A 43 -9.91 5.80 5.30
N ARG A 44 -10.67 5.80 6.39
CA ARG A 44 -12.02 5.26 6.45
C ARG A 44 -13.02 6.14 5.72
N SER A 45 -12.63 7.34 5.31
CA SER A 45 -13.43 8.22 4.45
C SER A 45 -12.98 8.09 2.99
N PHE A 46 -12.05 7.17 2.68
CA PHE A 46 -11.39 7.11 1.38
C PHE A 46 -11.28 5.69 0.84
N LEU A 47 -10.68 4.73 1.55
CA LEU A 47 -10.53 3.36 1.03
C LEU A 47 -11.87 2.73 0.61
N PRO A 48 -13.01 2.93 1.31
CA PRO A 48 -14.31 2.44 0.86
C PRO A 48 -14.78 3.02 -0.50
N GLU A 49 -14.17 4.08 -1.04
CA GLU A 49 -14.61 4.71 -2.29
C GLU A 49 -13.47 4.92 -3.30
N ALA A 50 -12.22 4.77 -2.88
CA ALA A 50 -11.02 5.00 -3.68
C ALA A 50 -10.91 3.99 -4.83
N PRO A 51 -10.23 4.36 -5.94
CA PRO A 51 -9.96 3.50 -7.07
C PRO A 51 -8.82 2.53 -6.73
N LEU A 52 -9.07 1.62 -5.78
CA LEU A 52 -8.12 0.59 -5.37
C LEU A 52 -8.29 -0.64 -6.26
N TRP A 53 -7.46 -1.62 -5.97
CA TRP A 53 -7.49 -2.98 -6.46
C TRP A 53 -7.19 -3.84 -5.23
N VAL A 54 -8.02 -4.83 -4.91
CA VAL A 54 -7.85 -5.66 -3.75
C VAL A 54 -7.33 -7.04 -4.15
N ALA A 55 -6.43 -7.59 -3.35
CA ALA A 55 -6.03 -8.98 -3.45
C ALA A 55 -7.07 -9.73 -2.64
N VAL A 56 -7.59 -10.84 -3.16
CA VAL A 56 -8.63 -11.63 -2.51
C VAL A 56 -8.20 -13.09 -2.50
N ASN A 57 -8.52 -13.77 -1.40
CA ASN A 57 -8.40 -15.23 -1.30
C ASN A 57 -9.66 -15.89 -1.87
N GLU A 58 -9.73 -17.22 -1.83
CA GLU A 58 -10.80 -18.05 -2.40
C GLU A 58 -12.21 -17.62 -1.97
N ARG A 59 -12.37 -16.99 -0.80
CA ARG A 59 -13.66 -16.54 -0.27
C ARG A 59 -14.15 -15.27 -0.97
N ASP A 60 -13.35 -14.70 -1.89
CA ASP A 60 -13.56 -13.40 -2.49
C ASP A 60 -13.75 -12.35 -1.39
N GLN A 61 -12.72 -12.31 -0.55
CA GLN A 61 -12.64 -11.59 0.71
C GLN A 61 -11.23 -10.98 0.69
N PRO A 62 -11.08 -9.66 0.92
CA PRO A 62 -9.81 -8.98 0.70
C PRO A 62 -8.75 -9.37 1.74
N VAL A 63 -7.51 -9.47 1.28
CA VAL A 63 -6.33 -9.73 2.13
C VAL A 63 -5.23 -8.67 1.98
N GLY A 64 -5.34 -7.82 0.95
CA GLY A 64 -4.48 -6.66 0.74
C GLY A 64 -5.13 -5.77 -0.30
N PHE A 65 -4.56 -4.58 -0.53
CA PHE A 65 -5.00 -3.69 -1.58
C PHE A 65 -3.83 -2.86 -2.09
N MET A 66 -3.98 -2.34 -3.30
CA MET A 66 -3.08 -1.35 -3.89
C MET A 66 -3.94 -0.26 -4.54
N LEU A 67 -3.53 1.00 -4.41
CA LEU A 67 -4.16 2.14 -5.05
C LEU A 67 -3.38 2.36 -6.33
N LEU A 68 -3.99 2.15 -7.48
CA LEU A 68 -3.38 2.44 -8.77
C LEU A 68 -4.45 2.82 -9.78
N SER A 69 -4.12 3.83 -10.56
CA SER A 69 -4.80 4.27 -11.77
C SER A 69 -3.72 5.07 -12.54
N GLY A 70 -3.83 5.15 -13.87
CA GLY A 70 -2.75 5.69 -14.68
C GLY A 70 -1.56 4.72 -14.57
N GLN A 71 -0.39 5.22 -14.14
CA GLN A 71 0.84 4.43 -13.98
C GLN A 71 1.45 4.64 -12.58
N HIS A 72 0.66 5.09 -11.60
CA HIS A 72 1.14 5.47 -10.29
C HIS A 72 0.41 4.67 -9.21
N MET A 73 1.08 3.66 -8.66
CA MET A 73 0.54 2.85 -7.57
C MET A 73 0.86 3.59 -6.28
N ASP A 74 0.06 4.60 -5.93
CA ASP A 74 0.35 5.48 -4.79
C ASP A 74 0.54 4.73 -3.46
N ALA A 75 -0.16 3.61 -3.27
CA ALA A 75 -0.17 2.87 -2.02
C ALA A 75 -0.31 1.36 -2.26
N LEU A 76 0.14 0.58 -1.29
CA LEU A 76 0.10 -0.87 -1.24
C LEU A 76 0.13 -1.23 0.25
N PHE A 77 -0.86 -1.98 0.73
CA PHE A 77 -0.97 -2.42 2.12
C PHE A 77 -1.59 -3.82 2.14
N ILE A 78 -1.13 -4.70 3.03
CA ILE A 78 -1.51 -6.11 3.04
C ILE A 78 -1.46 -6.55 4.49
N ASP A 79 -2.36 -7.47 4.84
CA ASP A 79 -2.40 -8.08 6.15
C ASP A 79 -1.05 -8.80 6.39
N PRO A 80 -0.29 -8.47 7.45
CA PRO A 80 0.96 -9.13 7.80
C PRO A 80 0.90 -10.67 7.77
N ASP A 81 -0.26 -11.27 8.03
CA ASP A 81 -0.44 -12.72 8.05
C ASP A 81 -0.19 -13.38 6.68
N VAL A 82 -0.34 -12.64 5.58
CA VAL A 82 -0.22 -13.19 4.22
C VAL A 82 0.93 -12.58 3.42
N ARG A 83 1.70 -11.65 4.00
CA ARG A 83 2.88 -11.09 3.32
C ARG A 83 3.88 -12.20 2.99
N GLY A 84 4.03 -13.18 3.89
CA GLY A 84 4.87 -14.36 3.66
C GLY A 84 4.40 -15.22 2.49
N CYS A 85 3.10 -15.19 2.15
CA CYS A 85 2.53 -15.90 0.99
C CYS A 85 2.88 -15.21 -0.33
N GLY A 86 3.51 -14.03 -0.30
CA GLY A 86 4.00 -13.34 -1.50
C GLY A 86 2.96 -12.44 -2.15
N VAL A 87 1.84 -12.13 -1.48
CA VAL A 87 0.79 -11.27 -2.01
C VAL A 87 1.35 -9.91 -2.46
N GLY A 88 2.40 -9.42 -1.80
CA GLY A 88 3.16 -8.26 -2.23
C GLY A 88 3.53 -8.33 -3.71
N ARG A 89 4.17 -9.42 -4.13
CA ARG A 89 4.49 -9.60 -5.55
C ARG A 89 3.22 -9.70 -6.37
N VAL A 90 2.18 -10.42 -5.94
CA VAL A 90 0.97 -10.55 -6.75
C VAL A 90 0.38 -9.17 -7.05
N LEU A 91 0.26 -8.30 -6.05
CA LEU A 91 -0.31 -6.96 -6.22
C LEU A 91 0.61 -6.09 -7.08
N VAL A 92 1.93 -6.16 -6.89
CA VAL A 92 2.89 -5.43 -7.71
C VAL A 92 2.82 -5.92 -9.16
N GLU A 93 2.73 -7.22 -9.40
CA GLU A 93 2.69 -7.77 -10.75
C GLU A 93 1.37 -7.37 -11.42
N HIS A 94 0.28 -7.24 -10.66
CA HIS A 94 -0.96 -6.70 -11.16
C HIS A 94 -0.75 -5.29 -11.69
N ALA A 95 -0.10 -4.45 -10.88
CA ALA A 95 0.18 -3.08 -11.24
C ALA A 95 1.09 -3.01 -12.46
N LEU A 96 2.18 -3.77 -12.49
CA LEU A 96 3.12 -3.82 -13.61
C LEU A 96 2.44 -4.28 -14.89
N SER A 97 1.47 -5.19 -14.81
CA SER A 97 0.72 -5.66 -15.97
C SER A 97 -0.09 -4.53 -16.61
N MET A 98 -0.61 -3.59 -15.80
CA MET A 98 -1.39 -2.47 -16.29
C MET A 98 -0.52 -1.27 -16.65
N ALA A 99 0.68 -1.17 -16.06
CA ALA A 99 1.58 -0.03 -16.16
C ALA A 99 3.02 -0.56 -16.18
N PRO A 100 3.66 -0.75 -17.35
CA PRO A 100 5.05 -1.17 -17.38
C PRO A 100 6.00 -0.09 -16.82
N GLU A 101 5.57 1.18 -16.83
CA GLU A 101 6.35 2.34 -16.45
C GLU A 101 6.01 2.77 -15.00
N LEU A 102 5.61 1.79 -14.19
CA LEU A 102 5.05 1.92 -12.87
C LEU A 102 5.91 2.78 -11.94
N THR A 103 5.22 3.53 -11.10
CA THR A 103 5.80 4.26 -9.98
C THR A 103 5.03 3.94 -8.71
N THR A 104 5.63 4.16 -7.55
CA THR A 104 4.96 3.97 -6.27
C THR A 104 5.59 4.87 -5.21
N ASN A 105 5.07 4.80 -3.99
CA ASN A 105 5.51 5.59 -2.85
C ASN A 105 5.57 4.70 -1.61
N VAL A 106 6.32 5.13 -0.59
CA VAL A 106 6.45 4.44 0.69
C VAL A 106 6.85 5.48 1.74
N ASN A 107 6.39 5.36 2.99
CA ASN A 107 6.83 6.27 4.05
C ASN A 107 8.30 5.95 4.37
N GLU A 108 9.14 6.97 4.44
CA GLU A 108 10.60 6.82 4.58
C GLU A 108 10.95 6.04 5.85
N GLN A 109 10.15 6.19 6.91
CA GLN A 109 10.42 5.55 8.20
C GLN A 109 10.30 4.03 8.11
N ASN A 110 9.43 3.53 7.23
CA ASN A 110 9.23 2.10 6.99
C ASN A 110 10.36 1.59 6.09
N GLU A 111 11.58 1.65 6.61
CA GLU A 111 12.79 1.18 5.93
C GLU A 111 12.65 -0.30 5.52
N GLN A 112 11.82 -1.07 6.23
CA GLN A 112 11.54 -2.46 5.89
C GLN A 112 10.89 -2.55 4.51
N ALA A 113 9.85 -1.74 4.28
CA ALA A 113 9.18 -1.66 3.00
C ALA A 113 10.07 -1.00 1.95
N VAL A 114 10.90 -0.03 2.30
CA VAL A 114 11.89 0.51 1.37
C VAL A 114 12.77 -0.65 0.87
N GLY A 115 13.29 -1.47 1.78
CA GLY A 115 14.12 -2.63 1.43
C GLY A 115 13.35 -3.62 0.56
N PHE A 116 12.12 -3.96 0.97
CA PHE A 116 11.24 -4.85 0.23
C PHE A 116 11.08 -4.37 -1.21
N TYR A 117 10.71 -3.10 -1.40
CA TYR A 117 10.41 -2.58 -2.72
C TYR A 117 11.69 -2.54 -3.56
N LYS A 118 12.87 -2.26 -2.98
CA LYS A 118 14.14 -2.38 -3.70
C LYS A 118 14.36 -3.81 -4.20
N LYS A 119 14.14 -4.83 -3.35
CA LYS A 119 14.29 -6.23 -3.77
C LYS A 119 13.37 -6.54 -4.94
N VAL A 120 12.13 -6.06 -4.86
CA VAL A 120 11.10 -6.27 -5.87
C VAL A 120 11.49 -5.62 -7.20
N GLY A 121 12.19 -4.48 -7.16
CA GLY A 121 12.80 -3.86 -8.34
C GLY A 121 12.56 -2.36 -8.46
N PHE A 122 12.01 -1.69 -7.44
CA PHE A 122 11.85 -0.24 -7.47
C PHE A 122 13.16 0.47 -7.12
N LYS A 123 13.27 1.74 -7.54
CA LYS A 123 14.42 2.61 -7.32
C LYS A 123 13.86 4.01 -7.08
N VAL A 124 14.39 4.74 -6.09
CA VAL A 124 13.86 6.03 -5.67
C VAL A 124 14.10 7.09 -6.75
N THR A 125 13.05 7.88 -7.02
CA THR A 125 12.98 8.89 -8.05
C THR A 125 12.52 10.25 -7.47
N GLY A 126 12.07 10.30 -6.21
CA GLY A 126 11.81 11.54 -5.51
C GLY A 126 11.60 11.29 -4.03
N ARG A 127 11.45 12.36 -3.23
CA ARG A 127 11.14 12.24 -1.81
C ARG A 127 10.55 13.55 -1.28
N SER A 128 10.36 13.59 0.03
CA SER A 128 9.94 14.75 0.83
C SER A 128 10.78 14.76 2.11
N GLU A 129 10.68 15.83 2.91
CA GLU A 129 11.39 15.97 4.19
C GLU A 129 10.42 16.07 5.38
N VAL A 130 9.11 16.18 5.09
CA VAL A 130 7.99 16.10 6.02
C VAL A 130 6.85 15.39 5.28
N ASP A 131 5.73 15.17 5.95
CA ASP A 131 4.52 14.62 5.33
C ASP A 131 3.87 15.70 4.46
N ASP A 132 3.24 16.69 5.10
CA ASP A 132 2.62 17.85 4.45
C ASP A 132 2.32 18.96 5.45
N LEU A 133 1.83 18.59 6.63
CA LEU A 133 1.50 19.50 7.73
C LEU A 133 2.74 19.84 8.56
N GLY A 134 3.93 19.69 7.97
CA GLY A 134 5.22 19.84 8.64
C GLY A 134 5.56 18.66 9.56
N LYS A 135 4.81 17.55 9.48
CA LYS A 135 5.03 16.37 10.33
C LYS A 135 6.37 15.73 9.92
N PRO A 136 7.30 15.39 10.84
CA PRO A 136 8.55 14.69 10.56
C PRO A 136 8.41 13.24 10.02
N TYR A 137 7.47 12.97 9.11
CA TYR A 137 7.07 11.64 8.67
C TYR A 137 7.12 11.54 7.12
N PRO A 138 8.27 11.84 6.47
CA PRO A 138 8.35 11.99 5.02
C PRO A 138 7.98 10.75 4.20
N LEU A 139 7.69 11.00 2.92
CA LEU A 139 7.34 10.02 1.90
C LEU A 139 8.51 9.95 0.92
N LEU A 140 8.69 8.79 0.30
CA LEU A 140 9.61 8.60 -0.81
C LEU A 140 8.76 8.26 -2.03
N ASN A 141 9.24 8.60 -3.21
CA ASN A 141 8.65 8.20 -4.50
C ASN A 141 9.68 7.40 -5.26
N LEU A 142 9.23 6.35 -5.91
CA LEU A 142 10.06 5.35 -6.56
C LEU A 142 9.45 5.00 -7.92
N ALA A 143 10.26 4.41 -8.79
CA ALA A 143 9.88 3.93 -10.10
C ALA A 143 10.43 2.53 -10.28
N TYR A 144 9.73 1.71 -11.05
CA TYR A 144 10.19 0.35 -11.32
C TYR A 144 11.37 0.41 -12.29
N VAL A 145 12.44 -0.32 -11.97
CA VAL A 145 13.64 -0.47 -12.78
C VAL A 145 13.94 -1.96 -12.99
N GLY A 146 13.47 -2.84 -12.10
CA GLY A 146 13.86 -4.24 -12.07
C GLY A 146 15.25 -4.39 -11.44
N ALA A 147 15.78 -5.61 -11.49
CA ALA A 147 17.12 -5.94 -11.01
C ALA A 147 18.15 -5.10 -11.75
N MET A 1 -5.97 -22.53 -0.88
CA MET A 1 -5.73 -21.08 -0.95
C MET A 1 -5.23 -20.71 -2.36
N VAL A 2 -5.79 -19.64 -2.94
CA VAL A 2 -5.32 -18.99 -4.15
C VAL A 2 -5.44 -17.48 -3.94
N ILE A 3 -5.08 -16.68 -4.94
CA ILE A 3 -5.20 -15.23 -4.95
C ILE A 3 -5.70 -14.82 -6.33
N SER A 4 -6.53 -13.78 -6.34
CA SER A 4 -6.94 -13.06 -7.54
C SER A 4 -7.02 -11.58 -7.15
N ILE A 5 -7.09 -10.69 -8.13
CA ILE A 5 -7.21 -9.25 -7.88
C ILE A 5 -8.47 -8.79 -8.61
N ARG A 6 -9.21 -7.85 -8.03
CA ARG A 6 -10.37 -7.22 -8.66
C ARG A 6 -10.56 -5.81 -8.13
N ARG A 7 -11.50 -5.05 -8.70
CA ARG A 7 -11.90 -3.77 -8.14
C ARG A 7 -12.57 -4.02 -6.79
N SER A 8 -12.40 -3.06 -5.90
CA SER A 8 -12.96 -3.08 -4.57
C SER A 8 -14.47 -2.82 -4.59
N ARG A 9 -15.19 -3.46 -3.67
CA ARG A 9 -16.59 -3.20 -3.38
C ARG A 9 -16.64 -2.11 -2.31
N HIS A 10 -17.44 -1.07 -2.50
CA HIS A 10 -17.47 0.07 -1.58
C HIS A 10 -17.81 -0.36 -0.15
N GLU A 11 -18.66 -1.38 0.02
CA GLU A 11 -19.10 -1.86 1.32
C GLU A 11 -18.01 -2.69 2.02
N GLU A 12 -16.99 -3.18 1.30
CA GLU A 12 -15.87 -3.90 1.92
C GLU A 12 -14.77 -2.94 2.38
N GLY A 13 -14.94 -1.62 2.15
CA GLY A 13 -13.97 -0.59 2.50
C GLY A 13 -13.46 -0.66 3.94
N GLU A 14 -14.32 -0.99 4.90
CA GLU A 14 -13.93 -1.06 6.31
C GLU A 14 -12.92 -2.20 6.55
N GLU A 15 -12.95 -3.27 5.76
CA GLU A 15 -11.94 -4.32 5.83
C GLU A 15 -10.61 -3.79 5.32
N LEU A 16 -10.64 -2.85 4.38
CA LEU A 16 -9.42 -2.25 3.81
C LEU A 16 -8.81 -1.31 4.83
N VAL A 17 -9.65 -0.55 5.55
CA VAL A 17 -9.22 0.22 6.70
C VAL A 17 -8.56 -0.73 7.70
N ALA A 18 -9.20 -1.86 8.01
CA ALA A 18 -8.68 -2.82 8.97
C ALA A 18 -7.33 -3.39 8.55
N ILE A 19 -7.14 -3.63 7.25
CA ILE A 19 -5.87 -4.07 6.67
C ILE A 19 -4.82 -2.97 6.84
N TRP A 20 -5.12 -1.73 6.46
CA TRP A 20 -4.21 -0.60 6.65
C TRP A 20 -3.86 -0.45 8.15
N CYS A 21 -4.85 -0.50 9.05
CA CYS A 21 -4.67 -0.40 10.49
C CYS A 21 -3.68 -1.46 10.99
N ARG A 22 -3.89 -2.75 10.67
CA ARG A 22 -2.97 -3.79 11.12
C ARG A 22 -1.62 -3.71 10.40
N SER A 23 -1.57 -3.22 9.17
CA SER A 23 -0.31 -2.99 8.47
C SER A 23 0.52 -1.94 9.20
N VAL A 24 -0.11 -0.88 9.68
CA VAL A 24 0.54 0.18 10.41
C VAL A 24 0.96 -0.35 11.78
N ASP A 25 0.10 -1.11 12.47
CA ASP A 25 0.44 -1.70 13.76
C ASP A 25 1.65 -2.65 13.67
N ALA A 26 1.78 -3.36 12.55
CA ALA A 26 2.82 -4.34 12.34
C ALA A 26 4.13 -3.73 11.82
N THR A 27 4.06 -2.69 10.98
CA THR A 27 5.25 -2.20 10.26
C THR A 27 5.43 -0.68 10.20
N HIS A 28 4.55 0.14 10.79
CA HIS A 28 4.72 1.60 10.88
C HIS A 28 4.49 2.08 12.31
N ASP A 29 4.63 1.22 13.33
CA ASP A 29 4.22 1.53 14.71
C ASP A 29 4.97 2.72 15.35
N PHE A 30 6.05 3.18 14.71
CA PHE A 30 6.76 4.42 15.05
C PHE A 30 5.83 5.64 14.99
N LEU A 31 4.81 5.59 14.13
CA LEU A 31 3.85 6.64 13.85
C LEU A 31 3.18 7.15 15.13
N SER A 32 3.24 8.46 15.36
CA SER A 32 2.64 9.14 16.49
C SER A 32 1.16 8.81 16.60
N ALA A 33 0.65 8.61 17.82
CA ALA A 33 -0.75 8.22 18.03
C ALA A 33 -1.73 9.27 17.49
N GLU A 34 -1.38 10.55 17.58
CA GLU A 34 -2.24 11.62 17.09
C GLU A 34 -2.34 11.56 15.57
N TYR A 35 -1.20 11.47 14.87
CA TYR A 35 -1.22 11.40 13.40
C TYR A 35 -1.83 10.08 12.94
N ARG A 36 -1.59 8.98 13.66
CA ARG A 36 -2.23 7.68 13.43
C ARG A 36 -3.75 7.81 13.50
N THR A 37 -4.30 8.51 14.49
CA THR A 37 -5.72 8.68 14.66
C THR A 37 -6.29 9.49 13.48
N GLU A 38 -5.66 10.61 13.12
CA GLU A 38 -6.15 11.48 12.05
C GLU A 38 -6.04 10.77 10.70
N LEU A 39 -4.97 10.01 10.49
CA LEU A 39 -4.80 9.17 9.31
C LEU A 39 -5.91 8.14 9.26
N GLU A 40 -6.18 7.40 10.33
CA GLU A 40 -7.18 6.34 10.32
C GLU A 40 -8.55 6.91 9.92
N ASP A 41 -8.91 8.08 10.42
CA ASP A 41 -10.16 8.74 10.08
C ASP A 41 -10.23 9.10 8.60
N LEU A 42 -9.18 9.71 8.05
CA LEU A 42 -9.18 10.14 6.66
C LEU A 42 -9.12 8.93 5.73
N VAL A 43 -8.37 7.89 6.12
CA VAL A 43 -8.30 6.59 5.47
C VAL A 43 -9.70 5.98 5.44
N ARG A 44 -10.43 5.96 6.56
CA ARG A 44 -11.79 5.47 6.62
C ARG A 44 -12.79 6.39 5.90
N SER A 45 -12.36 7.59 5.49
CA SER A 45 -13.15 8.49 4.67
C SER A 45 -12.72 8.40 3.20
N PHE A 46 -11.82 7.48 2.85
CA PHE A 46 -11.18 7.43 1.55
C PHE A 46 -11.13 6.02 0.97
N LEU A 47 -10.56 5.03 1.66
CA LEU A 47 -10.47 3.67 1.11
C LEU A 47 -11.83 3.10 0.69
N PRO A 48 -12.94 3.33 1.42
CA PRO A 48 -14.25 2.87 0.99
C PRO A 48 -14.76 3.49 -0.34
N GLU A 49 -14.16 4.57 -0.85
CA GLU A 49 -14.65 5.26 -2.05
C GLU A 49 -13.56 5.46 -3.12
N ALA A 50 -12.29 5.26 -2.76
CA ALA A 50 -11.13 5.44 -3.64
C ALA A 50 -11.16 4.42 -4.80
N PRO A 51 -10.53 4.75 -5.95
CA PRO A 51 -10.46 3.90 -7.13
C PRO A 51 -9.40 2.80 -6.94
N LEU A 52 -9.62 1.93 -5.96
CA LEU A 52 -8.70 0.88 -5.55
C LEU A 52 -8.92 -0.40 -6.34
N TRP A 53 -8.06 -1.37 -6.05
CA TRP A 53 -8.10 -2.76 -6.44
C TRP A 53 -7.76 -3.53 -5.16
N VAL A 54 -8.26 -4.75 -5.01
CA VAL A 54 -8.02 -5.58 -3.85
C VAL A 54 -7.52 -6.95 -4.26
N ALA A 55 -6.57 -7.47 -3.51
CA ALA A 55 -6.16 -8.85 -3.60
C ALA A 55 -7.19 -9.58 -2.75
N VAL A 56 -7.73 -10.66 -3.26
CA VAL A 56 -8.70 -11.47 -2.57
C VAL A 56 -8.16 -12.89 -2.56
N ASN A 57 -8.39 -13.59 -1.45
CA ASN A 57 -8.08 -15.01 -1.37
C ASN A 57 -9.25 -15.81 -1.96
N GLU A 58 -9.14 -17.14 -1.90
CA GLU A 58 -10.11 -18.12 -2.39
C GLU A 58 -11.56 -17.86 -1.94
N ARG A 59 -11.79 -17.16 -0.81
CA ARG A 59 -13.11 -16.86 -0.28
C ARG A 59 -13.72 -15.61 -0.92
N ASP A 60 -13.04 -14.98 -1.89
CA ASP A 60 -13.38 -13.67 -2.44
C ASP A 60 -13.56 -12.69 -1.28
N GLN A 61 -12.48 -12.59 -0.50
CA GLN A 61 -12.41 -11.91 0.77
C GLN A 61 -11.09 -11.12 0.71
N PRO A 62 -11.12 -9.80 0.93
CA PRO A 62 -9.96 -8.94 0.71
C PRO A 62 -8.86 -9.28 1.71
N VAL A 63 -7.63 -9.31 1.22
CA VAL A 63 -6.42 -9.53 2.03
C VAL A 63 -5.36 -8.44 1.81
N GLY A 64 -5.51 -7.59 0.79
CA GLY A 64 -4.68 -6.42 0.56
C GLY A 64 -5.34 -5.52 -0.48
N PHE A 65 -4.82 -4.31 -0.66
CA PHE A 65 -5.31 -3.38 -1.66
C PHE A 65 -4.15 -2.61 -2.30
N MET A 66 -4.43 -2.07 -3.48
CA MET A 66 -3.49 -1.40 -4.38
C MET A 66 -4.26 -0.21 -4.97
N LEU A 67 -3.69 1.00 -4.88
CA LEU A 67 -4.19 2.18 -5.56
C LEU A 67 -3.21 2.42 -6.69
N LEU A 68 -3.69 2.48 -7.94
CA LEU A 68 -2.91 2.91 -9.10
C LEU A 68 -3.86 3.65 -10.03
N SER A 69 -3.35 4.73 -10.61
CA SER A 69 -3.96 5.48 -11.70
C SER A 69 -2.77 6.15 -12.43
N GLY A 70 -2.93 6.46 -13.72
CA GLY A 70 -1.82 6.89 -14.56
C GLY A 70 -0.74 5.80 -14.54
N GLN A 71 0.43 6.11 -13.98
CA GLN A 71 1.54 5.18 -13.79
C GLN A 71 2.08 5.27 -12.35
N HIS A 72 1.25 5.65 -11.37
CA HIS A 72 1.67 5.83 -9.99
C HIS A 72 0.82 4.98 -9.05
N MET A 73 1.43 3.97 -8.43
CA MET A 73 0.81 3.15 -7.39
C MET A 73 1.01 3.88 -6.07
N ASP A 74 0.11 4.80 -5.73
CA ASP A 74 0.23 5.63 -4.53
C ASP A 74 0.20 4.82 -3.23
N ALA A 75 -0.48 3.67 -3.22
CA ALA A 75 -0.67 2.87 -2.02
C ALA A 75 -0.66 1.39 -2.36
N LEU A 76 -0.11 0.61 -1.44
CA LEU A 76 -0.07 -0.84 -1.47
C LEU A 76 0.03 -1.27 0.00
N PHE A 77 -1.00 -1.93 0.53
CA PHE A 77 -1.04 -2.40 1.92
C PHE A 77 -1.73 -3.76 1.92
N ILE A 78 -1.24 -4.68 2.75
CA ILE A 78 -1.65 -6.07 2.75
C ILE A 78 -1.54 -6.55 4.19
N ASP A 79 -2.45 -7.43 4.57
CA ASP A 79 -2.49 -8.04 5.88
C ASP A 79 -1.15 -8.77 6.11
N PRO A 80 -0.40 -8.45 7.17
CA PRO A 80 0.85 -9.12 7.52
C PRO A 80 0.80 -10.64 7.47
N ASP A 81 -0.36 -11.27 7.73
CA ASP A 81 -0.54 -12.72 7.74
C ASP A 81 -0.27 -13.38 6.38
N VAL A 82 -0.38 -12.63 5.28
CA VAL A 82 -0.24 -13.18 3.92
C VAL A 82 0.89 -12.53 3.12
N ARG A 83 1.65 -11.59 3.71
CA ARG A 83 2.83 -11.03 3.03
C ARG A 83 3.83 -12.12 2.68
N GLY A 84 4.00 -13.12 3.55
CA GLY A 84 4.84 -14.28 3.30
C GLY A 84 4.34 -15.14 2.13
N CYS A 85 3.04 -15.12 1.82
CA CYS A 85 2.45 -15.82 0.68
C CYS A 85 2.78 -15.13 -0.65
N GLY A 86 3.39 -13.93 -0.63
CA GLY A 86 3.86 -13.26 -1.83
C GLY A 86 2.80 -12.37 -2.48
N VAL A 87 1.68 -12.07 -1.79
CA VAL A 87 0.61 -11.22 -2.32
C VAL A 87 1.17 -9.85 -2.77
N GLY A 88 2.22 -9.35 -2.09
CA GLY A 88 2.95 -8.17 -2.51
C GLY A 88 3.33 -8.23 -3.98
N ARG A 89 3.97 -9.33 -4.43
CA ARG A 89 4.31 -9.47 -5.84
C ARG A 89 3.05 -9.54 -6.68
N VAL A 90 2.01 -10.26 -6.26
CA VAL A 90 0.79 -10.37 -7.08
C VAL A 90 0.21 -8.97 -7.35
N LEU A 91 0.11 -8.13 -6.32
CA LEU A 91 -0.47 -6.80 -6.47
C LEU A 91 0.45 -5.88 -7.27
N VAL A 92 1.77 -5.95 -7.08
CA VAL A 92 2.72 -5.19 -7.87
C VAL A 92 2.65 -5.64 -9.33
N GLU A 93 2.53 -6.94 -9.61
CA GLU A 93 2.42 -7.45 -10.97
C GLU A 93 1.12 -6.95 -11.62
N HIS A 94 0.03 -6.86 -10.84
CA HIS A 94 -1.23 -6.31 -11.31
C HIS A 94 -1.05 -4.85 -11.73
N ALA A 95 -0.40 -4.07 -10.87
CA ALA A 95 -0.12 -2.67 -11.11
C ALA A 95 0.77 -2.49 -12.34
N LEU A 96 1.88 -3.26 -12.41
CA LEU A 96 2.81 -3.24 -13.53
C LEU A 96 2.14 -3.63 -14.84
N SER A 97 1.14 -4.52 -14.81
CA SER A 97 0.40 -4.92 -16.00
C SER A 97 -0.34 -3.73 -16.63
N MET A 98 -0.82 -2.78 -15.82
CA MET A 98 -1.50 -1.59 -16.32
C MET A 98 -0.52 -0.43 -16.59
N ALA A 99 0.64 -0.42 -15.92
CA ALA A 99 1.62 0.64 -15.97
C ALA A 99 3.02 0.03 -16.01
N PRO A 100 3.64 -0.21 -17.17
CA PRO A 100 4.97 -0.81 -17.22
C PRO A 100 6.05 0.11 -16.63
N GLU A 101 5.81 1.43 -16.60
CA GLU A 101 6.75 2.45 -16.21
C GLU A 101 6.43 2.94 -14.78
N LEU A 102 5.89 2.03 -13.97
CA LEU A 102 5.30 2.26 -12.66
C LEU A 102 6.21 3.03 -11.72
N THR A 103 5.59 3.84 -10.88
CA THR A 103 6.20 4.53 -9.76
C THR A 103 5.37 4.25 -8.51
N THR A 104 5.93 4.52 -7.33
CA THR A 104 5.21 4.37 -6.07
C THR A 104 5.80 5.30 -5.02
N ASN A 105 5.30 5.19 -3.79
CA ASN A 105 5.84 5.88 -2.64
C ASN A 105 5.66 5.03 -1.39
N VAL A 106 6.44 5.34 -0.36
CA VAL A 106 6.43 4.65 0.92
C VAL A 106 6.97 5.64 1.96
N ASN A 107 6.52 5.54 3.22
CA ASN A 107 7.02 6.39 4.27
C ASN A 107 8.37 5.84 4.76
N GLU A 108 9.39 6.69 4.83
CA GLU A 108 10.76 6.39 5.22
C GLU A 108 10.83 5.73 6.60
N GLN A 109 9.85 6.01 7.49
CA GLN A 109 9.73 5.37 8.79
C GLN A 109 9.78 3.83 8.71
N ASN A 110 9.25 3.24 7.62
CA ASN A 110 9.10 1.82 7.44
C ASN A 110 10.15 1.32 6.45
N GLU A 111 11.41 1.34 6.87
CA GLU A 111 12.55 0.86 6.07
C GLU A 111 12.35 -0.59 5.62
N GLN A 112 11.54 -1.38 6.34
CA GLN A 112 11.26 -2.77 5.98
C GLN A 112 10.55 -2.83 4.64
N ALA A 113 9.57 -1.95 4.42
CA ALA A 113 8.89 -1.82 3.14
C ALA A 113 9.80 -1.23 2.07
N VAL A 114 10.68 -0.29 2.41
CA VAL A 114 11.67 0.21 1.46
C VAL A 114 12.50 -0.97 0.94
N GLY A 115 12.96 -1.84 1.84
CA GLY A 115 13.68 -3.06 1.49
C GLY A 115 12.81 -3.97 0.63
N PHE A 116 11.58 -4.26 1.07
CA PHE A 116 10.66 -5.15 0.34
C PHE A 116 10.48 -4.67 -1.09
N TYR A 117 10.18 -3.39 -1.28
CA TYR A 117 9.87 -2.83 -2.58
C TYR A 117 11.10 -2.95 -3.50
N LYS A 118 12.32 -2.72 -2.96
CA LYS A 118 13.54 -2.94 -3.70
C LYS A 118 13.73 -4.40 -4.11
N LYS A 119 13.30 -5.38 -3.31
CA LYS A 119 13.37 -6.78 -3.72
C LYS A 119 12.51 -7.03 -4.96
N VAL A 120 11.33 -6.41 -5.03
CA VAL A 120 10.44 -6.59 -6.17
C VAL A 120 11.05 -5.96 -7.41
N GLY A 121 11.69 -4.79 -7.25
CA GLY A 121 12.48 -4.13 -8.28
C GLY A 121 12.31 -2.61 -8.31
N PHE A 122 11.69 -1.99 -7.30
CA PHE A 122 11.66 -0.54 -7.20
C PHE A 122 13.03 0.02 -6.81
N LYS A 123 13.25 1.31 -7.07
CA LYS A 123 14.45 2.06 -6.70
C LYS A 123 14.02 3.51 -6.48
N VAL A 124 14.58 4.18 -5.48
CA VAL A 124 14.17 5.52 -5.06
C VAL A 124 14.58 6.54 -6.11
N THR A 125 13.65 7.42 -6.47
CA THR A 125 13.75 8.42 -7.51
C THR A 125 13.41 9.82 -7.00
N GLY A 126 12.90 9.93 -5.75
CA GLY A 126 12.72 11.23 -5.11
C GLY A 126 12.47 11.09 -3.62
N ARG A 127 12.49 12.21 -2.91
CA ARG A 127 12.25 12.30 -1.48
C ARG A 127 11.47 13.53 -1.11
N SER A 128 10.96 13.49 0.11
CA SER A 128 10.35 14.61 0.80
C SER A 128 11.10 14.77 2.14
N GLU A 129 10.88 15.86 2.86
CA GLU A 129 11.51 16.11 4.16
C GLU A 129 10.56 15.74 5.31
N VAL A 130 9.28 15.50 5.00
CA VAL A 130 8.17 15.24 5.90
C VAL A 130 7.19 14.32 5.16
N ASP A 131 6.11 13.92 5.83
CA ASP A 131 5.14 13.00 5.24
C ASP A 131 4.21 13.75 4.28
N ASP A 132 3.46 14.73 4.80
CA ASP A 132 2.62 15.62 3.99
C ASP A 132 2.26 16.92 4.70
N LEU A 133 1.99 16.86 6.01
CA LEU A 133 1.48 17.96 6.82
C LEU A 133 2.56 18.48 7.78
N GLY A 134 3.83 18.42 7.36
CA GLY A 134 4.97 18.81 8.17
C GLY A 134 5.38 17.74 9.20
N LYS A 135 4.84 16.53 9.08
CA LYS A 135 5.04 15.45 10.05
C LYS A 135 6.45 14.88 9.84
N PRO A 136 7.24 14.64 10.89
CA PRO A 136 8.67 14.28 10.77
C PRO A 136 8.86 12.79 10.40
N TYR A 137 8.17 12.31 9.36
CA TYR A 137 8.20 10.93 8.90
C TYR A 137 8.26 11.03 7.38
N PRO A 138 9.44 11.23 6.75
CA PRO A 138 9.51 11.56 5.33
C PRO A 138 8.78 10.58 4.40
N LEU A 139 8.37 11.05 3.22
CA LEU A 139 7.89 10.20 2.13
C LEU A 139 9.06 9.98 1.17
N LEU A 140 9.12 8.80 0.58
CA LEU A 140 10.08 8.46 -0.46
C LEU A 140 9.26 8.22 -1.72
N ASN A 141 9.79 8.60 -2.88
CA ASN A 141 9.20 8.27 -4.17
C ASN A 141 10.15 7.33 -4.89
N LEU A 142 9.60 6.33 -5.55
CA LEU A 142 10.36 5.25 -6.16
C LEU A 142 9.78 4.98 -7.55
N ALA A 143 10.57 4.30 -8.39
CA ALA A 143 10.20 3.89 -9.73
C ALA A 143 10.62 2.44 -9.91
N TYR A 144 9.87 1.69 -10.71
CA TYR A 144 10.22 0.31 -11.01
C TYR A 144 11.37 0.32 -12.02
N VAL A 145 12.47 -0.38 -11.68
CA VAL A 145 13.67 -0.46 -12.52
C VAL A 145 14.16 -1.91 -12.65
N GLY A 146 13.47 -2.87 -12.02
CA GLY A 146 13.77 -4.31 -12.14
C GLY A 146 13.55 -4.85 -13.55
N ALA A 147 12.65 -4.23 -14.32
CA ALA A 147 12.32 -4.59 -15.69
C ALA A 147 13.59 -4.62 -16.56
N MET A 1 -2.41 -20.60 -0.59
CA MET A 1 -3.62 -19.74 -0.74
C MET A 1 -3.64 -19.12 -2.14
N VAL A 2 -4.66 -19.43 -2.94
CA VAL A 2 -4.87 -18.83 -4.26
C VAL A 2 -5.02 -17.30 -4.11
N ILE A 3 -4.66 -16.54 -5.15
CA ILE A 3 -4.84 -15.09 -5.22
C ILE A 3 -5.36 -14.74 -6.61
N SER A 4 -6.28 -13.77 -6.64
CA SER A 4 -6.75 -13.09 -7.83
C SER A 4 -6.94 -11.62 -7.43
N ILE A 5 -7.03 -10.71 -8.40
CA ILE A 5 -7.18 -9.29 -8.14
C ILE A 5 -8.44 -8.82 -8.87
N ARG A 6 -9.17 -7.88 -8.28
CA ARG A 6 -10.31 -7.20 -8.91
C ARG A 6 -10.43 -5.79 -8.33
N ARG A 7 -11.29 -4.94 -8.89
CA ARG A 7 -11.61 -3.67 -8.28
C ARG A 7 -12.35 -3.95 -6.97
N SER A 8 -12.16 -3.06 -6.01
CA SER A 8 -12.83 -3.08 -4.73
C SER A 8 -14.30 -2.68 -4.88
N ARG A 9 -15.13 -3.18 -3.97
CA ARG A 9 -16.52 -2.77 -3.78
C ARG A 9 -16.56 -1.78 -2.61
N HIS A 10 -17.66 -1.04 -2.48
CA HIS A 10 -17.84 -0.14 -1.35
C HIS A 10 -17.98 -0.92 -0.03
N GLU A 11 -18.69 -2.05 -0.07
CA GLU A 11 -19.09 -2.77 1.14
C GLU A 11 -17.92 -3.40 1.90
N GLU A 12 -16.83 -3.74 1.21
CA GLU A 12 -15.64 -4.28 1.85
C GLU A 12 -14.70 -3.18 2.35
N GLY A 13 -15.03 -1.90 2.15
CA GLY A 13 -14.18 -0.77 2.49
C GLY A 13 -13.60 -0.85 3.89
N GLU A 14 -14.41 -1.18 4.90
CA GLU A 14 -13.98 -1.25 6.29
C GLU A 14 -12.96 -2.38 6.52
N GLU A 15 -12.98 -3.45 5.72
CA GLU A 15 -11.96 -4.49 5.78
C GLU A 15 -10.63 -3.93 5.28
N LEU A 16 -10.67 -3.00 4.32
CA LEU A 16 -9.47 -2.39 3.77
C LEU A 16 -8.89 -1.40 4.78
N VAL A 17 -9.74 -0.66 5.48
CA VAL A 17 -9.34 0.16 6.62
C VAL A 17 -8.66 -0.73 7.66
N ALA A 18 -9.24 -1.89 7.98
CA ALA A 18 -8.70 -2.82 8.96
C ALA A 18 -7.34 -3.37 8.53
N ILE A 19 -7.18 -3.70 7.25
CA ILE A 19 -5.93 -4.19 6.67
C ILE A 19 -4.86 -3.09 6.73
N TRP A 20 -5.18 -1.87 6.30
CA TRP A 20 -4.31 -0.71 6.45
C TRP A 20 -3.89 -0.57 7.92
N CYS A 21 -4.85 -0.64 8.86
CA CYS A 21 -4.61 -0.38 10.26
C CYS A 21 -3.59 -1.38 10.81
N ARG A 22 -3.81 -2.69 10.60
CA ARG A 22 -2.85 -3.70 11.05
C ARG A 22 -1.53 -3.62 10.29
N SER A 23 -1.52 -3.16 9.04
CA SER A 23 -0.28 -2.99 8.29
C SER A 23 0.55 -1.86 8.88
N VAL A 24 -0.09 -0.81 9.37
CA VAL A 24 0.59 0.27 10.04
C VAL A 24 1.01 -0.21 11.42
N ASP A 25 0.15 -0.91 12.17
CA ASP A 25 0.47 -1.29 13.54
C ASP A 25 1.55 -2.38 13.64
N ALA A 26 1.69 -3.23 12.61
CA ALA A 26 2.64 -4.32 12.59
C ALA A 26 3.99 -3.88 11.99
N THR A 27 3.98 -2.95 11.02
CA THR A 27 5.18 -2.64 10.24
C THR A 27 5.49 -1.15 10.07
N HIS A 28 4.61 -0.24 10.48
CA HIS A 28 4.85 1.22 10.42
C HIS A 28 4.58 1.83 11.80
N ASP A 29 4.78 1.08 12.90
CA ASP A 29 4.35 1.48 14.25
C ASP A 29 4.99 2.78 14.73
N PHE A 30 6.09 3.20 14.08
CA PHE A 30 6.74 4.50 14.23
C PHE A 30 5.75 5.67 14.06
N LEU A 31 4.67 5.46 13.31
CA LEU A 31 3.57 6.39 13.12
C LEU A 31 2.85 6.60 14.46
N SER A 32 3.12 7.74 15.10
CA SER A 32 2.62 8.12 16.41
C SER A 32 1.09 8.13 16.47
N ALA A 33 0.53 7.83 17.65
CA ALA A 33 -0.91 7.61 17.85
C ALA A 33 -1.77 8.82 17.45
N GLU A 34 -1.27 10.04 17.63
CA GLU A 34 -2.02 11.24 17.28
C GLU A 34 -2.25 11.30 15.77
N TYR A 35 -1.20 11.03 14.99
CA TYR A 35 -1.32 10.99 13.54
C TYR A 35 -2.04 9.70 13.09
N ARG A 36 -1.86 8.59 13.81
CA ARG A 36 -2.56 7.32 13.57
C ARG A 36 -4.06 7.55 13.55
N THR A 37 -4.57 8.35 14.49
CA THR A 37 -5.97 8.67 14.62
C THR A 37 -6.47 9.41 13.38
N GLU A 38 -5.76 10.47 12.96
CA GLU A 38 -6.16 11.27 11.81
C GLU A 38 -6.09 10.44 10.53
N LEU A 39 -5.07 9.59 10.39
CA LEU A 39 -4.95 8.70 9.25
C LEU A 39 -6.13 7.75 9.22
N GLU A 40 -6.42 7.02 10.31
CA GLU A 40 -7.48 6.01 10.29
C GLU A 40 -8.82 6.63 9.88
N ASP A 41 -9.11 7.84 10.35
CA ASP A 41 -10.32 8.55 9.99
C ASP A 41 -10.37 8.90 8.50
N LEU A 42 -9.30 9.48 7.96
CA LEU A 42 -9.28 9.89 6.57
C LEU A 42 -9.27 8.68 5.65
N VAL A 43 -8.56 7.62 6.05
CA VAL A 43 -8.54 6.31 5.41
C VAL A 43 -9.96 5.74 5.37
N ARG A 44 -10.69 5.76 6.49
CA ARG A 44 -12.08 5.31 6.53
C ARG A 44 -13.02 6.26 5.79
N SER A 45 -12.56 7.44 5.41
CA SER A 45 -13.31 8.38 4.59
C SER A 45 -12.91 8.24 3.11
N PHE A 46 -12.05 7.28 2.76
CA PHE A 46 -11.43 7.19 1.45
C PHE A 46 -11.40 5.78 0.89
N LEU A 47 -10.85 4.78 1.60
CA LEU A 47 -10.78 3.42 1.05
C LEU A 47 -12.16 2.84 0.67
N PRO A 48 -13.25 3.08 1.42
CA PRO A 48 -14.58 2.66 1.01
C PRO A 48 -15.10 3.31 -0.29
N GLU A 49 -14.48 4.36 -0.83
CA GLU A 49 -15.00 5.10 -1.97
C GLU A 49 -13.98 5.22 -3.12
N ALA A 50 -12.69 5.05 -2.82
CA ALA A 50 -11.60 5.09 -3.79
C ALA A 50 -11.73 3.93 -4.80
N PRO A 51 -11.29 4.11 -6.06
CA PRO A 51 -11.42 3.13 -7.14
C PRO A 51 -10.34 2.04 -7.05
N LEU A 52 -10.11 1.51 -5.85
CA LEU A 52 -9.02 0.60 -5.52
C LEU A 52 -9.16 -0.74 -6.24
N TRP A 53 -8.09 -1.52 -6.10
CA TRP A 53 -8.01 -2.91 -6.47
C TRP A 53 -7.69 -3.69 -5.20
N VAL A 54 -8.18 -4.92 -5.09
CA VAL A 54 -7.96 -5.78 -3.95
C VAL A 54 -7.49 -7.14 -4.41
N ALA A 55 -6.51 -7.68 -3.69
CA ALA A 55 -6.09 -9.06 -3.82
C ALA A 55 -7.07 -9.82 -2.95
N VAL A 56 -7.61 -10.92 -3.47
CA VAL A 56 -8.63 -11.71 -2.80
C VAL A 56 -8.18 -13.17 -2.82
N ASN A 57 -8.52 -13.89 -1.74
CA ASN A 57 -8.36 -15.33 -1.66
C ASN A 57 -9.63 -16.01 -2.21
N GLU A 58 -9.73 -17.33 -2.06
CA GLU A 58 -10.83 -18.15 -2.58
C GLU A 58 -12.22 -17.69 -2.12
N ARG A 59 -12.32 -16.98 -0.99
CA ARG A 59 -13.59 -16.47 -0.45
C ARG A 59 -14.00 -15.16 -1.12
N ASP A 60 -13.28 -14.70 -2.14
CA ASP A 60 -13.38 -13.37 -2.76
C ASP A 60 -13.27 -12.26 -1.71
N GLN A 61 -12.49 -12.58 -0.67
CA GLN A 61 -12.35 -11.84 0.57
C GLN A 61 -11.01 -11.13 0.49
N PRO A 62 -10.96 -9.80 0.71
CA PRO A 62 -9.75 -9.04 0.49
C PRO A 62 -8.69 -9.44 1.50
N VAL A 63 -7.46 -9.60 1.02
CA VAL A 63 -6.27 -9.85 1.84
C VAL A 63 -5.28 -8.69 1.72
N GLY A 64 -5.44 -7.82 0.73
CA GLY A 64 -4.67 -6.60 0.57
C GLY A 64 -5.29 -5.74 -0.53
N PHE A 65 -4.82 -4.50 -0.67
CA PHE A 65 -5.30 -3.58 -1.69
C PHE A 65 -4.16 -2.79 -2.31
N MET A 66 -4.42 -2.24 -3.49
CA MET A 66 -3.49 -1.53 -4.37
C MET A 66 -4.27 -0.33 -4.93
N LEU A 67 -3.66 0.85 -4.90
CA LEU A 67 -4.17 2.04 -5.58
C LEU A 67 -3.17 2.34 -6.68
N LEU A 68 -3.63 2.41 -7.93
CA LEU A 68 -2.85 2.89 -9.06
C LEU A 68 -3.81 3.65 -9.97
N SER A 69 -3.36 4.84 -10.38
CA SER A 69 -3.97 5.65 -11.42
C SER A 69 -2.80 6.27 -12.20
N GLY A 70 -2.99 6.56 -13.49
CA GLY A 70 -1.90 6.97 -14.37
C GLY A 70 -0.80 5.91 -14.34
N GLN A 71 0.38 6.27 -13.80
CA GLN A 71 1.53 5.38 -13.64
C GLN A 71 2.09 5.46 -12.21
N HIS A 72 1.25 5.75 -11.21
CA HIS A 72 1.66 5.89 -9.82
C HIS A 72 0.84 5.00 -8.90
N MET A 73 1.47 3.97 -8.33
CA MET A 73 0.86 3.13 -7.31
C MET A 73 1.02 3.85 -5.98
N ASP A 74 0.07 4.70 -5.61
CA ASP A 74 0.15 5.52 -4.39
C ASP A 74 0.12 4.68 -3.11
N ALA A 75 -0.55 3.52 -3.13
CA ALA A 75 -0.79 2.72 -1.94
C ALA A 75 -0.71 1.23 -2.27
N LEU A 76 -0.20 0.46 -1.31
CA LEU A 76 -0.13 -0.99 -1.31
C LEU A 76 -0.08 -1.40 0.16
N PHE A 77 -1.11 -2.12 0.65
CA PHE A 77 -1.19 -2.57 2.03
C PHE A 77 -1.85 -3.94 2.02
N ILE A 78 -1.35 -4.87 2.84
CA ILE A 78 -1.72 -6.28 2.81
C ILE A 78 -1.59 -6.79 4.23
N ASP A 79 -2.48 -7.69 4.61
CA ASP A 79 -2.53 -8.27 5.94
C ASP A 79 -1.21 -9.01 6.22
N PRO A 80 -0.48 -8.67 7.29
CA PRO A 80 0.86 -9.20 7.54
C PRO A 80 0.91 -10.72 7.75
N ASP A 81 -0.21 -11.37 8.08
CA ASP A 81 -0.25 -12.82 8.27
C ASP A 81 -0.06 -13.59 6.96
N VAL A 82 -0.32 -12.95 5.82
CA VAL A 82 -0.36 -13.61 4.50
C VAL A 82 0.57 -12.96 3.48
N ARG A 83 1.35 -11.93 3.86
CA ARG A 83 2.41 -11.38 3.00
C ARG A 83 3.40 -12.46 2.54
N GLY A 84 3.61 -13.50 3.34
CA GLY A 84 4.44 -14.66 3.01
C GLY A 84 3.98 -15.40 1.75
N CYS A 85 2.71 -15.26 1.33
CA CYS A 85 2.21 -15.83 0.08
C CYS A 85 2.72 -15.05 -1.16
N GLY A 86 3.46 -13.96 -0.98
CA GLY A 86 4.06 -13.18 -2.07
C GLY A 86 3.08 -12.16 -2.66
N VAL A 87 1.94 -11.90 -2.00
CA VAL A 87 0.84 -11.08 -2.53
C VAL A 87 1.34 -9.69 -2.93
N GLY A 88 2.33 -9.13 -2.23
CA GLY A 88 2.96 -7.87 -2.60
C GLY A 88 3.43 -7.88 -4.05
N ARG A 89 4.17 -8.92 -4.47
CA ARG A 89 4.63 -9.00 -5.84
C ARG A 89 3.44 -9.18 -6.78
N VAL A 90 2.42 -9.97 -6.40
CA VAL A 90 1.24 -10.17 -7.25
C VAL A 90 0.56 -8.82 -7.53
N LEU A 91 0.31 -8.02 -6.49
CA LEU A 91 -0.38 -6.74 -6.62
C LEU A 91 0.48 -5.75 -7.40
N VAL A 92 1.79 -5.73 -7.17
CA VAL A 92 2.72 -4.89 -7.91
C VAL A 92 2.73 -5.32 -9.38
N GLU A 93 2.69 -6.61 -9.69
CA GLU A 93 2.61 -7.08 -11.08
C GLU A 93 1.29 -6.66 -11.72
N HIS A 94 0.20 -6.65 -10.95
CA HIS A 94 -1.09 -6.17 -11.43
C HIS A 94 -1.00 -4.70 -11.81
N ALA A 95 -0.36 -3.90 -10.96
CA ALA A 95 -0.13 -2.49 -11.19
C ALA A 95 0.78 -2.28 -12.42
N LEU A 96 1.90 -3.00 -12.48
CA LEU A 96 2.86 -2.95 -13.60
C LEU A 96 2.19 -3.33 -14.92
N SER A 97 1.21 -4.24 -14.90
CA SER A 97 0.49 -4.64 -16.10
C SER A 97 -0.26 -3.47 -16.73
N MET A 98 -0.74 -2.51 -15.94
CA MET A 98 -1.41 -1.33 -16.43
C MET A 98 -0.43 -0.18 -16.68
N ALA A 99 0.71 -0.16 -15.98
CA ALA A 99 1.68 0.93 -15.98
C ALA A 99 3.09 0.31 -16.01
N PRO A 100 3.71 0.10 -17.17
CA PRO A 100 5.06 -0.48 -17.23
C PRO A 100 6.11 0.46 -16.62
N GLU A 101 5.84 1.76 -16.58
CA GLU A 101 6.77 2.80 -16.16
C GLU A 101 6.45 3.25 -14.71
N LEU A 102 5.91 2.32 -13.93
CA LEU A 102 5.33 2.50 -12.61
C LEU A 102 6.24 3.26 -11.66
N THR A 103 5.61 4.05 -10.81
CA THR A 103 6.22 4.72 -9.66
C THR A 103 5.39 4.43 -8.42
N THR A 104 5.95 4.68 -7.24
CA THR A 104 5.24 4.49 -5.98
C THR A 104 5.83 5.40 -4.91
N ASN A 105 5.35 5.24 -3.67
CA ASN A 105 5.86 5.93 -2.50
C ASN A 105 5.73 5.01 -1.28
N VAL A 106 6.48 5.35 -0.24
CA VAL A 106 6.52 4.60 1.02
C VAL A 106 6.97 5.57 2.11
N ASN A 107 6.46 5.40 3.34
CA ASN A 107 6.91 6.19 4.47
C ASN A 107 8.33 5.77 4.86
N GLU A 108 9.20 6.75 5.08
CA GLU A 108 10.63 6.55 5.30
C GLU A 108 10.91 5.77 6.60
N GLN A 109 10.14 5.98 7.68
CA GLN A 109 10.42 5.33 8.96
C GLN A 109 10.35 3.80 8.82
N ASN A 110 9.44 3.29 7.99
CA ASN A 110 9.33 1.89 7.69
C ASN A 110 10.36 1.46 6.65
N GLU A 111 11.63 1.43 7.06
CA GLU A 111 12.74 0.96 6.24
C GLU A 111 12.52 -0.48 5.74
N GLN A 112 11.68 -1.28 6.43
CA GLN A 112 11.39 -2.65 6.04
C GLN A 112 10.68 -2.65 4.68
N ALA A 113 9.69 -1.78 4.51
CA ALA A 113 9.00 -1.62 3.23
C ALA A 113 9.90 -0.99 2.18
N VAL A 114 10.80 -0.07 2.55
CA VAL A 114 11.78 0.45 1.60
C VAL A 114 12.60 -0.73 1.04
N GLY A 115 13.05 -1.64 1.91
CA GLY A 115 13.75 -2.85 1.51
C GLY A 115 12.87 -3.76 0.66
N PHE A 116 11.63 -4.02 1.09
CA PHE A 116 10.67 -4.86 0.38
C PHE A 116 10.49 -4.37 -1.04
N TYR A 117 10.21 -3.07 -1.22
CA TYR A 117 9.92 -2.51 -2.52
C TYR A 117 11.17 -2.62 -3.41
N LYS A 118 12.38 -2.43 -2.86
CA LYS A 118 13.61 -2.66 -3.62
C LYS A 118 13.78 -4.12 -4.04
N LYS A 119 13.47 -5.09 -3.18
CA LYS A 119 13.50 -6.51 -3.57
C LYS A 119 12.55 -6.76 -4.74
N VAL A 120 11.36 -6.17 -4.67
CA VAL A 120 10.32 -6.31 -5.67
C VAL A 120 10.77 -5.70 -7.00
N GLY A 121 11.52 -4.60 -6.96
CA GLY A 121 12.21 -4.02 -8.12
C GLY A 121 12.14 -2.49 -8.20
N PHE A 122 11.63 -1.79 -7.19
CA PHE A 122 11.67 -0.32 -7.17
C PHE A 122 13.06 0.21 -6.80
N LYS A 123 13.30 1.49 -7.06
CA LYS A 123 14.51 2.23 -6.73
C LYS A 123 14.07 3.67 -6.44
N VAL A 124 14.64 4.32 -5.43
CA VAL A 124 14.20 5.63 -4.95
C VAL A 124 14.62 6.71 -5.95
N THR A 125 13.68 7.59 -6.27
CA THR A 125 13.78 8.65 -7.25
C THR A 125 13.47 10.01 -6.64
N GLY A 126 12.96 10.07 -5.40
CA GLY A 126 12.82 11.31 -4.66
C GLY A 126 12.45 11.06 -3.22
N ARG A 127 12.32 12.14 -2.43
CA ARG A 127 11.78 12.10 -1.07
C ARG A 127 11.21 13.48 -0.72
N SER A 128 10.72 13.60 0.50
CA SER A 128 10.16 14.82 1.06
C SER A 128 10.61 14.96 2.52
N GLU A 129 10.81 16.19 2.99
CA GLU A 129 11.20 16.48 4.38
C GLU A 129 10.03 16.29 5.36
N VAL A 130 8.82 16.12 4.84
CA VAL A 130 7.57 15.92 5.57
C VAL A 130 6.79 14.83 4.84
N ASP A 131 5.63 14.47 5.36
CA ASP A 131 4.79 13.43 4.77
C ASP A 131 3.99 14.03 3.62
N ASP A 132 3.08 14.96 3.93
CA ASP A 132 2.28 15.69 2.95
C ASP A 132 1.68 16.97 3.51
N LEU A 133 1.23 16.96 4.78
CA LEU A 133 0.49 18.04 5.42
C LEU A 133 1.41 18.90 6.29
N GLY A 134 2.70 18.99 5.91
CA GLY A 134 3.71 19.72 6.66
C GLY A 134 3.92 19.13 8.05
N LYS A 135 4.01 17.80 8.12
CA LYS A 135 4.20 17.04 9.35
C LYS A 135 5.41 16.10 9.15
N PRO A 136 6.46 16.18 9.98
CA PRO A 136 7.67 15.37 9.89
C PRO A 136 7.48 13.84 10.03
N TYR A 137 6.89 13.19 9.02
CA TYR A 137 6.83 11.73 8.89
C TYR A 137 7.20 11.41 7.42
N PRO A 138 8.43 11.73 6.98
CA PRO A 138 8.86 11.71 5.59
C PRO A 138 8.31 10.63 4.67
N LEU A 139 8.08 11.01 3.42
CA LEU A 139 7.68 10.14 2.33
C LEU A 139 8.87 10.00 1.41
N LEU A 140 9.04 8.82 0.84
CA LEU A 140 10.00 8.57 -0.23
C LEU A 140 9.20 8.32 -1.50
N ASN A 141 9.77 8.63 -2.66
CA ASN A 141 9.19 8.35 -3.97
C ASN A 141 10.15 7.45 -4.71
N LEU A 142 9.61 6.47 -5.42
CA LEU A 142 10.38 5.41 -6.06
C LEU A 142 9.81 5.17 -7.45
N ALA A 143 10.60 4.54 -8.32
CA ALA A 143 10.25 4.16 -9.67
C ALA A 143 10.69 2.72 -9.89
N TYR A 144 9.97 1.99 -10.74
CA TYR A 144 10.32 0.60 -11.02
C TYR A 144 11.52 0.54 -11.95
N VAL A 145 12.47 -0.33 -11.61
CA VAL A 145 13.71 -0.59 -12.36
C VAL A 145 13.85 -2.09 -12.63
N GLY A 146 13.25 -2.93 -11.79
CA GLY A 146 13.47 -4.37 -11.78
C GLY A 146 14.57 -4.72 -10.78
N ALA A 147 14.89 -6.01 -10.69
CA ALA A 147 15.90 -6.60 -9.82
C ALA A 147 16.41 -7.87 -10.48
N MET A 1 -1.86 -21.08 -1.45
CA MET A 1 -3.19 -20.44 -1.39
C MET A 1 -3.48 -19.73 -2.73
N VAL A 2 -4.65 -19.97 -3.33
CA VAL A 2 -5.07 -19.30 -4.55
C VAL A 2 -5.20 -17.80 -4.28
N ILE A 3 -4.83 -16.96 -5.25
CA ILE A 3 -4.98 -15.52 -5.22
C ILE A 3 -5.52 -15.08 -6.57
N SER A 4 -6.34 -14.03 -6.55
CA SER A 4 -6.78 -13.29 -7.73
C SER A 4 -6.84 -11.82 -7.29
N ILE A 5 -6.92 -10.91 -8.26
CA ILE A 5 -7.07 -9.49 -7.99
C ILE A 5 -8.37 -9.06 -8.70
N ARG A 6 -9.13 -8.16 -8.08
CA ARG A 6 -10.33 -7.55 -8.68
C ARG A 6 -10.54 -6.15 -8.13
N ARG A 7 -11.49 -5.41 -8.68
CA ARG A 7 -11.90 -4.14 -8.09
C ARG A 7 -12.55 -4.43 -6.73
N SER A 8 -12.37 -3.48 -5.82
CA SER A 8 -12.96 -3.52 -4.50
C SER A 8 -14.45 -3.22 -4.54
N ARG A 9 -15.21 -3.84 -3.65
CA ARG A 9 -16.62 -3.52 -3.39
C ARG A 9 -16.67 -2.37 -2.40
N HIS A 10 -17.79 -1.65 -2.34
CA HIS A 10 -17.98 -0.60 -1.33
C HIS A 10 -18.05 -1.22 0.07
N GLU A 11 -18.82 -2.30 0.22
CA GLU A 11 -19.16 -2.86 1.53
C GLU A 11 -17.96 -3.46 2.27
N GLU A 12 -16.96 -3.94 1.55
CA GLU A 12 -15.76 -4.52 2.14
C GLU A 12 -14.74 -3.43 2.52
N GLY A 13 -15.05 -2.15 2.30
CA GLY A 13 -14.16 -1.03 2.55
C GLY A 13 -13.51 -1.06 3.93
N GLU A 14 -14.28 -1.33 4.99
CA GLU A 14 -13.74 -1.34 6.34
C GLU A 14 -12.79 -2.51 6.59
N GLU A 15 -12.86 -3.59 5.82
CA GLU A 15 -11.85 -4.65 5.88
C GLU A 15 -10.51 -4.11 5.38
N LEU A 16 -10.54 -3.20 4.42
CA LEU A 16 -9.35 -2.60 3.84
C LEU A 16 -8.79 -1.57 4.81
N VAL A 17 -9.65 -0.79 5.48
CA VAL A 17 -9.23 0.07 6.58
C VAL A 17 -8.56 -0.77 7.68
N ALA A 18 -9.16 -1.91 8.04
CA ALA A 18 -8.62 -2.80 9.05
C ALA A 18 -7.25 -3.35 8.65
N ILE A 19 -7.11 -3.80 7.40
CA ILE A 19 -5.85 -4.27 6.83
C ILE A 19 -4.81 -3.16 6.94
N TRP A 20 -5.13 -1.95 6.46
CA TRP A 20 -4.25 -0.79 6.54
C TRP A 20 -3.80 -0.58 7.98
N CYS A 21 -4.75 -0.58 8.94
CA CYS A 21 -4.47 -0.26 10.33
C CYS A 21 -3.45 -1.24 10.91
N ARG A 22 -3.66 -2.55 10.74
CA ARG A 22 -2.72 -3.52 11.29
C ARG A 22 -1.41 -3.56 10.50
N SER A 23 -1.43 -3.30 9.19
CA SER A 23 -0.19 -3.18 8.41
C SER A 23 0.67 -2.02 8.95
N VAL A 24 0.03 -0.88 9.24
CA VAL A 24 0.68 0.28 9.83
C VAL A 24 1.23 -0.11 11.20
N ASP A 25 0.44 -0.75 12.07
CA ASP A 25 0.93 -1.12 13.40
C ASP A 25 2.10 -2.11 13.33
N ALA A 26 2.10 -2.99 12.32
CA ALA A 26 3.09 -4.03 12.14
C ALA A 26 4.43 -3.51 11.59
N THR A 27 4.43 -2.48 10.72
CA THR A 27 5.65 -2.09 10.00
C THR A 27 5.90 -0.57 9.98
N HIS A 28 4.86 0.26 10.10
CA HIS A 28 4.96 1.71 10.19
C HIS A 28 4.75 2.14 11.65
N ASP A 29 5.22 1.35 12.63
CA ASP A 29 4.92 1.61 14.05
C ASP A 29 5.39 3.01 14.50
N PHE A 30 6.42 3.52 13.82
CA PHE A 30 6.97 4.87 13.97
C PHE A 30 5.93 5.99 13.73
N LEU A 31 4.85 5.70 13.00
CA LEU A 31 3.74 6.61 12.77
C LEU A 31 3.07 6.89 14.12
N SER A 32 3.23 8.12 14.62
CA SER A 32 2.73 8.58 15.91
C SER A 32 1.21 8.43 15.98
N ALA A 33 0.67 8.05 17.15
CA ALA A 33 -0.74 7.73 17.34
C ALA A 33 -1.67 8.87 16.93
N GLU A 34 -1.25 10.12 17.13
CA GLU A 34 -2.01 11.29 16.73
C GLU A 34 -2.22 11.29 15.22
N TYR A 35 -1.16 11.01 14.45
CA TYR A 35 -1.26 10.95 13.00
C TYR A 35 -1.92 9.63 12.55
N ARG A 36 -1.78 8.52 13.29
CA ARG A 36 -2.57 7.30 13.02
C ARG A 36 -4.06 7.60 13.05
N THR A 37 -4.48 8.39 14.04
CA THR A 37 -5.87 8.77 14.23
C THR A 37 -6.37 9.58 13.03
N GLU A 38 -5.62 10.62 12.64
CA GLU A 38 -6.02 11.48 11.52
C GLU A 38 -5.98 10.71 10.20
N LEU A 39 -5.01 9.81 10.03
CA LEU A 39 -4.96 8.93 8.87
C LEU A 39 -6.17 8.02 8.86
N GLU A 40 -6.51 7.34 9.98
CA GLU A 40 -7.65 6.43 10.02
C GLU A 40 -8.91 7.17 9.60
N ASP A 41 -9.14 8.41 10.05
CA ASP A 41 -10.32 9.17 9.67
C ASP A 41 -10.42 9.38 8.16
N LEU A 42 -9.32 9.83 7.53
CA LEU A 42 -9.33 10.10 6.11
C LEU A 42 -9.43 8.78 5.33
N VAL A 43 -8.75 7.74 5.80
CA VAL A 43 -8.79 6.38 5.28
C VAL A 43 -10.22 5.83 5.35
N ARG A 44 -10.94 6.02 6.46
CA ARG A 44 -12.33 5.62 6.64
C ARG A 44 -13.25 6.36 5.66
N SER A 45 -12.80 7.53 5.20
CA SER A 45 -13.55 8.38 4.29
C SER A 45 -13.09 8.17 2.84
N PHE A 46 -12.23 7.17 2.59
CA PHE A 46 -11.55 7.00 1.32
C PHE A 46 -11.51 5.55 0.87
N LEU A 47 -10.92 4.61 1.61
CA LEU A 47 -10.79 3.23 1.13
C LEU A 47 -12.15 2.59 0.77
N PRO A 48 -13.27 2.84 1.49
CA PRO A 48 -14.58 2.37 1.07
C PRO A 48 -15.07 2.89 -0.30
N GLU A 49 -14.47 3.94 -0.89
CA GLU A 49 -14.96 4.56 -2.13
C GLU A 49 -13.86 4.77 -3.19
N ALA A 50 -12.59 4.63 -2.82
CA ALA A 50 -11.43 4.87 -3.66
C ALA A 50 -11.35 3.89 -4.85
N PRO A 51 -10.69 4.28 -5.95
CA PRO A 51 -10.53 3.47 -7.16
C PRO A 51 -9.46 2.38 -6.97
N LEU A 52 -9.69 1.50 -6.01
CA LEU A 52 -8.78 0.46 -5.55
C LEU A 52 -8.93 -0.82 -6.36
N TRP A 53 -8.02 -1.74 -6.07
CA TRP A 53 -8.01 -3.14 -6.48
C TRP A 53 -7.64 -3.91 -5.22
N VAL A 54 -8.18 -5.11 -5.03
CA VAL A 54 -7.92 -5.94 -3.88
C VAL A 54 -7.42 -7.31 -4.32
N ALA A 55 -6.44 -7.83 -3.58
CA ALA A 55 -6.03 -9.21 -3.69
C ALA A 55 -7.04 -9.96 -2.85
N VAL A 56 -7.55 -11.07 -3.36
CA VAL A 56 -8.51 -11.90 -2.67
C VAL A 56 -7.98 -13.32 -2.71
N ASN A 57 -8.23 -14.05 -1.63
CA ASN A 57 -7.91 -15.47 -1.53
C ASN A 57 -9.04 -16.29 -2.16
N GLU A 58 -8.96 -17.62 -2.02
CA GLU A 58 -9.94 -18.58 -2.53
C GLU A 58 -11.38 -18.30 -2.04
N ARG A 59 -11.55 -17.62 -0.89
CA ARG A 59 -12.84 -17.31 -0.30
C ARG A 59 -13.46 -16.06 -0.90
N ASP A 60 -12.80 -15.40 -1.87
CA ASP A 60 -13.16 -14.08 -2.37
C ASP A 60 -13.29 -13.10 -1.20
N GLN A 61 -12.22 -13.06 -0.40
CA GLN A 61 -12.12 -12.34 0.86
C GLN A 61 -10.83 -11.52 0.73
N PRO A 62 -10.86 -10.18 0.92
CA PRO A 62 -9.71 -9.32 0.67
C PRO A 62 -8.57 -9.64 1.65
N VAL A 63 -7.36 -9.75 1.12
CA VAL A 63 -6.14 -9.99 1.90
C VAL A 63 -5.10 -8.88 1.70
N GLY A 64 -5.29 -7.99 0.73
CA GLY A 64 -4.48 -6.80 0.54
C GLY A 64 -5.14 -5.91 -0.50
N PHE A 65 -4.67 -4.67 -0.66
CA PHE A 65 -5.18 -3.73 -1.64
C PHE A 65 -4.05 -2.94 -2.30
N MET A 66 -4.36 -2.36 -3.45
CA MET A 66 -3.48 -1.63 -4.35
C MET A 66 -4.29 -0.42 -4.86
N LEU A 67 -3.72 0.78 -4.80
CA LEU A 67 -4.30 2.01 -5.34
C LEU A 67 -3.35 2.44 -6.44
N LEU A 68 -3.81 2.47 -7.68
CA LEU A 68 -3.05 2.94 -8.83
C LEU A 68 -4.00 3.65 -9.77
N SER A 69 -3.59 4.84 -10.22
CA SER A 69 -4.19 5.61 -11.29
C SER A 69 -3.03 6.23 -12.07
N GLY A 70 -3.21 6.52 -13.35
CA GLY A 70 -2.11 6.91 -14.22
C GLY A 70 -1.04 5.82 -14.18
N GLN A 71 0.17 6.18 -13.73
CA GLN A 71 1.27 5.23 -13.50
C GLN A 71 1.86 5.42 -12.10
N HIS A 72 1.05 5.83 -11.11
CA HIS A 72 1.51 6.00 -9.73
C HIS A 72 0.65 5.15 -8.79
N MET A 73 1.26 4.14 -8.19
CA MET A 73 0.65 3.29 -7.18
C MET A 73 0.83 4.01 -5.84
N ASP A 74 -0.14 4.84 -5.46
CA ASP A 74 -0.07 5.64 -4.23
C ASP A 74 -0.08 4.77 -2.97
N ALA A 75 -0.67 3.57 -3.02
CA ALA A 75 -0.84 2.71 -1.87
C ALA A 75 -0.73 1.25 -2.26
N LEU A 76 -0.16 0.45 -1.36
CA LEU A 76 -0.07 -1.00 -1.41
C LEU A 76 0.03 -1.45 0.06
N PHE A 77 -0.92 -2.24 0.54
CA PHE A 77 -0.93 -2.76 1.90
C PHE A 77 -1.52 -4.16 1.86
N ILE A 78 -1.01 -5.08 2.67
CA ILE A 78 -1.42 -6.48 2.70
C ILE A 78 -1.37 -6.91 4.15
N ASP A 79 -2.34 -7.76 4.49
CA ASP A 79 -2.57 -8.30 5.83
C ASP A 79 -1.28 -8.94 6.35
N PRO A 80 -0.70 -8.51 7.48
CA PRO A 80 0.45 -9.13 8.11
C PRO A 80 0.38 -10.67 8.24
N ASP A 81 -0.82 -11.26 8.26
CA ASP A 81 -1.01 -12.70 8.27
C ASP A 81 -0.45 -13.40 7.01
N VAL A 82 -0.37 -12.69 5.88
CA VAL A 82 0.10 -13.20 4.58
C VAL A 82 1.01 -12.20 3.86
N ARG A 83 1.44 -11.12 4.50
CA ARG A 83 2.30 -10.07 3.91
C ARG A 83 3.59 -10.64 3.33
N GLY A 84 4.15 -11.69 3.95
CA GLY A 84 5.37 -12.33 3.51
C GLY A 84 5.16 -13.31 2.35
N CYS A 85 3.91 -13.70 2.06
CA CYS A 85 3.56 -14.54 0.92
C CYS A 85 3.71 -13.75 -0.39
N GLY A 86 3.57 -14.44 -1.52
CA GLY A 86 3.77 -13.88 -2.85
C GLY A 86 2.81 -12.75 -3.24
N VAL A 87 1.75 -12.51 -2.47
CA VAL A 87 0.72 -11.49 -2.77
C VAL A 87 1.33 -10.11 -3.05
N GLY A 88 2.44 -9.77 -2.39
CA GLY A 88 3.20 -8.56 -2.68
C GLY A 88 3.51 -8.46 -4.17
N ARG A 89 4.14 -9.49 -4.75
CA ARG A 89 4.40 -9.52 -6.19
C ARG A 89 3.10 -9.57 -6.96
N VAL A 90 2.07 -10.33 -6.56
CA VAL A 90 0.84 -10.41 -7.35
C VAL A 90 0.25 -9.01 -7.52
N LEU A 91 0.12 -8.22 -6.45
CA LEU A 91 -0.48 -6.90 -6.52
C LEU A 91 0.41 -5.95 -7.31
N VAL A 92 1.73 -6.00 -7.12
CA VAL A 92 2.68 -5.19 -7.87
C VAL A 92 2.62 -5.54 -9.36
N GLU A 93 2.51 -6.82 -9.73
CA GLU A 93 2.44 -7.24 -11.11
C GLU A 93 1.12 -6.79 -11.73
N HIS A 94 0.03 -6.76 -10.95
CA HIS A 94 -1.25 -6.23 -11.40
C HIS A 94 -1.10 -4.75 -11.77
N ALA A 95 -0.43 -3.99 -10.89
CA ALA A 95 -0.17 -2.58 -11.10
C ALA A 95 0.72 -2.37 -12.33
N LEU A 96 1.83 -3.10 -12.43
CA LEU A 96 2.76 -3.05 -13.56
C LEU A 96 2.07 -3.40 -14.88
N SER A 97 1.08 -4.30 -14.86
CA SER A 97 0.35 -4.69 -16.05
C SER A 97 -0.42 -3.50 -16.65
N MET A 98 -0.95 -2.61 -15.80
CA MET A 98 -1.63 -1.41 -16.26
C MET A 98 -0.65 -0.25 -16.53
N ALA A 99 0.51 -0.25 -15.85
CA ALA A 99 1.45 0.85 -15.84
C ALA A 99 2.88 0.30 -15.92
N PRO A 100 3.45 0.11 -17.11
CA PRO A 100 4.80 -0.45 -17.23
C PRO A 100 5.88 0.46 -16.62
N GLU A 101 5.62 1.77 -16.51
CA GLU A 101 6.56 2.78 -16.06
C GLU A 101 6.25 3.21 -14.62
N LEU A 102 5.71 2.26 -13.85
CA LEU A 102 5.14 2.43 -12.53
C LEU A 102 6.05 3.19 -11.58
N THR A 103 5.42 3.99 -10.73
CA THR A 103 6.03 4.69 -9.62
C THR A 103 5.20 4.42 -8.36
N THR A 104 5.77 4.68 -7.19
CA THR A 104 5.08 4.52 -5.93
C THR A 104 5.68 5.43 -4.87
N ASN A 105 5.21 5.30 -3.63
CA ASN A 105 5.72 6.01 -2.48
C ASN A 105 5.58 5.15 -1.23
N VAL A 106 6.35 5.49 -0.19
CA VAL A 106 6.37 4.79 1.09
C VAL A 106 6.87 5.79 2.14
N ASN A 107 6.37 5.71 3.37
CA ASN A 107 6.87 6.56 4.46
C ASN A 107 8.29 6.10 4.81
N GLU A 108 9.23 7.04 4.87
CA GLU A 108 10.66 6.79 5.02
C GLU A 108 10.97 6.01 6.31
N GLN A 109 10.16 6.19 7.36
CA GLN A 109 10.41 5.54 8.65
C GLN A 109 10.34 4.02 8.52
N ASN A 110 9.45 3.50 7.67
CA ASN A 110 9.28 2.09 7.38
C ASN A 110 10.38 1.61 6.43
N GLU A 111 11.62 1.67 6.88
CA GLU A 111 12.80 1.22 6.13
C GLU A 111 12.65 -0.24 5.70
N GLN A 112 11.88 -1.05 6.44
CA GLN A 112 11.61 -2.44 6.09
C GLN A 112 10.88 -2.50 4.75
N ALA A 113 9.86 -1.66 4.55
CA ALA A 113 9.14 -1.56 3.30
C ALA A 113 9.99 -0.92 2.20
N VAL A 114 10.86 0.05 2.53
CA VAL A 114 11.82 0.57 1.54
C VAL A 114 12.67 -0.59 1.01
N GLY A 115 13.15 -1.47 1.90
CA GLY A 115 13.89 -2.67 1.55
C GLY A 115 13.04 -3.62 0.71
N PHE A 116 11.80 -3.90 1.15
CA PHE A 116 10.88 -4.78 0.45
C PHE A 116 10.68 -4.32 -0.99
N TYR A 117 10.36 -3.04 -1.18
CA TYR A 117 10.04 -2.53 -2.50
C TYR A 117 11.29 -2.60 -3.38
N LYS A 118 12.50 -2.38 -2.84
CA LYS A 118 13.73 -2.59 -3.59
C LYS A 118 13.94 -4.06 -3.98
N LYS A 119 13.63 -5.02 -3.10
CA LYS A 119 13.68 -6.45 -3.47
C LYS A 119 12.75 -6.73 -4.65
N VAL A 120 11.56 -6.13 -4.63
CA VAL A 120 10.55 -6.30 -5.67
C VAL A 120 11.04 -5.71 -6.99
N GLY A 121 11.72 -4.56 -6.94
CA GLY A 121 12.42 -3.97 -8.09
C GLY A 121 12.33 -2.45 -8.18
N PHE A 122 11.73 -1.78 -7.20
CA PHE A 122 11.69 -0.32 -7.17
C PHE A 122 13.06 0.26 -6.80
N LYS A 123 13.25 1.55 -7.07
CA LYS A 123 14.44 2.33 -6.74
C LYS A 123 13.95 3.76 -6.45
N VAL A 124 14.51 4.42 -5.45
CA VAL A 124 14.06 5.72 -4.98
C VAL A 124 14.47 6.79 -5.99
N THR A 125 13.50 7.61 -6.39
CA THR A 125 13.60 8.64 -7.41
C THR A 125 13.31 10.03 -6.83
N GLY A 126 12.82 10.12 -5.58
CA GLY A 126 12.68 11.39 -4.88
C GLY A 126 12.31 11.18 -3.43
N ARG A 127 12.14 12.27 -2.68
CA ARG A 127 11.59 12.25 -1.33
C ARG A 127 10.91 13.59 -1.06
N SER A 128 10.35 13.70 0.13
CA SER A 128 9.65 14.87 0.64
C SER A 128 10.07 15.05 2.09
N GLU A 129 10.32 16.28 2.52
CA GLU A 129 10.79 16.58 3.88
C GLU A 129 9.71 16.37 4.94
N VAL A 130 8.48 16.06 4.53
CA VAL A 130 7.32 15.79 5.36
C VAL A 130 6.56 14.61 4.76
N ASP A 131 5.52 14.13 5.45
CA ASP A 131 4.71 13.03 4.94
C ASP A 131 3.63 13.54 3.99
N ASP A 132 2.69 14.37 4.49
CA ASP A 132 1.72 15.03 3.63
C ASP A 132 1.14 16.29 4.26
N LEU A 133 0.68 16.22 5.52
CA LEU A 133 0.01 17.32 6.23
C LEU A 133 1.05 18.18 6.97
N GLY A 134 2.25 18.29 6.40
CA GLY A 134 3.40 18.94 7.03
C GLY A 134 3.98 18.13 8.19
N LYS A 135 3.62 16.85 8.33
CA LYS A 135 4.09 15.99 9.41
C LYS A 135 5.59 15.74 9.20
N PRO A 136 6.46 15.86 10.21
CA PRO A 136 7.91 15.78 10.05
C PRO A 136 8.39 14.31 9.92
N TYR A 137 7.72 13.51 9.09
CA TYR A 137 7.92 12.07 8.95
C TYR A 137 8.03 11.75 7.46
N PRO A 138 9.13 12.12 6.77
CA PRO A 138 9.30 12.07 5.32
C PRO A 138 8.62 10.95 4.53
N LEU A 139 8.21 11.28 3.30
CA LEU A 139 7.73 10.35 2.29
C LEU A 139 8.89 10.14 1.31
N LEU A 140 8.99 8.96 0.74
CA LEU A 140 9.91 8.68 -0.36
C LEU A 140 9.08 8.44 -1.61
N ASN A 141 9.63 8.76 -2.77
CA ASN A 141 9.06 8.44 -4.06
C ASN A 141 10.02 7.51 -4.77
N LEU A 142 9.47 6.50 -5.44
CA LEU A 142 10.23 5.43 -6.07
C LEU A 142 9.64 5.18 -7.46
N ALA A 143 10.43 4.54 -8.32
CA ALA A 143 10.05 4.11 -9.64
C ALA A 143 10.49 2.66 -9.82
N TYR A 144 9.77 1.90 -10.64
CA TYR A 144 10.16 0.53 -10.94
C TYR A 144 11.35 0.57 -11.91
N VAL A 145 12.42 -0.14 -11.57
CA VAL A 145 13.66 -0.20 -12.35
C VAL A 145 14.08 -1.67 -12.56
N GLY A 146 13.42 -2.63 -11.91
CA GLY A 146 13.87 -4.02 -11.89
C GLY A 146 15.19 -4.12 -11.11
N ALA A 147 15.32 -3.34 -10.03
CA ALA A 147 16.50 -3.30 -9.17
C ALA A 147 16.88 -4.71 -8.71
N MET A 1 -3.83 -21.51 -0.35
CA MET A 1 -4.41 -20.21 -0.77
C MET A 1 -4.15 -19.98 -2.27
N VAL A 2 -5.05 -19.24 -2.92
CA VAL A 2 -4.91 -18.77 -4.30
C VAL A 2 -5.37 -17.30 -4.30
N ILE A 3 -4.93 -16.50 -5.27
CA ILE A 3 -5.17 -15.06 -5.31
C ILE A 3 -5.65 -14.66 -6.70
N SER A 4 -6.56 -13.69 -6.73
CA SER A 4 -6.99 -12.97 -7.92
C SER A 4 -7.17 -11.51 -7.50
N ILE A 5 -7.26 -10.59 -8.46
CA ILE A 5 -7.38 -9.17 -8.21
C ILE A 5 -8.64 -8.68 -8.93
N ARG A 6 -9.36 -7.73 -8.33
CA ARG A 6 -10.51 -7.04 -8.93
C ARG A 6 -10.63 -5.65 -8.33
N ARG A 7 -11.52 -4.81 -8.86
CA ARG A 7 -11.85 -3.54 -8.20
C ARG A 7 -12.57 -3.85 -6.88
N SER A 8 -12.38 -2.96 -5.92
CA SER A 8 -13.00 -3.03 -4.62
C SER A 8 -14.51 -2.72 -4.70
N ARG A 9 -15.25 -3.25 -3.73
CA ARG A 9 -16.65 -2.94 -3.47
C ARG A 9 -16.71 -1.91 -2.33
N HIS A 10 -17.86 -1.24 -2.17
CA HIS A 10 -18.03 -0.26 -1.11
C HIS A 10 -18.06 -0.94 0.26
N GLU A 11 -18.86 -2.01 0.39
CA GLU A 11 -19.15 -2.62 1.70
C GLU A 11 -17.95 -3.29 2.36
N GLU A 12 -17.00 -3.78 1.56
CA GLU A 12 -15.78 -4.41 2.08
C GLU A 12 -14.75 -3.35 2.51
N GLY A 13 -15.03 -2.06 2.36
CA GLY A 13 -14.13 -0.97 2.69
C GLY A 13 -13.56 -1.06 4.10
N GLU A 14 -14.36 -1.49 5.08
CA GLU A 14 -13.91 -1.57 6.47
C GLU A 14 -12.85 -2.66 6.67
N GLU A 15 -12.85 -3.71 5.84
CA GLU A 15 -11.81 -4.72 5.84
C GLU A 15 -10.51 -4.10 5.31
N LEU A 16 -10.61 -3.12 4.41
CA LEU A 16 -9.45 -2.44 3.84
C LEU A 16 -8.87 -1.48 4.88
N VAL A 17 -9.73 -0.79 5.64
CA VAL A 17 -9.32 -0.01 6.80
C VAL A 17 -8.56 -0.92 7.78
N ALA A 18 -9.10 -2.12 8.06
CA ALA A 18 -8.46 -3.08 8.94
C ALA A 18 -7.10 -3.53 8.39
N ILE A 19 -6.99 -3.77 7.09
CA ILE A 19 -5.75 -4.17 6.44
C ILE A 19 -4.70 -3.07 6.61
N TRP A 20 -5.06 -1.82 6.31
CA TRP A 20 -4.18 -0.68 6.55
C TRP A 20 -3.75 -0.67 8.02
N CYS A 21 -4.68 -0.82 8.97
CA CYS A 21 -4.37 -0.83 10.39
C CYS A 21 -3.39 -1.97 10.72
N ARG A 22 -3.57 -3.16 10.14
CA ARG A 22 -2.69 -4.31 10.30
C ARG A 22 -1.30 -4.02 9.75
N SER A 23 -1.22 -3.33 8.62
CA SER A 23 0.04 -2.95 7.99
C SER A 23 0.78 -1.96 8.89
N VAL A 24 0.06 -1.07 9.56
CA VAL A 24 0.65 -0.13 10.50
C VAL A 24 1.10 -0.90 11.74
N ASP A 25 0.28 -1.79 12.27
CA ASP A 25 0.54 -2.57 13.49
C ASP A 25 1.84 -3.37 13.41
N ALA A 26 2.21 -3.87 12.23
CA ALA A 26 3.40 -4.67 12.04
C ALA A 26 4.59 -3.88 11.49
N THR A 27 4.37 -2.83 10.71
CA THR A 27 5.46 -2.18 9.96
C THR A 27 5.44 -0.64 9.91
N HIS A 28 4.48 0.04 10.54
CA HIS A 28 4.48 1.51 10.62
C HIS A 28 4.15 1.98 12.04
N ASP A 29 4.42 1.18 13.08
CA ASP A 29 4.04 1.48 14.46
C ASP A 29 4.69 2.76 15.00
N PHE A 30 5.69 3.29 14.30
CA PHE A 30 6.31 4.59 14.50
C PHE A 30 5.29 5.76 14.46
N LEU A 31 4.12 5.55 13.86
CA LEU A 31 3.00 6.49 13.86
C LEU A 31 2.51 6.67 15.30
N SER A 32 2.88 7.78 15.93
CA SER A 32 2.37 8.23 17.22
C SER A 32 0.84 8.38 17.19
N ALA A 33 0.19 8.33 18.35
CA ALA A 33 -1.27 8.25 18.45
C ALA A 33 -2.02 9.34 17.67
N GLU A 34 -1.52 10.57 17.64
CA GLU A 34 -2.17 11.67 16.94
C GLU A 34 -2.15 11.40 15.42
N TYR A 35 -0.97 11.07 14.90
CA TYR A 35 -0.76 10.76 13.49
C TYR A 35 -1.54 9.49 13.11
N ARG A 36 -1.56 8.50 14.00
CA ARG A 36 -2.33 7.27 13.87
C ARG A 36 -3.81 7.61 13.67
N THR A 37 -4.36 8.47 14.53
CA THR A 37 -5.77 8.84 14.52
C THR A 37 -6.11 9.57 13.22
N GLU A 38 -5.32 10.56 12.82
CA GLU A 38 -5.62 11.38 11.65
C GLU A 38 -5.56 10.52 10.38
N LEU A 39 -4.56 9.64 10.26
CA LEU A 39 -4.51 8.72 9.14
C LEU A 39 -5.70 7.77 9.19
N GLU A 40 -5.95 7.12 10.32
CA GLU A 40 -7.01 6.12 10.45
C GLU A 40 -8.36 6.71 10.05
N ASP A 41 -8.66 7.95 10.46
CA ASP A 41 -9.90 8.63 10.12
C ASP A 41 -10.00 8.93 8.63
N LEU A 42 -8.92 9.43 8.01
CA LEU A 42 -8.97 9.78 6.60
C LEU A 42 -9.06 8.50 5.77
N VAL A 43 -8.35 7.45 6.17
CA VAL A 43 -8.42 6.10 5.63
C VAL A 43 -9.86 5.58 5.72
N ARG A 44 -10.49 5.70 6.89
CA ARG A 44 -11.90 5.35 7.12
C ARG A 44 -12.83 6.13 6.20
N SER A 45 -12.41 7.30 5.71
CA SER A 45 -13.23 8.19 4.91
C SER A 45 -12.88 8.08 3.42
N PHE A 46 -12.00 7.11 3.05
CA PHE A 46 -11.43 7.05 1.72
C PHE A 46 -11.40 5.64 1.18
N LEU A 47 -10.86 4.64 1.88
CA LEU A 47 -10.77 3.29 1.35
C LEU A 47 -12.14 2.70 0.96
N PRO A 48 -13.23 2.94 1.71
CA PRO A 48 -14.57 2.51 1.30
C PRO A 48 -15.10 3.14 0.01
N GLU A 49 -14.51 4.22 -0.53
CA GLU A 49 -15.10 4.96 -1.65
C GLU A 49 -14.12 5.16 -2.80
N ALA A 50 -12.80 5.01 -2.54
CA ALA A 50 -11.76 5.11 -3.55
C ALA A 50 -11.90 3.97 -4.57
N PRO A 51 -11.52 4.18 -5.85
CA PRO A 51 -11.70 3.22 -6.95
C PRO A 51 -10.61 2.13 -6.95
N LEU A 52 -10.30 1.60 -5.77
CA LEU A 52 -9.18 0.72 -5.51
C LEU A 52 -9.34 -0.63 -6.21
N TRP A 53 -8.24 -1.38 -6.17
CA TRP A 53 -8.17 -2.77 -6.54
C TRP A 53 -7.86 -3.54 -5.26
N VAL A 54 -8.33 -4.77 -5.15
CA VAL A 54 -8.11 -5.64 -4.01
C VAL A 54 -7.63 -7.00 -4.46
N ALA A 55 -6.64 -7.53 -3.73
CA ALA A 55 -6.23 -8.92 -3.86
C ALA A 55 -7.22 -9.67 -2.99
N VAL A 56 -7.79 -10.75 -3.50
CA VAL A 56 -8.75 -11.55 -2.79
C VAL A 56 -8.27 -12.98 -2.78
N ASN A 57 -8.48 -13.66 -1.65
CA ASN A 57 -8.28 -15.10 -1.54
C ASN A 57 -9.50 -15.82 -2.11
N GLU A 58 -9.47 -17.16 -2.08
CA GLU A 58 -10.51 -18.05 -2.61
C GLU A 58 -11.93 -17.72 -2.13
N ARG A 59 -12.10 -17.09 -0.96
CA ARG A 59 -13.40 -16.72 -0.40
C ARG A 59 -13.96 -15.46 -1.05
N ASP A 60 -13.26 -14.86 -2.01
CA ASP A 60 -13.54 -13.54 -2.58
C ASP A 60 -13.67 -12.53 -1.44
N GLN A 61 -12.60 -12.47 -0.65
CA GLN A 61 -12.49 -11.76 0.61
C GLN A 61 -11.12 -11.07 0.55
N PRO A 62 -11.04 -9.74 0.78
CA PRO A 62 -9.83 -8.98 0.54
C PRO A 62 -8.72 -9.34 1.52
N VAL A 63 -7.50 -9.47 1.00
CA VAL A 63 -6.28 -9.64 1.79
C VAL A 63 -5.34 -8.44 1.67
N GLY A 64 -5.48 -7.64 0.60
CA GLY A 64 -4.71 -6.42 0.40
C GLY A 64 -5.38 -5.57 -0.66
N PHE A 65 -4.91 -4.33 -0.84
CA PHE A 65 -5.44 -3.40 -1.82
C PHE A 65 -4.30 -2.59 -2.45
N MET A 66 -4.56 -2.06 -3.65
CA MET A 66 -3.63 -1.39 -4.53
C MET A 66 -4.39 -0.21 -5.17
N LEU A 67 -3.78 0.97 -5.21
CA LEU A 67 -4.28 2.16 -5.90
C LEU A 67 -3.28 2.47 -7.00
N LEU A 68 -3.70 2.43 -8.25
CA LEU A 68 -2.90 2.85 -9.40
C LEU A 68 -3.82 3.55 -10.39
N SER A 69 -3.35 4.70 -10.88
CA SER A 69 -3.91 5.45 -11.99
C SER A 69 -2.71 6.05 -12.73
N GLY A 70 -2.85 6.32 -14.04
CA GLY A 70 -1.72 6.69 -14.88
C GLY A 70 -0.65 5.60 -14.78
N GLN A 71 0.55 5.96 -14.31
CA GLN A 71 1.63 5.02 -14.00
C GLN A 71 2.17 5.26 -12.58
N HIS A 72 1.28 5.60 -11.64
CA HIS A 72 1.64 5.86 -10.26
C HIS A 72 0.79 5.01 -9.33
N MET A 73 1.39 4.00 -8.69
CA MET A 73 0.76 3.22 -7.65
C MET A 73 0.96 3.97 -6.35
N ASP A 74 -0.04 4.75 -5.93
CA ASP A 74 0.07 5.64 -4.78
C ASP A 74 0.12 4.88 -3.46
N ALA A 75 -0.56 3.73 -3.38
CA ALA A 75 -0.76 2.98 -2.15
C ALA A 75 -0.85 1.50 -2.45
N LEU A 76 -0.23 0.70 -1.56
CA LEU A 76 -0.28 -0.75 -1.53
C LEU A 76 -0.18 -1.13 -0.06
N PHE A 77 -1.17 -1.88 0.44
CA PHE A 77 -1.21 -2.36 1.81
C PHE A 77 -1.84 -3.75 1.78
N ILE A 78 -1.36 -4.65 2.61
CA ILE A 78 -1.79 -6.05 2.66
C ILE A 78 -1.63 -6.45 4.12
N ASP A 79 -2.55 -7.30 4.58
CA ASP A 79 -2.53 -7.80 5.95
C ASP A 79 -1.21 -8.57 6.13
N PRO A 80 -0.28 -8.13 7.00
CA PRO A 80 1.02 -8.77 7.12
C PRO A 80 0.97 -10.25 7.51
N ASP A 81 -0.17 -10.75 7.99
CA ASP A 81 -0.37 -12.18 8.22
C ASP A 81 -0.29 -13.01 6.92
N VAL A 82 -0.55 -12.39 5.76
CA VAL A 82 -0.57 -13.04 4.45
C VAL A 82 0.25 -12.27 3.39
N ARG A 83 0.72 -11.05 3.68
CA ARG A 83 1.66 -10.29 2.85
C ARG A 83 2.84 -11.17 2.41
N GLY A 84 3.42 -11.91 3.37
CA GLY A 84 4.59 -12.75 3.15
C GLY A 84 4.32 -13.98 2.29
N CYS A 85 3.06 -14.36 2.06
CA CYS A 85 2.71 -15.48 1.20
C CYS A 85 3.02 -15.19 -0.28
N GLY A 86 3.26 -13.92 -0.65
CA GLY A 86 3.64 -13.51 -2.00
C GLY A 86 2.72 -12.44 -2.57
N VAL A 87 1.61 -12.11 -1.90
CA VAL A 87 0.61 -11.15 -2.39
C VAL A 87 1.25 -9.79 -2.68
N GLY A 88 2.30 -9.41 -1.93
CA GLY A 88 3.10 -8.23 -2.21
C GLY A 88 3.57 -8.20 -3.66
N ARG A 89 4.16 -9.29 -4.16
CA ARG A 89 4.53 -9.37 -5.57
C ARG A 89 3.28 -9.36 -6.43
N VAL A 90 2.25 -10.14 -6.12
CA VAL A 90 1.08 -10.25 -6.98
C VAL A 90 0.50 -8.85 -7.28
N LEU A 91 0.29 -8.03 -6.24
CA LEU A 91 -0.34 -6.73 -6.45
C LEU A 91 0.58 -5.77 -7.21
N VAL A 92 1.89 -5.81 -6.96
CA VAL A 92 2.82 -5.00 -7.73
C VAL A 92 2.83 -5.48 -9.19
N GLU A 93 2.79 -6.79 -9.46
CA GLU A 93 2.75 -7.32 -10.81
C GLU A 93 1.47 -6.89 -11.51
N HIS A 94 0.34 -6.82 -10.78
CA HIS A 94 -0.92 -6.33 -11.31
C HIS A 94 -0.77 -4.87 -11.75
N ALA A 95 -0.20 -4.06 -10.88
CA ALA A 95 0.05 -2.65 -11.14
C ALA A 95 1.00 -2.48 -12.34
N LEU A 96 2.13 -3.18 -12.35
CA LEU A 96 3.10 -3.17 -13.44
C LEU A 96 2.48 -3.62 -14.76
N SER A 97 1.51 -4.54 -14.74
CA SER A 97 0.83 -4.99 -15.95
C SER A 97 0.08 -3.85 -16.63
N MET A 98 -0.49 -2.91 -15.87
CA MET A 98 -1.16 -1.73 -16.42
C MET A 98 -0.18 -0.59 -16.69
N ALA A 99 0.97 -0.55 -15.99
CA ALA A 99 1.91 0.55 -15.99
C ALA A 99 3.34 0.01 -15.97
N PRO A 100 3.99 -0.22 -17.12
CA PRO A 100 5.34 -0.76 -17.13
C PRO A 100 6.38 0.21 -16.55
N GLU A 101 6.11 1.52 -16.55
CA GLU A 101 7.04 2.58 -16.15
C GLU A 101 6.67 3.10 -14.75
N LEU A 102 6.12 2.21 -13.94
CA LEU A 102 5.49 2.44 -12.65
C LEU A 102 6.35 3.26 -11.69
N THR A 103 5.67 4.06 -10.89
CA THR A 103 6.22 4.79 -9.75
C THR A 103 5.36 4.50 -8.52
N THR A 104 5.90 4.78 -7.33
CA THR A 104 5.16 4.62 -6.08
C THR A 104 5.73 5.53 -4.99
N ASN A 105 5.14 5.45 -3.80
CA ASN A 105 5.51 6.23 -2.63
C ASN A 105 5.49 5.30 -1.42
N VAL A 106 6.26 5.64 -0.37
CA VAL A 106 6.27 4.91 0.90
C VAL A 106 6.73 5.88 2.00
N ASN A 107 6.26 5.74 3.24
CA ASN A 107 6.76 6.56 4.34
C ASN A 107 8.15 6.06 4.73
N GLU A 108 9.10 6.98 4.91
CA GLU A 108 10.51 6.68 5.18
C GLU A 108 10.69 5.79 6.42
N GLN A 109 9.85 5.96 7.46
CA GLN A 109 10.01 5.23 8.70
C GLN A 109 9.82 3.73 8.52
N ASN A 110 9.00 3.31 7.55
CA ASN A 110 8.81 1.91 7.21
C ASN A 110 9.97 1.43 6.34
N GLU A 111 11.17 1.40 6.92
CA GLU A 111 12.39 0.93 6.25
C GLU A 111 12.23 -0.51 5.76
N GLN A 112 11.35 -1.31 6.38
CA GLN A 112 11.05 -2.67 5.94
C GLN A 112 10.44 -2.63 4.54
N ALA A 113 9.45 -1.76 4.31
CA ALA A 113 8.84 -1.59 3.01
C ALA A 113 9.80 -0.97 2.01
N VAL A 114 10.66 -0.02 2.44
CA VAL A 114 11.69 0.52 1.56
C VAL A 114 12.57 -0.64 1.05
N GLY A 115 13.00 -1.54 1.94
CA GLY A 115 13.78 -2.71 1.58
C GLY A 115 12.99 -3.64 0.65
N PHE A 116 11.75 -3.99 1.03
CA PHE A 116 10.88 -4.87 0.26
C PHE A 116 10.72 -4.35 -1.16
N TYR A 117 10.39 -3.07 -1.31
CA TYR A 117 10.09 -2.50 -2.62
C TYR A 117 11.37 -2.50 -3.47
N LYS A 118 12.56 -2.27 -2.88
CA LYS A 118 13.81 -2.42 -3.61
C LYS A 118 14.07 -3.87 -4.05
N LYS A 119 13.76 -4.87 -3.23
CA LYS A 119 13.86 -6.27 -3.65
C LYS A 119 12.96 -6.53 -4.85
N VAL A 120 11.75 -5.99 -4.81
CA VAL A 120 10.76 -6.13 -5.87
C VAL A 120 11.24 -5.45 -7.16
N GLY A 121 11.97 -4.34 -7.05
CA GLY A 121 12.67 -3.71 -8.17
C GLY A 121 12.53 -2.19 -8.23
N PHE A 122 11.92 -1.54 -7.22
CA PHE A 122 11.89 -0.08 -7.15
C PHE A 122 13.26 0.49 -6.77
N LYS A 123 13.42 1.80 -6.96
CA LYS A 123 14.55 2.62 -6.53
C LYS A 123 13.96 3.96 -6.11
N VAL A 124 14.46 4.56 -5.03
CA VAL A 124 14.01 5.87 -4.59
C VAL A 124 14.55 6.91 -5.57
N THR A 125 13.66 7.77 -6.05
CA THR A 125 13.89 8.74 -7.09
C THR A 125 13.40 10.14 -6.68
N GLY A 126 12.72 10.27 -5.53
CA GLY A 126 12.39 11.54 -4.93
C GLY A 126 12.03 11.37 -3.46
N ARG A 127 11.73 12.47 -2.77
CA ARG A 127 11.25 12.45 -1.38
C ARG A 127 10.50 13.75 -1.08
N SER A 128 10.16 13.91 0.19
CA SER A 128 9.52 15.08 0.77
C SER A 128 10.16 15.40 2.12
N GLU A 129 9.90 16.58 2.67
CA GLU A 129 10.41 17.01 3.99
C GLU A 129 9.43 16.61 5.12
N VAL A 130 8.24 16.15 4.76
CA VAL A 130 7.12 15.77 5.63
C VAL A 130 6.44 14.57 4.95
N ASP A 131 5.40 14.02 5.56
CA ASP A 131 4.61 12.97 4.93
C ASP A 131 3.66 13.57 3.90
N ASP A 132 2.68 14.36 4.36
CA ASP A 132 1.79 15.13 3.50
C ASP A 132 1.09 16.26 4.25
N LEU A 133 0.54 15.97 5.44
CA LEU A 133 -0.25 16.89 6.25
C LEU A 133 0.66 17.74 7.14
N GLY A 134 1.90 17.98 6.68
CA GLY A 134 2.96 18.63 7.45
C GLY A 134 3.52 17.74 8.56
N LYS A 135 3.24 16.43 8.53
CA LYS A 135 3.69 15.48 9.55
C LYS A 135 5.22 15.34 9.41
N PRO A 136 6.02 15.48 10.48
CA PRO A 136 7.48 15.52 10.41
C PRO A 136 8.09 14.11 10.22
N TYR A 137 7.53 13.30 9.32
CA TYR A 137 7.84 11.89 9.14
C TYR A 137 7.88 11.66 7.62
N PRO A 138 8.97 12.01 6.93
CA PRO A 138 9.05 12.07 5.47
C PRO A 138 8.42 10.94 4.66
N LEU A 139 7.92 11.32 3.48
CA LEU A 139 7.47 10.43 2.43
C LEU A 139 8.63 10.32 1.44
N LEU A 140 8.75 9.16 0.80
CA LEU A 140 9.71 8.91 -0.28
C LEU A 140 8.92 8.64 -1.54
N ASN A 141 9.51 8.92 -2.71
CA ASN A 141 8.97 8.59 -4.01
C ASN A 141 9.97 7.71 -4.73
N LEU A 142 9.46 6.70 -5.42
CA LEU A 142 10.26 5.64 -6.01
C LEU A 142 9.76 5.39 -7.42
N ALA A 143 10.60 4.81 -8.26
CA ALA A 143 10.30 4.40 -9.62
C ALA A 143 10.80 2.98 -9.82
N TYR A 144 10.14 2.21 -10.70
CA TYR A 144 10.53 0.85 -10.99
C TYR A 144 11.76 0.86 -11.90
N VAL A 145 12.79 0.09 -11.54
CA VAL A 145 14.07 0.00 -12.22
C VAL A 145 14.43 -1.49 -12.48
N GLY A 146 13.70 -2.43 -11.88
CA GLY A 146 13.90 -3.87 -12.06
C GLY A 146 13.65 -4.35 -13.49
N ALA A 147 12.79 -3.64 -14.24
CA ALA A 147 12.43 -3.95 -15.62
C ALA A 147 13.69 -4.00 -16.50
N MET A 1 -3.67 -21.33 -0.83
CA MET A 1 -4.57 -20.15 -0.92
C MET A 1 -4.42 -19.49 -2.29
N VAL A 2 -5.42 -19.62 -3.17
CA VAL A 2 -5.47 -18.84 -4.41
C VAL A 2 -5.65 -17.36 -4.12
N ILE A 3 -5.31 -16.53 -5.11
CA ILE A 3 -5.47 -15.08 -5.08
C ILE A 3 -5.96 -14.64 -6.45
N SER A 4 -6.81 -13.63 -6.46
CA SER A 4 -7.23 -12.88 -7.64
C SER A 4 -7.33 -11.41 -7.21
N ILE A 5 -7.39 -10.50 -8.17
CA ILE A 5 -7.44 -9.06 -7.91
C ILE A 5 -8.66 -8.49 -8.65
N ARG A 6 -9.34 -7.50 -8.06
CA ARG A 6 -10.44 -6.76 -8.68
C ARG A 6 -10.53 -5.37 -8.03
N ARG A 7 -11.33 -4.45 -8.56
CA ARG A 7 -11.62 -3.20 -7.86
C ARG A 7 -12.48 -3.53 -6.63
N SER A 8 -12.43 -2.65 -5.65
CA SER A 8 -13.01 -2.83 -4.32
C SER A 8 -14.51 -2.49 -4.29
N ARG A 9 -15.24 -3.14 -3.38
CA ARG A 9 -16.62 -2.79 -3.04
C ARG A 9 -16.56 -1.68 -1.99
N HIS A 10 -17.66 -0.94 -1.81
CA HIS A 10 -17.73 0.05 -0.75
C HIS A 10 -17.79 -0.62 0.63
N GLU A 11 -18.60 -1.67 0.77
CA GLU A 11 -18.92 -2.26 2.07
C GLU A 11 -17.72 -2.94 2.73
N GLU A 12 -16.77 -3.45 1.93
CA GLU A 12 -15.56 -4.09 2.44
C GLU A 12 -14.51 -3.04 2.84
N GLY A 13 -14.77 -1.74 2.67
CA GLY A 13 -13.85 -0.67 3.03
C GLY A 13 -13.37 -0.78 4.47
N GLU A 14 -14.23 -1.17 5.42
CA GLU A 14 -13.88 -1.34 6.82
C GLU A 14 -12.77 -2.40 6.99
N GLU A 15 -12.78 -3.44 6.16
CA GLU A 15 -11.76 -4.49 6.18
C GLU A 15 -10.45 -3.94 5.64
N LEU A 16 -10.50 -3.01 4.69
CA LEU A 16 -9.30 -2.39 4.11
C LEU A 16 -8.67 -1.45 5.12
N VAL A 17 -9.50 -0.71 5.86
CA VAL A 17 -9.09 0.13 6.98
C VAL A 17 -8.43 -0.76 8.05
N ALA A 18 -9.02 -1.92 8.35
CA ALA A 18 -8.46 -2.87 9.30
C ALA A 18 -7.11 -3.38 8.84
N ILE A 19 -6.98 -3.77 7.56
CA ILE A 19 -5.74 -4.25 6.95
C ILE A 19 -4.67 -3.16 7.08
N TRP A 20 -4.99 -1.93 6.68
CA TRP A 20 -4.10 -0.78 6.84
C TRP A 20 -3.65 -0.66 8.30
N CYS A 21 -4.56 -0.75 9.27
CA CYS A 21 -4.23 -0.56 10.68
C CYS A 21 -3.20 -1.60 11.12
N ARG A 22 -3.43 -2.89 10.87
CA ARG A 22 -2.47 -3.92 11.25
C ARG A 22 -1.18 -3.86 10.42
N SER A 23 -1.25 -3.40 9.17
CA SER A 23 -0.06 -3.15 8.37
C SER A 23 0.79 -2.05 8.99
N VAL A 24 0.17 -1.06 9.60
CA VAL A 24 0.87 0.02 10.26
C VAL A 24 1.44 -0.49 11.58
N ASP A 25 0.67 -1.24 12.36
CA ASP A 25 1.14 -1.82 13.62
C ASP A 25 2.35 -2.73 13.43
N ALA A 26 2.40 -3.46 12.30
CA ALA A 26 3.44 -4.43 12.03
C ALA A 26 4.71 -3.78 11.49
N THR A 27 4.61 -2.84 10.54
CA THR A 27 5.80 -2.36 9.82
C THR A 27 5.93 -0.84 9.71
N HIS A 28 4.97 -0.06 10.22
CA HIS A 28 5.00 1.42 10.17
C HIS A 28 4.75 2.00 11.57
N ASP A 29 5.07 1.26 12.64
CA ASP A 29 4.72 1.62 14.02
C ASP A 29 5.31 2.97 14.48
N PHE A 30 6.30 3.47 13.74
CA PHE A 30 6.90 4.79 13.84
C PHE A 30 5.86 5.93 13.74
N LEU A 31 4.66 5.66 13.19
CA LEU A 31 3.51 6.55 13.22
C LEU A 31 3.05 6.68 14.66
N SER A 32 3.45 7.77 15.31
CA SER A 32 3.07 8.15 16.67
C SER A 32 1.55 8.16 16.84
N ALA A 33 1.04 7.95 18.05
CA ALA A 33 -0.39 7.72 18.30
C ALA A 33 -1.30 8.86 17.80
N GLU A 34 -0.86 10.11 17.88
CA GLU A 34 -1.64 11.24 17.39
C GLU A 34 -1.79 11.15 15.87
N TYR A 35 -0.67 10.93 15.17
CA TYR A 35 -0.67 10.80 13.72
C TYR A 35 -1.42 9.52 13.30
N ARG A 36 -1.28 8.44 14.06
CA ARG A 36 -2.01 7.19 13.88
C ARG A 36 -3.52 7.46 13.85
N THR A 37 -4.01 8.24 14.81
CA THR A 37 -5.41 8.56 14.95
C THR A 37 -5.90 9.38 13.74
N GLU A 38 -5.17 10.44 13.38
CA GLU A 38 -5.56 11.32 12.28
C GLU A 38 -5.53 10.56 10.95
N LEU A 39 -4.52 9.70 10.75
CA LEU A 39 -4.46 8.86 9.57
C LEU A 39 -5.64 7.90 9.56
N GLU A 40 -5.90 7.17 10.64
CA GLU A 40 -6.96 6.17 10.69
C GLU A 40 -8.31 6.81 10.32
N ASP A 41 -8.58 8.02 10.81
CA ASP A 41 -9.81 8.75 10.50
C ASP A 41 -9.91 9.08 9.01
N LEU A 42 -8.85 9.65 8.42
CA LEU A 42 -8.89 10.05 7.02
C LEU A 42 -8.92 8.81 6.12
N VAL A 43 -8.21 7.76 6.49
CA VAL A 43 -8.20 6.44 5.87
C VAL A 43 -9.62 5.87 5.91
N ARG A 44 -10.31 5.89 7.06
CA ARG A 44 -11.68 5.42 7.17
C ARG A 44 -12.67 6.34 6.44
N SER A 45 -12.24 7.53 6.03
CA SER A 45 -13.04 8.45 5.24
C SER A 45 -12.67 8.35 3.75
N PHE A 46 -11.80 7.40 3.36
CA PHE A 46 -11.21 7.35 2.03
C PHE A 46 -11.18 5.95 1.45
N LEU A 47 -10.63 4.93 2.13
CA LEU A 47 -10.55 3.59 1.56
C LEU A 47 -11.93 3.02 1.17
N PRO A 48 -13.03 3.25 1.93
CA PRO A 48 -14.36 2.84 1.52
C PRO A 48 -14.88 3.48 0.22
N GLU A 49 -14.26 4.55 -0.30
CA GLU A 49 -14.77 5.28 -1.47
C GLU A 49 -13.72 5.37 -2.59
N ALA A 50 -12.44 5.19 -2.26
CA ALA A 50 -11.35 5.16 -3.22
C ALA A 50 -11.50 3.98 -4.18
N PRO A 51 -11.09 4.11 -5.45
CA PRO A 51 -11.24 3.07 -6.47
C PRO A 51 -10.14 2.01 -6.36
N LEU A 52 -9.89 1.52 -5.14
CA LEU A 52 -8.77 0.63 -4.85
C LEU A 52 -8.99 -0.71 -5.55
N TRP A 53 -7.88 -1.40 -5.74
CA TRP A 53 -7.86 -2.78 -6.19
C TRP A 53 -7.59 -3.60 -4.93
N VAL A 54 -8.17 -4.79 -4.80
CA VAL A 54 -8.00 -5.65 -3.66
C VAL A 54 -7.56 -7.03 -4.11
N ALA A 55 -6.58 -7.59 -3.40
CA ALA A 55 -6.23 -8.99 -3.53
C ALA A 55 -7.23 -9.71 -2.65
N VAL A 56 -7.85 -10.75 -3.17
CA VAL A 56 -8.88 -11.50 -2.46
C VAL A 56 -8.49 -12.97 -2.48
N ASN A 57 -8.74 -13.64 -1.35
CA ASN A 57 -8.64 -15.10 -1.24
C ASN A 57 -9.92 -15.73 -1.78
N GLU A 58 -10.01 -17.06 -1.73
CA GLU A 58 -11.09 -17.86 -2.30
C GLU A 58 -12.50 -17.45 -1.83
N ARG A 59 -12.62 -16.80 -0.66
CA ARG A 59 -13.89 -16.34 -0.10
C ARG A 59 -14.37 -15.05 -0.76
N ASP A 60 -13.60 -14.50 -1.71
CA ASP A 60 -13.78 -13.17 -2.29
C ASP A 60 -13.89 -12.15 -1.16
N GLN A 61 -12.82 -12.14 -0.37
CA GLN A 61 -12.67 -11.44 0.89
C GLN A 61 -11.24 -10.87 0.85
N PRO A 62 -11.05 -9.56 1.09
CA PRO A 62 -9.78 -8.88 0.87
C PRO A 62 -8.69 -9.35 1.84
N VAL A 63 -7.47 -9.48 1.32
CA VAL A 63 -6.25 -9.74 2.10
C VAL A 63 -5.21 -8.62 1.95
N GLY A 64 -5.35 -7.76 0.93
CA GLY A 64 -4.53 -6.58 0.73
C GLY A 64 -5.18 -5.70 -0.31
N PHE A 65 -4.71 -4.48 -0.46
CA PHE A 65 -5.19 -3.54 -1.47
C PHE A 65 -4.04 -2.73 -2.06
N MET A 66 -4.24 -2.22 -3.27
CA MET A 66 -3.36 -1.25 -3.92
C MET A 66 -4.22 -0.20 -4.62
N LEU A 67 -3.81 1.07 -4.57
CA LEU A 67 -4.46 2.14 -5.33
C LEU A 67 -3.66 2.28 -6.61
N LEU A 68 -4.25 2.04 -7.78
CA LEU A 68 -3.62 2.33 -9.06
C LEU A 68 -4.68 2.70 -10.09
N SER A 69 -4.39 3.75 -10.82
CA SER A 69 -5.07 4.21 -12.02
C SER A 69 -3.97 4.96 -12.81
N GLY A 70 -4.05 5.00 -14.13
CA GLY A 70 -2.94 5.48 -14.95
C GLY A 70 -1.74 4.54 -14.77
N GLN A 71 -0.59 5.07 -14.34
CA GLN A 71 0.65 4.31 -14.14
C GLN A 71 1.26 4.55 -12.76
N HIS A 72 0.45 5.00 -11.79
CA HIS A 72 0.91 5.36 -10.45
C HIS A 72 0.18 4.54 -9.41
N MET A 73 0.86 3.55 -8.83
CA MET A 73 0.33 2.75 -7.73
C MET A 73 0.59 3.54 -6.45
N ASP A 74 -0.28 4.50 -6.16
CA ASP A 74 -0.10 5.49 -5.09
C ASP A 74 0.14 4.86 -3.71
N ALA A 75 -0.46 3.69 -3.45
CA ALA A 75 -0.39 2.99 -2.17
C ALA A 75 -0.52 1.49 -2.38
N LEU A 76 -0.03 0.71 -1.42
CA LEU A 76 -0.05 -0.75 -1.36
C LEU A 76 0.03 -1.12 0.12
N PHE A 77 -0.91 -1.93 0.63
CA PHE A 77 -0.93 -2.43 2.01
C PHE A 77 -1.54 -3.84 1.99
N ILE A 78 -1.06 -4.75 2.85
CA ILE A 78 -1.49 -6.14 2.87
C ILE A 78 -1.36 -6.62 4.30
N ASP A 79 -2.28 -7.50 4.69
CA ASP A 79 -2.28 -8.17 5.97
C ASP A 79 -0.91 -8.85 6.19
N PRO A 80 -0.13 -8.44 7.19
CA PRO A 80 1.23 -8.95 7.42
C PRO A 80 1.28 -10.45 7.67
N ASP A 81 0.16 -11.10 8.06
CA ASP A 81 0.11 -12.53 8.27
C ASP A 81 0.27 -13.32 6.96
N VAL A 82 0.00 -12.70 5.81
CA VAL A 82 -0.05 -13.39 4.51
C VAL A 82 0.81 -12.72 3.43
N ARG A 83 1.57 -11.67 3.74
CA ARG A 83 2.56 -11.11 2.80
C ARG A 83 3.50 -12.20 2.29
N GLY A 84 3.99 -13.05 3.20
CA GLY A 84 4.90 -14.14 2.89
C GLY A 84 4.29 -15.24 2.01
N CYS A 85 2.95 -15.34 1.94
CA CYS A 85 2.28 -16.28 1.05
C CYS A 85 2.45 -15.91 -0.43
N GLY A 86 2.87 -14.67 -0.72
CA GLY A 86 3.23 -14.22 -2.07
C GLY A 86 2.52 -12.93 -2.47
N VAL A 87 1.46 -12.53 -1.76
CA VAL A 87 0.60 -11.41 -2.14
C VAL A 87 1.39 -10.11 -2.33
N GLY A 88 2.47 -9.94 -1.55
CA GLY A 88 3.42 -8.82 -1.67
C GLY A 88 4.00 -8.67 -3.09
N ARG A 89 4.08 -9.75 -3.86
CA ARG A 89 4.41 -9.69 -5.28
C ARG A 89 3.13 -9.65 -6.12
N VAL A 90 2.11 -10.45 -5.82
CA VAL A 90 0.91 -10.55 -6.68
C VAL A 90 0.32 -9.15 -6.96
N LEU A 91 0.19 -8.28 -5.94
CA LEU A 91 -0.41 -6.96 -6.14
C LEU A 91 0.50 -6.06 -7.01
N VAL A 92 1.82 -6.14 -6.83
CA VAL A 92 2.76 -5.40 -7.65
C VAL A 92 2.70 -5.92 -9.09
N GLU A 93 2.64 -7.23 -9.28
CA GLU A 93 2.57 -7.84 -10.60
C GLU A 93 1.27 -7.42 -11.30
N HIS A 94 0.17 -7.28 -10.54
CA HIS A 94 -1.08 -6.77 -11.08
C HIS A 94 -0.88 -5.36 -11.63
N ALA A 95 -0.25 -4.50 -10.82
CA ALA A 95 0.03 -3.14 -11.22
C ALA A 95 0.93 -3.08 -12.44
N LEU A 96 2.01 -3.84 -12.46
CA LEU A 96 2.95 -3.91 -13.57
C LEU A 96 2.27 -4.42 -14.84
N SER A 97 1.31 -5.33 -14.72
CA SER A 97 0.56 -5.83 -15.86
C SER A 97 -0.25 -4.71 -16.54
N MET A 98 -0.81 -3.79 -15.75
CA MET A 98 -1.61 -2.68 -16.28
C MET A 98 -0.74 -1.48 -16.67
N ALA A 99 0.46 -1.35 -16.09
CA ALA A 99 1.35 -0.22 -16.24
C ALA A 99 2.80 -0.73 -16.25
N PRO A 100 3.43 -0.94 -17.41
CA PRO A 100 4.83 -1.36 -17.45
C PRO A 100 5.77 -0.27 -16.92
N GLU A 101 5.35 1.00 -16.97
CA GLU A 101 6.14 2.18 -16.63
C GLU A 101 5.82 2.65 -15.19
N LEU A 102 5.41 1.69 -14.36
CA LEU A 102 4.85 1.87 -13.03
C LEU A 102 5.70 2.74 -12.13
N THR A 103 5.02 3.49 -11.28
CA THR A 103 5.58 4.23 -10.17
C THR A 103 4.80 3.86 -8.91
N THR A 104 5.40 4.06 -7.74
CA THR A 104 4.73 3.84 -6.47
C THR A 104 5.35 4.72 -5.39
N ASN A 105 4.93 4.54 -4.15
CA ASN A 105 5.37 5.33 -3.00
C ASN A 105 5.55 4.41 -1.79
N VAL A 106 6.28 4.88 -0.79
CA VAL A 106 6.41 4.19 0.50
C VAL A 106 6.75 5.26 1.56
N ASN A 107 6.24 5.11 2.78
CA ASN A 107 6.61 5.95 3.90
C ASN A 107 8.05 5.59 4.31
N GLU A 108 8.95 6.58 4.36
CA GLU A 108 10.37 6.35 4.54
C GLU A 108 10.68 5.58 5.83
N GLN A 109 9.92 5.86 6.90
CA GLN A 109 10.18 5.28 8.22
C GLN A 109 10.10 3.75 8.18
N ASN A 110 9.24 3.19 7.33
CA ASN A 110 9.18 1.78 7.01
C ASN A 110 10.32 1.43 6.04
N GLU A 111 11.55 1.55 6.52
CA GLU A 111 12.77 1.23 5.77
C GLU A 111 12.74 -0.23 5.28
N GLN A 112 12.02 -1.11 5.98
CA GLN A 112 11.86 -2.50 5.59
C GLN A 112 11.19 -2.59 4.22
N ALA A 113 10.12 -1.82 4.02
CA ALA A 113 9.43 -1.74 2.74
C ALA A 113 10.27 -1.03 1.69
N VAL A 114 11.06 -0.02 2.07
CA VAL A 114 12.01 0.61 1.13
C VAL A 114 12.94 -0.49 0.56
N GLY A 115 13.48 -1.34 1.44
CA GLY A 115 14.31 -2.47 1.02
C GLY A 115 13.52 -3.44 0.15
N PHE A 116 12.33 -3.86 0.60
CA PHE A 116 11.48 -4.81 -0.12
C PHE A 116 11.21 -4.33 -1.54
N TYR A 117 10.78 -3.09 -1.70
CA TYR A 117 10.36 -2.60 -3.00
C TYR A 117 11.59 -2.51 -3.93
N LYS A 118 12.78 -2.19 -3.41
CA LYS A 118 14.00 -2.24 -4.20
C LYS A 118 14.36 -3.66 -4.62
N LYS A 119 14.18 -4.68 -3.76
CA LYS A 119 14.37 -6.07 -4.16
C LYS A 119 13.43 -6.43 -5.32
N VAL A 120 12.19 -5.96 -5.23
CA VAL A 120 11.15 -6.20 -6.23
C VAL A 120 11.51 -5.53 -7.55
N GLY A 121 12.16 -4.36 -7.52
CA GLY A 121 12.76 -3.71 -8.68
C GLY A 121 12.57 -2.19 -8.74
N PHE A 122 11.91 -1.58 -7.76
CA PHE A 122 11.75 -0.13 -7.73
C PHE A 122 13.05 0.60 -7.39
N LYS A 123 13.12 1.90 -7.70
CA LYS A 123 14.23 2.80 -7.36
C LYS A 123 13.60 4.18 -7.12
N VAL A 124 14.10 4.93 -6.13
CA VAL A 124 13.51 6.19 -5.69
C VAL A 124 13.76 7.28 -6.74
N THR A 125 12.69 8.00 -7.08
CA THR A 125 12.64 9.01 -8.12
C THR A 125 12.08 10.34 -7.59
N GLY A 126 11.58 10.38 -6.35
CA GLY A 126 11.22 11.62 -5.67
C GLY A 126 11.03 11.37 -4.18
N ARG A 127 10.82 12.42 -3.39
CA ARG A 127 10.55 12.30 -1.95
C ARG A 127 9.91 13.58 -1.41
N SER A 128 9.74 13.58 -0.09
CA SER A 128 9.35 14.71 0.74
C SER A 128 10.18 14.63 2.02
N GLU A 129 10.17 15.67 2.86
CA GLU A 129 10.88 15.69 4.16
C GLU A 129 9.90 15.88 5.32
N VAL A 130 8.61 16.03 5.01
CA VAL A 130 7.47 16.06 5.91
C VAL A 130 6.34 15.29 5.20
N ASP A 131 5.20 15.08 5.86
CA ASP A 131 4.06 14.45 5.20
C ASP A 131 3.45 15.42 4.19
N ASP A 132 2.93 16.54 4.70
CA ASP A 132 2.45 17.67 3.89
C ASP A 132 2.30 18.94 4.72
N LEU A 133 1.81 18.82 5.96
CA LEU A 133 1.48 19.97 6.81
C LEU A 133 2.73 20.58 7.46
N GLY A 134 3.84 19.83 7.46
CA GLY A 134 5.07 20.16 8.17
C GLY A 134 5.46 19.07 9.17
N LYS A 135 4.53 18.18 9.52
CA LYS A 135 4.75 17.05 10.41
C LYS A 135 5.80 16.08 9.82
N PRO A 136 6.93 15.80 10.50
CA PRO A 136 8.03 14.94 10.03
C PRO A 136 7.69 13.44 9.80
N TYR A 137 6.79 13.11 8.88
CA TYR A 137 6.42 11.74 8.53
C TYR A 137 6.45 11.58 7.00
N PRO A 138 7.63 11.68 6.36
CA PRO A 138 7.74 11.77 4.90
C PRO A 138 7.32 10.52 4.13
N LEU A 139 7.17 10.74 2.82
CA LEU A 139 6.85 9.76 1.80
C LEU A 139 7.99 9.81 0.78
N LEU A 140 8.30 8.68 0.17
CA LEU A 140 9.23 8.55 -0.95
C LEU A 140 8.38 8.18 -2.16
N ASN A 141 8.82 8.57 -3.35
CA ASN A 141 8.24 8.17 -4.63
C ASN A 141 9.30 7.42 -5.40
N LEU A 142 8.89 6.36 -6.08
CA LEU A 142 9.76 5.39 -6.71
C LEU A 142 9.18 5.04 -8.08
N ALA A 143 10.03 4.49 -8.95
CA ALA A 143 9.68 4.04 -10.28
C ALA A 143 10.23 2.64 -10.48
N TYR A 144 9.60 1.83 -11.32
CA TYR A 144 10.03 0.47 -11.59
C TYR A 144 11.17 0.47 -12.61
N VAL A 145 12.35 0.90 -12.16
CA VAL A 145 13.56 0.97 -12.98
C VAL A 145 14.08 -0.45 -13.29
N GLY A 146 13.71 -1.45 -12.51
CA GLY A 146 14.22 -2.81 -12.63
C GLY A 146 15.56 -2.93 -11.90
N ALA A 147 15.65 -2.35 -10.70
CA ALA A 147 16.82 -2.40 -9.82
C ALA A 147 17.29 -3.84 -9.62
N MET A 1 -2.43 -20.06 -1.31
CA MET A 1 -3.86 -20.07 -1.71
C MET A 1 -4.09 -19.22 -2.97
N VAL A 2 -5.24 -19.38 -3.62
CA VAL A 2 -5.61 -18.61 -4.82
C VAL A 2 -5.64 -17.12 -4.47
N ILE A 3 -5.17 -16.28 -5.39
CA ILE A 3 -5.28 -14.83 -5.33
C ILE A 3 -5.77 -14.36 -6.70
N SER A 4 -6.59 -13.31 -6.69
CA SER A 4 -6.99 -12.56 -7.86
C SER A 4 -7.03 -11.08 -7.42
N ILE A 5 -7.08 -10.16 -8.39
CA ILE A 5 -7.16 -8.73 -8.13
C ILE A 5 -8.38 -8.21 -8.88
N ARG A 6 -9.13 -7.27 -8.29
CA ARG A 6 -10.27 -6.60 -8.93
C ARG A 6 -10.48 -5.23 -8.31
N ARG A 7 -11.35 -4.39 -8.89
CA ARG A 7 -11.75 -3.15 -8.25
C ARG A 7 -12.45 -3.48 -6.92
N SER A 8 -12.30 -2.60 -5.96
CA SER A 8 -12.92 -2.63 -4.64
C SER A 8 -14.45 -2.59 -4.69
N ARG A 9 -15.07 -2.88 -3.54
CA ARG A 9 -16.49 -2.70 -3.25
C ARG A 9 -16.59 -1.69 -2.09
N HIS A 10 -17.73 -1.02 -1.93
CA HIS A 10 -17.90 -0.09 -0.83
C HIS A 10 -17.97 -0.83 0.51
N GLU A 11 -18.71 -1.95 0.56
CA GLU A 11 -19.03 -2.62 1.82
C GLU A 11 -17.80 -3.27 2.47
N GLU A 12 -16.79 -3.64 1.68
CA GLU A 12 -15.56 -4.22 2.17
C GLU A 12 -14.56 -3.15 2.59
N GLY A 13 -14.90 -1.86 2.49
CA GLY A 13 -14.01 -0.75 2.81
C GLY A 13 -13.40 -0.85 4.20
N GLU A 14 -14.17 -1.25 5.21
CA GLU A 14 -13.67 -1.36 6.58
C GLU A 14 -12.65 -2.49 6.72
N GLU A 15 -12.70 -3.52 5.85
CA GLU A 15 -11.67 -4.55 5.80
C GLU A 15 -10.39 -3.98 5.20
N LEU A 16 -10.50 -3.01 4.30
CA LEU A 16 -9.34 -2.32 3.72
C LEU A 16 -8.72 -1.41 4.78
N VAL A 17 -9.55 -0.74 5.58
CA VAL A 17 -9.08 -0.02 6.76
C VAL A 17 -8.34 -0.99 7.67
N ALA A 18 -8.90 -2.18 7.94
CA ALA A 18 -8.28 -3.16 8.80
C ALA A 18 -6.92 -3.59 8.25
N ILE A 19 -6.81 -3.81 6.94
CA ILE A 19 -5.55 -4.16 6.29
C ILE A 19 -4.52 -3.05 6.53
N TRP A 20 -4.89 -1.79 6.26
CA TRP A 20 -4.01 -0.66 6.48
C TRP A 20 -3.62 -0.56 7.97
N CYS A 21 -4.57 -0.68 8.89
CA CYS A 21 -4.33 -0.65 10.33
C CYS A 21 -3.35 -1.76 10.75
N ARG A 22 -3.51 -2.97 10.20
CA ARG A 22 -2.62 -4.10 10.46
C ARG A 22 -1.23 -3.83 9.89
N SER A 23 -1.15 -3.26 8.69
CA SER A 23 0.10 -2.87 8.06
C SER A 23 0.84 -1.87 8.94
N VAL A 24 0.12 -0.92 9.52
CA VAL A 24 0.67 0.08 10.40
C VAL A 24 1.15 -0.58 11.69
N ASP A 25 0.35 -1.47 12.30
CA ASP A 25 0.73 -2.15 13.53
C ASP A 25 1.99 -3.00 13.35
N ALA A 26 2.16 -3.64 12.20
CA ALA A 26 3.24 -4.56 11.93
C ALA A 26 4.51 -3.85 11.43
N THR A 27 4.37 -2.77 10.65
CA THR A 27 5.51 -2.19 9.93
C THR A 27 5.60 -0.65 9.94
N HIS A 28 4.69 0.05 10.62
CA HIS A 28 4.80 1.50 10.87
C HIS A 28 4.61 1.77 12.38
N ASP A 29 5.02 0.83 13.26
CA ASP A 29 4.77 0.90 14.71
C ASP A 29 5.32 2.19 15.36
N PHE A 30 6.32 2.81 14.71
CA PHE A 30 6.95 4.07 15.08
C PHE A 30 5.94 5.24 15.12
N LEU A 31 4.82 5.13 14.40
CA LEU A 31 3.83 6.18 14.22
C LEU A 31 3.21 6.60 15.55
N SER A 32 3.23 7.90 15.82
CA SER A 32 2.58 8.51 16.97
C SER A 32 1.09 8.17 16.99
N ALA A 33 0.52 7.94 18.17
CA ALA A 33 -0.87 7.54 18.30
C ALA A 33 -1.82 8.60 17.74
N GLU A 34 -1.44 9.88 17.81
CA GLU A 34 -2.23 10.96 17.23
C GLU A 34 -2.26 10.83 15.71
N TYR A 35 -1.10 10.62 15.07
CA TYR A 35 -1.05 10.47 13.61
C TYR A 35 -1.77 9.19 13.21
N ARG A 36 -1.58 8.09 13.96
CA ARG A 36 -2.24 6.81 13.72
C ARG A 36 -3.75 7.03 13.63
N THR A 37 -4.32 7.66 14.65
CA THR A 37 -5.75 7.86 14.78
C THR A 37 -6.28 8.77 13.68
N GLU A 38 -5.63 9.91 13.43
CA GLU A 38 -6.13 10.87 12.46
C GLU A 38 -6.00 10.32 11.03
N LEU A 39 -4.91 9.57 10.75
CA LEU A 39 -4.75 8.86 9.50
C LEU A 39 -5.84 7.81 9.37
N GLU A 40 -6.06 6.97 10.38
CA GLU A 40 -7.07 5.91 10.34
C GLU A 40 -8.44 6.48 9.99
N ASP A 41 -8.79 7.64 10.56
CA ASP A 41 -10.07 8.27 10.32
C ASP A 41 -10.22 8.75 8.87
N LEU A 42 -9.18 9.39 8.32
CA LEU A 42 -9.22 9.90 6.96
C LEU A 42 -9.14 8.74 5.95
N VAL A 43 -8.37 7.71 6.28
CA VAL A 43 -8.27 6.44 5.55
C VAL A 43 -9.66 5.78 5.52
N ARG A 44 -10.36 5.70 6.65
CA ARG A 44 -11.73 5.17 6.71
C ARG A 44 -12.74 6.12 6.05
N SER A 45 -12.34 7.34 5.71
CA SER A 45 -13.16 8.27 4.93
C SER A 45 -12.79 8.18 3.44
N PHE A 46 -11.91 7.26 3.04
CA PHE A 46 -11.33 7.21 1.71
C PHE A 46 -11.29 5.80 1.13
N LEU A 47 -10.69 4.81 1.78
CA LEU A 47 -10.60 3.45 1.24
C LEU A 47 -11.99 2.86 0.90
N PRO A 48 -13.07 3.08 1.70
CA PRO A 48 -14.41 2.64 1.34
C PRO A 48 -15.00 3.29 0.08
N GLU A 49 -14.40 4.35 -0.48
CA GLU A 49 -14.96 5.05 -1.65
C GLU A 49 -13.95 5.12 -2.81
N ALA A 50 -12.66 4.96 -2.53
CA ALA A 50 -11.61 4.96 -3.53
C ALA A 50 -11.75 3.74 -4.46
N PRO A 51 -11.52 3.90 -5.78
CA PRO A 51 -11.64 2.83 -6.78
C PRO A 51 -10.39 1.93 -6.78
N LEU A 52 -10.00 1.46 -5.60
CA LEU A 52 -8.81 0.65 -5.37
C LEU A 52 -8.90 -0.64 -6.15
N TRP A 53 -7.75 -1.29 -6.28
CA TRP A 53 -7.61 -2.63 -6.79
C TRP A 53 -7.28 -3.51 -5.58
N VAL A 54 -8.20 -4.35 -5.14
CA VAL A 54 -8.01 -5.19 -3.98
C VAL A 54 -7.48 -6.55 -4.40
N ALA A 55 -6.53 -7.09 -3.64
CA ALA A 55 -6.11 -8.47 -3.77
C ALA A 55 -7.14 -9.23 -2.95
N VAL A 56 -7.68 -10.32 -3.48
CA VAL A 56 -8.69 -11.12 -2.81
C VAL A 56 -8.23 -12.56 -2.81
N ASN A 57 -8.49 -13.25 -1.70
CA ASN A 57 -8.29 -14.69 -1.60
C ASN A 57 -9.46 -15.42 -2.24
N GLU A 58 -9.46 -16.75 -2.17
CA GLU A 58 -10.45 -17.64 -2.76
C GLU A 58 -11.89 -17.33 -2.32
N ARG A 59 -12.10 -16.68 -1.16
CA ARG A 59 -13.41 -16.34 -0.63
C ARG A 59 -13.96 -15.06 -1.26
N ASP A 60 -13.23 -14.43 -2.18
CA ASP A 60 -13.51 -13.09 -2.72
C ASP A 60 -13.70 -12.12 -1.56
N GLN A 61 -12.65 -12.06 -0.74
CA GLN A 61 -12.56 -11.37 0.53
C GLN A 61 -11.17 -10.70 0.49
N PRO A 62 -11.08 -9.38 0.70
CA PRO A 62 -9.85 -8.63 0.47
C PRO A 62 -8.75 -9.02 1.47
N VAL A 63 -7.52 -9.07 0.98
CA VAL A 63 -6.32 -9.34 1.78
C VAL A 63 -5.21 -8.30 1.55
N GLY A 64 -5.34 -7.44 0.53
CA GLY A 64 -4.47 -6.31 0.26
C GLY A 64 -5.19 -5.36 -0.67
N PHE A 65 -4.61 -4.18 -0.92
CA PHE A 65 -5.11 -3.24 -1.91
C PHE A 65 -3.98 -2.40 -2.47
N MET A 66 -4.19 -1.86 -3.67
CA MET A 66 -3.33 -0.86 -4.29
C MET A 66 -4.21 0.17 -5.02
N LEU A 67 -3.68 1.35 -5.33
CA LEU A 67 -4.32 2.33 -6.20
C LEU A 67 -3.33 2.57 -7.32
N LEU A 68 -3.76 2.52 -8.58
CA LEU A 68 -2.91 2.83 -9.72
C LEU A 68 -3.75 3.47 -10.81
N SER A 69 -3.22 4.54 -11.39
CA SER A 69 -3.67 5.22 -12.59
C SER A 69 -2.46 6.06 -13.04
N GLY A 70 -2.37 6.42 -14.33
CA GLY A 70 -1.31 7.28 -14.85
C GLY A 70 0.11 6.77 -14.58
N GLN A 71 0.29 5.44 -14.57
CA GLN A 71 1.54 4.73 -14.23
C GLN A 71 2.09 5.09 -12.83
N HIS A 72 1.24 5.54 -11.91
CA HIS A 72 1.62 5.88 -10.54
C HIS A 72 0.77 5.08 -9.56
N MET A 73 1.40 4.14 -8.86
CA MET A 73 0.75 3.36 -7.82
C MET A 73 0.84 4.15 -6.52
N ASP A 74 -0.17 4.99 -6.27
CA ASP A 74 -0.20 5.94 -5.16
C ASP A 74 -0.18 5.28 -3.78
N ALA A 75 -0.68 4.05 -3.69
CA ALA A 75 -0.81 3.31 -2.43
C ALA A 75 -0.68 1.81 -2.71
N LEU A 76 -0.17 1.07 -1.73
CA LEU A 76 -0.08 -0.39 -1.69
C LEU A 76 0.03 -0.79 -0.21
N PHE A 77 -0.91 -1.58 0.30
CA PHE A 77 -0.91 -2.09 1.68
C PHE A 77 -1.52 -3.49 1.65
N ILE A 78 -1.04 -4.38 2.53
CA ILE A 78 -1.41 -5.80 2.53
C ILE A 78 -1.33 -6.30 3.96
N ASP A 79 -2.25 -7.17 4.31
CA ASP A 79 -2.35 -7.73 5.65
C ASP A 79 -1.11 -8.59 5.95
N PRO A 80 -0.45 -8.45 7.12
CA PRO A 80 0.74 -9.21 7.46
C PRO A 80 0.61 -10.74 7.28
N ASP A 81 -0.60 -11.31 7.42
CA ASP A 81 -0.81 -12.75 7.34
C ASP A 81 -0.52 -13.31 5.94
N VAL A 82 -0.65 -12.50 4.89
CA VAL A 82 -0.52 -12.98 3.51
C VAL A 82 0.73 -12.43 2.81
N ARG A 83 1.52 -11.58 3.48
CA ARG A 83 2.80 -11.12 2.93
C ARG A 83 3.71 -12.31 2.64
N GLY A 84 3.72 -13.31 3.52
CA GLY A 84 4.46 -14.55 3.33
C GLY A 84 3.95 -15.37 2.14
N CYS A 85 2.66 -15.25 1.80
CA CYS A 85 2.06 -15.91 0.64
C CYS A 85 2.48 -15.25 -0.69
N GLY A 86 3.16 -14.09 -0.64
CA GLY A 86 3.72 -13.46 -1.83
C GLY A 86 2.80 -12.44 -2.48
N VAL A 87 1.67 -12.08 -1.85
CA VAL A 87 0.74 -11.07 -2.38
C VAL A 87 1.46 -9.74 -2.63
N GLY A 88 2.51 -9.46 -1.84
CA GLY A 88 3.44 -8.35 -2.05
C GLY A 88 3.97 -8.28 -3.48
N ARG A 89 4.27 -9.40 -4.14
CA ARG A 89 4.57 -9.37 -5.57
C ARG A 89 3.28 -9.28 -6.36
N VAL A 90 2.26 -10.08 -6.07
CA VAL A 90 1.07 -10.17 -6.94
C VAL A 90 0.48 -8.79 -7.23
N LEU A 91 0.33 -7.92 -6.21
CA LEU A 91 -0.26 -6.59 -6.44
C LEU A 91 0.68 -5.70 -7.27
N VAL A 92 2.00 -5.78 -7.06
CA VAL A 92 2.97 -5.05 -7.87
C VAL A 92 2.94 -5.57 -9.30
N GLU A 93 2.84 -6.89 -9.51
CA GLU A 93 2.78 -7.48 -10.83
C GLU A 93 1.50 -7.02 -11.54
N HIS A 94 0.39 -6.87 -10.81
CA HIS A 94 -0.84 -6.33 -11.34
C HIS A 94 -0.62 -4.91 -11.85
N ALA A 95 0.03 -4.09 -11.04
CA ALA A 95 0.34 -2.71 -11.38
C ALA A 95 1.26 -2.65 -12.60
N LEU A 96 2.35 -3.40 -12.60
CA LEU A 96 3.31 -3.48 -13.70
C LEU A 96 2.65 -3.94 -14.99
N SER A 97 1.65 -4.83 -14.91
CA SER A 97 0.92 -5.29 -16.08
C SER A 97 0.18 -4.15 -16.76
N MET A 98 -0.37 -3.20 -16.00
CA MET A 98 -1.07 -2.03 -16.56
C MET A 98 -0.11 -0.88 -16.87
N ALA A 99 1.08 -0.86 -16.24
CA ALA A 99 2.00 0.26 -16.26
C ALA A 99 3.45 -0.26 -16.25
N PRO A 100 4.11 -0.45 -17.40
CA PRO A 100 5.49 -0.92 -17.41
C PRO A 100 6.47 0.10 -16.80
N GLU A 101 6.13 1.38 -16.78
CA GLU A 101 6.99 2.48 -16.36
C GLU A 101 6.60 2.97 -14.95
N LEU A 102 6.10 2.03 -14.15
CA LEU A 102 5.48 2.21 -12.85
C LEU A 102 6.33 3.05 -11.89
N THR A 103 5.64 3.82 -11.07
CA THR A 103 6.19 4.53 -9.92
C THR A 103 5.34 4.23 -8.70
N THR A 104 5.88 4.45 -7.50
CA THR A 104 5.12 4.36 -6.26
C THR A 104 5.78 5.23 -5.20
N ASN A 105 5.25 5.22 -3.98
CA ASN A 105 5.80 5.95 -2.85
C ASN A 105 5.48 5.20 -1.57
N VAL A 106 6.27 5.42 -0.52
CA VAL A 106 6.12 4.75 0.78
C VAL A 106 6.60 5.67 1.88
N ASN A 107 6.02 5.57 3.08
CA ASN A 107 6.44 6.30 4.26
C ASN A 107 7.77 5.75 4.73
N GLU A 108 8.78 6.62 4.85
CA GLU A 108 10.18 6.25 5.09
C GLU A 108 10.36 5.43 6.37
N GLN A 109 9.53 5.69 7.40
CA GLN A 109 9.62 5.00 8.68
C GLN A 109 9.49 3.48 8.51
N ASN A 110 8.68 3.03 7.54
CA ASN A 110 8.55 1.63 7.17
C ASN A 110 9.74 1.19 6.32
N GLU A 111 10.93 1.16 6.91
CA GLU A 111 12.16 0.74 6.25
C GLU A 111 12.04 -0.70 5.73
N GLN A 112 11.19 -1.53 6.33
CA GLN A 112 10.94 -2.88 5.86
C GLN A 112 10.37 -2.86 4.44
N ALA A 113 9.36 -2.01 4.20
CA ALA A 113 8.77 -1.85 2.89
C ALA A 113 9.76 -1.23 1.91
N VAL A 114 10.59 -0.28 2.33
CA VAL A 114 11.63 0.27 1.48
C VAL A 114 12.55 -0.86 0.99
N GLY A 115 12.97 -1.75 1.89
CA GLY A 115 13.77 -2.92 1.54
C GLY A 115 13.01 -3.85 0.60
N PHE A 116 11.77 -4.20 0.95
CA PHE A 116 10.93 -5.12 0.17
C PHE A 116 10.77 -4.60 -1.26
N TYR A 117 10.42 -3.34 -1.42
CA TYR A 117 10.11 -2.80 -2.73
C TYR A 117 11.40 -2.77 -3.58
N LYS A 118 12.58 -2.53 -2.99
CA LYS A 118 13.83 -2.65 -3.71
C LYS A 118 14.13 -4.09 -4.11
N LYS A 119 13.84 -5.10 -3.29
CA LYS A 119 13.97 -6.50 -3.69
C LYS A 119 13.10 -6.78 -4.91
N VAL A 120 11.88 -6.25 -4.91
CA VAL A 120 10.92 -6.41 -5.98
C VAL A 120 11.40 -5.72 -7.27
N GLY A 121 12.09 -4.59 -7.15
CA GLY A 121 12.80 -3.94 -8.25
C GLY A 121 12.64 -2.43 -8.32
N PHE A 122 11.96 -1.78 -7.35
CA PHE A 122 11.90 -0.33 -7.29
C PHE A 122 13.25 0.28 -6.89
N LYS A 123 13.43 1.57 -7.17
CA LYS A 123 14.60 2.37 -6.81
C LYS A 123 14.07 3.79 -6.54
N VAL A 124 14.60 4.46 -5.52
CA VAL A 124 14.10 5.75 -5.05
C VAL A 124 14.49 6.84 -6.06
N THR A 125 13.51 7.66 -6.42
CA THR A 125 13.59 8.72 -7.40
C THR A 125 13.27 10.08 -6.78
N GLY A 126 12.74 10.12 -5.56
CA GLY A 126 12.59 11.36 -4.80
C GLY A 126 12.28 11.06 -3.34
N ARG A 127 12.26 12.08 -2.50
CA ARG A 127 11.76 11.98 -1.12
C ARG A 127 11.30 13.36 -0.64
N SER A 128 10.77 13.37 0.58
CA SER A 128 10.24 14.52 1.27
C SER A 128 10.51 14.33 2.76
N GLU A 129 11.00 15.36 3.46
CA GLU A 129 11.27 15.34 4.90
C GLU A 129 9.99 15.17 5.73
N VAL A 130 8.84 15.53 5.16
CA VAL A 130 7.53 15.51 5.80
C VAL A 130 6.52 15.01 4.77
N ASP A 131 5.27 14.84 5.21
CA ASP A 131 4.21 14.33 4.34
C ASP A 131 3.21 15.40 3.92
N ASP A 132 2.70 16.21 4.86
CA ASP A 132 1.73 17.28 4.55
C ASP A 132 1.65 18.38 5.61
N LEU A 133 1.44 18.02 6.89
CA LEU A 133 1.20 19.00 7.96
C LEU A 133 2.49 19.63 8.49
N GLY A 134 3.64 19.24 7.93
CA GLY A 134 4.95 19.57 8.48
C GLY A 134 5.33 18.59 9.61
N LYS A 135 4.44 17.61 9.90
CA LYS A 135 4.69 16.48 10.78
C LYS A 135 5.95 15.73 10.30
N PRO A 136 6.76 15.16 11.19
CA PRO A 136 7.90 14.33 10.83
C PRO A 136 7.42 12.95 10.34
N TYR A 137 6.77 12.90 9.17
CA TYR A 137 6.30 11.66 8.55
C TYR A 137 6.89 11.72 7.14
N PRO A 138 8.17 11.35 6.94
CA PRO A 138 8.76 11.47 5.63
C PRO A 138 8.08 10.52 4.64
N LEU A 139 8.15 10.85 3.35
CA LEU A 139 7.70 10.00 2.26
C LEU A 139 8.87 9.85 1.29
N LEU A 140 9.00 8.67 0.69
CA LEU A 140 9.92 8.40 -0.40
C LEU A 140 9.08 8.17 -1.65
N ASN A 141 9.60 8.54 -2.82
CA ASN A 141 9.00 8.24 -4.12
C ASN A 141 10.00 7.41 -4.89
N LEU A 142 9.51 6.42 -5.62
CA LEU A 142 10.31 5.38 -6.26
C LEU A 142 9.77 5.14 -7.65
N ALA A 143 10.60 4.54 -8.50
CA ALA A 143 10.26 4.09 -9.84
C ALA A 143 10.73 2.66 -10.00
N TYR A 144 10.06 1.89 -10.85
CA TYR A 144 10.49 0.53 -11.13
C TYR A 144 11.69 0.59 -12.07
N VAL A 145 12.78 -0.09 -11.70
CA VAL A 145 14.04 -0.12 -12.44
C VAL A 145 14.51 -1.57 -12.64
N GLY A 146 13.86 -2.55 -12.00
CA GLY A 146 14.35 -3.92 -11.95
C GLY A 146 15.65 -3.99 -11.15
N ALA A 147 15.73 -3.21 -10.06
CA ALA A 147 16.87 -3.14 -9.16
C ALA A 147 17.29 -4.54 -8.71
N MET A 1 -1.71 -20.45 -1.28
CA MET A 1 -3.07 -19.85 -1.26
C MET A 1 -3.34 -19.17 -2.60
N VAL A 2 -4.49 -19.48 -3.23
CA VAL A 2 -4.93 -18.84 -4.47
C VAL A 2 -5.11 -17.34 -4.21
N ILE A 3 -4.70 -16.50 -5.18
CA ILE A 3 -4.90 -15.06 -5.17
C ILE A 3 -5.34 -14.64 -6.57
N SER A 4 -6.16 -13.61 -6.62
CA SER A 4 -6.52 -12.88 -7.83
C SER A 4 -6.60 -11.41 -7.43
N ILE A 5 -6.62 -10.49 -8.41
CA ILE A 5 -6.75 -9.06 -8.16
C ILE A 5 -7.98 -8.60 -8.93
N ARG A 6 -8.75 -7.66 -8.37
CA ARG A 6 -9.90 -7.04 -9.04
C ARG A 6 -10.12 -5.63 -8.48
N ARG A 7 -11.04 -4.87 -9.05
CA ARG A 7 -11.43 -3.58 -8.49
C ARG A 7 -12.18 -3.83 -7.19
N SER A 8 -12.03 -2.91 -6.25
CA SER A 8 -12.63 -2.99 -4.94
C SER A 8 -14.15 -2.73 -4.98
N ARG A 9 -14.89 -3.40 -4.10
CA ARG A 9 -16.30 -3.10 -3.85
C ARG A 9 -16.37 -1.93 -2.87
N HIS A 10 -17.51 -1.23 -2.84
CA HIS A 10 -17.74 -0.18 -1.84
C HIS A 10 -17.85 -0.81 -0.44
N GLU A 11 -18.66 -1.87 -0.31
CA GLU A 11 -19.04 -2.43 0.99
C GLU A 11 -17.87 -3.06 1.74
N GLU A 12 -16.85 -3.55 1.02
CA GLU A 12 -15.68 -4.15 1.63
C GLU A 12 -14.66 -3.09 2.07
N GLY A 13 -14.96 -1.80 1.90
CA GLY A 13 -14.11 -0.70 2.33
C GLY A 13 -13.65 -0.83 3.78
N GLU A 14 -14.52 -1.30 4.68
CA GLU A 14 -14.18 -1.48 6.09
C GLU A 14 -13.08 -2.53 6.27
N GLU A 15 -13.02 -3.56 5.42
CA GLU A 15 -11.95 -4.55 5.45
C GLU A 15 -10.63 -3.88 5.05
N LEU A 16 -10.68 -2.90 4.13
CA LEU A 16 -9.49 -2.23 3.64
C LEU A 16 -8.98 -1.26 4.70
N VAL A 17 -9.88 -0.55 5.39
CA VAL A 17 -9.56 0.25 6.56
C VAL A 17 -8.88 -0.66 7.59
N ALA A 18 -9.43 -1.86 7.85
CA ALA A 18 -8.90 -2.78 8.83
C ALA A 18 -7.51 -3.29 8.45
N ILE A 19 -7.32 -3.66 7.18
CA ILE A 19 -6.04 -4.12 6.62
C ILE A 19 -5.02 -3.01 6.79
N TRP A 20 -5.34 -1.79 6.35
CA TRP A 20 -4.49 -0.62 6.53
C TRP A 20 -4.11 -0.47 8.00
N CYS A 21 -5.09 -0.52 8.92
CA CYS A 21 -4.86 -0.26 10.33
C CYS A 21 -3.83 -1.23 10.89
N ARG A 22 -4.00 -2.54 10.65
CA ARG A 22 -3.05 -3.52 11.19
C ARG A 22 -1.73 -3.53 10.40
N SER A 23 -1.74 -3.19 9.12
CA SER A 23 -0.51 -2.98 8.37
C SER A 23 0.33 -1.86 8.98
N VAL A 24 -0.34 -0.79 9.41
CA VAL A 24 0.32 0.32 10.06
C VAL A 24 0.79 -0.13 11.44
N ASP A 25 -0.04 -0.82 12.22
CA ASP A 25 0.33 -1.26 13.55
C ASP A 25 1.46 -2.30 13.56
N ALA A 26 1.63 -3.05 12.47
CA ALA A 26 2.63 -4.10 12.35
C ALA A 26 4.00 -3.55 11.92
N THR A 27 4.04 -2.70 10.88
CA THR A 27 5.31 -2.31 10.25
C THR A 27 5.49 -0.78 10.11
N HIS A 28 4.54 0.03 10.58
CA HIS A 28 4.61 1.49 10.56
C HIS A 28 4.29 2.04 11.96
N ASP A 29 4.46 1.23 13.03
CA ASP A 29 3.99 1.54 14.39
C ASP A 29 4.54 2.86 14.96
N PHE A 30 5.67 3.32 14.42
CA PHE A 30 6.29 4.62 14.69
C PHE A 30 5.31 5.78 14.49
N LEU A 31 4.28 5.60 13.65
CA LEU A 31 3.17 6.51 13.45
C LEU A 31 2.39 6.63 14.77
N SER A 32 2.59 7.74 15.47
CA SER A 32 2.05 8.03 16.79
C SER A 32 0.52 8.01 16.81
N ALA A 33 -0.07 7.66 17.97
CA ALA A 33 -1.49 7.39 18.12
C ALA A 33 -2.40 8.57 17.74
N GLU A 34 -1.94 9.80 17.97
CA GLU A 34 -2.72 10.99 17.63
C GLU A 34 -2.90 11.07 16.11
N TYR A 35 -1.81 10.91 15.35
CA TYR A 35 -1.89 10.91 13.89
C TYR A 35 -2.50 9.61 13.38
N ARG A 36 -2.33 8.48 14.08
CA ARG A 36 -3.00 7.21 13.77
C ARG A 36 -4.51 7.41 13.71
N THR A 37 -5.07 8.13 14.68
CA THR A 37 -6.48 8.41 14.79
C THR A 37 -6.94 9.26 13.59
N GLU A 38 -6.22 10.34 13.29
CA GLU A 38 -6.60 11.25 12.21
C GLU A 38 -6.44 10.58 10.85
N LEU A 39 -5.44 9.70 10.68
CA LEU A 39 -5.30 8.90 9.49
C LEU A 39 -6.49 7.96 9.37
N GLU A 40 -6.87 7.23 10.42
CA GLU A 40 -7.99 6.29 10.33
C GLU A 40 -9.24 7.02 9.85
N ASP A 41 -9.51 8.25 10.33
CA ASP A 41 -10.68 9.01 9.91
C ASP A 41 -10.68 9.31 8.41
N LEU A 42 -9.54 9.78 7.89
CA LEU A 42 -9.46 10.12 6.47
C LEU A 42 -9.50 8.85 5.63
N VAL A 43 -8.85 7.78 6.10
CA VAL A 43 -8.88 6.45 5.50
C VAL A 43 -10.31 5.92 5.45
N ARG A 44 -11.09 6.06 6.54
CA ARG A 44 -12.51 5.70 6.60
C ARG A 44 -13.34 6.50 5.60
N SER A 45 -12.85 7.68 5.22
CA SER A 45 -13.54 8.59 4.31
C SER A 45 -13.00 8.43 2.87
N PHE A 46 -12.14 7.42 2.63
CA PHE A 46 -11.41 7.31 1.39
C PHE A 46 -11.36 5.87 0.87
N LEU A 47 -10.83 4.89 1.61
CA LEU A 47 -10.69 3.53 1.07
C LEU A 47 -12.03 2.92 0.62
N PRO A 48 -13.19 3.16 1.28
CA PRO A 48 -14.48 2.72 0.77
C PRO A 48 -14.87 3.28 -0.61
N GLU A 49 -14.28 4.39 -1.08
CA GLU A 49 -14.71 5.08 -2.30
C GLU A 49 -13.58 5.30 -3.31
N ALA A 50 -12.32 5.11 -2.90
CA ALA A 50 -11.14 5.34 -3.71
C ALA A 50 -11.07 4.37 -4.90
N PRO A 51 -10.41 4.76 -6.01
CA PRO A 51 -10.29 3.99 -7.25
C PRO A 51 -9.26 2.85 -7.12
N LEU A 52 -9.49 1.96 -6.15
CA LEU A 52 -8.56 0.93 -5.72
C LEU A 52 -8.70 -0.37 -6.50
N TRP A 53 -7.70 -1.23 -6.29
CA TRP A 53 -7.66 -2.62 -6.71
C TRP A 53 -7.33 -3.40 -5.45
N VAL A 54 -7.88 -4.60 -5.29
CA VAL A 54 -7.68 -5.44 -4.13
C VAL A 54 -7.20 -6.82 -4.56
N ALA A 55 -6.28 -7.36 -3.78
CA ALA A 55 -5.88 -8.75 -3.85
C ALA A 55 -6.94 -9.47 -3.05
N VAL A 56 -7.47 -10.57 -3.57
CA VAL A 56 -8.47 -11.37 -2.91
C VAL A 56 -7.96 -12.80 -2.88
N ASN A 57 -8.23 -13.51 -1.79
CA ASN A 57 -8.00 -14.95 -1.73
C ASN A 57 -9.21 -15.67 -2.31
N GLU A 58 -9.17 -17.00 -2.36
CA GLU A 58 -10.19 -17.88 -2.95
C GLU A 58 -11.63 -17.56 -2.47
N ARG A 59 -11.80 -16.99 -1.27
CA ARG A 59 -13.07 -16.65 -0.65
C ARG A 59 -13.69 -15.40 -1.27
N ASP A 60 -12.99 -14.75 -2.21
CA ASP A 60 -13.32 -13.42 -2.73
C ASP A 60 -13.51 -12.43 -1.57
N GLN A 61 -12.43 -12.37 -0.80
CA GLN A 61 -12.28 -11.68 0.47
C GLN A 61 -10.97 -10.91 0.31
N PRO A 62 -10.96 -9.58 0.46
CA PRO A 62 -9.75 -8.80 0.28
C PRO A 62 -8.71 -9.20 1.33
N VAL A 63 -7.46 -9.24 0.89
CA VAL A 63 -6.29 -9.51 1.73
C VAL A 63 -5.21 -8.42 1.57
N GLY A 64 -5.33 -7.54 0.57
CA GLY A 64 -4.49 -6.38 0.40
C GLY A 64 -5.12 -5.47 -0.65
N PHE A 65 -4.62 -4.25 -0.78
CA PHE A 65 -5.07 -3.31 -1.80
C PHE A 65 -3.91 -2.49 -2.35
N MET A 66 -4.10 -1.92 -3.54
CA MET A 66 -3.20 -0.93 -4.13
C MET A 66 -4.02 0.18 -4.80
N LEU A 67 -3.44 1.37 -4.87
CA LEU A 67 -4.00 2.58 -5.47
C LEU A 67 -3.04 2.93 -6.59
N LEU A 68 -3.51 2.95 -7.84
CA LEU A 68 -2.68 3.30 -8.99
C LEU A 68 -3.53 4.09 -9.97
N SER A 69 -2.97 5.16 -10.53
CA SER A 69 -3.52 5.90 -11.64
C SER A 69 -2.33 6.49 -12.42
N GLY A 70 -2.52 6.78 -13.72
CA GLY A 70 -1.42 7.14 -14.61
C GLY A 70 -0.42 5.98 -14.65
N GLN A 71 0.74 6.16 -14.02
CA GLN A 71 1.76 5.12 -13.86
C GLN A 71 2.26 5.03 -12.40
N HIS A 72 1.67 5.76 -11.45
CA HIS A 72 2.13 5.81 -10.08
C HIS A 72 1.19 5.00 -9.18
N MET A 73 1.75 4.04 -8.45
CA MET A 73 1.06 3.26 -7.43
C MET A 73 1.27 3.97 -6.10
N ASP A 74 0.42 4.94 -5.79
CA ASP A 74 0.60 5.80 -4.61
C ASP A 74 0.52 5.03 -3.29
N ALA A 75 -0.19 3.90 -3.27
CA ALA A 75 -0.42 3.12 -2.06
C ALA A 75 -0.42 1.63 -2.38
N LEU A 76 0.05 0.84 -1.41
CA LEU A 76 0.06 -0.62 -1.41
C LEU A 76 0.09 -1.03 0.06
N PHE A 77 -0.88 -1.81 0.52
CA PHE A 77 -0.98 -2.31 1.90
C PHE A 77 -1.58 -3.70 1.85
N ILE A 78 -1.11 -4.62 2.70
CA ILE A 78 -1.51 -6.02 2.68
C ILE A 78 -1.47 -6.51 4.12
N ASP A 79 -2.41 -7.39 4.42
CA ASP A 79 -2.62 -8.01 5.72
C ASP A 79 -1.34 -8.75 6.15
N PRO A 80 -0.67 -8.33 7.23
CA PRO A 80 0.51 -9.00 7.76
C PRO A 80 0.38 -10.51 7.92
N ASP A 81 -0.83 -11.03 8.16
CA ASP A 81 -1.08 -12.45 8.36
C ASP A 81 -0.77 -13.29 7.11
N VAL A 82 -0.78 -12.69 5.92
CA VAL A 82 -0.66 -13.38 4.63
C VAL A 82 0.35 -12.71 3.68
N ARG A 83 1.15 -11.74 4.15
CA ARG A 83 2.27 -11.20 3.36
C ARG A 83 3.21 -12.33 2.91
N GLY A 84 3.40 -13.35 3.76
CA GLY A 84 4.23 -14.52 3.45
C GLY A 84 3.74 -15.30 2.23
N CYS A 85 2.47 -15.18 1.83
CA CYS A 85 1.93 -15.82 0.63
C CYS A 85 2.43 -15.14 -0.67
N GLY A 86 3.18 -14.04 -0.58
CA GLY A 86 3.80 -13.38 -1.73
C GLY A 86 2.87 -12.40 -2.42
N VAL A 87 1.75 -12.02 -1.79
CA VAL A 87 0.73 -11.12 -2.36
C VAL A 87 1.37 -9.79 -2.78
N GLY A 88 2.42 -9.34 -2.09
CA GLY A 88 3.23 -8.19 -2.48
C GLY A 88 3.61 -8.24 -3.95
N ARG A 89 4.21 -9.35 -4.42
CA ARG A 89 4.55 -9.47 -5.83
C ARG A 89 3.28 -9.47 -6.67
N VAL A 90 2.21 -10.16 -6.27
CA VAL A 90 1.02 -10.24 -7.12
C VAL A 90 0.47 -8.83 -7.37
N LEU A 91 0.37 -7.99 -6.34
CA LEU A 91 -0.17 -6.64 -6.48
C LEU A 91 0.81 -5.76 -7.28
N VAL A 92 2.11 -5.87 -7.05
CA VAL A 92 3.13 -5.16 -7.82
C VAL A 92 3.07 -5.58 -9.29
N GLU A 93 2.88 -6.86 -9.59
CA GLU A 93 2.81 -7.34 -10.96
C GLU A 93 1.52 -6.85 -11.63
N HIS A 94 0.43 -6.70 -10.87
CA HIS A 94 -0.80 -6.08 -11.38
C HIS A 94 -0.53 -4.63 -11.77
N ALA A 95 0.17 -3.89 -10.90
CA ALA A 95 0.56 -2.53 -11.14
C ALA A 95 1.47 -2.43 -12.38
N LEU A 96 2.49 -3.28 -12.48
CA LEU A 96 3.40 -3.33 -13.61
C LEU A 96 2.65 -3.65 -14.91
N SER A 97 1.59 -4.47 -14.85
CA SER A 97 0.79 -4.80 -16.01
C SER A 97 0.10 -3.57 -16.59
N MET A 98 -0.37 -2.64 -15.73
CA MET A 98 -1.00 -1.41 -16.19
C MET A 98 0.05 -0.33 -16.53
N ALA A 99 1.21 -0.37 -15.88
CA ALA A 99 2.24 0.66 -15.93
C ALA A 99 3.60 -0.02 -16.01
N PRO A 100 4.18 -0.25 -17.20
CA PRO A 100 5.52 -0.85 -17.29
C PRO A 100 6.60 0.04 -16.69
N GLU A 101 6.33 1.34 -16.58
CA GLU A 101 7.26 2.37 -16.11
C GLU A 101 6.90 2.78 -14.67
N LEU A 102 6.37 1.82 -13.92
CA LEU A 102 5.78 1.97 -12.61
C LEU A 102 6.65 2.78 -11.65
N THR A 103 5.98 3.58 -10.85
CA THR A 103 6.53 4.30 -9.72
C THR A 103 5.66 4.02 -8.50
N THR A 104 6.21 4.20 -7.30
CA THR A 104 5.43 4.06 -6.07
C THR A 104 6.01 4.94 -4.97
N ASN A 105 5.35 4.94 -3.82
CA ASN A 105 5.66 5.77 -2.67
C ASN A 105 5.62 4.91 -1.41
N VAL A 106 6.38 5.28 -0.38
CA VAL A 106 6.39 4.61 0.91
C VAL A 106 6.80 5.61 1.99
N ASN A 107 6.23 5.51 3.18
CA ASN A 107 6.62 6.33 4.33
C ASN A 107 7.94 5.79 4.88
N GLU A 108 8.92 6.68 5.09
CA GLU A 108 10.30 6.26 5.41
C GLU A 108 10.40 5.47 6.72
N GLN A 109 9.56 5.75 7.73
CA GLN A 109 9.66 5.08 9.02
C GLN A 109 9.54 3.55 8.87
N ASN A 110 8.73 3.08 7.92
CA ASN A 110 8.62 1.67 7.56
C ASN A 110 9.81 1.25 6.69
N GLU A 111 11.00 1.23 7.29
CA GLU A 111 12.23 0.77 6.63
C GLU A 111 12.10 -0.67 6.13
N GLN A 112 11.21 -1.48 6.74
CA GLN A 112 10.97 -2.86 6.30
C GLN A 112 10.41 -2.86 4.88
N ALA A 113 9.42 -2.01 4.60
CA ALA A 113 8.87 -1.86 3.27
C ALA A 113 9.86 -1.26 2.30
N VAL A 114 10.72 -0.33 2.73
CA VAL A 114 11.79 0.18 1.88
C VAL A 114 12.66 -1.01 1.43
N GLY A 115 13.09 -1.87 2.37
CA GLY A 115 13.87 -3.05 2.06
C GLY A 115 13.12 -4.01 1.13
N PHE A 116 11.84 -4.29 1.44
CA PHE A 116 10.99 -5.16 0.64
C PHE A 116 10.93 -4.66 -0.79
N TYR A 117 10.62 -3.38 -0.99
CA TYR A 117 10.42 -2.84 -2.32
C TYR A 117 11.76 -2.84 -3.09
N LYS A 118 12.90 -2.64 -2.41
CA LYS A 118 14.22 -2.82 -3.04
C LYS A 118 14.38 -4.25 -3.55
N LYS A 119 14.06 -5.27 -2.75
CA LYS A 119 14.16 -6.67 -3.18
C LYS A 119 13.30 -6.91 -4.41
N VAL A 120 12.09 -6.35 -4.42
CA VAL A 120 11.11 -6.51 -5.49
C VAL A 120 11.64 -5.86 -6.78
N GLY A 121 12.37 -4.75 -6.68
CA GLY A 121 13.11 -4.16 -7.80
C GLY A 121 12.94 -2.64 -7.93
N PHE A 122 12.35 -1.96 -6.94
CA PHE A 122 12.25 -0.50 -6.96
C PHE A 122 13.58 0.16 -6.56
N LYS A 123 13.78 1.40 -7.02
CA LYS A 123 14.95 2.23 -6.76
C LYS A 123 14.44 3.66 -6.55
N VAL A 124 14.99 4.39 -5.58
CA VAL A 124 14.47 5.70 -5.15
C VAL A 124 14.75 6.74 -6.23
N THR A 125 13.73 7.57 -6.49
CA THR A 125 13.70 8.59 -7.51
C THR A 125 13.26 9.94 -6.93
N GLY A 126 12.79 9.98 -5.67
CA GLY A 126 12.55 11.25 -4.98
C GLY A 126 12.22 11.01 -3.51
N ARG A 127 12.04 12.10 -2.76
CA ARG A 127 11.55 12.07 -1.38
C ARG A 127 10.94 13.41 -1.04
N SER A 128 10.41 13.50 0.19
CA SER A 128 9.80 14.67 0.79
C SER A 128 10.15 14.60 2.27
N GLU A 129 10.74 15.66 2.83
CA GLU A 129 11.18 15.70 4.22
C GLU A 129 10.03 15.88 5.22
N VAL A 130 8.80 15.96 4.71
CA VAL A 130 7.56 15.96 5.46
C VAL A 130 6.59 15.03 4.72
N ASP A 131 5.41 14.84 5.32
CA ASP A 131 4.46 13.84 4.86
C ASP A 131 3.47 14.43 3.86
N ASP A 132 2.63 15.39 4.30
CA ASP A 132 1.74 16.14 3.43
C ASP A 132 1.32 17.49 4.02
N LEU A 133 0.99 17.51 5.31
CA LEU A 133 0.50 18.69 6.02
C LEU A 133 1.66 19.38 6.77
N GLY A 134 2.89 19.24 6.25
CA GLY A 134 4.11 19.69 6.91
C GLY A 134 4.52 18.81 8.09
N LYS A 135 3.92 17.63 8.23
CA LYS A 135 4.16 16.73 9.36
C LYS A 135 5.52 16.06 9.19
N PRO A 136 6.33 15.87 10.24
CA PRO A 136 7.67 15.30 10.15
C PRO A 136 7.62 13.77 10.01
N TYR A 137 6.91 13.24 9.01
CA TYR A 137 6.78 11.79 8.77
C TYR A 137 7.09 11.52 7.28
N PRO A 138 8.35 11.69 6.85
CA PRO A 138 8.76 11.69 5.44
C PRO A 138 8.13 10.64 4.52
N LEU A 139 7.96 11.02 3.25
CA LEU A 139 7.54 10.13 2.18
C LEU A 139 8.71 9.99 1.22
N LEU A 140 8.85 8.81 0.64
CA LEU A 140 9.85 8.51 -0.37
C LEU A 140 9.12 8.15 -1.65
N ASN A 141 9.74 8.38 -2.80
CA ASN A 141 9.22 8.04 -4.11
C ASN A 141 10.27 7.21 -4.83
N LEU A 142 9.81 6.16 -5.50
CA LEU A 142 10.65 5.14 -6.10
C LEU A 142 10.09 4.81 -7.49
N ALA A 143 10.91 4.21 -8.33
CA ALA A 143 10.58 3.75 -9.66
C ALA A 143 11.06 2.32 -9.83
N TYR A 144 10.35 1.54 -10.63
CA TYR A 144 10.76 0.16 -10.87
C TYR A 144 11.96 0.15 -11.83
N VAL A 145 13.01 -0.58 -11.45
CA VAL A 145 14.23 -0.75 -12.23
C VAL A 145 14.56 -2.25 -12.40
N GLY A 146 14.01 -3.11 -11.53
CA GLY A 146 14.22 -4.56 -11.60
C GLY A 146 15.68 -4.96 -11.33
N ALA A 147 16.37 -4.19 -10.49
CA ALA A 147 17.75 -4.40 -10.07
C ALA A 147 17.91 -3.80 -8.68
N MET A 1 -3.15 -20.11 -1.25
CA MET A 1 -4.50 -20.11 -1.84
C MET A 1 -4.54 -19.28 -3.13
N VAL A 2 -5.59 -19.45 -3.94
CA VAL A 2 -5.79 -18.67 -5.17
C VAL A 2 -5.91 -17.19 -4.81
N ILE A 3 -5.37 -16.32 -5.67
CA ILE A 3 -5.47 -14.87 -5.57
C ILE A 3 -5.88 -14.35 -6.94
N SER A 4 -6.69 -13.28 -6.91
CA SER A 4 -7.02 -12.47 -8.07
C SER A 4 -7.05 -11.02 -7.58
N ILE A 5 -7.03 -10.06 -8.50
CA ILE A 5 -7.07 -8.64 -8.17
C ILE A 5 -8.21 -8.02 -9.00
N ARG A 6 -8.94 -7.06 -8.43
CA ARG A 6 -10.02 -6.33 -9.12
C ARG A 6 -10.25 -4.97 -8.48
N ARG A 7 -11.11 -4.13 -9.06
CA ARG A 7 -11.56 -2.91 -8.39
C ARG A 7 -12.35 -3.29 -7.15
N SER A 8 -12.24 -2.44 -6.15
CA SER A 8 -12.89 -2.61 -4.86
C SER A 8 -14.39 -2.35 -4.93
N ARG A 9 -15.17 -3.09 -4.14
CA ARG A 9 -16.58 -2.84 -3.89
C ARG A 9 -16.61 -1.77 -2.80
N HIS A 10 -17.38 -0.70 -2.96
CA HIS A 10 -17.36 0.41 -1.99
C HIS A 10 -17.70 -0.08 -0.59
N GLU A 11 -18.66 -1.00 -0.47
CA GLU A 11 -19.13 -1.54 0.79
C GLU A 11 -18.09 -2.45 1.48
N GLU A 12 -17.11 -3.00 0.75
CA GLU A 12 -16.03 -3.79 1.35
C GLU A 12 -14.91 -2.89 1.86
N GLY A 13 -14.99 -1.57 1.62
CA GLY A 13 -13.98 -0.59 2.03
C GLY A 13 -13.63 -0.68 3.51
N GLU A 14 -14.58 -1.03 4.38
CA GLU A 14 -14.34 -1.12 5.81
C GLU A 14 -13.31 -2.21 6.15
N GLU A 15 -13.28 -3.30 5.38
CA GLU A 15 -12.27 -4.34 5.52
C GLU A 15 -10.89 -3.77 5.16
N LEU A 16 -10.85 -2.81 4.24
CA LEU A 16 -9.60 -2.24 3.75
C LEU A 16 -9.05 -1.27 4.78
N VAL A 17 -9.92 -0.51 5.46
CA VAL A 17 -9.54 0.31 6.61
C VAL A 17 -8.94 -0.59 7.69
N ALA A 18 -9.58 -1.72 7.98
CA ALA A 18 -9.10 -2.68 8.96
C ALA A 18 -7.74 -3.28 8.55
N ILE A 19 -7.58 -3.64 7.28
CA ILE A 19 -6.34 -4.18 6.72
C ILE A 19 -5.24 -3.14 6.86
N TRP A 20 -5.48 -1.90 6.42
CA TRP A 20 -4.55 -0.79 6.58
C TRP A 20 -4.11 -0.68 8.04
N CYS A 21 -5.05 -0.73 8.99
CA CYS A 21 -4.75 -0.52 10.41
C CYS A 21 -3.79 -1.61 10.91
N ARG A 22 -4.09 -2.88 10.66
CA ARG A 22 -3.21 -3.98 11.09
C ARG A 22 -1.89 -3.98 10.32
N SER A 23 -1.87 -3.57 9.05
CA SER A 23 -0.64 -3.44 8.28
C SER A 23 0.27 -2.40 8.95
N VAL A 24 -0.30 -1.24 9.30
CA VAL A 24 0.43 -0.16 9.93
C VAL A 24 0.93 -0.62 11.30
N ASP A 25 0.09 -1.30 12.10
CA ASP A 25 0.53 -1.76 13.41
C ASP A 25 1.67 -2.78 13.31
N ALA A 26 1.71 -3.54 12.22
CA ALA A 26 2.71 -4.57 11.96
C ALA A 26 4.01 -4.03 11.35
N THR A 27 4.00 -2.88 10.65
CA THR A 27 5.17 -2.44 9.85
C THR A 27 5.51 -0.94 9.97
N HIS A 28 4.56 -0.10 10.38
CA HIS A 28 4.68 1.35 10.44
C HIS A 28 4.38 1.84 11.87
N ASP A 29 4.67 1.01 12.88
CA ASP A 29 4.28 1.25 14.28
C ASP A 29 4.82 2.57 14.85
N PHE A 30 5.84 3.14 14.19
CA PHE A 30 6.41 4.47 14.41
C PHE A 30 5.35 5.58 14.41
N LEU A 31 4.20 5.36 13.77
CA LEU A 31 3.01 6.21 13.85
C LEU A 31 2.48 6.13 15.28
N SER A 32 2.82 7.13 16.10
CA SER A 32 2.34 7.32 17.46
C SER A 32 0.80 7.36 17.49
N ALA A 33 0.19 7.00 18.62
CA ALA A 33 -1.26 6.79 18.73
C ALA A 33 -2.11 7.97 18.28
N GLU A 34 -1.68 9.21 18.51
CA GLU A 34 -2.44 10.39 18.09
C GLU A 34 -2.48 10.47 16.57
N TYR A 35 -1.32 10.34 15.92
CA TYR A 35 -1.20 10.35 14.47
C TYR A 35 -1.90 9.12 13.88
N ARG A 36 -1.79 7.96 14.53
CA ARG A 36 -2.48 6.73 14.18
C ARG A 36 -3.99 6.97 14.11
N THR A 37 -4.56 7.64 15.11
CA THR A 37 -5.98 7.91 15.19
C THR A 37 -6.43 8.83 14.05
N GLU A 38 -5.71 9.93 13.82
CA GLU A 38 -6.10 10.89 12.79
C GLU A 38 -5.96 10.28 11.39
N LEU A 39 -4.92 9.46 11.17
CA LEU A 39 -4.79 8.70 9.94
C LEU A 39 -5.96 7.72 9.82
N GLU A 40 -6.24 6.93 10.85
CA GLU A 40 -7.26 5.90 10.79
C GLU A 40 -8.62 6.51 10.41
N ASP A 41 -8.96 7.67 10.96
CA ASP A 41 -10.21 8.37 10.62
C ASP A 41 -10.25 8.85 9.18
N LEU A 42 -9.14 9.39 8.66
CA LEU A 42 -9.13 9.90 7.30
C LEU A 42 -9.15 8.72 6.32
N VAL A 43 -8.44 7.64 6.62
CA VAL A 43 -8.47 6.37 5.91
C VAL A 43 -9.90 5.82 5.93
N ARG A 44 -10.57 5.81 7.08
CA ARG A 44 -11.97 5.42 7.26
C ARG A 44 -12.91 6.26 6.38
N SER A 45 -12.49 7.47 6.00
CA SER A 45 -13.29 8.40 5.22
C SER A 45 -12.86 8.42 3.74
N PHE A 46 -11.97 7.50 3.34
CA PHE A 46 -11.32 7.55 2.03
C PHE A 46 -11.26 6.20 1.35
N LEU A 47 -10.76 5.13 1.98
CA LEU A 47 -10.64 3.83 1.31
C LEU A 47 -11.98 3.31 0.75
N PRO A 48 -13.13 3.48 1.44
CA PRO A 48 -14.43 3.12 0.87
C PRO A 48 -14.82 3.83 -0.44
N GLU A 49 -14.15 4.93 -0.83
CA GLU A 49 -14.52 5.71 -2.02
C GLU A 49 -13.33 5.90 -2.99
N ALA A 50 -12.11 5.64 -2.53
CA ALA A 50 -10.89 5.81 -3.31
C ALA A 50 -10.84 4.85 -4.51
N PRO A 51 -10.16 5.22 -5.60
CA PRO A 51 -9.99 4.41 -6.80
C PRO A 51 -8.92 3.31 -6.57
N LEU A 52 -9.20 2.41 -5.64
CA LEU A 52 -8.32 1.31 -5.26
C LEU A 52 -8.51 0.10 -6.16
N TRP A 53 -7.71 -0.91 -5.89
CA TRP A 53 -7.79 -2.27 -6.41
C TRP A 53 -7.53 -3.18 -5.20
N VAL A 54 -8.22 -4.30 -5.09
CA VAL A 54 -8.08 -5.23 -3.99
C VAL A 54 -7.57 -6.58 -4.46
N ALA A 55 -6.70 -7.19 -3.66
CA ALA A 55 -6.32 -8.57 -3.81
C ALA A 55 -7.41 -9.33 -3.08
N VAL A 56 -7.92 -10.39 -3.67
CA VAL A 56 -8.98 -11.20 -3.08
C VAL A 56 -8.53 -12.65 -3.12
N ASN A 57 -8.86 -13.38 -2.05
CA ASN A 57 -8.68 -14.82 -2.01
C ASN A 57 -9.80 -15.51 -2.78
N GLU A 58 -9.78 -16.85 -2.82
CA GLU A 58 -10.70 -17.70 -3.56
C GLU A 58 -12.20 -17.40 -3.27
N ARG A 59 -12.52 -16.84 -2.10
CA ARG A 59 -13.88 -16.54 -1.68
C ARG A 59 -14.36 -15.19 -2.22
N ASP A 60 -13.55 -14.50 -3.03
CA ASP A 60 -13.76 -13.11 -3.45
C ASP A 60 -13.97 -12.23 -2.23
N GLN A 61 -12.95 -12.27 -1.37
CA GLN A 61 -12.92 -11.70 -0.04
C GLN A 61 -11.58 -10.97 0.04
N PRO A 62 -11.54 -9.66 0.36
CA PRO A 62 -10.32 -8.85 0.28
C PRO A 62 -9.28 -9.30 1.30
N VAL A 63 -8.02 -9.37 0.86
CA VAL A 63 -6.87 -9.71 1.70
C VAL A 63 -5.78 -8.62 1.65
N GLY A 64 -5.85 -7.70 0.68
CA GLY A 64 -4.98 -6.54 0.58
C GLY A 64 -5.54 -5.58 -0.45
N PHE A 65 -4.94 -4.41 -0.58
CA PHE A 65 -5.30 -3.45 -1.62
C PHE A 65 -4.08 -2.66 -2.06
N MET A 66 -4.18 -2.04 -3.25
CA MET A 66 -3.24 -1.07 -3.75
C MET A 66 -4.04 0.08 -4.40
N LEU A 67 -3.45 1.27 -4.45
CA LEU A 67 -3.99 2.43 -5.14
C LEU A 67 -3.07 2.63 -6.32
N LEU A 68 -3.59 2.54 -7.55
CA LEU A 68 -2.86 2.90 -8.76
C LEU A 68 -3.83 3.47 -9.76
N SER A 69 -3.43 4.61 -10.33
CA SER A 69 -4.01 5.28 -11.47
C SER A 69 -2.81 5.91 -12.20
N GLY A 70 -2.90 6.12 -13.51
CA GLY A 70 -1.74 6.51 -14.31
C GLY A 70 -0.66 5.44 -14.16
N GLN A 71 0.53 5.82 -13.72
CA GLN A 71 1.66 4.91 -13.46
C GLN A 71 2.24 5.13 -12.06
N HIS A 72 1.43 5.59 -11.09
CA HIS A 72 1.88 5.81 -9.72
C HIS A 72 1.03 5.01 -8.75
N MET A 73 1.62 3.96 -8.16
CA MET A 73 0.97 3.15 -7.14
C MET A 73 1.20 3.84 -5.80
N ASP A 74 0.34 4.77 -5.42
CA ASP A 74 0.51 5.58 -4.21
C ASP A 74 0.47 4.77 -2.92
N ALA A 75 -0.23 3.64 -2.89
CA ALA A 75 -0.43 2.85 -1.67
C ALA A 75 -0.46 1.36 -1.98
N LEU A 76 -0.08 0.55 -0.99
CA LEU A 76 -0.07 -0.90 -0.99
C LEU A 76 -0.10 -1.35 0.47
N PHE A 77 -1.13 -2.08 0.89
CA PHE A 77 -1.28 -2.60 2.26
C PHE A 77 -1.99 -3.95 2.18
N ILE A 78 -1.60 -4.92 3.00
CA ILE A 78 -2.07 -6.30 2.92
C ILE A 78 -2.03 -6.87 4.34
N ASP A 79 -2.99 -7.73 4.63
CA ASP A 79 -3.12 -8.37 5.93
C ASP A 79 -1.84 -9.14 6.26
N PRO A 80 -1.20 -8.91 7.42
CA PRO A 80 0.13 -9.43 7.72
C PRO A 80 0.17 -10.96 7.85
N ASP A 81 -0.96 -11.65 8.04
CA ASP A 81 -1.00 -13.10 8.12
C ASP A 81 -0.79 -13.76 6.76
N VAL A 82 -1.04 -13.04 5.66
CA VAL A 82 -1.06 -13.60 4.31
C VAL A 82 -0.21 -12.81 3.30
N ARG A 83 0.27 -11.60 3.63
CA ARG A 83 1.10 -10.82 2.71
C ARG A 83 2.30 -11.60 2.17
N GLY A 84 2.94 -12.41 3.04
CA GLY A 84 4.14 -13.17 2.72
C GLY A 84 3.84 -14.46 1.96
N CYS A 85 2.58 -14.89 1.85
CA CYS A 85 2.19 -16.05 1.06
C CYS A 85 2.38 -15.79 -0.44
N GLY A 86 2.48 -14.52 -0.86
CA GLY A 86 2.80 -14.13 -2.23
C GLY A 86 2.15 -12.80 -2.61
N VAL A 87 1.06 -12.41 -1.94
CA VAL A 87 0.24 -11.24 -2.32
C VAL A 87 1.07 -9.96 -2.40
N GLY A 88 2.10 -9.84 -1.54
CA GLY A 88 3.06 -8.74 -1.58
C GLY A 88 3.70 -8.54 -2.96
N ARG A 89 3.88 -9.61 -3.75
CA ARG A 89 4.27 -9.50 -5.15
C ARG A 89 3.04 -9.35 -6.03
N VAL A 90 1.97 -10.14 -5.84
CA VAL A 90 0.84 -10.18 -6.79
C VAL A 90 0.28 -8.76 -7.03
N LEU A 91 0.11 -7.95 -5.99
CA LEU A 91 -0.45 -6.60 -6.15
C LEU A 91 0.50 -5.70 -6.95
N VAL A 92 1.82 -5.82 -6.75
CA VAL A 92 2.81 -5.09 -7.52
C VAL A 92 2.79 -5.58 -8.97
N GLU A 93 2.69 -6.89 -9.20
CA GLU A 93 2.66 -7.43 -10.54
C GLU A 93 1.41 -6.93 -11.27
N HIS A 94 0.29 -6.76 -10.56
CA HIS A 94 -0.91 -6.16 -11.12
C HIS A 94 -0.64 -4.73 -11.56
N ALA A 95 -0.01 -3.95 -10.70
CA ALA A 95 0.33 -2.57 -10.98
C ALA A 95 1.26 -2.49 -12.20
N LEU A 96 2.32 -3.30 -12.23
CA LEU A 96 3.27 -3.36 -13.33
C LEU A 96 2.58 -3.76 -14.63
N SER A 97 1.58 -4.65 -14.58
CA SER A 97 0.83 -5.06 -15.76
C SER A 97 0.09 -3.89 -16.40
N MET A 98 -0.43 -2.96 -15.59
CA MET A 98 -1.14 -1.77 -16.08
C MET A 98 -0.17 -0.62 -16.38
N ALA A 99 1.01 -0.61 -15.76
CA ALA A 99 1.95 0.50 -15.76
C ALA A 99 3.38 -0.06 -15.82
N PRO A 100 3.99 -0.26 -17.00
CA PRO A 100 5.33 -0.80 -17.08
C PRO A 100 6.39 0.13 -16.48
N GLU A 101 6.10 1.45 -16.40
CA GLU A 101 7.02 2.47 -15.96
C GLU A 101 6.68 2.92 -14.53
N LEU A 102 6.14 1.98 -13.74
CA LEU A 102 5.55 2.15 -12.44
C LEU A 102 6.46 2.93 -11.49
N THR A 103 5.81 3.73 -10.64
CA THR A 103 6.41 4.41 -9.52
C THR A 103 5.58 4.13 -8.27
N THR A 104 6.16 4.34 -7.09
CA THR A 104 5.46 4.22 -5.82
C THR A 104 6.11 5.12 -4.78
N ASN A 105 5.67 5.04 -3.54
CA ASN A 105 6.22 5.76 -2.42
C ASN A 105 6.07 4.96 -1.14
N VAL A 106 6.84 5.33 -0.11
CA VAL A 106 6.86 4.66 1.18
C VAL A 106 7.37 5.66 2.23
N ASN A 107 6.86 5.59 3.47
CA ASN A 107 7.35 6.40 4.58
C ASN A 107 8.69 5.82 5.04
N GLU A 108 9.72 6.66 5.14
CA GLU A 108 11.11 6.25 5.36
C GLU A 108 11.28 5.40 6.64
N GLN A 109 10.48 5.66 7.68
CA GLN A 109 10.63 4.97 8.96
C GLN A 109 10.46 3.45 8.81
N ASN A 110 9.59 3.03 7.88
CA ASN A 110 9.36 1.64 7.54
C ASN A 110 10.48 1.14 6.62
N GLU A 111 11.70 1.09 7.16
CA GLU A 111 12.88 0.59 6.46
C GLU A 111 12.67 -0.84 5.99
N GLN A 112 11.80 -1.62 6.66
CA GLN A 112 11.47 -2.98 6.26
C GLN A 112 10.83 -2.98 4.88
N ALA A 113 9.85 -2.10 4.66
CA ALA A 113 9.20 -1.93 3.37
C ALA A 113 10.14 -1.33 2.34
N VAL A 114 11.04 -0.41 2.72
CA VAL A 114 12.07 0.07 1.81
C VAL A 114 12.88 -1.14 1.30
N GLY A 115 13.33 -2.01 2.20
CA GLY A 115 14.08 -3.21 1.84
C GLY A 115 13.25 -4.15 0.95
N PHE A 116 11.99 -4.39 1.33
CA PHE A 116 11.07 -5.23 0.56
C PHE A 116 10.94 -4.69 -0.87
N TYR A 117 10.68 -3.40 -1.01
CA TYR A 117 10.43 -2.81 -2.32
C TYR A 117 11.71 -2.86 -3.16
N LYS A 118 12.90 -2.70 -2.55
CA LYS A 118 14.17 -2.93 -3.24
C LYS A 118 14.27 -4.35 -3.78
N LYS A 119 13.92 -5.37 -2.97
CA LYS A 119 13.96 -6.76 -3.43
C LYS A 119 13.04 -6.95 -4.63
N VAL A 120 11.85 -6.36 -4.57
CA VAL A 120 10.84 -6.44 -5.62
C VAL A 120 11.36 -5.81 -6.92
N GLY A 121 12.08 -4.69 -6.82
CA GLY A 121 12.80 -4.08 -7.93
C GLY A 121 12.69 -2.56 -8.01
N PHE A 122 12.17 -1.89 -6.99
CA PHE A 122 12.11 -0.43 -6.99
C PHE A 122 13.47 0.18 -6.62
N LYS A 123 13.69 1.43 -7.06
CA LYS A 123 14.89 2.22 -6.80
C LYS A 123 14.41 3.66 -6.58
N VAL A 124 15.00 4.36 -5.61
CA VAL A 124 14.54 5.68 -5.16
C VAL A 124 14.84 6.73 -6.22
N THR A 125 13.85 7.56 -6.51
CA THR A 125 13.85 8.58 -7.53
C THR A 125 13.51 9.96 -6.94
N GLY A 126 13.08 10.03 -5.67
CA GLY A 126 12.95 11.31 -4.97
C GLY A 126 12.65 11.09 -3.49
N ARG A 127 12.54 12.18 -2.74
CA ARG A 127 12.05 12.16 -1.36
C ARG A 127 11.39 13.50 -1.03
N SER A 128 10.81 13.55 0.16
CA SER A 128 10.17 14.70 0.77
C SER A 128 10.41 14.57 2.28
N GLU A 129 10.71 15.67 2.97
CA GLU A 129 10.96 15.65 4.42
C GLU A 129 9.65 15.69 5.22
N VAL A 130 8.51 15.72 4.53
CA VAL A 130 7.16 15.68 5.07
C VAL A 130 6.36 14.75 4.17
N ASP A 131 5.11 14.45 4.57
CA ASP A 131 4.28 13.49 3.84
C ASP A 131 3.26 14.17 2.94
N ASP A 132 2.52 15.17 3.45
CA ASP A 132 1.58 15.97 2.66
C ASP A 132 1.16 17.28 3.33
N LEU A 133 0.82 17.24 4.63
CA LEU A 133 0.24 18.38 5.36
C LEU A 133 1.32 19.33 5.89
N GLY A 134 2.60 19.02 5.66
CA GLY A 134 3.73 19.70 6.28
C GLY A 134 4.16 19.02 7.59
N LYS A 135 3.37 18.05 8.07
CA LYS A 135 3.69 17.15 9.17
C LYS A 135 5.08 16.51 8.93
N PRO A 136 6.06 16.63 9.83
CA PRO A 136 7.40 16.04 9.72
C PRO A 136 7.44 14.49 9.70
N TYR A 137 6.79 13.84 8.73
CA TYR A 137 6.90 12.40 8.51
C TYR A 137 7.36 12.25 7.06
N PRO A 138 8.65 12.00 6.78
CA PRO A 138 9.16 11.94 5.42
C PRO A 138 8.42 10.95 4.51
N LEU A 139 8.57 11.13 3.20
CA LEU A 139 8.13 10.22 2.17
C LEU A 139 9.29 10.02 1.23
N LEU A 140 9.43 8.80 0.71
CA LEU A 140 10.41 8.49 -0.33
C LEU A 140 9.60 8.12 -1.56
N ASN A 141 10.06 8.53 -2.74
CA ASN A 141 9.45 8.19 -4.02
C ASN A 141 10.42 7.31 -4.77
N LEU A 142 9.90 6.28 -5.42
CA LEU A 142 10.68 5.22 -6.04
C LEU A 142 10.06 4.93 -7.41
N ALA A 143 10.84 4.30 -8.28
CA ALA A 143 10.45 3.86 -9.60
C ALA A 143 10.92 2.42 -9.80
N TYR A 144 10.21 1.66 -10.62
CA TYR A 144 10.59 0.29 -10.89
C TYR A 144 11.78 0.27 -11.85
N VAL A 145 12.85 -0.43 -11.45
CA VAL A 145 14.10 -0.55 -12.22
C VAL A 145 14.50 -2.04 -12.34
N GLY A 146 13.73 -2.96 -11.74
CA GLY A 146 13.92 -4.40 -11.85
C GLY A 146 13.77 -4.94 -13.28
N ALA A 147 13.03 -4.21 -14.13
CA ALA A 147 12.80 -4.55 -15.53
C ALA A 147 14.11 -4.80 -16.27
N MET A 1 -3.04 -20.63 -0.48
CA MET A 1 -4.34 -20.23 -1.10
C MET A 1 -4.10 -19.49 -2.42
N VAL A 2 -5.01 -19.63 -3.38
CA VAL A 2 -5.01 -18.80 -4.59
C VAL A 2 -5.28 -17.34 -4.25
N ILE A 3 -4.96 -16.47 -5.21
CA ILE A 3 -5.21 -15.05 -5.18
C ILE A 3 -5.70 -14.62 -6.56
N SER A 4 -6.63 -13.66 -6.57
CA SER A 4 -7.06 -12.94 -7.76
C SER A 4 -7.24 -11.49 -7.34
N ILE A 5 -7.31 -10.57 -8.31
CA ILE A 5 -7.42 -9.15 -8.06
C ILE A 5 -8.68 -8.66 -8.79
N ARG A 6 -9.40 -7.71 -8.18
CA ARG A 6 -10.55 -7.03 -8.77
C ARG A 6 -10.68 -5.63 -8.15
N ARG A 7 -11.55 -4.77 -8.69
CA ARG A 7 -11.86 -3.52 -8.02
C ARG A 7 -12.60 -3.84 -6.72
N SER A 8 -12.40 -2.98 -5.74
CA SER A 8 -12.99 -3.11 -4.42
C SER A 8 -14.48 -2.78 -4.42
N ARG A 9 -15.22 -3.46 -3.53
CA ARG A 9 -16.61 -3.12 -3.21
C ARG A 9 -16.58 -1.94 -2.25
N HIS A 10 -17.65 -1.15 -2.17
CA HIS A 10 -17.75 -0.09 -1.17
C HIS A 10 -17.91 -0.71 0.23
N GLU A 11 -18.70 -1.79 0.36
CA GLU A 11 -19.09 -2.33 1.66
C GLU A 11 -17.93 -3.02 2.40
N GLU A 12 -16.93 -3.51 1.66
CA GLU A 12 -15.74 -4.12 2.24
C GLU A 12 -14.70 -3.08 2.62
N GLY A 13 -14.99 -1.78 2.41
CA GLY A 13 -14.06 -0.68 2.66
C GLY A 13 -13.45 -0.72 4.06
N GLU A 14 -14.23 -1.00 5.10
CA GLU A 14 -13.71 -1.00 6.47
C GLU A 14 -12.81 -2.21 6.74
N GLU A 15 -12.87 -3.27 5.92
CA GLU A 15 -11.89 -4.35 5.98
C GLU A 15 -10.55 -3.84 5.42
N LEU A 16 -10.60 -2.91 4.48
CA LEU A 16 -9.39 -2.28 3.92
C LEU A 16 -8.83 -1.31 4.94
N VAL A 17 -9.67 -0.58 5.68
CA VAL A 17 -9.24 0.21 6.82
C VAL A 17 -8.53 -0.70 7.83
N ALA A 18 -9.10 -1.87 8.12
CA ALA A 18 -8.49 -2.84 9.04
C ALA A 18 -7.14 -3.32 8.54
N ILE A 19 -7.02 -3.64 7.25
CA ILE A 19 -5.78 -4.08 6.62
C ILE A 19 -4.73 -2.98 6.76
N TRP A 20 -5.07 -1.74 6.42
CA TRP A 20 -4.21 -0.58 6.62
C TRP A 20 -3.78 -0.49 8.08
N CYS A 21 -4.72 -0.63 9.04
CA CYS A 21 -4.42 -0.53 10.45
C CYS A 21 -3.42 -1.62 10.86
N ARG A 22 -3.61 -2.86 10.40
CA ARG A 22 -2.68 -3.97 10.65
C ARG A 22 -1.32 -3.69 10.02
N SER A 23 -1.30 -3.08 8.85
CA SER A 23 -0.08 -2.73 8.14
C SER A 23 0.70 -1.65 8.88
N VAL A 24 0.01 -0.72 9.52
CA VAL A 24 0.63 0.28 10.35
C VAL A 24 1.13 -0.39 11.63
N ASP A 25 0.31 -1.21 12.29
CA ASP A 25 0.68 -1.90 13.52
C ASP A 25 1.92 -2.78 13.36
N ALA A 26 2.10 -3.39 12.17
CA ALA A 26 3.21 -4.28 11.90
C ALA A 26 4.44 -3.57 11.35
N THR A 27 4.28 -2.51 10.53
CA THR A 27 5.40 -1.94 9.77
C THR A 27 5.46 -0.40 9.71
N HIS A 28 4.54 0.34 10.34
CA HIS A 28 4.58 1.80 10.40
C HIS A 28 4.25 2.29 11.84
N ASP A 29 4.51 1.47 12.87
CA ASP A 29 4.05 1.73 14.24
C ASP A 29 4.61 3.03 14.84
N PHE A 30 5.63 3.60 14.21
CA PHE A 30 6.20 4.93 14.46
C PHE A 30 5.13 6.05 14.44
N LEU A 31 3.99 5.81 13.77
CA LEU A 31 2.82 6.69 13.77
C LEU A 31 2.25 6.75 15.20
N SER A 32 2.61 7.78 15.96
CA SER A 32 2.10 8.08 17.29
C SER A 32 0.56 8.21 17.27
N ALA A 33 -0.09 8.05 18.43
CA ALA A 33 -1.54 7.94 18.53
C ALA A 33 -2.32 9.09 17.88
N GLU A 34 -1.84 10.33 17.96
CA GLU A 34 -2.52 11.46 17.35
C GLU A 34 -2.49 11.34 15.82
N TYR A 35 -1.31 11.02 15.27
CA TYR A 35 -1.12 10.83 13.83
C TYR A 35 -1.92 9.60 13.37
N ARG A 36 -1.92 8.53 14.18
CA ARG A 36 -2.71 7.32 13.96
C ARG A 36 -4.18 7.66 13.81
N THR A 37 -4.72 8.48 14.71
CA THR A 37 -6.12 8.87 14.73
C THR A 37 -6.47 9.67 13.48
N GLU A 38 -5.67 10.70 13.15
CA GLU A 38 -5.97 11.56 12.01
C GLU A 38 -5.88 10.78 10.69
N LEU A 39 -4.90 9.88 10.58
CA LEU A 39 -4.81 9.01 9.41
C LEU A 39 -6.01 8.08 9.37
N GLU A 40 -6.35 7.38 10.45
CA GLU A 40 -7.45 6.42 10.42
C GLU A 40 -8.75 7.12 10.02
N ASP A 41 -8.99 8.34 10.49
CA ASP A 41 -10.19 9.09 10.13
C ASP A 41 -10.26 9.36 8.62
N LEU A 42 -9.17 9.84 8.03
CA LEU A 42 -9.16 10.15 6.61
C LEU A 42 -9.24 8.85 5.80
N VAL A 43 -8.58 7.80 6.26
CA VAL A 43 -8.60 6.45 5.68
C VAL A 43 -10.03 5.89 5.72
N ARG A 44 -10.75 6.00 6.84
CA ARG A 44 -12.16 5.60 6.93
C ARG A 44 -13.04 6.45 6.02
N SER A 45 -12.59 7.63 5.61
CA SER A 45 -13.33 8.54 4.75
C SER A 45 -12.90 8.38 3.29
N PHE A 46 -12.06 7.39 2.98
CA PHE A 46 -11.42 7.27 1.68
C PHE A 46 -11.42 5.84 1.17
N LEU A 47 -10.89 4.86 1.90
CA LEU A 47 -10.82 3.48 1.38
C LEU A 47 -12.21 2.93 1.03
N PRO A 48 -13.31 3.21 1.78
CA PRO A 48 -14.64 2.80 1.38
C PRO A 48 -15.18 3.43 0.08
N GLU A 49 -14.53 4.46 -0.50
CA GLU A 49 -15.06 5.17 -1.66
C GLU A 49 -14.05 5.27 -2.81
N ALA A 50 -12.76 5.09 -2.54
CA ALA A 50 -11.68 5.16 -3.51
C ALA A 50 -11.79 4.02 -4.54
N PRO A 51 -11.36 4.22 -5.80
CA PRO A 51 -11.50 3.27 -6.90
C PRO A 51 -10.42 2.16 -6.84
N LEU A 52 -10.25 1.59 -5.66
CA LEU A 52 -9.19 0.66 -5.31
C LEU A 52 -9.33 -0.67 -6.05
N TRP A 53 -8.24 -1.43 -6.01
CA TRP A 53 -8.15 -2.82 -6.39
C TRP A 53 -7.83 -3.59 -5.12
N VAL A 54 -8.31 -4.82 -4.99
CA VAL A 54 -8.07 -5.66 -3.84
C VAL A 54 -7.60 -7.04 -4.28
N ALA A 55 -6.62 -7.55 -3.55
CA ALA A 55 -6.20 -8.94 -3.65
C ALA A 55 -7.19 -9.69 -2.77
N VAL A 56 -7.79 -10.73 -3.31
CA VAL A 56 -8.77 -11.54 -2.61
C VAL A 56 -8.29 -12.98 -2.63
N ASN A 57 -8.50 -13.68 -1.53
CA ASN A 57 -8.29 -15.13 -1.48
C ASN A 57 -9.55 -15.83 -2.02
N GLU A 58 -9.54 -17.16 -2.04
CA GLU A 58 -10.59 -18.01 -2.61
C GLU A 58 -12.01 -17.69 -2.09
N ARG A 59 -12.13 -17.11 -0.89
CA ARG A 59 -13.40 -16.76 -0.26
C ARG A 59 -13.98 -15.45 -0.82
N ASP A 60 -13.30 -14.83 -1.79
CA ASP A 60 -13.59 -13.48 -2.28
C ASP A 60 -13.67 -12.51 -1.10
N GLN A 61 -12.56 -12.52 -0.36
CA GLN A 61 -12.34 -11.90 0.92
C GLN A 61 -11.07 -11.09 0.73
N PRO A 62 -11.09 -9.75 0.89
CA PRO A 62 -9.91 -8.93 0.70
C PRO A 62 -8.84 -9.30 1.72
N VAL A 63 -7.60 -9.35 1.24
CA VAL A 63 -6.41 -9.56 2.06
C VAL A 63 -5.32 -8.51 1.80
N GLY A 64 -5.47 -7.66 0.78
CA GLY A 64 -4.63 -6.49 0.52
C GLY A 64 -5.31 -5.60 -0.51
N PHE A 65 -4.81 -4.38 -0.70
CA PHE A 65 -5.32 -3.44 -1.67
C PHE A 65 -4.20 -2.64 -2.34
N MET A 66 -4.49 -2.14 -3.53
CA MET A 66 -3.58 -1.46 -4.44
C MET A 66 -4.39 -0.31 -5.08
N LEU A 67 -3.79 0.86 -5.22
CA LEU A 67 -4.37 2.02 -5.90
C LEU A 67 -3.36 2.40 -6.96
N LEU A 68 -3.76 2.35 -8.23
CA LEU A 68 -2.93 2.76 -9.36
C LEU A 68 -3.80 3.47 -10.37
N SER A 69 -3.31 4.60 -10.87
CA SER A 69 -3.81 5.36 -11.99
C SER A 69 -2.63 6.23 -12.46
N GLY A 70 -2.60 6.66 -13.73
CA GLY A 70 -1.57 7.55 -14.25
C GLY A 70 -0.14 7.03 -14.05
N GLN A 71 0.06 5.71 -14.14
CA GLN A 71 1.33 5.02 -13.92
C GLN A 71 1.94 5.25 -12.51
N HIS A 72 1.12 5.63 -11.52
CA HIS A 72 1.56 5.85 -10.16
C HIS A 72 0.73 5.01 -9.20
N MET A 73 1.35 4.03 -8.54
CA MET A 73 0.73 3.22 -7.50
C MET A 73 0.77 4.05 -6.21
N ASP A 74 -0.25 4.88 -6.02
CA ASP A 74 -0.33 5.79 -4.88
C ASP A 74 -0.39 5.07 -3.53
N ALA A 75 -0.92 3.84 -3.50
CA ALA A 75 -1.13 3.07 -2.29
C ALA A 75 -0.95 1.58 -2.56
N LEU A 76 -0.40 0.88 -1.57
CA LEU A 76 -0.29 -0.58 -1.53
C LEU A 76 -0.16 -0.97 -0.05
N PHE A 77 -1.12 -1.73 0.49
CA PHE A 77 -1.13 -2.18 1.87
C PHE A 77 -1.76 -3.58 1.90
N ILE A 78 -1.25 -4.47 2.74
CA ILE A 78 -1.61 -5.90 2.73
C ILE A 78 -1.50 -6.39 4.15
N ASP A 79 -2.40 -7.30 4.50
CA ASP A 79 -2.47 -7.88 5.83
C ASP A 79 -1.18 -8.66 6.09
N PRO A 80 -0.45 -8.39 7.18
CA PRO A 80 0.77 -9.12 7.55
C PRO A 80 0.67 -10.65 7.46
N ASP A 81 -0.52 -11.23 7.69
CA ASP A 81 -0.73 -12.68 7.68
C ASP A 81 -0.47 -13.31 6.30
N VAL A 82 -0.60 -12.55 5.20
CA VAL A 82 -0.48 -13.09 3.85
C VAL A 82 0.77 -12.56 3.11
N ARG A 83 1.54 -11.65 3.72
CA ARG A 83 2.75 -11.13 3.08
C ARG A 83 3.75 -12.25 2.78
N GLY A 84 3.84 -13.26 3.67
CA GLY A 84 4.67 -14.44 3.46
C GLY A 84 4.22 -15.28 2.25
N CYS A 85 2.93 -15.21 1.87
CA CYS A 85 2.39 -15.89 0.70
C CYS A 85 2.73 -15.17 -0.62
N GLY A 86 3.37 -14.00 -0.56
CA GLY A 86 3.87 -13.29 -1.74
C GLY A 86 2.85 -12.36 -2.36
N VAL A 87 1.74 -12.04 -1.68
CA VAL A 87 0.71 -11.15 -2.20
C VAL A 87 1.30 -9.77 -2.56
N GLY A 88 2.34 -9.33 -1.85
CA GLY A 88 3.12 -8.15 -2.21
C GLY A 88 3.60 -8.18 -3.66
N ARG A 89 4.21 -9.29 -4.10
CA ARG A 89 4.59 -9.43 -5.49
C ARG A 89 3.34 -9.44 -6.36
N VAL A 90 2.31 -10.21 -6.02
CA VAL A 90 1.12 -10.32 -6.87
C VAL A 90 0.55 -8.93 -7.16
N LEU A 91 0.37 -8.09 -6.14
CA LEU A 91 -0.28 -6.81 -6.34
C LEU A 91 0.61 -5.86 -7.14
N VAL A 92 1.93 -5.87 -6.92
CA VAL A 92 2.84 -5.08 -7.74
C VAL A 92 2.83 -5.59 -9.18
N GLU A 93 2.79 -6.91 -9.41
CA GLU A 93 2.74 -7.46 -10.76
C GLU A 93 1.43 -7.04 -11.44
N HIS A 94 0.33 -6.95 -10.70
CA HIS A 94 -0.95 -6.45 -11.22
C HIS A 94 -0.81 -5.00 -11.67
N ALA A 95 -0.22 -4.18 -10.81
CA ALA A 95 0.03 -2.77 -11.08
C ALA A 95 0.95 -2.61 -12.30
N LEU A 96 2.07 -3.33 -12.34
CA LEU A 96 3.02 -3.32 -13.45
C LEU A 96 2.36 -3.76 -14.76
N SER A 97 1.39 -4.69 -14.71
CA SER A 97 0.68 -5.14 -15.89
C SER A 97 -0.08 -4.00 -16.57
N MET A 98 -0.62 -3.05 -15.78
CA MET A 98 -1.31 -1.88 -16.33
C MET A 98 -0.36 -0.74 -16.64
N ALA A 99 0.79 -0.67 -15.96
CA ALA A 99 1.75 0.43 -16.03
C ALA A 99 3.17 -0.14 -16.01
N PRO A 100 3.84 -0.38 -17.15
CA PRO A 100 5.22 -0.85 -17.13
C PRO A 100 6.19 0.19 -16.57
N GLU A 101 5.82 1.48 -16.63
CA GLU A 101 6.66 2.62 -16.26
C GLU A 101 6.31 3.10 -14.84
N LEU A 102 5.86 2.16 -14.01
CA LEU A 102 5.28 2.35 -12.70
C LEU A 102 6.17 3.18 -11.78
N THR A 103 5.51 3.95 -10.92
CA THR A 103 6.11 4.69 -9.82
C THR A 103 5.30 4.42 -8.56
N THR A 104 5.88 4.69 -7.38
CA THR A 104 5.16 4.59 -6.12
C THR A 104 5.81 5.48 -5.06
N ASN A 105 5.27 5.45 -3.84
CA ASN A 105 5.72 6.21 -2.69
C ASN A 105 5.73 5.28 -1.47
N VAL A 106 6.53 5.62 -0.46
CA VAL A 106 6.58 4.90 0.81
C VAL A 106 7.09 5.87 1.89
N ASN A 107 6.60 5.76 3.12
CA ASN A 107 7.14 6.55 4.23
C ASN A 107 8.50 5.98 4.60
N GLU A 108 9.51 6.84 4.75
CA GLU A 108 10.91 6.42 4.95
C GLU A 108 11.08 5.53 6.19
N GLN A 109 10.25 5.72 7.23
CA GLN A 109 10.36 4.95 8.46
C GLN A 109 10.06 3.47 8.25
N ASN A 110 9.24 3.12 7.24
CA ASN A 110 8.93 1.73 6.92
C ASN A 110 10.07 1.12 6.11
N GLU A 111 11.22 0.94 6.76
CA GLU A 111 12.41 0.33 6.17
C GLU A 111 12.11 -1.06 5.62
N GLN A 112 11.12 -1.77 6.16
CA GLN A 112 10.73 -3.08 5.69
C GLN A 112 10.17 -2.99 4.26
N ALA A 113 9.22 -2.08 4.03
CA ALA A 113 8.64 -1.86 2.73
C ALA A 113 9.66 -1.26 1.76
N VAL A 114 10.52 -0.36 2.23
CA VAL A 114 11.62 0.15 1.40
C VAL A 114 12.46 -1.04 0.91
N GLY A 115 12.85 -1.95 1.82
CA GLY A 115 13.63 -3.12 1.47
C GLY A 115 12.88 -4.02 0.49
N PHE A 116 11.62 -4.32 0.77
CA PHE A 116 10.79 -5.15 -0.10
C PHE A 116 10.72 -4.56 -1.49
N TYR A 117 10.40 -3.27 -1.59
CA TYR A 117 10.19 -2.64 -2.88
C TYR A 117 11.51 -2.59 -3.66
N LYS A 118 12.66 -2.39 -2.99
CA LYS A 118 13.97 -2.52 -3.63
C LYS A 118 14.17 -3.91 -4.22
N LYS A 119 13.87 -4.98 -3.46
CA LYS A 119 14.01 -6.34 -3.97
C LYS A 119 13.15 -6.55 -5.21
N VAL A 120 11.93 -6.03 -5.18
CA VAL A 120 10.97 -6.15 -6.27
C VAL A 120 11.49 -5.45 -7.52
N GLY A 121 12.11 -4.28 -7.37
CA GLY A 121 12.84 -3.61 -8.44
C GLY A 121 12.70 -2.09 -8.46
N PHE A 122 12.07 -1.48 -7.45
CA PHE A 122 11.96 -0.03 -7.39
C PHE A 122 13.31 0.61 -7.02
N LYS A 123 13.50 1.86 -7.46
CA LYS A 123 14.68 2.68 -7.21
C LYS A 123 14.17 4.11 -6.96
N VAL A 124 14.75 4.82 -6.00
CA VAL A 124 14.26 6.10 -5.52
C VAL A 124 14.51 7.18 -6.57
N THR A 125 13.51 8.01 -6.82
CA THR A 125 13.46 9.05 -7.82
C THR A 125 13.08 10.40 -7.19
N GLY A 126 12.68 10.44 -5.92
CA GLY A 126 12.50 11.67 -5.18
C GLY A 126 12.25 11.42 -3.70
N ARG A 127 12.10 12.49 -2.92
CA ARG A 127 11.67 12.43 -1.52
C ARG A 127 11.01 13.75 -1.14
N SER A 128 10.53 13.79 0.10
CA SER A 128 9.92 14.92 0.76
C SER A 128 10.30 14.81 2.23
N GLU A 129 10.76 15.89 2.85
CA GLU A 129 11.23 15.87 4.24
C GLU A 129 10.09 15.85 5.25
N VAL A 130 8.85 15.81 4.78
CA VAL A 130 7.64 15.57 5.56
C VAL A 130 6.82 14.51 4.81
N ASP A 131 5.76 13.99 5.43
CA ASP A 131 4.93 12.98 4.79
C ASP A 131 3.94 13.62 3.83
N ASP A 132 3.06 14.49 4.33
CA ASP A 132 2.20 15.33 3.50
C ASP A 132 1.67 16.56 4.22
N LEU A 133 1.13 16.38 5.44
CA LEU A 133 0.45 17.42 6.21
C LEU A 133 1.46 18.16 7.11
N GLY A 134 2.70 18.30 6.63
CA GLY A 134 3.82 18.81 7.40
C GLY A 134 4.28 17.84 8.50
N LYS A 135 3.85 16.57 8.45
CA LYS A 135 4.22 15.54 9.43
C LYS A 135 5.71 15.28 9.30
N PRO A 136 6.53 15.38 10.36
CA PRO A 136 7.99 15.34 10.27
C PRO A 136 8.54 13.90 10.08
N TYR A 137 7.93 13.13 9.17
CA TYR A 137 8.22 11.72 8.96
C TYR A 137 8.31 11.56 7.43
N PRO A 138 9.48 11.75 6.81
CA PRO A 138 9.65 11.84 5.36
C PRO A 138 8.91 10.81 4.50
N LEU A 139 8.51 11.24 3.30
CA LEU A 139 8.00 10.39 2.25
C LEU A 139 9.11 10.22 1.22
N LEU A 140 9.17 9.07 0.56
CA LEU A 140 10.07 8.80 -0.54
C LEU A 140 9.22 8.52 -1.77
N ASN A 141 9.75 8.81 -2.96
CA ASN A 141 9.14 8.51 -4.25
C ASN A 141 10.11 7.66 -5.04
N LEU A 142 9.61 6.65 -5.71
CA LEU A 142 10.39 5.62 -6.35
C LEU A 142 9.77 5.32 -7.72
N ALA A 143 10.56 4.73 -8.61
CA ALA A 143 10.15 4.27 -9.92
C ALA A 143 10.62 2.84 -10.09
N TYR A 144 9.88 2.04 -10.86
CA TYR A 144 10.31 0.68 -11.18
C TYR A 144 11.46 0.76 -12.18
N VAL A 145 12.58 0.13 -11.86
CA VAL A 145 13.80 0.12 -12.68
C VAL A 145 14.28 -1.33 -12.88
N GLY A 146 13.69 -2.31 -12.19
CA GLY A 146 14.21 -3.68 -12.14
C GLY A 146 15.56 -3.70 -11.40
N ALA A 147 15.67 -2.88 -10.34
CA ALA A 147 16.85 -2.78 -9.48
C ALA A 147 17.31 -4.17 -9.02
N MET A 1 -1.66 -20.50 -1.18
CA MET A 1 -3.04 -19.95 -1.22
C MET A 1 -3.29 -19.31 -2.58
N VAL A 2 -4.40 -19.65 -3.24
CA VAL A 2 -4.82 -19.03 -4.50
C VAL A 2 -5.06 -17.54 -4.25
N ILE A 3 -4.68 -16.69 -5.21
CA ILE A 3 -4.91 -15.24 -5.19
C ILE A 3 -5.38 -14.82 -6.58
N SER A 4 -6.25 -13.82 -6.61
CA SER A 4 -6.64 -13.09 -7.81
C SER A 4 -6.76 -11.63 -7.40
N ILE A 5 -6.80 -10.72 -8.37
CA ILE A 5 -6.93 -9.29 -8.12
C ILE A 5 -8.15 -8.80 -8.91
N ARG A 6 -8.91 -7.86 -8.35
CA ARG A 6 -10.03 -7.19 -9.02
C ARG A 6 -10.21 -5.80 -8.42
N ARG A 7 -11.06 -4.95 -9.01
CA ARG A 7 -11.44 -3.70 -8.37
C ARG A 7 -12.21 -4.01 -7.09
N SER A 8 -12.05 -3.15 -6.09
CA SER A 8 -12.71 -3.25 -4.81
C SER A 8 -14.17 -2.84 -4.87
N ARG A 9 -15.00 -3.44 -4.03
CA ARG A 9 -16.38 -3.00 -3.78
C ARG A 9 -16.33 -1.78 -2.86
N HIS A 10 -17.41 -1.01 -2.81
CA HIS A 10 -17.54 0.04 -1.81
C HIS A 10 -17.73 -0.58 -0.42
N GLU A 11 -18.63 -1.57 -0.30
CA GLU A 11 -19.07 -2.08 0.99
C GLU A 11 -17.97 -2.85 1.74
N GLU A 12 -17.02 -3.45 1.02
CA GLU A 12 -15.90 -4.16 1.62
C GLU A 12 -14.79 -3.20 2.06
N GLY A 13 -14.93 -1.89 1.82
CA GLY A 13 -13.92 -0.88 2.12
C GLY A 13 -13.46 -0.91 3.57
N GLU A 14 -14.35 -1.19 4.53
CA GLU A 14 -13.99 -1.23 5.95
C GLU A 14 -12.99 -2.35 6.26
N GLU A 15 -12.99 -3.44 5.48
CA GLU A 15 -11.97 -4.48 5.61
C GLU A 15 -10.61 -3.94 5.17
N LEU A 16 -10.61 -3.02 4.20
CA LEU A 16 -9.40 -2.44 3.66
C LEU A 16 -8.84 -1.43 4.65
N VAL A 17 -9.71 -0.67 5.33
CA VAL A 17 -9.34 0.18 6.45
C VAL A 17 -8.66 -0.70 7.52
N ALA A 18 -9.26 -1.85 7.85
CA ALA A 18 -8.71 -2.77 8.85
C ALA A 18 -7.35 -3.32 8.43
N ILE A 19 -7.18 -3.66 7.16
CA ILE A 19 -5.91 -4.16 6.60
C ILE A 19 -4.86 -3.05 6.67
N TRP A 20 -5.17 -1.84 6.19
CA TRP A 20 -4.30 -0.69 6.33
C TRP A 20 -3.88 -0.51 7.79
N CYS A 21 -4.83 -0.58 8.73
CA CYS A 21 -4.58 -0.32 10.14
C CYS A 21 -3.56 -1.32 10.68
N ARG A 22 -3.77 -2.63 10.45
CA ARG A 22 -2.82 -3.64 10.92
C ARG A 22 -1.49 -3.58 10.17
N SER A 23 -1.47 -3.17 8.91
CA SER A 23 -0.21 -2.96 8.18
C SER A 23 0.60 -1.86 8.87
N VAL A 24 -0.05 -0.75 9.20
CA VAL A 24 0.57 0.38 9.86
C VAL A 24 1.01 -0.02 11.27
N ASP A 25 0.19 -0.74 12.02
CA ASP A 25 0.56 -1.16 13.37
C ASP A 25 1.72 -2.16 13.37
N ALA A 26 1.85 -2.95 12.30
CA ALA A 26 2.89 -3.95 12.16
C ALA A 26 4.22 -3.37 11.65
N THR A 27 4.21 -2.33 10.81
CA THR A 27 5.44 -1.89 10.11
C THR A 27 5.66 -0.38 10.09
N HIS A 28 4.67 0.44 10.46
CA HIS A 28 4.77 1.89 10.54
C HIS A 28 4.51 2.34 11.99
N ASP A 29 4.73 1.48 12.99
CA ASP A 29 4.30 1.73 14.39
C ASP A 29 4.88 3.01 15.00
N PHE A 30 5.96 3.54 14.42
CA PHE A 30 6.57 4.83 14.75
C PHE A 30 5.54 5.97 14.67
N LEU A 31 4.52 5.82 13.82
CA LEU A 31 3.42 6.73 13.61
C LEU A 31 2.55 6.73 14.88
N SER A 32 2.66 7.79 15.66
CA SER A 32 2.04 7.99 16.97
C SER A 32 0.51 7.92 16.92
N ALA A 33 -0.11 7.62 18.07
CA ALA A 33 -1.54 7.35 18.19
C ALA A 33 -2.43 8.50 17.70
N GLU A 34 -2.00 9.76 17.86
CA GLU A 34 -2.77 10.92 17.40
C GLU A 34 -2.88 10.89 15.88
N TYR A 35 -1.75 10.72 15.19
CA TYR A 35 -1.74 10.56 13.74
C TYR A 35 -2.46 9.27 13.35
N ARG A 36 -2.31 8.19 14.11
CA ARG A 36 -2.95 6.90 13.83
C ARG A 36 -4.46 7.09 13.74
N THR A 37 -5.05 7.80 14.70
CA THR A 37 -6.46 8.04 14.79
C THR A 37 -6.95 8.87 13.61
N GLU A 38 -6.29 9.99 13.32
CA GLU A 38 -6.74 10.90 12.26
C GLU A 38 -6.55 10.27 10.88
N LEU A 39 -5.46 9.50 10.69
CA LEU A 39 -5.26 8.76 9.47
C LEU A 39 -6.36 7.72 9.32
N GLU A 40 -6.64 6.90 10.33
CA GLU A 40 -7.66 5.85 10.24
C GLU A 40 -9.00 6.45 9.83
N ASP A 41 -9.34 7.62 10.34
CA ASP A 41 -10.60 8.26 10.02
C ASP A 41 -10.66 8.75 8.58
N LEU A 42 -9.59 9.38 8.09
CA LEU A 42 -9.56 9.88 6.72
C LEU A 42 -9.45 8.72 5.72
N VAL A 43 -8.72 7.67 6.09
CA VAL A 43 -8.62 6.40 5.36
C VAL A 43 -10.02 5.79 5.26
N ARG A 44 -10.78 5.72 6.35
CA ARG A 44 -12.16 5.24 6.33
C ARG A 44 -13.11 6.19 5.60
N SER A 45 -12.68 7.41 5.31
CA SER A 45 -13.43 8.36 4.50
C SER A 45 -12.98 8.30 3.03
N PHE A 46 -12.09 7.35 2.68
CA PHE A 46 -11.43 7.32 1.38
C PHE A 46 -11.38 5.92 0.78
N LEU A 47 -10.86 4.90 1.46
CA LEU A 47 -10.76 3.55 0.88
C LEU A 47 -12.12 3.00 0.45
N PRO A 48 -13.23 3.19 1.19
CA PRO A 48 -14.55 2.78 0.73
C PRO A 48 -15.04 3.48 -0.55
N GLU A 49 -14.40 4.56 -1.04
CA GLU A 49 -14.88 5.31 -2.19
C GLU A 49 -13.82 5.37 -3.31
N ALA A 50 -12.55 5.14 -2.97
CA ALA A 50 -11.44 5.13 -3.92
C ALA A 50 -11.57 3.96 -4.91
N PRO A 51 -11.09 4.11 -6.16
CA PRO A 51 -11.20 3.10 -7.22
C PRO A 51 -10.14 2.01 -7.08
N LEU A 52 -9.99 1.46 -5.87
CA LEU A 52 -8.95 0.54 -5.48
C LEU A 52 -9.04 -0.80 -6.24
N TRP A 53 -7.98 -1.56 -6.07
CA TRP A 53 -7.87 -2.95 -6.48
C TRP A 53 -7.56 -3.75 -5.21
N VAL A 54 -8.08 -4.96 -5.10
CA VAL A 54 -7.89 -5.83 -3.96
C VAL A 54 -7.36 -7.19 -4.39
N ALA A 55 -6.41 -7.70 -3.62
CA ALA A 55 -5.96 -9.06 -3.72
C ALA A 55 -6.98 -9.84 -2.88
N VAL A 56 -7.53 -10.88 -3.45
CA VAL A 56 -8.53 -11.72 -2.80
C VAL A 56 -8.04 -13.16 -2.86
N ASN A 57 -8.33 -13.91 -1.81
CA ASN A 57 -8.11 -15.35 -1.80
C ASN A 57 -9.26 -16.06 -2.52
N GLU A 58 -9.27 -17.39 -2.51
CA GLU A 58 -10.28 -18.23 -3.15
C GLU A 58 -11.72 -17.94 -2.64
N ARG A 59 -11.87 -17.37 -1.43
CA ARG A 59 -13.16 -17.05 -0.83
C ARG A 59 -13.68 -15.68 -1.28
N ASP A 60 -12.99 -15.02 -2.24
CA ASP A 60 -13.24 -13.63 -2.62
C ASP A 60 -13.19 -12.72 -1.39
N GLN A 61 -12.21 -12.98 -0.52
CA GLN A 61 -12.05 -12.34 0.77
C GLN A 61 -10.81 -11.45 0.62
N PRO A 62 -10.91 -10.12 0.81
CA PRO A 62 -9.77 -9.22 0.61
C PRO A 62 -8.67 -9.54 1.62
N VAL A 63 -7.45 -9.68 1.11
CA VAL A 63 -6.24 -9.92 1.92
C VAL A 63 -5.22 -8.78 1.77
N GLY A 64 -5.37 -7.94 0.75
CA GLY A 64 -4.58 -6.73 0.57
C GLY A 64 -5.22 -5.87 -0.50
N PHE A 65 -4.73 -4.65 -0.69
CA PHE A 65 -5.21 -3.74 -1.72
C PHE A 65 -4.09 -2.87 -2.25
N MET A 66 -4.30 -2.27 -3.43
CA MET A 66 -3.45 -1.23 -4.00
C MET A 66 -4.32 -0.16 -4.67
N LEU A 67 -3.77 1.04 -4.86
CA LEU A 67 -4.36 2.10 -5.67
C LEU A 67 -3.36 2.34 -6.77
N LEU A 68 -3.79 2.32 -8.03
CA LEU A 68 -2.99 2.74 -9.17
C LEU A 68 -3.91 3.44 -10.16
N SER A 69 -3.46 4.60 -10.62
CA SER A 69 -4.02 5.36 -11.71
C SER A 69 -2.82 5.97 -12.46
N GLY A 70 -2.97 6.27 -13.75
CA GLY A 70 -1.84 6.65 -14.59
C GLY A 70 -0.77 5.55 -14.51
N GLN A 71 0.43 5.90 -14.01
CA GLN A 71 1.51 4.96 -13.73
C GLN A 71 2.04 5.16 -12.30
N HIS A 72 1.19 5.59 -11.35
CA HIS A 72 1.59 5.81 -9.96
C HIS A 72 0.71 4.97 -9.04
N MET A 73 1.30 3.95 -8.42
CA MET A 73 0.66 3.12 -7.42
C MET A 73 0.84 3.81 -6.07
N ASP A 74 -0.06 4.72 -5.71
CA ASP A 74 0.06 5.54 -4.50
C ASP A 74 0.04 4.71 -3.21
N ALA A 75 -0.64 3.57 -3.21
CA ALA A 75 -0.92 2.77 -2.01
C ALA A 75 -0.78 1.30 -2.32
N LEU A 76 -0.29 0.54 -1.34
CA LEU A 76 -0.17 -0.91 -1.35
C LEU A 76 -0.09 -1.33 0.12
N PHE A 77 -1.07 -2.10 0.61
CA PHE A 77 -1.16 -2.55 2.00
C PHE A 77 -1.78 -3.94 2.01
N ILE A 78 -1.33 -4.83 2.89
CA ILE A 78 -1.70 -6.25 2.90
C ILE A 78 -1.64 -6.71 4.34
N ASP A 79 -2.55 -7.62 4.69
CA ASP A 79 -2.61 -8.21 6.01
C ASP A 79 -1.28 -8.93 6.26
N PRO A 80 -0.52 -8.59 7.31
CA PRO A 80 0.84 -9.07 7.49
C PRO A 80 0.93 -10.59 7.73
N ASP A 81 -0.17 -11.28 8.09
CA ASP A 81 -0.18 -12.73 8.24
C ASP A 81 -0.02 -13.44 6.89
N VAL A 82 -0.37 -12.78 5.78
CA VAL A 82 -0.34 -13.35 4.43
C VAL A 82 0.48 -12.49 3.46
N ARG A 83 0.89 -11.28 3.85
CA ARG A 83 1.86 -10.46 3.11
C ARG A 83 3.11 -11.28 2.77
N GLY A 84 3.61 -12.05 3.73
CA GLY A 84 4.79 -12.89 3.57
C GLY A 84 4.61 -14.04 2.57
N CYS A 85 3.37 -14.41 2.23
CA CYS A 85 3.10 -15.44 1.22
C CYS A 85 3.41 -14.96 -0.20
N GLY A 86 3.69 -13.66 -0.40
CA GLY A 86 4.11 -13.10 -1.67
C GLY A 86 3.02 -12.29 -2.36
N VAL A 87 1.89 -12.02 -1.70
CA VAL A 87 0.81 -11.21 -2.25
C VAL A 87 1.32 -9.84 -2.70
N GLY A 88 2.34 -9.30 -2.02
CA GLY A 88 3.04 -8.09 -2.45
C GLY A 88 3.46 -8.16 -3.91
N ARG A 89 4.14 -9.23 -4.32
CA ARG A 89 4.52 -9.38 -5.73
C ARG A 89 3.27 -9.47 -6.59
N VAL A 90 2.23 -10.19 -6.20
CA VAL A 90 1.03 -10.32 -7.05
C VAL A 90 0.44 -8.93 -7.30
N LEU A 91 0.30 -8.10 -6.26
CA LEU A 91 -0.30 -6.78 -6.39
C LEU A 91 0.62 -5.84 -7.19
N VAL A 92 1.94 -5.90 -6.98
CA VAL A 92 2.91 -5.13 -7.76
C VAL A 92 2.86 -5.56 -9.22
N GLU A 93 2.75 -6.86 -9.52
CA GLU A 93 2.67 -7.36 -10.88
C GLU A 93 1.38 -6.90 -11.53
N HIS A 94 0.28 -6.80 -10.78
CA HIS A 94 -0.98 -6.27 -11.28
C HIS A 94 -0.81 -4.83 -11.72
N ALA A 95 -0.13 -4.03 -10.89
CA ALA A 95 0.16 -2.65 -11.19
C ALA A 95 1.07 -2.53 -12.42
N LEU A 96 2.17 -3.30 -12.46
CA LEU A 96 3.12 -3.32 -13.57
C LEU A 96 2.43 -3.73 -14.88
N SER A 97 1.42 -4.60 -14.82
CA SER A 97 0.68 -5.03 -16.00
C SER A 97 -0.05 -3.86 -16.66
N MET A 98 -0.56 -2.91 -15.87
CA MET A 98 -1.24 -1.73 -16.41
C MET A 98 -0.27 -0.57 -16.68
N ALA A 99 0.89 -0.57 -16.01
CA ALA A 99 1.83 0.53 -15.98
C ALA A 99 3.25 -0.02 -16.04
N PRO A 100 3.86 -0.22 -17.22
CA PRO A 100 5.21 -0.79 -17.29
C PRO A 100 6.27 0.13 -16.68
N GLU A 101 6.00 1.44 -16.58
CA GLU A 101 6.92 2.46 -16.11
C GLU A 101 6.53 2.91 -14.69
N LEU A 102 5.98 1.98 -13.92
CA LEU A 102 5.36 2.16 -12.62
C LEU A 102 6.22 2.96 -11.66
N THR A 103 5.55 3.76 -10.84
CA THR A 103 6.11 4.45 -9.71
C THR A 103 5.25 4.18 -8.48
N THR A 104 5.78 4.42 -7.29
CA THR A 104 5.05 4.29 -6.05
C THR A 104 5.66 5.21 -5.01
N ASN A 105 5.19 5.12 -3.77
CA ASN A 105 5.73 5.86 -2.65
C ASN A 105 5.56 5.07 -1.36
N VAL A 106 6.33 5.44 -0.35
CA VAL A 106 6.30 4.85 1.00
C VAL A 106 6.83 5.90 1.97
N ASN A 107 6.36 5.89 3.21
CA ASN A 107 6.91 6.80 4.23
C ASN A 107 8.24 6.24 4.72
N GLU A 108 9.24 7.11 4.87
CA GLU A 108 10.60 6.76 5.30
C GLU A 108 10.61 6.06 6.67
N GLN A 109 9.61 6.30 7.53
CA GLN A 109 9.47 5.61 8.82
C GLN A 109 9.62 4.10 8.65
N ASN A 110 8.91 3.53 7.67
CA ASN A 110 8.86 2.11 7.38
C ASN A 110 10.02 1.70 6.49
N GLU A 111 11.24 1.80 7.02
CA GLU A 111 12.47 1.37 6.34
C GLU A 111 12.37 -0.09 5.89
N GLN A 112 11.61 -0.91 6.61
CA GLN A 112 11.39 -2.32 6.27
C GLN A 112 10.72 -2.42 4.90
N ALA A 113 9.70 -1.60 4.65
CA ALA A 113 9.02 -1.53 3.37
C ALA A 113 9.89 -0.91 2.29
N VAL A 114 10.76 0.06 2.62
CA VAL A 114 11.74 0.57 1.66
C VAL A 114 12.59 -0.62 1.15
N GLY A 115 13.04 -1.49 2.07
CA GLY A 115 13.75 -2.71 1.73
C GLY A 115 12.86 -3.64 0.89
N PHE A 116 11.63 -3.92 1.34
CA PHE A 116 10.70 -4.82 0.65
C PHE A 116 10.52 -4.40 -0.80
N TYR A 117 10.22 -3.12 -1.04
CA TYR A 117 9.93 -2.63 -2.37
C TYR A 117 11.17 -2.76 -3.26
N LYS A 118 12.37 -2.51 -2.72
CA LYS A 118 13.61 -2.74 -3.46
C LYS A 118 13.81 -4.21 -3.80
N LYS A 119 13.37 -5.18 -2.97
CA LYS A 119 13.44 -6.59 -3.33
C LYS A 119 12.62 -6.86 -4.60
N VAL A 120 11.45 -6.25 -4.73
CA VAL A 120 10.59 -6.45 -5.88
C VAL A 120 11.23 -5.84 -7.13
N GLY A 121 11.87 -4.68 -6.96
CA GLY A 121 12.69 -4.04 -7.97
C GLY A 121 12.53 -2.52 -8.04
N PHE A 122 11.83 -1.90 -7.10
CA PHE A 122 11.75 -0.44 -7.04
C PHE A 122 13.10 0.17 -6.65
N LYS A 123 13.29 1.45 -6.96
CA LYS A 123 14.47 2.25 -6.61
C LYS A 123 13.96 3.68 -6.38
N VAL A 124 14.50 4.38 -5.38
CA VAL A 124 14.03 5.71 -4.97
C VAL A 124 14.43 6.73 -6.02
N THR A 125 13.46 7.52 -6.46
CA THR A 125 13.56 8.49 -7.52
C THR A 125 13.15 9.90 -7.06
N GLY A 126 12.62 10.05 -5.84
CA GLY A 126 12.37 11.36 -5.27
C GLY A 126 12.08 11.31 -3.78
N ARG A 127 11.98 12.48 -3.16
CA ARG A 127 11.72 12.65 -1.75
C ARG A 127 10.80 13.84 -1.50
N SER A 128 10.20 13.82 -0.33
CA SER A 128 9.44 14.91 0.25
C SER A 128 9.85 14.98 1.71
N GLU A 129 10.26 16.16 2.20
CA GLU A 129 10.84 16.33 3.54
C GLU A 129 9.81 16.14 4.66
N VAL A 130 8.53 16.01 4.31
CA VAL A 130 7.40 15.75 5.20
C VAL A 130 6.53 14.70 4.50
N ASP A 131 5.51 14.21 5.20
CA ASP A 131 4.62 13.20 4.66
C ASP A 131 3.50 13.83 3.84
N ASP A 132 2.74 14.74 4.46
CA ASP A 132 1.68 15.51 3.81
C ASP A 132 1.23 16.72 4.64
N LEU A 133 1.03 16.53 5.95
CA LEU A 133 0.46 17.55 6.85
C LEU A 133 1.51 18.55 7.32
N GLY A 134 2.79 18.33 6.95
CA GLY A 134 3.93 19.07 7.48
C GLY A 134 4.63 18.29 8.59
N LYS A 135 4.05 17.17 9.05
CA LYS A 135 4.67 16.26 10.01
C LYS A 135 6.01 15.76 9.46
N PRO A 136 7.10 15.78 10.25
CA PRO A 136 8.47 15.54 9.77
C PRO A 136 8.74 14.03 9.59
N TYR A 137 7.92 13.34 8.79
CA TYR A 137 8.06 11.92 8.49
C TYR A 137 8.17 11.84 6.96
N PRO A 138 9.36 11.96 6.36
CA PRO A 138 9.47 12.08 4.91
C PRO A 138 8.72 11.04 4.09
N LEU A 139 8.25 11.43 2.90
CA LEU A 139 7.72 10.50 1.90
C LEU A 139 8.87 10.24 0.95
N LEU A 140 8.97 9.01 0.46
CA LEU A 140 9.95 8.64 -0.57
C LEU A 140 9.13 8.28 -1.79
N ASN A 141 9.52 8.77 -2.97
CA ASN A 141 8.95 8.36 -4.24
C ASN A 141 9.95 7.41 -4.89
N LEU A 142 9.43 6.36 -5.51
CA LEU A 142 10.22 5.29 -6.09
C LEU A 142 9.66 5.00 -7.48
N ALA A 143 10.48 4.36 -8.32
CA ALA A 143 10.12 3.91 -9.65
C ALA A 143 10.60 2.48 -9.80
N TYR A 144 9.92 1.70 -10.64
CA TYR A 144 10.34 0.34 -10.91
C TYR A 144 11.55 0.39 -11.85
N VAL A 145 12.65 -0.26 -11.44
CA VAL A 145 13.92 -0.27 -12.17
C VAL A 145 14.41 -1.72 -12.35
N GLY A 146 13.77 -2.70 -11.70
CA GLY A 146 14.28 -4.07 -11.64
C GLY A 146 15.56 -4.12 -10.81
N ALA A 147 15.63 -3.32 -9.74
CA ALA A 147 16.76 -3.26 -8.82
C ALA A 147 17.16 -4.66 -8.34
N MET A 1 -2.73 -21.12 -1.60
CA MET A 1 -4.03 -20.38 -1.54
C MET A 1 -4.23 -19.61 -2.85
N VAL A 2 -5.40 -19.78 -3.48
CA VAL A 2 -5.77 -19.04 -4.70
C VAL A 2 -5.81 -17.54 -4.38
N ILE A 3 -5.38 -16.70 -5.33
CA ILE A 3 -5.46 -15.26 -5.28
C ILE A 3 -5.98 -14.78 -6.63
N SER A 4 -6.79 -13.72 -6.59
CA SER A 4 -7.20 -12.96 -7.77
C SER A 4 -7.25 -11.49 -7.35
N ILE A 5 -7.33 -10.58 -8.32
CA ILE A 5 -7.42 -9.15 -8.06
C ILE A 5 -8.68 -8.63 -8.78
N ARG A 6 -9.41 -7.70 -8.18
CA ARG A 6 -10.56 -7.01 -8.79
C ARG A 6 -10.73 -5.64 -8.17
N ARG A 7 -11.61 -4.79 -8.70
CA ARG A 7 -11.97 -3.54 -8.03
C ARG A 7 -12.67 -3.88 -6.71
N SER A 8 -12.48 -3.01 -5.74
CA SER A 8 -13.06 -3.13 -4.42
C SER A 8 -14.56 -2.84 -4.42
N ARG A 9 -15.29 -3.50 -3.52
CA ARG A 9 -16.69 -3.19 -3.22
C ARG A 9 -16.69 -2.01 -2.25
N HIS A 10 -17.80 -1.28 -2.17
CA HIS A 10 -17.96 -0.20 -1.19
C HIS A 10 -17.98 -0.78 0.23
N GLU A 11 -18.80 -1.81 0.46
CA GLU A 11 -19.09 -2.32 1.80
C GLU A 11 -17.89 -3.00 2.46
N GLU A 12 -16.96 -3.56 1.67
CA GLU A 12 -15.77 -4.20 2.20
C GLU A 12 -14.69 -3.19 2.58
N GLY A 13 -14.93 -1.88 2.36
CA GLY A 13 -13.98 -0.81 2.66
C GLY A 13 -13.41 -0.89 4.08
N GLU A 14 -14.23 -1.23 5.07
CA GLU A 14 -13.79 -1.28 6.47
C GLU A 14 -12.77 -2.41 6.70
N GLU A 15 -12.80 -3.48 5.90
CA GLU A 15 -11.76 -4.50 5.95
C GLU A 15 -10.44 -3.93 5.43
N LEU A 16 -10.50 -2.99 4.49
CA LEU A 16 -9.31 -2.37 3.91
C LEU A 16 -8.71 -1.38 4.90
N VAL A 17 -9.56 -0.64 5.62
CA VAL A 17 -9.16 0.19 6.75
C VAL A 17 -8.46 -0.69 7.79
N ALA A 18 -9.03 -1.86 8.11
CA ALA A 18 -8.46 -2.79 9.08
C ALA A 18 -7.08 -3.29 8.61
N ILE A 19 -6.97 -3.71 7.35
CA ILE A 19 -5.72 -4.17 6.74
C ILE A 19 -4.67 -3.08 6.85
N TRP A 20 -5.00 -1.87 6.41
CA TRP A 20 -4.12 -0.71 6.51
C TRP A 20 -3.65 -0.53 7.96
N CYS A 21 -4.58 -0.56 8.92
CA CYS A 21 -4.27 -0.30 10.32
C CYS A 21 -3.26 -1.31 10.85
N ARG A 22 -3.49 -2.61 10.65
CA ARG A 22 -2.55 -3.63 11.12
C ARG A 22 -1.22 -3.59 10.36
N SER A 23 -1.22 -3.25 9.07
CA SER A 23 0.02 -3.13 8.31
C SER A 23 0.88 -2.00 8.89
N VAL A 24 0.24 -0.85 9.15
CA VAL A 24 0.90 0.33 9.68
C VAL A 24 1.38 0.03 11.10
N ASP A 25 0.58 -0.60 11.96
CA ASP A 25 1.03 -0.90 13.31
C ASP A 25 2.19 -1.90 13.32
N ALA A 26 2.21 -2.83 12.36
CA ALA A 26 3.24 -3.85 12.23
C ALA A 26 4.57 -3.31 11.69
N THR A 27 4.56 -2.25 10.87
CA THR A 27 5.76 -1.84 10.14
C THR A 27 6.07 -0.32 10.16
N HIS A 28 5.20 0.51 10.72
CA HIS A 28 5.37 1.96 10.87
C HIS A 28 5.29 2.31 12.37
N ASP A 29 5.93 1.52 13.24
CA ASP A 29 5.82 1.66 14.69
C ASP A 29 6.15 3.09 15.18
N PHE A 30 7.05 3.79 14.49
CA PHE A 30 7.47 5.16 14.80
C PHE A 30 6.33 6.18 14.61
N LEU A 31 5.31 5.87 13.81
CA LEU A 31 4.22 6.76 13.47
C LEU A 31 3.35 6.96 14.71
N SER A 32 3.33 8.19 15.22
CA SER A 32 2.75 8.54 16.50
C SER A 32 1.25 8.24 16.55
N ALA A 33 0.74 7.90 17.75
CA ALA A 33 -0.65 7.49 17.93
C ALA A 33 -1.64 8.59 17.54
N GLU A 34 -1.28 9.86 17.75
CA GLU A 34 -2.13 10.98 17.37
C GLU A 34 -2.29 11.01 15.85
N TYR A 35 -1.18 10.91 15.11
CA TYR A 35 -1.24 10.90 13.65
C TYR A 35 -1.90 9.61 13.16
N ARG A 36 -1.67 8.48 13.83
CA ARG A 36 -2.31 7.20 13.54
C ARG A 36 -3.83 7.35 13.57
N THR A 37 -4.35 8.03 14.59
CA THR A 37 -5.78 8.24 14.78
C THR A 37 -6.35 9.09 13.64
N GLU A 38 -5.71 10.23 13.34
CA GLU A 38 -6.21 11.13 12.31
C GLU A 38 -6.11 10.49 10.92
N LEU A 39 -5.06 9.70 10.68
CA LEU A 39 -4.92 8.90 9.48
C LEU A 39 -6.06 7.90 9.40
N GLU A 40 -6.30 7.10 10.45
CA GLU A 40 -7.31 6.04 10.42
C GLU A 40 -8.68 6.62 10.07
N ASP A 41 -9.02 7.81 10.57
CA ASP A 41 -10.27 8.49 10.24
C ASP A 41 -10.34 8.88 8.78
N LEU A 42 -9.29 9.51 8.24
CA LEU A 42 -9.30 9.98 6.86
C LEU A 42 -9.24 8.80 5.89
N VAL A 43 -8.50 7.75 6.26
CA VAL A 43 -8.43 6.47 5.57
C VAL A 43 -9.83 5.84 5.54
N ARG A 44 -10.54 5.81 6.66
CA ARG A 44 -11.92 5.31 6.71
C ARG A 44 -12.91 6.24 6.00
N SER A 45 -12.49 7.45 5.64
CA SER A 45 -13.27 8.37 4.83
C SER A 45 -12.88 8.27 3.35
N PHE A 46 -12.00 7.32 2.99
CA PHE A 46 -11.40 7.25 1.67
C PHE A 46 -11.36 5.84 1.11
N LEU A 47 -10.77 4.85 1.79
CA LEU A 47 -10.68 3.48 1.24
C LEU A 47 -12.05 2.90 0.87
N PRO A 48 -13.15 3.12 1.62
CA PRO A 48 -14.47 2.68 1.21
C PRO A 48 -14.98 3.28 -0.11
N GLU A 49 -14.39 4.34 -0.65
CA GLU A 49 -14.92 5.03 -1.84
C GLU A 49 -13.85 5.22 -2.94
N ALA A 50 -12.57 5.03 -2.61
CA ALA A 50 -11.44 5.17 -3.52
C ALA A 50 -11.50 4.12 -4.65
N PRO A 51 -10.94 4.41 -5.83
CA PRO A 51 -10.95 3.53 -7.00
C PRO A 51 -9.90 2.41 -6.90
N LEU A 52 -10.00 1.65 -5.81
CA LEU A 52 -9.02 0.64 -5.41
C LEU A 52 -9.23 -0.67 -6.13
N TRP A 53 -8.16 -1.45 -6.13
CA TRP A 53 -8.13 -2.84 -6.53
C TRP A 53 -7.75 -3.61 -5.28
N VAL A 54 -8.32 -4.78 -5.06
CA VAL A 54 -8.07 -5.62 -3.90
C VAL A 54 -7.64 -7.00 -4.35
N ALA A 55 -6.68 -7.55 -3.61
CA ALA A 55 -6.32 -8.95 -3.73
C ALA A 55 -7.34 -9.67 -2.88
N VAL A 56 -7.88 -10.75 -3.40
CA VAL A 56 -8.88 -11.54 -2.71
C VAL A 56 -8.43 -13.00 -2.74
N ASN A 57 -8.72 -13.71 -1.66
CA ASN A 57 -8.39 -15.11 -1.48
C ASN A 57 -9.46 -16.00 -2.11
N GLU A 58 -9.36 -17.31 -1.86
CA GLU A 58 -10.30 -18.38 -2.25
C GLU A 58 -11.70 -18.23 -1.61
N ARG A 59 -12.04 -17.10 -0.99
CA ARG A 59 -13.32 -16.79 -0.38
C ARG A 59 -13.88 -15.45 -0.89
N ASP A 60 -13.26 -14.84 -1.91
CA ASP A 60 -13.61 -13.49 -2.38
C ASP A 60 -13.66 -12.50 -1.21
N GLN A 61 -12.62 -12.58 -0.39
CA GLN A 61 -12.47 -11.88 0.87
C GLN A 61 -11.16 -11.09 0.72
N PRO A 62 -11.17 -9.75 0.88
CA PRO A 62 -9.99 -8.93 0.63
C PRO A 62 -8.87 -9.27 1.62
N VAL A 63 -7.66 -9.39 1.10
CA VAL A 63 -6.44 -9.63 1.89
C VAL A 63 -5.40 -8.51 1.70
N GLY A 64 -5.57 -7.65 0.70
CA GLY A 64 -4.75 -6.46 0.50
C GLY A 64 -5.39 -5.57 -0.58
N PHE A 65 -4.87 -4.35 -0.74
CA PHE A 65 -5.34 -3.41 -1.74
C PHE A 65 -4.19 -2.64 -2.39
N MET A 66 -4.47 -2.08 -3.55
CA MET A 66 -3.56 -1.38 -4.46
C MET A 66 -4.34 -0.17 -5.00
N LEU A 67 -3.77 1.03 -4.89
CA LEU A 67 -4.32 2.28 -5.43
C LEU A 67 -3.36 2.68 -6.54
N LEU A 68 -3.83 2.72 -7.79
CA LEU A 68 -2.99 3.08 -8.93
C LEU A 68 -3.83 3.83 -9.96
N SER A 69 -3.32 4.98 -10.38
CA SER A 69 -3.80 5.77 -11.51
C SER A 69 -2.55 6.43 -12.13
N GLY A 70 -2.58 6.77 -13.42
CA GLY A 70 -1.52 7.54 -14.06
C GLY A 70 -0.11 6.95 -13.89
N GLN A 71 0.02 5.61 -14.01
CA GLN A 71 1.25 4.83 -13.84
C GLN A 71 1.88 4.99 -12.44
N HIS A 72 1.09 5.37 -11.42
CA HIS A 72 1.58 5.70 -10.10
C HIS A 72 0.75 4.94 -9.07
N MET A 73 1.34 3.92 -8.45
CA MET A 73 0.73 3.14 -7.39
C MET A 73 0.98 3.87 -6.07
N ASP A 74 0.13 4.82 -5.71
CA ASP A 74 0.31 5.63 -4.51
C ASP A 74 0.33 4.80 -3.23
N ALA A 75 -0.42 3.70 -3.21
CA ALA A 75 -0.63 2.89 -2.01
C ALA A 75 -0.66 1.41 -2.37
N LEU A 76 -0.08 0.60 -1.48
CA LEU A 76 -0.11 -0.85 -1.52
C LEU A 76 -0.01 -1.31 -0.07
N PHE A 77 -1.04 -1.99 0.44
CA PHE A 77 -1.08 -2.52 1.79
C PHE A 77 -1.74 -3.89 1.72
N ILE A 78 -1.22 -4.84 2.49
CA ILE A 78 -1.69 -6.21 2.53
C ILE A 78 -1.50 -6.64 3.97
N ASP A 79 -2.39 -7.50 4.45
CA ASP A 79 -2.31 -8.08 5.78
C ASP A 79 -0.90 -8.66 5.96
N PRO A 80 -0.08 -8.18 6.91
CA PRO A 80 1.32 -8.57 7.02
C PRO A 80 1.51 -10.08 7.25
N ASP A 81 0.47 -10.80 7.70
CA ASP A 81 0.51 -12.26 7.83
C ASP A 81 0.63 -12.97 6.46
N VAL A 82 0.21 -12.31 5.38
CA VAL A 82 0.23 -12.85 4.01
C VAL A 82 0.93 -11.91 3.02
N ARG A 83 1.38 -10.73 3.45
CA ARG A 83 2.24 -9.85 2.65
C ARG A 83 3.57 -10.53 2.27
N GLY A 84 4.03 -11.49 3.09
CA GLY A 84 5.20 -12.30 2.79
C GLY A 84 4.89 -13.48 1.85
N CYS A 85 3.60 -13.83 1.67
CA CYS A 85 3.18 -14.80 0.66
C CYS A 85 3.23 -14.15 -0.73
N GLY A 86 2.76 -14.87 -1.75
CA GLY A 86 2.75 -14.39 -3.13
C GLY A 86 2.08 -13.03 -3.30
N VAL A 87 1.09 -12.68 -2.50
CA VAL A 87 0.25 -11.49 -2.70
C VAL A 87 1.07 -10.19 -2.79
N GLY A 88 2.15 -10.09 -2.01
CA GLY A 88 3.09 -8.97 -2.06
C GLY A 88 3.70 -8.74 -3.44
N ARG A 89 3.72 -9.77 -4.28
CA ARG A 89 4.08 -9.68 -5.69
C ARG A 89 2.83 -9.62 -6.55
N VAL A 90 1.76 -10.41 -6.30
CA VAL A 90 0.59 -10.41 -7.18
C VAL A 90 0.05 -8.99 -7.39
N LEU A 91 -0.08 -8.18 -6.32
CA LEU A 91 -0.64 -6.83 -6.46
C LEU A 91 0.31 -5.91 -7.23
N VAL A 92 1.63 -6.03 -7.03
CA VAL A 92 2.61 -5.28 -7.79
C VAL A 92 2.59 -5.71 -9.26
N GLU A 93 2.45 -7.00 -9.52
CA GLU A 93 2.41 -7.55 -10.86
C GLU A 93 1.15 -7.05 -11.56
N HIS A 94 0.04 -6.90 -10.84
CA HIS A 94 -1.19 -6.29 -11.35
C HIS A 94 -0.94 -4.83 -11.73
N ALA A 95 -0.31 -4.09 -10.83
CA ALA A 95 0.05 -2.70 -11.04
C ALA A 95 0.95 -2.56 -12.28
N LEU A 96 1.98 -3.38 -12.40
CA LEU A 96 2.90 -3.42 -13.52
C LEU A 96 2.17 -3.80 -14.81
N SER A 97 1.15 -4.66 -14.74
CA SER A 97 0.36 -5.03 -15.90
C SER A 97 -0.40 -3.83 -16.47
N MET A 98 -0.91 -2.95 -15.61
CA MET A 98 -1.57 -1.72 -16.06
C MET A 98 -0.54 -0.65 -16.47
N ALA A 99 0.64 -0.65 -15.84
CA ALA A 99 1.65 0.39 -15.97
C ALA A 99 3.05 -0.23 -16.01
N PRO A 100 3.66 -0.47 -17.18
CA PRO A 100 5.03 -0.98 -17.23
C PRO A 100 6.05 0.02 -16.66
N GLU A 101 5.72 1.31 -16.63
CA GLU A 101 6.59 2.41 -16.25
C GLU A 101 6.28 2.86 -14.81
N LEU A 102 5.83 1.90 -14.00
CA LEU A 102 5.28 2.08 -12.67
C LEU A 102 6.18 2.89 -11.74
N THR A 103 5.53 3.67 -10.90
CA THR A 103 6.12 4.38 -9.77
C THR A 103 5.28 4.10 -8.53
N THR A 104 5.85 4.33 -7.34
CA THR A 104 5.14 4.16 -6.09
C THR A 104 5.75 5.04 -5.00
N ASN A 105 5.20 4.97 -3.80
CA ASN A 105 5.62 5.75 -2.64
C ASN A 105 5.66 4.84 -1.42
N VAL A 106 6.45 5.23 -0.41
CA VAL A 106 6.49 4.57 0.89
C VAL A 106 6.93 5.62 1.91
N ASN A 107 6.43 5.56 3.15
CA ASN A 107 6.92 6.46 4.20
C ASN A 107 8.28 5.93 4.67
N GLU A 108 9.24 6.83 4.88
CA GLU A 108 10.60 6.46 5.29
C GLU A 108 10.62 5.79 6.67
N GLN A 109 9.63 6.05 7.54
CA GLN A 109 9.45 5.39 8.83
C GLN A 109 8.95 3.93 8.68
N ASN A 110 9.34 3.24 7.61
CA ASN A 110 9.06 1.84 7.35
C ASN A 110 10.21 1.28 6.53
N GLU A 111 11.40 1.20 7.15
CA GLU A 111 12.60 0.68 6.49
C GLU A 111 12.38 -0.75 6.00
N GLN A 112 11.47 -1.51 6.62
CA GLN A 112 11.11 -2.85 6.18
C GLN A 112 10.50 -2.80 4.78
N ALA A 113 9.52 -1.91 4.57
CA ALA A 113 8.88 -1.73 3.28
C ALA A 113 9.84 -1.14 2.26
N VAL A 114 10.75 -0.25 2.66
CA VAL A 114 11.79 0.23 1.77
C VAL A 114 12.59 -0.98 1.26
N GLY A 115 13.04 -1.88 2.16
CA GLY A 115 13.77 -3.08 1.79
C GLY A 115 12.94 -4.00 0.90
N PHE A 116 11.68 -4.24 1.28
CA PHE A 116 10.72 -5.07 0.54
C PHE A 116 10.61 -4.57 -0.89
N TYR A 117 10.33 -3.28 -1.08
CA TYR A 117 10.10 -2.73 -2.40
C TYR A 117 11.40 -2.77 -3.22
N LYS A 118 12.58 -2.59 -2.60
CA LYS A 118 13.87 -2.81 -3.27
C LYS A 118 13.97 -4.23 -3.80
N LYS A 119 13.65 -5.25 -2.99
CA LYS A 119 13.70 -6.65 -3.43
C LYS A 119 12.79 -6.87 -4.63
N VAL A 120 11.58 -6.30 -4.57
CA VAL A 120 10.57 -6.44 -5.60
C VAL A 120 11.05 -5.81 -6.92
N GLY A 121 11.77 -4.68 -6.85
CA GLY A 121 12.46 -4.08 -8.00
C GLY A 121 12.37 -2.57 -8.08
N PHE A 122 11.86 -1.87 -7.05
CA PHE A 122 11.79 -0.42 -7.06
C PHE A 122 13.14 0.20 -6.67
N LYS A 123 13.36 1.45 -7.11
CA LYS A 123 14.53 2.26 -6.83
C LYS A 123 14.04 3.69 -6.61
N VAL A 124 14.59 4.40 -5.62
CA VAL A 124 14.10 5.71 -5.19
C VAL A 124 14.43 6.76 -6.26
N THR A 125 13.44 7.58 -6.58
CA THR A 125 13.47 8.59 -7.60
C THR A 125 13.09 9.97 -7.05
N GLY A 126 12.60 10.05 -5.80
CA GLY A 126 12.39 11.32 -5.13
C GLY A 126 12.01 11.12 -3.66
N ARG A 127 11.73 12.23 -2.97
CA ARG A 127 11.15 12.23 -1.64
C ARG A 127 10.34 13.51 -1.44
N SER A 128 9.85 13.68 -0.22
CA SER A 128 9.23 14.89 0.30
C SER A 128 9.85 15.13 1.68
N GLU A 129 9.95 16.40 2.10
CA GLU A 129 10.57 16.76 3.38
C GLU A 129 9.67 16.39 4.58
N VAL A 130 8.43 15.98 4.32
CA VAL A 130 7.38 15.67 5.27
C VAL A 130 6.59 14.48 4.70
N ASP A 131 5.59 14.00 5.45
CA ASP A 131 4.73 12.92 4.97
C ASP A 131 3.67 13.45 4.01
N ASP A 132 2.77 14.30 4.50
CA ASP A 132 1.76 14.96 3.66
C ASP A 132 1.18 16.22 4.31
N LEU A 133 0.95 16.20 5.63
CA LEU A 133 0.29 17.27 6.38
C LEU A 133 1.32 18.04 7.22
N GLY A 134 2.54 18.19 6.68
CA GLY A 134 3.64 18.86 7.35
C GLY A 134 4.30 18.03 8.45
N LYS A 135 3.96 16.74 8.55
CA LYS A 135 4.48 15.83 9.57
C LYS A 135 5.96 15.58 9.28
N PRO A 136 6.87 15.64 10.27
CA PRO A 136 8.30 15.45 10.04
C PRO A 136 8.67 13.96 9.87
N TYR A 137 7.94 13.26 9.00
CA TYR A 137 8.00 11.81 8.79
C TYR A 137 8.08 11.59 7.28
N PRO A 138 9.19 11.90 6.60
CA PRO A 138 9.26 11.94 5.14
C PRO A 138 8.59 10.81 4.36
N LEU A 139 8.00 11.18 3.22
CA LEU A 139 7.50 10.24 2.21
C LEU A 139 8.62 10.12 1.18
N LEU A 140 8.77 8.93 0.61
CA LEU A 140 9.73 8.65 -0.45
C LEU A 140 8.94 8.28 -1.70
N ASN A 141 9.53 8.52 -2.87
CA ASN A 141 8.97 8.19 -4.17
C ASN A 141 9.98 7.33 -4.91
N LEU A 142 9.49 6.30 -5.58
CA LEU A 142 10.29 5.25 -6.18
C LEU A 142 9.71 4.94 -7.56
N ALA A 143 10.52 4.30 -8.41
CA ALA A 143 10.16 3.84 -9.74
C ALA A 143 10.61 2.40 -9.89
N TYR A 144 9.90 1.62 -10.71
CA TYR A 144 10.30 0.25 -10.97
C TYR A 144 11.49 0.27 -11.94
N VAL A 145 12.59 -0.38 -11.55
CA VAL A 145 13.85 -0.43 -12.30
C VAL A 145 14.34 -1.88 -12.44
N GLY A 146 13.84 -2.81 -11.61
CA GLY A 146 14.27 -4.21 -11.56
C GLY A 146 13.69 -5.08 -12.69
N ALA A 147 13.42 -4.50 -13.86
CA ALA A 147 12.97 -5.21 -15.05
C ALA A 147 14.00 -6.28 -15.43
N MET A 1 -3.50 -21.01 -0.65
CA MET A 1 -4.73 -20.74 -1.43
C MET A 1 -4.45 -19.76 -2.57
N VAL A 2 -5.29 -19.75 -3.61
CA VAL A 2 -5.18 -18.81 -4.72
C VAL A 2 -5.40 -17.37 -4.28
N ILE A 3 -4.95 -16.45 -5.14
CA ILE A 3 -5.18 -15.01 -5.05
C ILE A 3 -5.62 -14.53 -6.42
N SER A 4 -6.51 -13.54 -6.43
CA SER A 4 -6.89 -12.77 -7.61
C SER A 4 -6.96 -11.31 -7.18
N ILE A 5 -6.97 -10.39 -8.14
CA ILE A 5 -7.07 -8.97 -7.88
C ILE A 5 -8.27 -8.44 -8.67
N ARG A 6 -9.04 -7.51 -8.10
CA ARG A 6 -10.17 -6.86 -8.78
C ARG A 6 -10.41 -5.48 -8.16
N ARG A 7 -11.27 -4.66 -8.76
CA ARG A 7 -11.71 -3.42 -8.12
C ARG A 7 -12.44 -3.77 -6.83
N SER A 8 -12.35 -2.87 -5.86
CA SER A 8 -13.01 -2.93 -4.58
C SER A 8 -14.54 -2.89 -4.69
N ARG A 9 -15.21 -3.22 -3.57
CA ARG A 9 -16.65 -3.05 -3.34
C ARG A 9 -16.75 -2.09 -2.17
N HIS A 10 -17.64 -1.10 -2.22
CA HIS A 10 -17.70 -0.06 -1.18
C HIS A 10 -17.89 -0.67 0.22
N GLU A 11 -18.72 -1.72 0.33
CA GLU A 11 -19.07 -2.33 1.60
C GLU A 11 -17.92 -3.13 2.21
N GLU A 12 -16.93 -3.58 1.42
CA GLU A 12 -15.77 -4.28 1.93
C GLU A 12 -14.68 -3.30 2.37
N GLY A 13 -14.88 -1.99 2.16
CA GLY A 13 -13.92 -0.96 2.47
C GLY A 13 -13.48 -0.97 3.94
N GLU A 14 -14.36 -1.36 4.86
CA GLU A 14 -14.05 -1.38 6.28
C GLU A 14 -12.99 -2.44 6.59
N GLU A 15 -12.97 -3.54 5.84
CA GLU A 15 -11.92 -4.55 5.94
C GLU A 15 -10.59 -3.99 5.43
N LEU A 16 -10.65 -3.06 4.47
CA LEU A 16 -9.44 -2.43 3.92
C LEU A 16 -8.87 -1.44 4.93
N VAL A 17 -9.72 -0.68 5.64
CA VAL A 17 -9.30 0.14 6.77
C VAL A 17 -8.62 -0.74 7.82
N ALA A 18 -9.21 -1.88 8.15
CA ALA A 18 -8.65 -2.82 9.10
C ALA A 18 -7.27 -3.32 8.64
N ILE A 19 -7.16 -3.70 7.36
CA ILE A 19 -5.92 -4.19 6.77
C ILE A 19 -4.83 -3.11 6.85
N TRP A 20 -5.16 -1.89 6.45
CA TRP A 20 -4.26 -0.74 6.60
C TRP A 20 -3.79 -0.62 8.06
N CYS A 21 -4.71 -0.72 9.02
CA CYS A 21 -4.38 -0.62 10.44
C CYS A 21 -3.38 -1.71 10.84
N ARG A 22 -3.60 -2.96 10.39
CA ARG A 22 -2.66 -4.06 10.66
C ARG A 22 -1.31 -3.81 10.01
N SER A 23 -1.30 -3.32 8.78
CA SER A 23 -0.09 -2.99 8.04
C SER A 23 0.73 -1.95 8.80
N VAL A 24 0.04 -0.98 9.40
CA VAL A 24 0.66 0.07 10.17
C VAL A 24 1.19 -0.51 11.48
N ASP A 25 0.42 -1.34 12.19
CA ASP A 25 0.87 -1.98 13.42
C ASP A 25 2.10 -2.86 13.20
N ALA A 26 2.19 -3.51 12.03
CA ALA A 26 3.25 -4.44 11.70
C ALA A 26 4.55 -3.72 11.35
N THR A 27 4.53 -2.68 10.52
CA THR A 27 5.76 -2.11 9.95
C THR A 27 5.81 -0.56 9.93
N HIS A 28 4.80 0.14 10.45
CA HIS A 28 4.77 1.60 10.46
C HIS A 28 4.44 2.13 11.86
N ASP A 29 4.71 1.35 12.92
CA ASP A 29 4.27 1.65 14.28
C ASP A 29 4.87 2.96 14.84
N PHE A 30 5.89 3.49 14.17
CA PHE A 30 6.50 4.80 14.41
C PHE A 30 5.48 5.95 14.33
N LEU A 31 4.34 5.73 13.65
CA LEU A 31 3.19 6.63 13.63
C LEU A 31 2.62 6.73 15.04
N SER A 32 2.98 7.78 15.79
CA SER A 32 2.44 8.08 17.11
C SER A 32 0.92 8.24 17.06
N ALA A 33 0.25 8.04 18.19
CA ALA A 33 -1.21 7.96 18.28
C ALA A 33 -1.95 9.13 17.65
N GLU A 34 -1.39 10.35 17.73
CA GLU A 34 -2.01 11.54 17.16
C GLU A 34 -2.07 11.42 15.63
N TYR A 35 -0.94 11.11 15.01
CA TYR A 35 -0.86 10.94 13.56
C TYR A 35 -1.59 9.65 13.13
N ARG A 36 -1.56 8.61 13.96
CA ARG A 36 -2.33 7.38 13.76
C ARG A 36 -3.81 7.72 13.61
N THR A 37 -4.33 8.58 14.49
CA THR A 37 -5.72 9.00 14.49
C THR A 37 -6.03 9.78 13.22
N GLU A 38 -5.20 10.76 12.85
CA GLU A 38 -5.44 11.61 11.68
C GLU A 38 -5.44 10.76 10.41
N LEU A 39 -4.50 9.83 10.28
CA LEU A 39 -4.45 8.93 9.14
C LEU A 39 -5.67 8.02 9.16
N GLU A 40 -5.98 7.37 10.29
CA GLU A 40 -7.11 6.44 10.37
C GLU A 40 -8.41 7.14 9.97
N ASP A 41 -8.60 8.40 10.38
CA ASP A 41 -9.78 9.17 10.03
C ASP A 41 -9.91 9.38 8.53
N LEU A 42 -8.84 9.83 7.88
CA LEU A 42 -8.88 10.11 6.45
C LEU A 42 -9.03 8.79 5.68
N VAL A 43 -8.36 7.73 6.13
CA VAL A 43 -8.43 6.38 5.60
C VAL A 43 -9.87 5.86 5.71
N ARG A 44 -10.52 6.00 6.86
CA ARG A 44 -11.91 5.60 7.07
C ARG A 44 -12.85 6.40 6.18
N SER A 45 -12.42 7.57 5.71
CA SER A 45 -13.22 8.46 4.88
C SER A 45 -12.87 8.30 3.39
N PHE A 46 -12.03 7.32 3.05
CA PHE A 46 -11.45 7.21 1.72
C PHE A 46 -11.45 5.79 1.18
N LEU A 47 -10.91 4.79 1.91
CA LEU A 47 -10.85 3.43 1.38
C LEU A 47 -12.23 2.86 1.02
N PRO A 48 -13.32 3.14 1.78
CA PRO A 48 -14.68 2.74 1.39
C PRO A 48 -15.21 3.37 0.09
N GLU A 49 -14.57 4.40 -0.49
CA GLU A 49 -15.08 5.08 -1.69
C GLU A 49 -14.06 5.07 -2.82
N ALA A 50 -12.77 4.87 -2.51
CA ALA A 50 -11.70 4.80 -3.49
C ALA A 50 -11.88 3.54 -4.36
N PRO A 51 -11.65 3.63 -5.69
CA PRO A 51 -11.77 2.52 -6.63
C PRO A 51 -10.51 1.63 -6.59
N LEU A 52 -10.12 1.21 -5.39
CA LEU A 52 -8.91 0.43 -5.12
C LEU A 52 -8.95 -0.88 -5.89
N TRP A 53 -7.78 -1.51 -5.96
CA TRP A 53 -7.64 -2.86 -6.47
C TRP A 53 -7.34 -3.75 -5.27
N VAL A 54 -8.27 -4.60 -4.87
CA VAL A 54 -8.11 -5.46 -3.72
C VAL A 54 -7.55 -6.81 -4.16
N ALA A 55 -6.64 -7.36 -3.36
CA ALA A 55 -6.21 -8.73 -3.48
C ALA A 55 -7.24 -9.52 -2.70
N VAL A 56 -7.76 -10.61 -3.26
CA VAL A 56 -8.78 -11.43 -2.64
C VAL A 56 -8.30 -12.87 -2.67
N ASN A 57 -8.60 -13.61 -1.61
CA ASN A 57 -8.39 -15.06 -1.55
C ASN A 57 -9.62 -15.76 -2.14
N GLU A 58 -9.62 -17.09 -2.16
CA GLU A 58 -10.66 -17.94 -2.74
C GLU A 58 -12.08 -17.61 -2.22
N ARG A 59 -12.21 -17.00 -1.04
CA ARG A 59 -13.48 -16.61 -0.42
C ARG A 59 -14.06 -15.35 -1.08
N ASP A 60 -13.34 -14.74 -2.02
CA ASP A 60 -13.64 -13.42 -2.59
C ASP A 60 -13.87 -12.42 -1.46
N GLN A 61 -12.84 -12.32 -0.63
CA GLN A 61 -12.79 -11.63 0.64
C GLN A 61 -11.40 -10.97 0.62
N PRO A 62 -11.30 -9.65 0.87
CA PRO A 62 -10.07 -8.91 0.67
C PRO A 62 -9.00 -9.30 1.69
N VAL A 63 -7.76 -9.40 1.22
CA VAL A 63 -6.59 -9.69 2.06
C VAL A 63 -5.46 -8.66 1.87
N GLY A 64 -5.59 -7.77 0.88
CA GLY A 64 -4.74 -6.61 0.68
C GLY A 64 -5.38 -5.69 -0.32
N PHE A 65 -4.78 -4.53 -0.57
CA PHE A 65 -5.20 -3.64 -1.64
C PHE A 65 -4.04 -2.78 -2.13
N MET A 66 -4.21 -2.23 -3.33
CA MET A 66 -3.33 -1.21 -3.91
C MET A 66 -4.20 -0.14 -4.59
N LEU A 67 -3.63 1.03 -4.87
CA LEU A 67 -4.24 2.07 -5.71
C LEU A 67 -3.23 2.31 -6.81
N LEU A 68 -3.66 2.28 -8.08
CA LEU A 68 -2.84 2.68 -9.21
C LEU A 68 -3.71 3.42 -10.21
N SER A 69 -3.20 4.55 -10.66
CA SER A 69 -3.70 5.35 -11.77
C SER A 69 -2.51 6.20 -12.24
N GLY A 70 -2.49 6.65 -13.51
CA GLY A 70 -1.46 7.53 -14.04
C GLY A 70 -0.03 6.98 -13.86
N GLN A 71 0.15 5.66 -13.97
CA GLN A 71 1.42 4.94 -13.77
C GLN A 71 2.03 5.15 -12.36
N HIS A 72 1.22 5.52 -11.36
CA HIS A 72 1.67 5.72 -9.99
C HIS A 72 0.82 4.88 -9.03
N MET A 73 1.44 3.87 -8.41
CA MET A 73 0.81 3.06 -7.39
C MET A 73 0.97 3.78 -6.05
N ASP A 74 0.01 4.63 -5.69
CA ASP A 74 0.09 5.48 -4.50
C ASP A 74 0.05 4.70 -3.19
N ALA A 75 -0.58 3.53 -3.19
CA ALA A 75 -0.87 2.77 -1.97
C ALA A 75 -0.68 1.28 -2.23
N LEU A 76 -0.24 0.56 -1.20
CA LEU A 76 -0.10 -0.89 -1.16
C LEU A 76 -0.09 -1.28 0.33
N PHE A 77 -1.11 -1.98 0.79
CA PHE A 77 -1.28 -2.39 2.20
C PHE A 77 -1.92 -3.77 2.20
N ILE A 78 -1.49 -4.66 3.10
CA ILE A 78 -1.87 -6.07 3.06
C ILE A 78 -1.87 -6.60 4.49
N ASP A 79 -2.75 -7.56 4.76
CA ASP A 79 -2.84 -8.22 6.04
C ASP A 79 -1.52 -8.95 6.32
N PRO A 80 -0.85 -8.72 7.47
CA PRO A 80 0.41 -9.35 7.82
C PRO A 80 0.44 -10.88 7.70
N ASP A 81 -0.70 -11.57 7.83
CA ASP A 81 -0.79 -13.02 7.72
C ASP A 81 -0.43 -13.52 6.32
N VAL A 82 -0.55 -12.67 5.28
CA VAL A 82 -0.30 -13.04 3.89
C VAL A 82 0.78 -12.17 3.23
N ARG A 83 1.35 -11.18 3.94
CA ARG A 83 2.53 -10.47 3.46
C ARG A 83 3.67 -11.47 3.20
N GLY A 84 3.86 -12.42 4.12
CA GLY A 84 4.85 -13.48 3.98
C GLY A 84 4.53 -14.43 2.82
N CYS A 85 3.25 -14.61 2.47
CA CYS A 85 2.82 -15.42 1.34
C CYS A 85 3.10 -14.75 -0.02
N GLY A 86 3.54 -13.49 -0.04
CA GLY A 86 3.98 -12.81 -1.25
C GLY A 86 2.84 -12.13 -2.01
N VAL A 87 1.70 -11.85 -1.38
CA VAL A 87 0.62 -11.07 -2.00
C VAL A 87 1.14 -9.72 -2.49
N GLY A 88 2.16 -9.15 -1.82
CA GLY A 88 2.89 -7.99 -2.28
C GLY A 88 3.31 -8.10 -3.73
N ARG A 89 3.94 -9.21 -4.14
CA ARG A 89 4.30 -9.42 -5.54
C ARG A 89 3.04 -9.45 -6.39
N VAL A 90 1.99 -10.16 -5.99
CA VAL A 90 0.78 -10.28 -6.81
C VAL A 90 0.20 -8.89 -7.10
N LEU A 91 0.08 -8.04 -6.08
CA LEU A 91 -0.47 -6.70 -6.24
C LEU A 91 0.46 -5.82 -7.09
N VAL A 92 1.78 -5.89 -6.89
CA VAL A 92 2.74 -5.17 -7.70
C VAL A 92 2.68 -5.65 -9.16
N GLU A 93 2.57 -6.94 -9.40
CA GLU A 93 2.50 -7.51 -10.74
C GLU A 93 1.22 -7.04 -11.44
N HIS A 94 0.12 -6.90 -10.69
CA HIS A 94 -1.11 -6.32 -11.20
C HIS A 94 -0.87 -4.89 -11.66
N ALA A 95 -0.18 -4.10 -10.84
CA ALA A 95 0.13 -2.72 -11.15
C ALA A 95 1.03 -2.63 -12.39
N LEU A 96 2.11 -3.41 -12.42
CA LEU A 96 3.05 -3.47 -13.54
C LEU A 96 2.35 -3.90 -14.84
N SER A 97 1.33 -4.76 -14.75
CA SER A 97 0.56 -5.17 -15.91
C SER A 97 -0.17 -4.00 -16.57
N MET A 98 -0.68 -3.06 -15.77
CA MET A 98 -1.38 -1.88 -16.30
C MET A 98 -0.42 -0.73 -16.63
N ALA A 99 0.76 -0.70 -15.99
CA ALA A 99 1.72 0.39 -16.06
C ALA A 99 3.14 -0.21 -16.08
N PRO A 100 3.75 -0.44 -17.26
CA PRO A 100 5.12 -0.95 -17.30
C PRO A 100 6.13 0.06 -16.73
N GLU A 101 5.80 1.35 -16.73
CA GLU A 101 6.67 2.45 -16.36
C GLU A 101 6.37 2.90 -14.91
N LEU A 102 5.90 1.96 -14.10
CA LEU A 102 5.34 2.13 -12.78
C LEU A 102 6.24 2.93 -11.85
N THR A 103 5.59 3.71 -11.00
CA THR A 103 6.19 4.40 -9.86
C THR A 103 5.36 4.09 -8.62
N THR A 104 5.92 4.34 -7.44
CA THR A 104 5.20 4.19 -6.18
C THR A 104 5.81 5.12 -5.14
N ASN A 105 5.35 5.01 -3.89
CA ASN A 105 5.86 5.76 -2.76
C ASN A 105 5.76 4.93 -1.49
N VAL A 106 6.51 5.32 -0.47
CA VAL A 106 6.57 4.64 0.82
C VAL A 106 6.98 5.65 1.87
N ASN A 107 6.44 5.56 3.09
CA ASN A 107 6.86 6.39 4.21
C ASN A 107 8.26 5.94 4.65
N GLU A 108 9.19 6.89 4.78
CA GLU A 108 10.60 6.59 5.01
C GLU A 108 10.85 5.75 6.26
N GLN A 109 10.09 5.99 7.34
CA GLN A 109 10.30 5.31 8.62
C GLN A 109 10.09 3.80 8.50
N ASN A 110 9.22 3.36 7.58
CA ASN A 110 9.04 1.96 7.25
C ASN A 110 10.19 1.47 6.36
N GLU A 111 11.40 1.45 6.91
CA GLU A 111 12.59 0.98 6.21
C GLU A 111 12.44 -0.47 5.75
N GLN A 112 11.59 -1.26 6.40
CA GLN A 112 11.29 -2.63 5.99
C GLN A 112 10.67 -2.63 4.60
N ALA A 113 9.67 -1.77 4.37
CA ALA A 113 9.04 -1.63 3.07
C ALA A 113 10.00 -1.02 2.05
N VAL A 114 10.86 -0.09 2.44
CA VAL A 114 11.89 0.45 1.54
C VAL A 114 12.75 -0.73 1.03
N GLY A 115 13.18 -1.63 1.92
CA GLY A 115 13.93 -2.82 1.56
C GLY A 115 13.12 -3.75 0.66
N PHE A 116 11.88 -4.07 1.07
CA PHE A 116 10.99 -4.96 0.34
C PHE A 116 10.79 -4.47 -1.09
N TYR A 117 10.48 -3.20 -1.27
CA TYR A 117 10.15 -2.66 -2.58
C TYR A 117 11.41 -2.70 -3.46
N LYS A 118 12.61 -2.48 -2.91
CA LYS A 118 13.85 -2.65 -3.66
C LYS A 118 14.10 -4.10 -4.06
N LYS A 119 13.79 -5.09 -3.19
CA LYS A 119 13.87 -6.51 -3.58
C LYS A 119 12.96 -6.78 -4.76
N VAL A 120 11.74 -6.22 -4.72
CA VAL A 120 10.73 -6.38 -5.75
C VAL A 120 11.19 -5.75 -7.07
N GLY A 121 11.94 -4.64 -7.01
CA GLY A 121 12.63 -4.05 -8.16
C GLY A 121 12.47 -2.53 -8.27
N PHE A 122 11.91 -1.86 -7.27
CA PHE A 122 11.85 -0.40 -7.27
C PHE A 122 13.21 0.21 -6.90
N LYS A 123 13.40 1.50 -7.21
CA LYS A 123 14.57 2.30 -6.89
C LYS A 123 14.08 3.73 -6.66
N VAL A 124 14.63 4.44 -5.68
CA VAL A 124 14.15 5.76 -5.25
C VAL A 124 14.51 6.81 -6.30
N THR A 125 13.54 7.62 -6.66
CA THR A 125 13.60 8.62 -7.71
C THR A 125 13.16 10.00 -7.20
N GLY A 126 12.64 10.10 -5.98
CA GLY A 126 12.35 11.38 -5.33
C GLY A 126 12.07 11.18 -3.85
N ARG A 127 11.86 12.27 -3.11
CA ARG A 127 11.48 12.22 -1.70
C ARG A 127 10.80 13.52 -1.27
N SER A 128 10.54 13.61 0.02
CA SER A 128 10.06 14.78 0.74
C SER A 128 10.82 14.85 2.07
N GLU A 129 10.68 15.94 2.82
CA GLU A 129 11.34 16.12 4.13
C GLU A 129 10.31 16.26 5.26
N VAL A 130 9.02 16.26 4.91
CA VAL A 130 7.87 16.26 5.80
C VAL A 130 6.78 15.45 5.07
N ASP A 131 5.62 15.29 5.70
CA ASP A 131 4.49 14.58 5.11
C ASP A 131 3.67 15.54 4.24
N ASP A 132 2.95 16.48 4.88
CA ASP A 132 2.13 17.47 4.19
C ASP A 132 1.82 18.68 5.06
N LEU A 133 1.53 18.46 6.34
CA LEU A 133 1.18 19.51 7.31
C LEU A 133 2.44 20.16 7.90
N GLY A 134 3.59 19.96 7.26
CA GLY A 134 4.89 20.33 7.78
C GLY A 134 5.39 19.39 8.88
N LYS A 135 4.69 18.27 9.13
CA LYS A 135 5.04 17.33 10.19
C LYS A 135 6.07 16.32 9.69
N PRO A 136 7.06 15.92 10.51
CA PRO A 136 8.17 15.08 10.09
C PRO A 136 7.77 13.59 10.00
N TYR A 137 7.00 13.23 8.98
CA TYR A 137 6.69 11.84 8.61
C TYR A 137 6.92 11.69 7.11
N PRO A 138 8.18 11.83 6.63
CA PRO A 138 8.49 11.95 5.21
C PRO A 138 8.01 10.80 4.32
N LEU A 139 7.95 11.10 3.03
CA LEU A 139 7.60 10.17 1.96
C LEU A 139 8.82 10.05 1.05
N LEU A 140 8.99 8.87 0.47
CA LEU A 140 9.96 8.61 -0.58
C LEU A 140 9.16 8.23 -1.82
N ASN A 141 9.66 8.56 -3.00
CA ASN A 141 9.06 8.23 -4.28
C ASN A 141 10.05 7.37 -5.05
N LEU A 142 9.54 6.34 -5.71
CA LEU A 142 10.35 5.29 -6.32
C LEU A 142 9.77 4.99 -7.70
N ALA A 143 10.58 4.38 -8.55
CA ALA A 143 10.21 3.93 -9.89
C ALA A 143 10.70 2.49 -10.06
N TYR A 144 10.02 1.73 -10.91
CA TYR A 144 10.43 0.36 -11.16
C TYR A 144 11.65 0.35 -12.09
N VAL A 145 12.69 -0.38 -11.70
CA VAL A 145 13.96 -0.49 -12.43
C VAL A 145 14.37 -1.98 -12.59
N GLY A 146 13.68 -2.90 -11.89
CA GLY A 146 13.91 -4.34 -11.98
C GLY A 146 13.79 -4.91 -13.39
N ALA A 147 13.00 -4.27 -14.24
CA ALA A 147 12.86 -4.52 -15.67
C ALA A 147 12.57 -3.19 -16.34
N MET A 1 -1.90 -20.69 -0.29
CA MET A 1 -3.25 -20.08 -0.43
C MET A 1 -3.39 -19.46 -1.82
N VAL A 2 -4.52 -19.72 -2.50
CA VAL A 2 -4.84 -19.10 -3.79
C VAL A 2 -4.92 -17.58 -3.60
N ILE A 3 -4.46 -16.83 -4.60
CA ILE A 3 -4.60 -15.38 -4.68
C ILE A 3 -5.06 -15.05 -6.09
N SER A 4 -5.95 -14.08 -6.18
CA SER A 4 -6.38 -13.42 -7.40
C SER A 4 -6.53 -11.94 -7.03
N ILE A 5 -6.61 -11.06 -8.03
CA ILE A 5 -6.78 -9.63 -7.81
C ILE A 5 -8.04 -9.22 -8.58
N ARG A 6 -8.84 -8.30 -8.03
CA ARG A 6 -9.99 -7.72 -8.72
C ARG A 6 -10.22 -6.31 -8.26
N ARG A 7 -11.17 -5.59 -8.89
CA ARG A 7 -11.61 -4.31 -8.37
C ARG A 7 -12.31 -4.55 -7.04
N SER A 8 -12.19 -3.57 -6.16
CA SER A 8 -12.82 -3.55 -4.86
C SER A 8 -14.33 -3.30 -4.98
N ARG A 9 -15.02 -3.26 -3.85
CA ARG A 9 -16.41 -2.83 -3.70
C ARG A 9 -16.46 -1.82 -2.57
N HIS A 10 -17.51 -1.00 -2.51
CA HIS A 10 -17.63 0.02 -1.48
C HIS A 10 -17.84 -0.61 -0.10
N GLU A 11 -18.65 -1.68 -0.02
CA GLU A 11 -19.11 -2.24 1.24
C GLU A 11 -17.97 -2.93 2.00
N GLU A 12 -17.09 -3.59 1.26
CA GLU A 12 -15.90 -4.23 1.83
C GLU A 12 -14.83 -3.21 2.21
N GLY A 13 -15.05 -1.91 1.95
CA GLY A 13 -14.12 -0.84 2.27
C GLY A 13 -13.63 -0.88 3.72
N GLU A 14 -14.49 -1.21 4.69
CA GLU A 14 -14.10 -1.27 6.09
C GLU A 14 -13.11 -2.41 6.37
N GLU A 15 -13.14 -3.49 5.58
CA GLU A 15 -12.12 -4.54 5.65
C GLU A 15 -10.77 -4.00 5.19
N LEU A 16 -10.78 -3.04 4.25
CA LEU A 16 -9.56 -2.44 3.72
C LEU A 16 -8.99 -1.46 4.74
N VAL A 17 -9.84 -0.70 5.42
CA VAL A 17 -9.45 0.12 6.56
C VAL A 17 -8.79 -0.77 7.62
N ALA A 18 -9.41 -1.92 7.94
CA ALA A 18 -8.89 -2.85 8.91
C ALA A 18 -7.52 -3.38 8.48
N ILE A 19 -7.37 -3.77 7.22
CA ILE A 19 -6.10 -4.24 6.66
C ILE A 19 -5.05 -3.17 6.85
N TRP A 20 -5.33 -1.94 6.38
CA TRP A 20 -4.42 -0.81 6.49
C TRP A 20 -3.97 -0.65 7.95
N CYS A 21 -4.89 -0.73 8.91
CA CYS A 21 -4.58 -0.60 10.32
C CYS A 21 -3.58 -1.68 10.76
N ARG A 22 -3.74 -2.92 10.30
CA ARG A 22 -2.81 -4.00 10.62
C ARG A 22 -1.45 -3.75 9.97
N SER A 23 -1.41 -3.32 8.71
CA SER A 23 -0.16 -3.00 8.03
C SER A 23 0.59 -1.91 8.79
N VAL A 24 -0.13 -0.92 9.31
CA VAL A 24 0.41 0.19 10.06
C VAL A 24 0.93 -0.30 11.41
N ASP A 25 0.16 -1.11 12.13
CA ASP A 25 0.59 -1.65 13.41
C ASP A 25 1.85 -2.50 13.28
N ALA A 26 2.01 -3.21 12.16
CA ALA A 26 3.12 -4.10 11.93
C ALA A 26 4.41 -3.35 11.58
N THR A 27 4.37 -2.38 10.66
CA THR A 27 5.60 -1.79 10.12
C THR A 27 5.60 -0.26 9.98
N HIS A 28 4.55 0.44 10.45
CA HIS A 28 4.46 1.90 10.40
C HIS A 28 4.10 2.46 11.79
N ASP A 29 4.39 1.71 12.87
CA ASP A 29 3.93 2.01 14.23
C ASP A 29 4.39 3.37 14.76
N PHE A 30 5.40 3.96 14.10
CA PHE A 30 5.89 5.32 14.29
C PHE A 30 4.78 6.38 14.20
N LEU A 31 3.66 6.07 13.53
CA LEU A 31 2.44 6.86 13.54
C LEU A 31 1.86 6.82 14.96
N SER A 32 2.20 7.80 15.78
CA SER A 32 1.67 7.98 17.14
C SER A 32 0.14 8.01 17.14
N ALA A 33 -0.48 7.69 18.28
CA ALA A 33 -1.92 7.46 18.39
C ALA A 33 -2.78 8.61 17.84
N GLU A 34 -2.35 9.86 18.01
CA GLU A 34 -3.09 11.01 17.50
C GLU A 34 -3.11 10.98 15.96
N TYR A 35 -1.93 10.77 15.34
CA TYR A 35 -1.83 10.68 13.89
C TYR A 35 -2.56 9.43 13.39
N ARG A 36 -2.44 8.31 14.13
CA ARG A 36 -3.12 7.06 13.84
C ARG A 36 -4.63 7.29 13.72
N THR A 37 -5.22 8.02 14.67
CA THR A 37 -6.64 8.27 14.72
C THR A 37 -7.07 9.12 13.52
N GLU A 38 -6.38 10.23 13.26
CA GLU A 38 -6.76 11.15 12.20
C GLU A 38 -6.58 10.49 10.82
N LEU A 39 -5.53 9.68 10.66
CA LEU A 39 -5.33 8.89 9.45
C LEU A 39 -6.45 7.88 9.31
N GLU A 40 -6.75 7.09 10.34
CA GLU A 40 -7.76 6.03 10.25
C GLU A 40 -9.12 6.60 9.85
N ASP A 41 -9.47 7.80 10.34
CA ASP A 41 -10.70 8.47 9.97
C ASP A 41 -10.72 8.87 8.50
N LEU A 42 -9.65 9.48 7.99
CA LEU A 42 -9.61 9.94 6.62
C LEU A 42 -9.51 8.74 5.67
N VAL A 43 -8.78 7.70 6.06
CA VAL A 43 -8.69 6.42 5.39
C VAL A 43 -10.08 5.78 5.31
N ARG A 44 -10.85 5.76 6.39
CA ARG A 44 -12.22 5.26 6.40
C ARG A 44 -13.18 6.19 5.65
N SER A 45 -12.75 7.40 5.30
CA SER A 45 -13.51 8.31 4.45
C SER A 45 -13.07 8.20 2.99
N PHE A 46 -12.15 7.26 2.67
CA PHE A 46 -11.49 7.21 1.38
C PHE A 46 -11.43 5.79 0.81
N LEU A 47 -10.91 4.79 1.52
CA LEU A 47 -10.81 3.42 0.98
C LEU A 47 -12.17 2.86 0.56
N PRO A 48 -13.29 3.08 1.29
CA PRO A 48 -14.62 2.68 0.84
C PRO A 48 -15.09 3.37 -0.45
N GLU A 49 -14.40 4.39 -0.98
CA GLU A 49 -14.85 5.17 -2.14
C GLU A 49 -13.80 5.17 -3.27
N ALA A 50 -12.53 4.93 -2.94
CA ALA A 50 -11.39 5.07 -3.84
C ALA A 50 -11.40 4.01 -4.96
N PRO A 51 -10.81 4.33 -6.13
CA PRO A 51 -10.71 3.44 -7.28
C PRO A 51 -9.61 2.39 -7.08
N LEU A 52 -9.81 1.50 -6.10
CA LEU A 52 -8.85 0.51 -5.65
C LEU A 52 -8.95 -0.80 -6.43
N TRP A 53 -8.03 -1.69 -6.11
CA TRP A 53 -7.99 -3.10 -6.49
C TRP A 53 -7.64 -3.85 -5.21
N VAL A 54 -8.08 -5.09 -5.07
CA VAL A 54 -7.87 -5.91 -3.89
C VAL A 54 -7.33 -7.28 -4.27
N ALA A 55 -6.36 -7.76 -3.48
CA ALA A 55 -5.90 -9.13 -3.53
C ALA A 55 -6.92 -9.88 -2.70
N VAL A 56 -7.41 -11.00 -3.21
CA VAL A 56 -8.44 -11.79 -2.57
C VAL A 56 -7.97 -13.22 -2.48
N ASN A 57 -8.34 -13.85 -1.36
CA ASN A 57 -8.03 -15.23 -1.02
C ASN A 57 -9.05 -16.18 -1.67
N GLU A 58 -8.99 -17.46 -1.29
CA GLU A 58 -9.88 -18.55 -1.69
C GLU A 58 -11.35 -18.34 -1.24
N ARG A 59 -11.73 -17.17 -0.71
CA ARG A 59 -13.08 -16.79 -0.33
C ARG A 59 -13.53 -15.53 -1.08
N ASP A 60 -12.76 -15.07 -2.08
CA ASP A 60 -13.00 -13.82 -2.81
C ASP A 60 -13.14 -12.63 -1.86
N GLN A 61 -12.40 -12.71 -0.74
CA GLN A 61 -12.49 -11.86 0.42
C GLN A 61 -11.12 -11.17 0.51
N PRO A 62 -11.07 -9.83 0.70
CA PRO A 62 -9.84 -9.06 0.56
C PRO A 62 -8.83 -9.40 1.65
N VAL A 63 -7.57 -9.52 1.24
CA VAL A 63 -6.42 -9.69 2.13
C VAL A 63 -5.35 -8.60 1.92
N GLY A 64 -5.47 -7.79 0.87
CA GLY A 64 -4.66 -6.61 0.64
C GLY A 64 -5.30 -5.75 -0.43
N PHE A 65 -4.81 -4.53 -0.63
CA PHE A 65 -5.29 -3.61 -1.65
C PHE A 65 -4.14 -2.82 -2.27
N MET A 66 -4.39 -2.30 -3.46
CA MET A 66 -3.46 -1.60 -4.35
C MET A 66 -4.24 -0.42 -4.94
N LEU A 67 -3.63 0.76 -4.99
CA LEU A 67 -4.17 1.94 -5.67
C LEU A 67 -3.19 2.29 -6.77
N LEU A 68 -3.64 2.32 -8.01
CA LEU A 68 -2.85 2.72 -9.16
C LEU A 68 -3.78 3.43 -10.13
N SER A 69 -3.33 4.59 -10.60
CA SER A 69 -3.92 5.35 -11.69
C SER A 69 -2.74 5.96 -12.46
N GLY A 70 -2.91 6.27 -13.75
CA GLY A 70 -1.79 6.66 -14.61
C GLY A 70 -0.75 5.54 -14.56
N GLN A 71 0.44 5.82 -14.01
CA GLN A 71 1.45 4.82 -13.70
C GLN A 71 1.96 4.93 -12.25
N HIS A 72 1.27 5.66 -11.36
CA HIS A 72 1.66 5.81 -9.96
C HIS A 72 0.85 4.88 -9.05
N MET A 73 1.50 3.89 -8.44
CA MET A 73 0.90 3.03 -7.43
C MET A 73 0.99 3.78 -6.11
N ASP A 74 0.02 4.64 -5.83
CA ASP A 74 0.04 5.52 -4.67
C ASP A 74 -0.10 4.78 -3.33
N ALA A 75 -0.67 3.57 -3.32
CA ALA A 75 -0.88 2.80 -2.11
C ALA A 75 -0.77 1.31 -2.39
N LEU A 76 -0.29 0.58 -1.38
CA LEU A 76 -0.20 -0.87 -1.34
C LEU A 76 -0.15 -1.23 0.15
N PHE A 77 -1.18 -1.92 0.65
CA PHE A 77 -1.31 -2.29 2.06
C PHE A 77 -1.95 -3.68 2.12
N ILE A 78 -1.51 -4.53 3.05
CA ILE A 78 -1.86 -5.94 3.08
C ILE A 78 -1.84 -6.38 4.55
N ASP A 79 -2.68 -7.37 4.84
CA ASP A 79 -2.75 -8.02 6.13
C ASP A 79 -1.38 -8.67 6.41
N PRO A 80 -0.68 -8.34 7.51
CA PRO A 80 0.56 -9.00 7.92
C PRO A 80 0.53 -10.53 7.88
N ASP A 81 -0.65 -11.15 8.05
CA ASP A 81 -0.81 -12.60 8.00
C ASP A 81 -0.41 -13.20 6.65
N VAL A 82 -0.43 -12.40 5.56
CA VAL A 82 -0.09 -12.85 4.21
C VAL A 82 0.99 -11.99 3.55
N ARG A 83 1.51 -10.94 4.21
CA ARG A 83 2.69 -10.22 3.73
C ARG A 83 3.87 -11.18 3.58
N GLY A 84 4.03 -12.11 4.51
CA GLY A 84 5.05 -13.16 4.45
C GLY A 84 4.86 -14.10 3.26
N CYS A 85 3.62 -14.29 2.79
CA CYS A 85 3.29 -15.11 1.62
C CYS A 85 3.64 -14.42 0.30
N GLY A 86 4.04 -13.14 0.33
CA GLY A 86 4.51 -12.42 -0.86
C GLY A 86 3.37 -11.83 -1.69
N VAL A 87 2.17 -11.64 -1.12
CA VAL A 87 1.05 -11.00 -1.82
C VAL A 87 1.44 -9.63 -2.37
N GLY A 88 2.36 -8.92 -1.68
CA GLY A 88 2.94 -7.68 -2.18
C GLY A 88 3.45 -7.83 -3.60
N ARG A 89 4.22 -8.87 -3.89
CA ARG A 89 4.74 -9.08 -5.25
C ARG A 89 3.60 -9.33 -6.22
N VAL A 90 2.59 -10.12 -5.83
CA VAL A 90 1.43 -10.39 -6.69
C VAL A 90 0.73 -9.07 -7.05
N LEU A 91 0.51 -8.20 -6.07
CA LEU A 91 -0.18 -6.92 -6.28
C LEU A 91 0.68 -5.97 -7.11
N VAL A 92 2.00 -5.95 -6.90
CA VAL A 92 2.90 -5.16 -7.74
C VAL A 92 2.87 -5.69 -9.18
N GLU A 93 2.82 -7.01 -9.40
CA GLU A 93 2.73 -7.55 -10.75
C GLU A 93 1.42 -7.12 -11.41
N HIS A 94 0.32 -7.04 -10.65
CA HIS A 94 -0.95 -6.54 -11.16
C HIS A 94 -0.82 -5.10 -11.62
N ALA A 95 -0.19 -4.27 -10.77
CA ALA A 95 0.05 -2.88 -11.05
C ALA A 95 0.96 -2.71 -12.29
N LEU A 96 2.08 -3.44 -12.34
CA LEU A 96 3.02 -3.45 -13.46
C LEU A 96 2.34 -3.86 -14.76
N SER A 97 1.35 -4.76 -14.70
CA SER A 97 0.63 -5.21 -15.88
C SER A 97 -0.13 -4.06 -16.54
N MET A 98 -0.61 -3.08 -15.76
CA MET A 98 -1.28 -1.90 -16.30
C MET A 98 -0.30 -0.75 -16.57
N ALA A 99 0.84 -0.73 -15.88
CA ALA A 99 1.78 0.37 -15.87
C ALA A 99 3.21 -0.17 -15.92
N PRO A 100 3.82 -0.39 -17.09
CA PRO A 100 5.15 -0.95 -17.17
C PRO A 100 6.24 -0.04 -16.57
N GLU A 101 5.98 1.26 -16.47
CA GLU A 101 6.92 2.28 -16.02
C GLU A 101 6.55 2.75 -14.61
N LEU A 102 5.98 1.83 -13.83
CA LEU A 102 5.38 2.02 -12.52
C LEU A 102 6.26 2.83 -11.58
N THR A 103 5.61 3.67 -10.78
CA THR A 103 6.22 4.43 -9.70
C THR A 103 5.43 4.15 -8.42
N THR A 104 6.00 4.42 -7.25
CA THR A 104 5.29 4.29 -5.99
C THR A 104 5.89 5.24 -4.94
N ASN A 105 5.38 5.16 -3.72
CA ASN A 105 5.84 5.93 -2.58
C ASN A 105 5.68 5.13 -1.29
N VAL A 106 6.42 5.52 -0.25
CA VAL A 106 6.48 4.84 1.04
C VAL A 106 6.95 5.85 2.08
N ASN A 107 6.45 5.77 3.32
CA ASN A 107 6.96 6.63 4.40
C ASN A 107 8.34 6.09 4.78
N GLU A 108 9.36 6.95 4.86
CA GLU A 108 10.75 6.52 5.07
C GLU A 108 10.90 5.67 6.33
N GLN A 109 10.08 5.93 7.35
CA GLN A 109 10.13 5.23 8.63
C GLN A 109 9.89 3.72 8.46
N ASN A 110 9.08 3.32 7.49
CA ASN A 110 8.83 1.93 7.18
C ASN A 110 9.98 1.37 6.32
N GLU A 111 11.16 1.27 6.92
CA GLU A 111 12.35 0.73 6.28
C GLU A 111 12.12 -0.71 5.79
N GLN A 112 11.18 -1.43 6.40
CA GLN A 112 10.83 -2.79 5.97
C GLN A 112 10.24 -2.77 4.56
N ALA A 113 9.28 -1.88 4.31
CA ALA A 113 8.68 -1.72 2.99
C ALA A 113 9.67 -1.13 2.00
N VAL A 114 10.55 -0.22 2.42
CA VAL A 114 11.63 0.26 1.56
C VAL A 114 12.46 -0.95 1.10
N GLY A 115 12.87 -1.82 2.02
CA GLY A 115 13.64 -3.01 1.70
C GLY A 115 12.88 -3.95 0.77
N PHE A 116 11.61 -4.22 1.07
CA PHE A 116 10.75 -5.06 0.26
C PHE A 116 10.69 -4.50 -1.16
N TYR A 117 10.39 -3.21 -1.31
CA TYR A 117 10.18 -2.62 -2.62
C TYR A 117 11.50 -2.64 -3.41
N LYS A 118 12.66 -2.47 -2.77
CA LYS A 118 13.96 -2.66 -3.43
C LYS A 118 14.10 -4.09 -3.95
N LYS A 119 13.76 -5.12 -3.15
CA LYS A 119 13.84 -6.52 -3.61
C LYS A 119 12.96 -6.74 -4.82
N VAL A 120 11.77 -6.13 -4.83
CA VAL A 120 10.80 -6.26 -5.91
C VAL A 120 11.34 -5.60 -7.19
N GLY A 121 12.03 -4.46 -7.06
CA GLY A 121 12.77 -3.83 -8.15
C GLY A 121 12.64 -2.31 -8.21
N PHE A 122 12.10 -1.65 -7.19
CA PHE A 122 12.01 -0.18 -7.18
C PHE A 122 13.34 0.46 -6.77
N LYS A 123 13.53 1.72 -7.19
CA LYS A 123 14.70 2.55 -6.95
C LYS A 123 14.21 3.98 -6.77
N VAL A 124 14.79 4.73 -5.84
CA VAL A 124 14.28 6.05 -5.41
C VAL A 124 14.52 7.09 -6.52
N THR A 125 13.51 7.92 -6.73
CA THR A 125 13.44 8.95 -7.75
C THR A 125 13.00 10.30 -7.16
N GLY A 126 12.56 10.34 -5.90
CA GLY A 126 12.32 11.59 -5.18
C GLY A 126 12.14 11.33 -3.70
N ARG A 127 12.05 12.39 -2.88
CA ARG A 127 11.77 12.27 -1.45
C ARG A 127 11.21 13.57 -0.88
N SER A 128 11.05 13.59 0.44
CA SER A 128 10.59 14.71 1.24
C SER A 128 11.47 14.81 2.50
N GLU A 129 11.29 15.85 3.31
CA GLU A 129 11.96 16.01 4.62
C GLU A 129 10.95 16.15 5.76
N VAL A 130 9.66 16.29 5.43
CA VAL A 130 8.52 16.24 6.35
C VAL A 130 7.40 15.48 5.63
N ASP A 131 6.30 15.18 6.32
CA ASP A 131 5.21 14.40 5.76
C ASP A 131 4.37 15.30 4.86
N ASP A 132 3.72 16.30 5.47
CA ASP A 132 2.98 17.35 4.77
C ASP A 132 2.76 18.58 5.65
N LEU A 133 2.37 18.37 6.91
CA LEU A 133 2.00 19.45 7.83
C LEU A 133 3.24 20.04 8.54
N GLY A 134 4.42 19.47 8.32
CA GLY A 134 5.67 19.87 8.96
C GLY A 134 6.23 18.77 9.88
N LYS A 135 5.41 17.77 10.23
CA LYS A 135 5.84 16.63 11.04
C LYS A 135 6.97 15.86 10.34
N PRO A 136 8.02 15.41 11.04
CA PRO A 136 9.23 14.85 10.46
C PRO A 136 9.07 13.38 10.04
N TYR A 137 8.05 13.06 9.26
CA TYR A 137 7.74 11.70 8.81
C TYR A 137 7.74 11.67 7.26
N PRO A 138 8.90 11.87 6.62
CA PRO A 138 8.96 12.07 5.17
C PRO A 138 8.48 10.90 4.32
N LEU A 139 8.09 11.22 3.10
CA LEU A 139 7.67 10.28 2.08
C LEU A 139 8.82 10.18 1.09
N LEU A 140 9.05 8.98 0.59
CA LEU A 140 10.01 8.70 -0.47
C LEU A 140 9.19 8.37 -1.71
N ASN A 141 9.71 8.67 -2.90
CA ASN A 141 9.10 8.33 -4.18
C ASN A 141 10.11 7.51 -4.96
N LEU A 142 9.63 6.47 -5.62
CA LEU A 142 10.46 5.45 -6.24
C LEU A 142 9.86 5.10 -7.60
N ALA A 143 10.66 4.48 -8.46
CA ALA A 143 10.28 4.01 -9.78
C ALA A 143 10.80 2.59 -9.96
N TYR A 144 10.05 1.78 -10.70
CA TYR A 144 10.46 0.42 -11.00
C TYR A 144 11.60 0.46 -12.02
N VAL A 145 12.70 -0.21 -11.71
CA VAL A 145 13.88 -0.28 -12.57
C VAL A 145 14.46 -1.70 -12.66
N GLY A 146 14.04 -2.62 -11.77
CA GLY A 146 14.59 -3.96 -11.64
C GLY A 146 14.02 -4.97 -12.65
N ALA A 147 13.61 -4.49 -13.83
CA ALA A 147 13.12 -5.31 -14.93
C ALA A 147 14.20 -6.33 -15.33
N MET A 1 -6.31 -22.34 -1.36
CA MET A 1 -6.02 -20.89 -1.41
C MET A 1 -5.48 -20.52 -2.79
N VAL A 2 -6.00 -19.42 -3.36
CA VAL A 2 -5.49 -18.76 -4.56
C VAL A 2 -5.55 -17.24 -4.30
N ILE A 3 -5.13 -16.45 -5.29
CA ILE A 3 -5.20 -15.00 -5.26
C ILE A 3 -5.68 -14.54 -6.64
N SER A 4 -6.46 -13.47 -6.65
CA SER A 4 -6.83 -12.71 -7.84
C SER A 4 -6.89 -11.25 -7.42
N ILE A 5 -6.94 -10.33 -8.38
CA ILE A 5 -7.03 -8.91 -8.13
C ILE A 5 -8.24 -8.39 -8.90
N ARG A 6 -8.99 -7.45 -8.33
CA ARG A 6 -10.13 -6.80 -9.00
C ARG A 6 -10.37 -5.43 -8.40
N ARG A 7 -11.23 -4.60 -9.00
CA ARG A 7 -11.68 -3.37 -8.38
C ARG A 7 -12.37 -3.69 -7.05
N SER A 8 -12.21 -2.77 -6.12
CA SER A 8 -12.85 -2.76 -4.81
C SER A 8 -14.39 -2.67 -4.91
N ARG A 9 -15.06 -3.10 -3.85
CA ARG A 9 -16.49 -2.91 -3.60
C ARG A 9 -16.59 -1.85 -2.49
N HIS A 10 -17.71 -1.12 -2.42
CA HIS A 10 -17.88 -0.14 -1.35
C HIS A 10 -18.03 -0.84 0.00
N GLU A 11 -18.79 -1.94 0.05
CA GLU A 11 -19.16 -2.58 1.32
C GLU A 11 -17.98 -3.25 2.02
N GLU A 12 -16.95 -3.65 1.27
CA GLU A 12 -15.74 -4.25 1.83
C GLU A 12 -14.74 -3.17 2.27
N GLY A 13 -15.05 -1.88 2.11
CA GLY A 13 -14.18 -0.77 2.45
C GLY A 13 -13.63 -0.86 3.88
N GLU A 14 -14.45 -1.23 4.86
CA GLU A 14 -14.01 -1.32 6.24
C GLU A 14 -13.00 -2.46 6.46
N GLU A 15 -13.03 -3.50 5.63
CA GLU A 15 -12.01 -4.54 5.65
C GLU A 15 -10.69 -3.99 5.11
N LEU A 16 -10.74 -3.02 4.20
CA LEU A 16 -9.55 -2.37 3.67
C LEU A 16 -8.96 -1.44 4.73
N VAL A 17 -9.81 -0.73 5.48
CA VAL A 17 -9.41 0.03 6.65
C VAL A 17 -8.73 -0.91 7.66
N ALA A 18 -9.29 -2.09 7.90
CA ALA A 18 -8.72 -3.08 8.79
C ALA A 18 -7.36 -3.56 8.31
N ILE A 19 -7.21 -3.80 7.00
CA ILE A 19 -5.94 -4.21 6.38
C ILE A 19 -4.90 -3.13 6.61
N TRP A 20 -5.23 -1.87 6.31
CA TRP A 20 -4.34 -0.73 6.58
C TRP A 20 -3.95 -0.71 8.06
N CYS A 21 -4.91 -0.86 8.99
CA CYS A 21 -4.63 -0.84 10.41
C CYS A 21 -3.67 -1.98 10.78
N ARG A 22 -3.90 -3.19 10.24
CA ARG A 22 -3.02 -4.34 10.44
C ARG A 22 -1.65 -4.11 9.83
N SER A 23 -1.56 -3.39 8.72
CA SER A 23 -0.30 -3.07 8.09
C SER A 23 0.50 -2.12 8.97
N VAL A 24 -0.17 -1.15 9.60
CA VAL A 24 0.46 -0.24 10.52
C VAL A 24 0.92 -1.03 11.75
N ASP A 25 0.06 -1.88 12.31
CA ASP A 25 0.39 -2.73 13.45
C ASP A 25 1.59 -3.65 13.18
N ALA A 26 1.77 -4.08 11.92
CA ALA A 26 2.83 -4.99 11.53
C ALA A 26 4.14 -4.26 11.25
N THR A 27 4.11 -3.12 10.55
CA THR A 27 5.34 -2.51 10.03
C THR A 27 5.44 -0.98 10.14
N HIS A 28 4.44 -0.27 10.67
CA HIS A 28 4.40 1.19 10.66
C HIS A 28 3.98 1.78 12.02
N ASP A 29 4.06 0.98 13.09
CA ASP A 29 3.52 1.25 14.43
C ASP A 29 4.18 2.45 15.15
N PHE A 30 5.12 3.13 14.49
CA PHE A 30 5.75 4.37 14.92
C PHE A 30 4.73 5.52 15.11
N LEU A 31 3.59 5.44 14.44
CA LEU A 31 2.54 6.47 14.43
C LEU A 31 1.97 6.63 15.83
N SER A 32 2.21 7.79 16.45
CA SER A 32 1.62 8.21 17.71
C SER A 32 0.08 8.20 17.62
N ALA A 33 -0.60 8.04 18.75
CA ALA A 33 -2.05 7.80 18.79
C ALA A 33 -2.88 8.89 18.10
N GLU A 34 -2.48 10.16 18.20
CA GLU A 34 -3.22 11.25 17.55
C GLU A 34 -3.11 11.12 16.03
N TYR A 35 -1.89 10.90 15.52
CA TYR A 35 -1.64 10.72 14.10
C TYR A 35 -2.34 9.44 13.61
N ARG A 36 -2.30 8.36 14.41
CA ARG A 36 -3.00 7.11 14.14
C ARG A 36 -4.48 7.37 13.93
N THR A 37 -5.12 8.13 14.83
CA THR A 37 -6.53 8.41 14.81
C THR A 37 -6.89 9.22 13.57
N GLU A 38 -6.15 10.30 13.29
CA GLU A 38 -6.45 11.18 12.16
C GLU A 38 -6.25 10.45 10.83
N LEU A 39 -5.21 9.60 10.73
CA LEU A 39 -5.01 8.75 9.57
C LEU A 39 -6.18 7.78 9.44
N GLU A 40 -6.51 7.02 10.50
CA GLU A 40 -7.54 5.98 10.41
C GLU A 40 -8.88 6.58 9.97
N ASP A 41 -9.21 7.78 10.43
CA ASP A 41 -10.43 8.48 10.03
C ASP A 41 -10.42 8.84 8.55
N LEU A 42 -9.33 9.44 8.06
CA LEU A 42 -9.25 9.88 6.68
C LEU A 42 -9.18 8.67 5.74
N VAL A 43 -8.48 7.62 6.16
CA VAL A 43 -8.41 6.32 5.50
C VAL A 43 -9.82 5.74 5.40
N ARG A 44 -10.59 5.72 6.49
CA ARG A 44 -11.98 5.26 6.47
C ARG A 44 -12.91 6.21 5.73
N SER A 45 -12.45 7.41 5.38
CA SER A 45 -13.20 8.34 4.54
C SER A 45 -12.76 8.19 3.06
N PHE A 46 -11.89 7.24 2.75
CA PHE A 46 -11.24 7.15 1.45
C PHE A 46 -11.23 5.72 0.90
N LEU A 47 -10.68 4.73 1.61
CA LEU A 47 -10.59 3.37 1.08
C LEU A 47 -11.96 2.79 0.66
N PRO A 48 -13.08 3.04 1.37
CA PRO A 48 -14.40 2.61 0.92
C PRO A 48 -14.86 3.20 -0.42
N GLU A 49 -14.23 4.27 -0.94
CA GLU A 49 -14.69 4.95 -2.16
C GLU A 49 -13.57 5.10 -3.20
N ALA A 50 -12.31 4.88 -2.82
CA ALA A 50 -11.14 5.01 -3.67
C ALA A 50 -11.16 3.96 -4.81
N PRO A 51 -10.56 4.27 -5.97
CA PRO A 51 -10.51 3.40 -7.14
C PRO A 51 -9.46 2.28 -6.99
N LEU A 52 -9.58 1.51 -5.91
CA LEU A 52 -8.59 0.53 -5.49
C LEU A 52 -8.75 -0.76 -6.28
N TRP A 53 -7.64 -1.47 -6.35
CA TRP A 53 -7.55 -2.82 -6.86
C TRP A 53 -7.22 -3.67 -5.64
N VAL A 54 -8.16 -4.49 -5.19
CA VAL A 54 -7.99 -5.32 -4.02
C VAL A 54 -7.46 -6.68 -4.43
N ALA A 55 -6.52 -7.20 -3.65
CA ALA A 55 -6.09 -8.58 -3.77
C ALA A 55 -7.14 -9.33 -2.97
N VAL A 56 -7.67 -10.41 -3.51
CA VAL A 56 -8.68 -11.22 -2.86
C VAL A 56 -8.18 -12.65 -2.85
N ASN A 57 -8.43 -13.34 -1.74
CA ASN A 57 -8.19 -14.77 -1.65
C ASN A 57 -9.40 -15.51 -2.24
N GLU A 58 -9.33 -16.84 -2.27
CA GLU A 58 -10.33 -17.77 -2.80
C GLU A 58 -11.78 -17.48 -2.31
N ARG A 59 -11.95 -16.82 -1.16
CA ARG A 59 -13.23 -16.47 -0.57
C ARG A 59 -13.87 -15.23 -1.23
N ASP A 60 -13.16 -14.60 -2.19
CA ASP A 60 -13.50 -13.30 -2.76
C ASP A 60 -13.73 -12.28 -1.64
N GLN A 61 -12.68 -12.15 -0.84
CA GLN A 61 -12.63 -11.45 0.42
C GLN A 61 -11.25 -10.77 0.40
N PRO A 62 -11.16 -9.44 0.60
CA PRO A 62 -9.93 -8.70 0.37
C PRO A 62 -8.85 -9.06 1.39
N VAL A 63 -7.61 -9.13 0.93
CA VAL A 63 -6.43 -9.38 1.77
C VAL A 63 -5.32 -8.34 1.54
N GLY A 64 -5.46 -7.47 0.53
CA GLY A 64 -4.58 -6.33 0.30
C GLY A 64 -5.26 -5.37 -0.66
N PHE A 65 -4.68 -4.18 -0.86
CA PHE A 65 -5.17 -3.21 -1.82
C PHE A 65 -4.00 -2.43 -2.44
N MET A 66 -4.21 -1.96 -3.66
CA MET A 66 -3.26 -1.27 -4.52
C MET A 66 -4.03 -0.09 -5.14
N LEU A 67 -3.45 1.11 -5.10
CA LEU A 67 -3.99 2.32 -5.72
C LEU A 67 -3.02 2.66 -6.83
N LEU A 68 -3.46 2.65 -8.09
CA LEU A 68 -2.66 3.06 -9.23
C LEU A 68 -3.58 3.78 -10.21
N SER A 69 -3.10 4.93 -10.68
CA SER A 69 -3.66 5.69 -11.79
C SER A 69 -2.45 6.27 -12.54
N GLY A 70 -2.60 6.52 -13.84
CA GLY A 70 -1.48 6.89 -14.69
C GLY A 70 -0.40 5.81 -14.60
N GLN A 71 0.77 6.15 -14.06
CA GLN A 71 1.90 5.24 -13.85
C GLN A 71 2.42 5.37 -12.41
N HIS A 72 1.58 5.76 -11.45
CA HIS A 72 1.99 5.97 -10.06
C HIS A 72 1.10 5.15 -9.12
N MET A 73 1.69 4.13 -8.49
CA MET A 73 1.05 3.35 -7.45
C MET A 73 1.13 4.16 -6.16
N ASP A 74 0.13 5.01 -5.92
CA ASP A 74 0.08 5.92 -4.79
C ASP A 74 0.08 5.20 -3.43
N ALA A 75 -0.48 3.98 -3.38
CA ALA A 75 -0.64 3.22 -2.16
C ALA A 75 -0.57 1.72 -2.44
N LEU A 76 -0.08 0.96 -1.48
CA LEU A 76 -0.04 -0.51 -1.45
C LEU A 76 0.02 -0.92 0.02
N PHE A 77 -0.96 -1.68 0.50
CA PHE A 77 -1.03 -2.16 1.88
C PHE A 77 -1.68 -3.56 1.84
N ILE A 78 -1.23 -4.47 2.71
CA ILE A 78 -1.61 -5.88 2.65
C ILE A 78 -1.54 -6.43 4.07
N ASP A 79 -2.47 -7.31 4.38
CA ASP A 79 -2.60 -7.93 5.68
C ASP A 79 -1.34 -8.79 5.94
N PRO A 80 -0.71 -8.71 7.11
CA PRO A 80 0.52 -9.44 7.39
C PRO A 80 0.39 -10.96 7.23
N ASP A 81 -0.80 -11.54 7.35
CA ASP A 81 -1.02 -12.98 7.24
C ASP A 81 -0.70 -13.53 5.84
N VAL A 82 -0.77 -12.68 4.80
CA VAL A 82 -0.61 -13.12 3.41
C VAL A 82 0.64 -12.53 2.75
N ARG A 83 1.42 -11.68 3.44
CA ARG A 83 2.68 -11.17 2.90
C ARG A 83 3.63 -12.33 2.59
N GLY A 84 3.65 -13.36 3.44
CA GLY A 84 4.43 -14.58 3.21
C GLY A 84 3.96 -15.36 1.98
N CYS A 85 2.68 -15.25 1.62
CA CYS A 85 2.12 -15.88 0.43
C CYS A 85 2.53 -15.14 -0.87
N GLY A 86 3.20 -13.98 -0.76
CA GLY A 86 3.74 -13.26 -1.90
C GLY A 86 2.75 -12.30 -2.54
N VAL A 87 1.63 -11.98 -1.88
CA VAL A 87 0.61 -11.05 -2.41
C VAL A 87 1.23 -9.70 -2.77
N GLY A 88 2.28 -9.27 -2.04
CA GLY A 88 3.10 -8.12 -2.39
C GLY A 88 3.50 -8.13 -3.86
N ARG A 89 4.13 -9.22 -4.33
CA ARG A 89 4.48 -9.32 -5.74
C ARG A 89 3.22 -9.35 -6.59
N VAL A 90 2.16 -10.09 -6.22
CA VAL A 90 0.99 -10.18 -7.08
C VAL A 90 0.41 -8.79 -7.36
N LEU A 91 0.26 -7.95 -6.32
CA LEU A 91 -0.30 -6.62 -6.49
C LEU A 91 0.64 -5.70 -7.27
N VAL A 92 1.95 -5.77 -7.02
CA VAL A 92 2.93 -5.00 -7.78
C VAL A 92 2.92 -5.44 -9.25
N GLU A 93 2.82 -6.73 -9.54
CA GLU A 93 2.77 -7.23 -10.91
C GLU A 93 1.48 -6.77 -11.59
N HIS A 94 0.38 -6.67 -10.85
CA HIS A 94 -0.86 -6.11 -11.37
C HIS A 94 -0.66 -4.66 -11.78
N ALA A 95 -0.02 -3.88 -10.91
CA ALA A 95 0.27 -2.48 -11.16
C ALA A 95 1.21 -2.33 -12.36
N LEU A 96 2.30 -3.10 -12.41
CA LEU A 96 3.26 -3.12 -13.50
C LEU A 96 2.59 -3.51 -14.82
N SER A 97 1.57 -4.37 -14.79
CA SER A 97 0.86 -4.78 -15.99
C SER A 97 0.13 -3.59 -16.63
N MET A 98 -0.40 -2.66 -15.83
CA MET A 98 -1.06 -1.46 -16.34
C MET A 98 -0.06 -0.33 -16.63
N ALA A 99 1.10 -0.34 -15.97
CA ALA A 99 2.09 0.72 -16.02
C ALA A 99 3.49 0.10 -16.01
N PRO A 100 4.15 -0.12 -17.16
CA PRO A 100 5.48 -0.73 -17.17
C PRO A 100 6.54 0.18 -16.52
N GLU A 101 6.31 1.50 -16.54
CA GLU A 101 7.24 2.53 -16.10
C GLU A 101 6.84 3.05 -14.70
N LEU A 102 6.26 2.15 -13.91
CA LEU A 102 5.64 2.36 -12.61
C LEU A 102 6.54 3.14 -11.66
N THR A 103 5.89 3.94 -10.82
CA THR A 103 6.48 4.65 -9.70
C THR A 103 5.64 4.40 -8.45
N THR A 104 6.18 4.66 -7.26
CA THR A 104 5.44 4.56 -6.01
C THR A 104 6.07 5.44 -4.95
N ASN A 105 5.50 5.41 -3.74
CA ASN A 105 5.94 6.17 -2.58
C ASN A 105 5.93 5.25 -1.36
N VAL A 106 6.73 5.56 -0.35
CA VAL A 106 6.74 4.88 0.95
C VAL A 106 7.28 5.86 1.99
N ASN A 107 6.80 5.80 3.23
CA ASN A 107 7.36 6.65 4.29
C ASN A 107 8.67 6.04 4.75
N GLU A 108 9.67 6.89 4.99
CA GLU A 108 11.02 6.44 5.35
C GLU A 108 11.02 5.69 6.69
N GLN A 109 10.03 5.94 7.57
CA GLN A 109 9.89 5.23 8.84
C GLN A 109 9.83 3.72 8.64
N ASN A 110 9.13 3.27 7.61
CA ASN A 110 8.92 1.86 7.29
C ASN A 110 10.10 1.35 6.45
N GLU A 111 11.29 1.36 7.04
CA GLU A 111 12.51 0.87 6.42
C GLU A 111 12.35 -0.57 5.94
N GLN A 112 11.48 -1.36 6.58
CA GLN A 112 11.19 -2.74 6.20
C GLN A 112 10.57 -2.77 4.80
N ALA A 113 9.58 -1.90 4.56
CA ALA A 113 8.97 -1.75 3.24
C ALA A 113 9.93 -1.14 2.24
N VAL A 114 10.80 -0.22 2.64
CA VAL A 114 11.86 0.27 1.75
C VAL A 114 12.69 -0.92 1.26
N GLY A 115 13.14 -1.78 2.18
CA GLY A 115 13.92 -2.97 1.84
C GLY A 115 13.14 -3.91 0.93
N PHE A 116 11.88 -4.19 1.27
CA PHE A 116 10.99 -5.03 0.48
C PHE A 116 10.89 -4.49 -0.95
N TYR A 117 10.60 -3.19 -1.09
CA TYR A 117 10.36 -2.60 -2.39
C TYR A 117 11.66 -2.61 -3.22
N LYS A 118 12.83 -2.45 -2.59
CA LYS A 118 14.12 -2.65 -3.27
C LYS A 118 14.23 -4.06 -3.82
N LYS A 119 13.91 -5.10 -3.02
CA LYS A 119 13.97 -6.49 -3.49
C LYS A 119 13.06 -6.69 -4.70
N VAL A 120 11.87 -6.11 -4.64
CA VAL A 120 10.87 -6.21 -5.69
C VAL A 120 11.36 -5.54 -6.99
N GLY A 121 12.09 -4.44 -6.87
CA GLY A 121 12.81 -3.81 -7.98
C GLY A 121 12.69 -2.29 -8.05
N PHE A 122 12.14 -1.62 -7.04
CA PHE A 122 12.08 -0.16 -7.02
C PHE A 122 13.42 0.44 -6.63
N LYS A 123 13.66 1.69 -7.05
CA LYS A 123 14.85 2.47 -6.77
C LYS A 123 14.39 3.92 -6.55
N VAL A 124 14.95 4.62 -5.56
CA VAL A 124 14.48 5.93 -5.12
C VAL A 124 14.82 6.99 -6.17
N THR A 125 13.84 7.84 -6.45
CA THR A 125 13.85 8.88 -7.46
C THR A 125 13.49 10.24 -6.86
N GLY A 126 13.04 10.30 -5.60
CA GLY A 126 12.86 11.56 -4.89
C GLY A 126 12.54 11.34 -3.42
N ARG A 127 12.37 12.43 -2.66
CA ARG A 127 11.90 12.38 -1.28
C ARG A 127 11.24 13.72 -0.90
N SER A 128 10.71 13.75 0.31
CA SER A 128 10.09 14.88 0.97
C SER A 128 10.39 14.71 2.46
N GLU A 129 10.77 15.79 3.16
CA GLU A 129 11.15 15.73 4.57
C GLU A 129 9.92 15.71 5.51
N VAL A 130 8.71 15.76 4.93
CA VAL A 130 7.44 15.62 5.63
C VAL A 130 6.58 14.64 4.81
N ASP A 131 5.43 14.26 5.36
CA ASP A 131 4.62 13.19 4.78
C ASP A 131 3.62 13.76 3.78
N ASP A 132 2.65 14.55 4.23
CA ASP A 132 1.72 15.25 3.35
C ASP A 132 1.07 16.47 4.02
N LEU A 133 0.55 16.30 5.24
CA LEU A 133 -0.13 17.35 5.99
C LEU A 133 0.88 18.17 6.81
N GLY A 134 2.13 18.23 6.35
CA GLY A 134 3.25 18.80 7.09
C GLY A 134 3.64 17.96 8.32
N LYS A 135 3.24 16.68 8.37
CA LYS A 135 3.61 15.77 9.45
C LYS A 135 5.12 15.55 9.37
N PRO A 136 5.88 15.62 10.47
CA PRO A 136 7.34 15.63 10.45
C PRO A 136 7.94 14.23 10.25
N TYR A 137 7.41 13.45 9.30
CA TYR A 137 7.80 12.08 9.03
C TYR A 137 7.99 11.99 7.52
N PRO A 138 9.22 11.79 7.01
CA PRO A 138 9.49 11.85 5.58
C PRO A 138 8.66 10.90 4.72
N LEU A 139 8.64 11.19 3.42
CA LEU A 139 8.11 10.34 2.36
C LEU A 139 9.23 10.20 1.33
N LEU A 140 9.32 9.04 0.70
CA LEU A 140 10.25 8.75 -0.37
C LEU A 140 9.43 8.47 -1.61
N ASN A 141 9.98 8.78 -2.78
CA ASN A 141 9.40 8.46 -4.08
C ASN A 141 10.39 7.59 -4.82
N LEU A 142 9.86 6.58 -5.49
CA LEU A 142 10.64 5.52 -6.11
C LEU A 142 10.07 5.23 -7.49
N ALA A 143 10.87 4.58 -8.34
CA ALA A 143 10.50 4.14 -9.68
C ALA A 143 10.96 2.70 -9.84
N TYR A 144 10.26 1.93 -10.67
CA TYR A 144 10.66 0.55 -10.94
C TYR A 144 11.85 0.56 -11.90
N VAL A 145 12.94 -0.10 -11.51
CA VAL A 145 14.19 -0.15 -12.26
C VAL A 145 14.68 -1.61 -12.38
N GLY A 146 14.19 -2.53 -11.54
CA GLY A 146 14.64 -3.92 -11.48
C GLY A 146 14.02 -4.82 -12.56
N ALA A 147 13.70 -4.25 -13.73
CA ALA A 147 13.20 -4.98 -14.89
C ALA A 147 14.22 -6.04 -15.31
N MET A 1 -2.80 -21.47 -0.97
CA MET A 1 -4.02 -20.62 -1.11
C MET A 1 -3.92 -19.81 -2.39
N VAL A 2 -4.91 -19.90 -3.28
CA VAL A 2 -4.97 -19.08 -4.49
C VAL A 2 -5.15 -17.60 -4.15
N ILE A 3 -4.78 -16.76 -5.11
CA ILE A 3 -4.94 -15.32 -5.07
C ILE A 3 -5.41 -14.87 -6.45
N SER A 4 -6.27 -13.85 -6.45
CA SER A 4 -6.67 -13.11 -7.64
C SER A 4 -6.76 -11.64 -7.24
N ILE A 5 -6.81 -10.74 -8.22
CA ILE A 5 -6.94 -9.31 -7.97
C ILE A 5 -8.13 -8.83 -8.80
N ARG A 6 -8.91 -7.87 -8.27
CA ARG A 6 -10.02 -7.24 -8.99
C ARG A 6 -10.28 -5.86 -8.39
N ARG A 7 -11.12 -5.04 -9.03
CA ARG A 7 -11.60 -3.79 -8.44
C ARG A 7 -12.32 -4.09 -7.13
N SER A 8 -12.21 -3.16 -6.21
CA SER A 8 -12.88 -3.14 -4.93
C SER A 8 -14.42 -3.06 -5.07
N ARG A 9 -15.12 -3.56 -4.05
CA ARG A 9 -16.55 -3.40 -3.84
C ARG A 9 -16.70 -2.28 -2.80
N HIS A 10 -17.83 -1.58 -2.77
CA HIS A 10 -18.05 -0.52 -1.79
C HIS A 10 -18.11 -1.12 -0.38
N GLU A 11 -18.91 -2.18 -0.20
CA GLU A 11 -19.23 -2.71 1.12
C GLU A 11 -18.04 -3.38 1.81
N GLU A 12 -17.09 -3.92 1.05
CA GLU A 12 -15.91 -4.56 1.60
C GLU A 12 -14.88 -3.53 2.07
N GLY A 13 -15.11 -2.23 1.82
CA GLY A 13 -14.21 -1.15 2.18
C GLY A 13 -13.77 -1.18 3.64
N GLU A 14 -14.66 -1.58 4.55
CA GLU A 14 -14.35 -1.60 5.98
C GLU A 14 -13.27 -2.64 6.30
N GLU A 15 -13.23 -3.74 5.54
CA GLU A 15 -12.18 -4.74 5.66
C GLU A 15 -10.85 -4.16 5.19
N LEU A 16 -10.89 -3.23 4.23
CA LEU A 16 -9.69 -2.59 3.70
C LEU A 16 -9.12 -1.61 4.72
N VAL A 17 -9.99 -0.86 5.42
CA VAL A 17 -9.60 -0.03 6.55
C VAL A 17 -8.94 -0.90 7.62
N ALA A 18 -9.54 -2.05 7.94
CA ALA A 18 -9.00 -2.99 8.92
C ALA A 18 -7.62 -3.51 8.50
N ILE A 19 -7.46 -3.86 7.21
CA ILE A 19 -6.20 -4.33 6.64
C ILE A 19 -5.14 -3.24 6.76
N TRP A 20 -5.44 -2.01 6.34
CA TRP A 20 -4.56 -0.87 6.48
C TRP A 20 -4.09 -0.74 7.94
N CYS A 21 -5.01 -0.82 8.91
CA CYS A 21 -4.68 -0.65 10.31
C CYS A 21 -3.66 -1.70 10.76
N ARG A 22 -3.89 -2.98 10.47
CA ARG A 22 -2.95 -4.04 10.86
C ARG A 22 -1.66 -3.99 10.04
N SER A 23 -1.68 -3.50 8.80
CA SER A 23 -0.47 -3.28 8.02
C SER A 23 0.41 -2.25 8.72
N VAL A 24 -0.20 -1.15 9.18
CA VAL A 24 0.48 -0.07 9.87
C VAL A 24 1.01 -0.57 11.22
N ASP A 25 0.21 -1.35 11.96
CA ASP A 25 0.65 -1.92 13.23
C ASP A 25 1.89 -2.82 13.06
N ALA A 26 1.98 -3.52 11.93
CA ALA A 26 3.06 -4.46 11.65
C ALA A 26 4.37 -3.76 11.29
N THR A 27 4.35 -2.63 10.56
CA THR A 27 5.58 -2.06 10.00
C THR A 27 5.74 -0.54 10.12
N HIS A 28 4.68 0.20 10.47
CA HIS A 28 4.65 1.66 10.41
C HIS A 28 4.15 2.24 11.74
N ASP A 29 4.41 1.53 12.85
CA ASP A 29 3.97 1.89 14.20
C ASP A 29 4.52 3.25 14.69
N PHE A 30 5.50 3.81 13.97
CA PHE A 30 6.02 5.17 14.13
C PHE A 30 4.91 6.24 14.12
N LEU A 31 3.76 5.95 13.53
CA LEU A 31 2.56 6.78 13.58
C LEU A 31 2.04 6.80 15.02
N SER A 32 2.38 7.84 15.77
CA SER A 32 1.84 8.14 17.08
C SER A 32 0.30 8.21 17.03
N ALA A 33 -0.37 8.03 18.17
CA ALA A 33 -1.82 7.85 18.23
C ALA A 33 -2.62 8.95 17.53
N GLU A 34 -2.20 10.21 17.63
CA GLU A 34 -2.91 11.32 16.99
C GLU A 34 -2.80 11.20 15.46
N TYR A 35 -1.59 10.95 14.95
CA TYR A 35 -1.35 10.75 13.53
C TYR A 35 -2.09 9.51 13.03
N ARG A 36 -2.07 8.43 13.82
CA ARG A 36 -2.81 7.20 13.55
C ARG A 36 -4.30 7.50 13.39
N THR A 37 -4.88 8.28 14.30
CA THR A 37 -6.29 8.62 14.30
C THR A 37 -6.65 9.46 13.08
N GLU A 38 -5.85 10.49 12.77
CA GLU A 38 -6.16 11.39 11.66
C GLU A 38 -6.04 10.66 10.32
N LEU A 39 -5.07 9.75 10.18
CA LEU A 39 -4.99 8.89 9.01
C LEU A 39 -6.19 7.95 8.99
N GLU A 40 -6.49 7.26 10.08
CA GLU A 40 -7.58 6.29 10.12
C GLU A 40 -8.90 6.95 9.70
N ASP A 41 -9.16 8.19 10.11
CA ASP A 41 -10.36 8.92 9.74
C ASP A 41 -10.45 9.14 8.23
N LEU A 42 -9.37 9.61 7.61
CA LEU A 42 -9.38 9.89 6.19
C LEU A 42 -9.45 8.59 5.40
N VAL A 43 -8.74 7.56 5.87
CA VAL A 43 -8.77 6.20 5.34
C VAL A 43 -10.19 5.63 5.39
N ARG A 44 -10.89 5.76 6.53
CA ARG A 44 -12.28 5.34 6.71
C ARG A 44 -13.20 6.08 5.74
N SER A 45 -12.81 7.27 5.28
CA SER A 45 -13.60 8.12 4.41
C SER A 45 -13.16 7.98 2.95
N PHE A 46 -12.27 7.03 2.65
CA PHE A 46 -11.61 6.95 1.35
C PHE A 46 -11.53 5.53 0.81
N LEU A 47 -10.99 4.55 1.55
CA LEU A 47 -10.83 3.20 1.01
C LEU A 47 -12.17 2.58 0.55
N PRO A 48 -13.31 2.80 1.22
CA PRO A 48 -14.61 2.33 0.74
C PRO A 48 -15.07 2.92 -0.61
N GLU A 49 -14.45 3.99 -1.11
CA GLU A 49 -14.90 4.67 -2.34
C GLU A 49 -13.78 4.83 -3.37
N ALA A 50 -12.53 4.66 -2.96
CA ALA A 50 -11.35 4.76 -3.81
C ALA A 50 -11.37 3.66 -4.90
N PRO A 51 -10.77 3.93 -6.09
CA PRO A 51 -10.76 3.00 -7.23
C PRO A 51 -9.70 1.90 -7.04
N LEU A 52 -9.72 1.24 -5.90
CA LEU A 52 -8.70 0.28 -5.48
C LEU A 52 -8.84 -1.03 -6.23
N TRP A 53 -7.75 -1.78 -6.19
CA TRP A 53 -7.66 -3.14 -6.68
C TRP A 53 -7.33 -3.99 -5.48
N VAL A 54 -8.21 -4.91 -5.11
CA VAL A 54 -8.05 -5.74 -3.94
C VAL A 54 -7.51 -7.10 -4.34
N ALA A 55 -6.59 -7.63 -3.53
CA ALA A 55 -6.17 -9.02 -3.62
C ALA A 55 -7.23 -9.78 -2.85
N VAL A 56 -7.68 -10.92 -3.36
CA VAL A 56 -8.72 -11.72 -2.75
C VAL A 56 -8.25 -13.18 -2.70
N ASN A 57 -8.65 -13.85 -1.63
CA ASN A 57 -8.49 -15.30 -1.47
C ASN A 57 -9.65 -16.03 -2.14
N GLU A 58 -9.69 -17.36 -1.99
CA GLU A 58 -10.69 -18.25 -2.60
C GLU A 58 -12.15 -17.88 -2.24
N ARG A 59 -12.37 -17.21 -1.10
CA ARG A 59 -13.70 -16.82 -0.64
C ARG A 59 -14.20 -15.55 -1.36
N ASP A 60 -13.38 -14.97 -2.25
CA ASP A 60 -13.61 -13.66 -2.85
C ASP A 60 -13.85 -12.64 -1.74
N GLN A 61 -12.86 -12.56 -0.86
CA GLN A 61 -12.83 -11.85 0.39
C GLN A 61 -11.45 -11.18 0.39
N PRO A 62 -11.36 -9.86 0.61
CA PRO A 62 -10.12 -9.11 0.41
C PRO A 62 -9.07 -9.47 1.46
N VAL A 63 -7.82 -9.56 1.03
CA VAL A 63 -6.65 -9.79 1.89
C VAL A 63 -5.59 -8.70 1.74
N GLY A 64 -5.71 -7.83 0.73
CA GLY A 64 -4.85 -6.67 0.54
C GLY A 64 -5.46 -5.75 -0.49
N PHE A 65 -4.89 -4.56 -0.67
CA PHE A 65 -5.30 -3.63 -1.71
C PHE A 65 -4.11 -2.84 -2.26
N MET A 66 -4.34 -2.28 -3.45
CA MET A 66 -3.39 -1.56 -4.28
C MET A 66 -4.15 -0.37 -4.87
N LEU A 67 -3.54 0.83 -4.91
CA LEU A 67 -4.07 1.97 -5.63
C LEU A 67 -3.05 2.27 -6.71
N LEU A 68 -3.49 2.35 -7.97
CA LEU A 68 -2.70 2.80 -9.09
C LEU A 68 -3.63 3.59 -10.01
N SER A 69 -3.12 4.67 -10.57
CA SER A 69 -3.72 5.45 -11.64
C SER A 69 -2.54 6.13 -12.35
N GLY A 70 -2.70 6.50 -13.63
CA GLY A 70 -1.59 6.95 -14.45
C GLY A 70 -0.51 5.87 -14.47
N GLN A 71 0.66 6.18 -13.90
CA GLN A 71 1.77 5.24 -13.73
C GLN A 71 2.34 5.35 -12.30
N HIS A 72 1.48 5.56 -11.28
CA HIS A 72 1.92 5.69 -9.90
C HIS A 72 1.04 4.85 -8.96
N MET A 73 1.66 3.85 -8.32
CA MET A 73 1.04 3.03 -7.30
C MET A 73 1.23 3.75 -5.96
N ASP A 74 0.28 4.60 -5.56
CA ASP A 74 0.42 5.39 -4.34
C ASP A 74 0.34 4.54 -3.07
N ALA A 75 -0.39 3.42 -3.11
CA ALA A 75 -0.72 2.63 -1.92
C ALA A 75 -0.64 1.14 -2.22
N LEU A 76 -0.20 0.39 -1.21
CA LEU A 76 -0.12 -1.06 -1.20
C LEU A 76 -0.12 -1.47 0.28
N PHE A 77 -1.15 -2.20 0.72
CA PHE A 77 -1.31 -2.63 2.11
C PHE A 77 -1.99 -4.00 2.09
N ILE A 78 -1.58 -4.92 2.98
CA ILE A 78 -1.99 -6.32 2.93
C ILE A 78 -1.96 -6.83 4.37
N ASP A 79 -2.88 -7.74 4.65
CA ASP A 79 -2.98 -8.39 5.95
C ASP A 79 -1.65 -9.12 6.23
N PRO A 80 -0.94 -8.83 7.32
CA PRO A 80 0.35 -9.43 7.64
C PRO A 80 0.39 -10.97 7.57
N ASP A 81 -0.75 -11.66 7.74
CA ASP A 81 -0.82 -13.11 7.66
C ASP A 81 -0.48 -13.66 6.26
N VAL A 82 -0.66 -12.85 5.21
CA VAL A 82 -0.38 -13.25 3.83
C VAL A 82 0.48 -12.22 3.06
N ARG A 83 0.73 -11.05 3.63
CA ARG A 83 1.66 -10.05 3.12
C ARG A 83 3.01 -10.68 2.72
N GLY A 84 3.52 -11.60 3.54
CA GLY A 84 4.80 -12.26 3.30
C GLY A 84 4.69 -13.53 2.44
N CYS A 85 3.48 -14.05 2.19
CA CYS A 85 3.28 -15.25 1.38
C CYS A 85 3.55 -14.99 -0.10
N GLY A 86 3.48 -13.73 -0.54
CA GLY A 86 3.77 -13.33 -1.92
C GLY A 86 2.77 -12.33 -2.47
N VAL A 87 1.66 -12.07 -1.78
CA VAL A 87 0.59 -11.18 -2.27
C VAL A 87 1.15 -9.79 -2.63
N GLY A 88 2.19 -9.33 -1.92
CA GLY A 88 2.93 -8.12 -2.28
C GLY A 88 3.33 -8.13 -3.75
N ARG A 89 4.01 -9.19 -4.21
CA ARG A 89 4.36 -9.30 -5.63
C ARG A 89 3.11 -9.38 -6.48
N VAL A 90 2.07 -10.14 -6.10
CA VAL A 90 0.90 -10.29 -6.95
C VAL A 90 0.27 -8.91 -7.22
N LEU A 91 0.11 -8.09 -6.18
CA LEU A 91 -0.50 -6.77 -6.30
C LEU A 91 0.41 -5.83 -7.09
N VAL A 92 1.72 -5.86 -6.85
CA VAL A 92 2.69 -5.06 -7.60
C VAL A 92 2.67 -5.46 -9.07
N GLU A 93 2.61 -6.76 -9.38
CA GLU A 93 2.62 -7.26 -10.74
C GLU A 93 1.31 -6.84 -11.44
N HIS A 94 0.19 -6.82 -10.71
CA HIS A 94 -1.07 -6.31 -11.24
C HIS A 94 -0.94 -4.84 -11.65
N ALA A 95 -0.29 -4.05 -10.80
CA ALA A 95 -0.08 -2.63 -11.04
C ALA A 95 0.86 -2.43 -12.24
N LEU A 96 2.00 -3.11 -12.24
CA LEU A 96 2.98 -3.06 -13.33
C LEU A 96 2.38 -3.51 -14.66
N SER A 97 1.40 -4.41 -14.65
CA SER A 97 0.71 -4.84 -15.87
C SER A 97 -0.04 -3.69 -16.54
N MET A 98 -0.55 -2.72 -15.77
CA MET A 98 -1.26 -1.56 -16.30
C MET A 98 -0.32 -0.37 -16.54
N ALA A 99 0.86 -0.35 -15.89
CA ALA A 99 1.83 0.73 -15.95
C ALA A 99 3.23 0.12 -15.92
N PRO A 100 3.90 -0.13 -17.05
CA PRO A 100 5.23 -0.73 -17.03
C PRO A 100 6.30 0.21 -16.46
N GLU A 101 6.05 1.52 -16.47
CA GLU A 101 7.00 2.56 -16.11
C GLU A 101 6.66 3.13 -14.71
N LEU A 102 6.10 2.27 -13.87
CA LEU A 102 5.49 2.56 -12.60
C LEU A 102 6.41 3.29 -11.64
N THR A 103 5.80 4.11 -10.79
CA THR A 103 6.43 4.77 -9.65
C THR A 103 5.61 4.50 -8.39
N THR A 104 6.21 4.70 -7.21
CA THR A 104 5.52 4.51 -5.95
C THR A 104 6.15 5.41 -4.89
N ASN A 105 5.71 5.26 -3.65
CA ASN A 105 6.25 5.95 -2.49
C ASN A 105 6.13 5.08 -1.26
N VAL A 106 6.90 5.42 -0.23
CA VAL A 106 6.95 4.72 1.04
C VAL A 106 7.46 5.71 2.09
N ASN A 107 6.94 5.65 3.33
CA ASN A 107 7.42 6.53 4.39
C ASN A 107 8.82 6.09 4.78
N GLU A 108 9.76 7.03 4.92
CA GLU A 108 11.17 6.77 5.15
C GLU A 108 11.41 5.98 6.44
N GLN A 109 10.56 6.17 7.46
CA GLN A 109 10.71 5.51 8.75
C GLN A 109 10.52 3.99 8.61
N ASN A 110 9.66 3.56 7.68
CA ASN A 110 9.36 2.17 7.41
C ASN A 110 10.47 1.57 6.55
N GLU A 111 11.70 1.56 7.08
CA GLU A 111 12.87 1.02 6.41
C GLU A 111 12.67 -0.43 5.99
N GLN A 112 11.81 -1.17 6.68
CA GLN A 112 11.46 -2.54 6.34
C GLN A 112 10.78 -2.59 4.97
N ALA A 113 9.81 -1.71 4.74
CA ALA A 113 9.15 -1.57 3.46
C ALA A 113 10.08 -0.97 2.40
N VAL A 114 10.98 -0.06 2.76
CA VAL A 114 12.01 0.41 1.83
C VAL A 114 12.80 -0.81 1.33
N GLY A 115 13.26 -1.68 2.24
CA GLY A 115 13.98 -2.89 1.90
C GLY A 115 13.15 -3.83 1.04
N PHE A 116 11.88 -4.06 1.43
CA PHE A 116 10.95 -4.89 0.67
C PHE A 116 10.84 -4.38 -0.76
N TYR A 117 10.59 -3.09 -0.94
CA TYR A 117 10.37 -2.52 -2.26
C TYR A 117 11.65 -2.61 -3.10
N LYS A 118 12.84 -2.46 -2.48
CA LYS A 118 14.11 -2.72 -3.18
C LYS A 118 14.16 -4.16 -3.68
N LYS A 119 13.82 -5.15 -2.86
CA LYS A 119 13.82 -6.57 -3.28
C LYS A 119 12.89 -6.77 -4.47
N VAL A 120 11.71 -6.14 -4.42
CA VAL A 120 10.69 -6.24 -5.45
C VAL A 120 11.21 -5.65 -6.78
N GLY A 121 12.00 -4.58 -6.71
CA GLY A 121 12.75 -4.03 -7.85
C GLY A 121 12.68 -2.52 -7.97
N PHE A 122 12.14 -1.81 -6.98
CA PHE A 122 12.09 -0.35 -7.00
C PHE A 122 13.46 0.27 -6.70
N LYS A 123 13.67 1.50 -7.18
CA LYS A 123 14.87 2.29 -6.97
C LYS A 123 14.41 3.73 -6.73
N VAL A 124 15.02 4.43 -5.78
CA VAL A 124 14.57 5.75 -5.32
C VAL A 124 14.88 6.80 -6.38
N THR A 125 13.90 7.67 -6.63
CA THR A 125 13.90 8.71 -7.63
C THR A 125 13.60 10.08 -7.00
N GLY A 126 13.19 10.13 -5.73
CA GLY A 126 13.09 11.38 -4.99
C GLY A 126 12.78 11.13 -3.52
N ARG A 127 12.67 12.21 -2.73
CA ARG A 127 12.18 12.16 -1.36
C ARG A 127 11.60 13.53 -0.99
N SER A 128 11.09 13.62 0.23
CA SER A 128 10.45 14.80 0.80
C SER A 128 10.79 14.85 2.29
N GLU A 129 11.04 16.04 2.84
CA GLU A 129 11.32 16.22 4.28
C GLU A 129 10.07 16.05 5.16
N VAL A 130 8.90 15.83 4.54
CA VAL A 130 7.62 15.67 5.20
C VAL A 130 6.92 14.47 4.56
N ASP A 131 5.79 14.04 5.13
CA ASP A 131 5.03 12.92 4.57
C ASP A 131 4.13 13.42 3.45
N ASP A 132 3.25 14.37 3.76
CA ASP A 132 2.39 15.04 2.78
C ASP A 132 1.79 16.35 3.30
N LEU A 133 1.35 16.35 4.57
CA LEU A 133 0.59 17.45 5.18
C LEU A 133 1.51 18.50 5.81
N GLY A 134 2.82 18.40 5.58
CA GLY A 134 3.85 19.23 6.20
C GLY A 134 4.41 18.62 7.49
N LYS A 135 3.79 17.53 7.99
CA LYS A 135 4.25 16.79 9.16
C LYS A 135 5.64 16.18 8.90
N PRO A 136 6.61 16.33 9.82
CA PRO A 136 8.01 15.96 9.60
C PRO A 136 8.26 14.45 9.75
N TYR A 137 7.62 13.65 8.90
CA TYR A 137 7.78 12.21 8.83
C TYR A 137 8.08 11.85 7.36
N PRO A 138 9.29 12.11 6.84
CA PRO A 138 9.64 12.02 5.42
C PRO A 138 9.01 10.90 4.57
N LEU A 139 8.77 11.20 3.30
CA LEU A 139 8.32 10.27 2.27
C LEU A 139 9.47 10.07 1.31
N LEU A 140 9.57 8.89 0.72
CA LEU A 140 10.50 8.59 -0.37
C LEU A 140 9.65 8.31 -1.61
N ASN A 141 10.16 8.63 -2.78
CA ASN A 141 9.55 8.34 -4.07
C ASN A 141 10.50 7.46 -4.85
N LEU A 142 9.93 6.46 -5.51
CA LEU A 142 10.70 5.40 -6.17
C LEU A 142 10.07 5.13 -7.53
N ALA A 143 10.83 4.46 -8.40
CA ALA A 143 10.41 4.02 -9.72
C ALA A 143 10.78 2.54 -9.84
N TYR A 144 9.99 1.78 -10.60
CA TYR A 144 10.35 0.40 -10.87
C TYR A 144 11.52 0.39 -11.86
N VAL A 145 12.59 -0.32 -11.51
CA VAL A 145 13.81 -0.44 -12.32
C VAL A 145 14.21 -1.92 -12.47
N GLY A 146 13.60 -2.84 -11.73
CA GLY A 146 14.05 -4.21 -11.64
C GLY A 146 15.39 -4.29 -10.91
N ALA A 147 15.56 -3.45 -9.87
CA ALA A 147 16.76 -3.38 -9.04
C ALA A 147 17.16 -4.77 -8.54
N MET A 1 -3.00 -20.93 -1.26
CA MET A 1 -4.34 -20.55 -1.79
C MET A 1 -4.19 -19.66 -3.03
N VAL A 2 -5.15 -19.73 -3.95
CA VAL A 2 -5.20 -18.86 -5.14
C VAL A 2 -5.28 -17.39 -4.69
N ILE A 3 -4.76 -16.50 -5.53
CA ILE A 3 -4.87 -15.05 -5.41
C ILE A 3 -5.37 -14.54 -6.76
N SER A 4 -6.16 -13.48 -6.70
CA SER A 4 -6.57 -12.69 -7.87
C SER A 4 -6.64 -11.23 -7.42
N ILE A 5 -6.74 -10.30 -8.36
CA ILE A 5 -6.86 -8.88 -8.10
C ILE A 5 -8.10 -8.39 -8.86
N ARG A 6 -8.86 -7.46 -8.28
CA ARG A 6 -10.01 -6.82 -8.92
C ARG A 6 -10.25 -5.45 -8.31
N ARG A 7 -11.15 -4.65 -8.89
CA ARG A 7 -11.59 -3.41 -8.26
C ARG A 7 -12.24 -3.71 -6.91
N SER A 8 -12.12 -2.75 -6.01
CA SER A 8 -12.79 -2.73 -4.73
C SER A 8 -14.32 -2.73 -4.88
N ARG A 9 -15.02 -3.06 -3.80
CA ARG A 9 -16.46 -2.94 -3.61
C ARG A 9 -16.66 -2.02 -2.41
N HIS A 10 -17.63 -1.10 -2.45
CA HIS A 10 -17.80 -0.12 -1.40
C HIS A 10 -18.01 -0.78 -0.03
N GLU A 11 -18.80 -1.85 0.01
CA GLU A 11 -19.15 -2.52 1.26
C GLU A 11 -17.98 -3.28 1.88
N GLU A 12 -16.92 -3.59 1.12
CA GLU A 12 -15.74 -4.26 1.64
C GLU A 12 -14.71 -3.23 2.15
N GLY A 13 -14.98 -1.92 2.01
CA GLY A 13 -14.04 -0.87 2.36
C GLY A 13 -13.48 -1.00 3.78
N GLU A 14 -14.30 -1.41 4.75
CA GLU A 14 -13.87 -1.55 6.13
C GLU A 14 -12.80 -2.63 6.30
N GLU A 15 -12.78 -3.66 5.45
CA GLU A 15 -11.73 -4.67 5.45
C GLU A 15 -10.40 -4.01 5.04
N LEU A 16 -10.45 -3.05 4.14
CA LEU A 16 -9.26 -2.40 3.60
C LEU A 16 -8.69 -1.44 4.65
N VAL A 17 -9.58 -0.74 5.36
CA VAL A 17 -9.21 0.04 6.53
C VAL A 17 -8.56 -0.87 7.57
N ALA A 18 -9.15 -2.04 7.84
CA ALA A 18 -8.62 -2.99 8.80
C ALA A 18 -7.24 -3.54 8.39
N ILE A 19 -7.03 -3.78 7.10
CA ILE A 19 -5.75 -4.19 6.53
C ILE A 19 -4.72 -3.08 6.74
N TRP A 20 -5.05 -1.84 6.40
CA TRP A 20 -4.19 -0.70 6.65
C TRP A 20 -3.87 -0.61 8.16
N CYS A 21 -4.86 -0.76 9.04
CA CYS A 21 -4.67 -0.67 10.49
C CYS A 21 -3.67 -1.72 10.98
N ARG A 22 -3.83 -2.99 10.60
CA ARG A 22 -2.87 -4.03 11.00
C ARG A 22 -1.52 -3.85 10.31
N SER A 23 -1.47 -3.23 9.13
CA SER A 23 -0.21 -2.89 8.49
C SER A 23 0.52 -1.79 9.28
N VAL A 24 -0.21 -0.87 9.89
CA VAL A 24 0.38 0.12 10.79
C VAL A 24 0.88 -0.59 12.04
N ASP A 25 0.08 -1.47 12.64
CA ASP A 25 0.45 -2.18 13.86
C ASP A 25 1.71 -3.03 13.67
N ALA A 26 1.83 -3.71 12.54
CA ALA A 26 2.90 -4.66 12.28
C ALA A 26 4.17 -3.98 11.75
N THR A 27 4.04 -2.92 10.95
CA THR A 27 5.17 -2.38 10.20
C THR A 27 5.28 -0.84 10.16
N HIS A 28 4.42 -0.08 10.84
CA HIS A 28 4.57 1.37 10.98
C HIS A 28 4.50 1.75 12.47
N ASP A 29 5.08 0.91 13.34
CA ASP A 29 4.92 1.00 14.79
C ASP A 29 5.34 2.36 15.38
N PHE A 30 6.26 3.07 14.71
CA PHE A 30 6.74 4.38 15.16
C PHE A 30 5.66 5.48 15.06
N LEU A 31 4.59 5.25 14.30
CA LEU A 31 3.53 6.24 14.06
C LEU A 31 2.90 6.68 15.37
N SER A 32 2.85 8.00 15.58
CA SER A 32 2.21 8.64 16.71
C SER A 32 0.74 8.23 16.79
N ALA A 33 0.22 7.94 17.99
CA ALA A 33 -1.13 7.44 18.17
C ALA A 33 -2.19 8.45 17.70
N GLU A 34 -1.94 9.74 17.90
CA GLU A 34 -2.85 10.77 17.41
C GLU A 34 -2.85 10.78 15.88
N TYR A 35 -1.68 10.66 15.26
CA TYR A 35 -1.58 10.65 13.80
C TYR A 35 -2.22 9.39 13.23
N ARG A 36 -2.05 8.23 13.89
CA ARG A 36 -2.74 6.99 13.55
C ARG A 36 -4.24 7.24 13.50
N THR A 37 -4.79 7.80 14.57
CA THR A 37 -6.21 8.02 14.73
C THR A 37 -6.75 8.90 13.61
N GLU A 38 -6.09 10.03 13.33
CA GLU A 38 -6.56 10.98 12.34
C GLU A 38 -6.38 10.42 10.92
N LEU A 39 -5.30 9.65 10.67
CA LEU A 39 -5.12 8.94 9.41
C LEU A 39 -6.23 7.93 9.24
N GLU A 40 -6.51 7.10 10.26
CA GLU A 40 -7.46 6.01 10.13
C GLU A 40 -8.85 6.55 9.79
N ASP A 41 -9.22 7.72 10.33
CA ASP A 41 -10.48 8.37 10.01
C ASP A 41 -10.55 8.77 8.55
N LEU A 42 -9.50 9.42 8.02
CA LEU A 42 -9.51 9.89 6.64
C LEU A 42 -9.41 8.71 5.69
N VAL A 43 -8.63 7.68 6.05
CA VAL A 43 -8.53 6.40 5.37
C VAL A 43 -9.91 5.73 5.33
N ARG A 44 -10.65 5.69 6.45
CA ARG A 44 -12.01 5.16 6.51
C ARG A 44 -13.02 6.07 5.80
N SER A 45 -12.61 7.27 5.39
CA SER A 45 -13.41 8.17 4.57
C SER A 45 -12.97 8.11 3.09
N PHE A 46 -12.05 7.20 2.75
CA PHE A 46 -11.41 7.18 1.44
C PHE A 46 -11.30 5.78 0.85
N LEU A 47 -10.73 4.79 1.54
CA LEU A 47 -10.59 3.44 0.98
C LEU A 47 -11.94 2.83 0.55
N PRO A 48 -13.06 3.03 1.29
CA PRO A 48 -14.38 2.58 0.83
C PRO A 48 -14.87 3.20 -0.48
N GLU A 49 -14.26 4.28 -0.99
CA GLU A 49 -14.75 5.00 -2.18
C GLU A 49 -13.68 5.14 -3.26
N ALA A 50 -12.41 4.95 -2.91
CA ALA A 50 -11.27 5.03 -3.82
C ALA A 50 -11.34 3.91 -4.87
N PRO A 51 -10.85 4.14 -6.10
CA PRO A 51 -10.85 3.18 -7.21
C PRO A 51 -9.72 2.15 -7.06
N LEU A 52 -9.63 1.52 -5.88
CA LEU A 52 -8.57 0.60 -5.51
C LEU A 52 -8.68 -0.69 -6.31
N TRP A 53 -7.59 -1.44 -6.25
CA TRP A 53 -7.47 -2.79 -6.76
C TRP A 53 -7.15 -3.65 -5.54
N VAL A 54 -8.09 -4.49 -5.10
CA VAL A 54 -7.92 -5.34 -3.95
C VAL A 54 -7.33 -6.67 -4.38
N ALA A 55 -6.38 -7.19 -3.60
CA ALA A 55 -5.93 -8.55 -3.74
C ALA A 55 -6.95 -9.35 -2.95
N VAL A 56 -7.44 -10.44 -3.53
CA VAL A 56 -8.41 -11.30 -2.89
C VAL A 56 -7.86 -12.72 -2.89
N ASN A 57 -8.14 -13.44 -1.82
CA ASN A 57 -7.83 -14.85 -1.71
C ASN A 57 -8.84 -15.68 -2.51
N GLU A 58 -8.68 -16.99 -2.44
CA GLU A 58 -9.50 -18.01 -3.10
C GLU A 58 -10.99 -17.93 -2.73
N ARG A 59 -11.35 -17.25 -1.62
CA ARG A 59 -12.71 -17.06 -1.15
C ARG A 59 -13.32 -15.74 -1.66
N ASP A 60 -12.62 -14.99 -2.52
CA ASP A 60 -12.99 -13.63 -2.90
C ASP A 60 -13.19 -12.76 -1.66
N GLN A 61 -12.24 -12.86 -0.73
CA GLN A 61 -12.15 -12.07 0.49
C GLN A 61 -10.94 -11.16 0.29
N PRO A 62 -11.06 -9.83 0.50
CA PRO A 62 -9.92 -8.95 0.37
C PRO A 62 -8.85 -9.30 1.41
N VAL A 63 -7.58 -9.25 0.99
CA VAL A 63 -6.41 -9.50 1.83
C VAL A 63 -5.31 -8.44 1.61
N GLY A 64 -5.44 -7.57 0.62
CA GLY A 64 -4.57 -6.42 0.40
C GLY A 64 -5.22 -5.46 -0.58
N PHE A 65 -4.62 -4.30 -0.80
CA PHE A 65 -5.05 -3.36 -1.83
C PHE A 65 -3.88 -2.57 -2.40
N MET A 66 -4.09 -2.03 -3.59
CA MET A 66 -3.17 -1.26 -4.43
C MET A 66 -3.97 -0.08 -4.97
N LEU A 67 -3.36 1.10 -5.06
CA LEU A 67 -3.90 2.27 -5.74
C LEU A 67 -2.87 2.66 -6.78
N LEU A 68 -3.28 2.79 -8.04
CA LEU A 68 -2.44 3.24 -9.13
C LEU A 68 -3.31 4.05 -10.07
N SER A 69 -2.75 5.14 -10.59
CA SER A 69 -3.28 5.95 -11.66
C SER A 69 -2.06 6.60 -12.32
N GLY A 70 -2.17 7.00 -13.60
CA GLY A 70 -1.00 7.42 -14.37
C GLY A 70 0.01 6.27 -14.35
N GLN A 71 1.19 6.50 -13.76
CA GLN A 71 2.17 5.45 -13.47
C GLN A 71 2.66 5.53 -12.02
N HIS A 72 1.87 6.08 -11.08
CA HIS A 72 2.21 6.16 -9.67
C HIS A 72 1.31 5.23 -8.84
N MET A 73 1.89 4.17 -8.26
CA MET A 73 1.22 3.33 -7.28
C MET A 73 1.28 4.07 -5.95
N ASP A 74 0.31 4.94 -5.70
CA ASP A 74 0.29 5.80 -4.52
C ASP A 74 0.11 5.02 -3.21
N ALA A 75 -0.45 3.81 -3.26
CA ALA A 75 -0.67 2.99 -2.07
C ALA A 75 -0.51 1.51 -2.42
N LEU A 76 -0.01 0.75 -1.45
CA LEU A 76 0.08 -0.71 -1.45
C LEU A 76 0.13 -1.13 0.02
N PHE A 77 -0.87 -1.87 0.49
CA PHE A 77 -0.96 -2.35 1.87
C PHE A 77 -1.59 -3.73 1.83
N ILE A 78 -1.12 -4.65 2.67
CA ILE A 78 -1.53 -6.05 2.64
C ILE A 78 -1.47 -6.55 4.08
N ASP A 79 -2.38 -7.45 4.40
CA ASP A 79 -2.45 -8.11 5.69
C ASP A 79 -1.11 -8.85 5.91
N PRO A 80 -0.37 -8.57 7.00
CA PRO A 80 0.86 -9.28 7.35
C PRO A 80 0.78 -10.81 7.25
N ASP A 81 -0.40 -11.40 7.46
CA ASP A 81 -0.61 -12.85 7.41
C ASP A 81 -0.36 -13.46 6.03
N VAL A 82 -0.46 -12.67 4.94
CA VAL A 82 -0.35 -13.18 3.57
C VAL A 82 0.83 -12.55 2.81
N ARG A 83 1.59 -11.64 3.41
CA ARG A 83 2.78 -11.07 2.77
C ARG A 83 3.78 -12.19 2.42
N GLY A 84 3.91 -13.20 3.28
CA GLY A 84 4.75 -14.37 3.05
C GLY A 84 4.28 -15.23 1.87
N CYS A 85 2.99 -15.14 1.48
CA CYS A 85 2.46 -15.83 0.30
C CYS A 85 2.80 -15.09 -1.00
N GLY A 86 3.47 -13.93 -0.94
CA GLY A 86 3.97 -13.22 -2.10
C GLY A 86 2.94 -12.28 -2.73
N VAL A 87 1.82 -11.99 -2.05
CA VAL A 87 0.77 -11.10 -2.57
C VAL A 87 1.35 -9.73 -2.93
N GLY A 88 2.40 -9.28 -2.22
CA GLY A 88 3.17 -8.10 -2.58
C GLY A 88 3.57 -8.11 -4.05
N ARG A 89 4.21 -9.19 -4.53
CA ARG A 89 4.55 -9.28 -5.94
C ARG A 89 3.28 -9.29 -6.78
N VAL A 90 2.24 -10.03 -6.41
CA VAL A 90 1.04 -10.10 -7.26
C VAL A 90 0.47 -8.70 -7.49
N LEU A 91 0.34 -7.89 -6.44
CA LEU A 91 -0.21 -6.54 -6.56
C LEU A 91 0.73 -5.62 -7.32
N VAL A 92 2.05 -5.71 -7.09
CA VAL A 92 3.04 -4.93 -7.82
C VAL A 92 3.00 -5.31 -9.30
N GLU A 93 2.87 -6.59 -9.64
CA GLU A 93 2.83 -7.05 -11.02
C GLU A 93 1.54 -6.56 -11.68
N HIS A 94 0.44 -6.49 -10.93
CA HIS A 94 -0.81 -5.90 -11.41
C HIS A 94 -0.59 -4.44 -11.80
N ALA A 95 0.08 -3.69 -10.93
CA ALA A 95 0.39 -2.29 -11.15
C ALA A 95 1.33 -2.12 -12.35
N LEU A 96 2.41 -2.90 -12.41
CA LEU A 96 3.38 -2.90 -13.52
C LEU A 96 2.70 -3.23 -14.84
N SER A 97 1.67 -4.10 -14.84
CA SER A 97 0.95 -4.45 -16.05
C SER A 97 0.25 -3.24 -16.67
N MET A 98 -0.24 -2.30 -15.85
CA MET A 98 -0.88 -1.08 -16.34
C MET A 98 0.13 0.06 -16.53
N ALA A 99 1.29 0.00 -15.87
CA ALA A 99 2.28 1.06 -15.82
C ALA A 99 3.69 0.44 -15.87
N PRO A 100 4.29 0.25 -17.05
CA PRO A 100 5.60 -0.39 -17.13
C PRO A 100 6.72 0.44 -16.48
N GLU A 101 6.53 1.76 -16.33
CA GLU A 101 7.51 2.70 -15.83
C GLU A 101 7.12 3.15 -14.40
N LEU A 102 6.51 2.22 -13.66
CA LEU A 102 5.88 2.41 -12.37
C LEU A 102 6.75 3.16 -11.38
N THR A 103 6.10 3.97 -10.57
CA THR A 103 6.67 4.69 -9.44
C THR A 103 5.81 4.43 -8.21
N THR A 104 6.34 4.67 -7.02
CA THR A 104 5.56 4.53 -5.79
C THR A 104 6.11 5.44 -4.71
N ASN A 105 5.49 5.41 -3.54
CA ASN A 105 5.93 6.11 -2.35
C ASN A 105 5.67 5.26 -1.11
N VAL A 106 6.39 5.56 -0.03
CA VAL A 106 6.33 4.82 1.22
C VAL A 106 6.76 5.78 2.34
N ASN A 107 6.12 5.68 3.50
CA ASN A 107 6.53 6.43 4.69
C ASN A 107 7.84 5.82 5.18
N GLU A 108 8.86 6.66 5.46
CA GLU A 108 10.15 6.22 5.97
C GLU A 108 10.02 5.50 7.33
N GLN A 109 8.94 5.73 8.09
CA GLN A 109 8.59 5.02 9.32
C GLN A 109 8.21 3.54 9.08
N ASN A 110 8.64 2.92 7.98
CA ASN A 110 8.40 1.53 7.62
C ASN A 110 9.60 1.05 6.81
N GLU A 111 10.75 0.98 7.47
CA GLU A 111 12.00 0.49 6.85
C GLU A 111 11.82 -0.93 6.30
N GLN A 112 10.89 -1.71 6.84
CA GLN A 112 10.59 -3.06 6.34
C GLN A 112 10.08 -2.97 4.92
N ALA A 113 9.10 -2.10 4.64
CA ALA A 113 8.56 -1.89 3.31
C ALA A 113 9.60 -1.27 2.39
N VAL A 114 10.45 -0.37 2.88
CA VAL A 114 11.55 0.16 2.09
C VAL A 114 12.43 -1.02 1.61
N GLY A 115 12.82 -1.91 2.52
CA GLY A 115 13.63 -3.08 2.19
C GLY A 115 12.89 -4.01 1.22
N PHE A 116 11.62 -4.30 1.48
CA PHE A 116 10.78 -5.15 0.64
C PHE A 116 10.75 -4.59 -0.78
N TYR A 117 10.45 -3.30 -0.92
CA TYR A 117 10.27 -2.71 -2.23
C TYR A 117 11.62 -2.70 -2.99
N LYS A 118 12.76 -2.53 -2.29
CA LYS A 118 14.08 -2.71 -2.89
C LYS A 118 14.23 -4.12 -3.46
N LYS A 119 13.89 -5.17 -2.70
CA LYS A 119 13.99 -6.55 -3.17
C LYS A 119 13.15 -6.74 -4.43
N VAL A 120 11.94 -6.18 -4.42
CA VAL A 120 10.98 -6.28 -5.51
C VAL A 120 11.51 -5.60 -6.78
N GLY A 121 12.26 -4.50 -6.64
CA GLY A 121 13.00 -3.87 -7.72
C GLY A 121 12.85 -2.36 -7.79
N PHE A 122 12.25 -1.70 -6.79
CA PHE A 122 12.19 -0.24 -6.76
C PHE A 122 13.54 0.35 -6.31
N LYS A 123 13.79 1.60 -6.72
CA LYS A 123 14.98 2.37 -6.40
C LYS A 123 14.52 3.81 -6.16
N VAL A 124 15.08 4.49 -5.17
CA VAL A 124 14.60 5.79 -4.70
C VAL A 124 14.94 6.88 -5.73
N THR A 125 13.96 7.73 -6.00
CA THR A 125 13.99 8.79 -6.97
C THR A 125 13.67 10.15 -6.31
N GLY A 126 13.19 10.16 -5.06
CA GLY A 126 13.06 11.39 -4.29
C GLY A 126 12.65 11.12 -2.85
N ARG A 127 12.52 12.18 -2.06
CA ARG A 127 11.93 12.14 -0.73
C ARG A 127 11.31 13.50 -0.45
N SER A 128 10.66 13.58 0.71
CA SER A 128 10.04 14.77 1.27
C SER A 128 10.22 14.64 2.77
N GLU A 129 10.61 15.72 3.45
CA GLU A 129 10.77 15.72 4.91
C GLU A 129 9.41 15.88 5.63
N VAL A 130 8.33 15.95 4.87
CA VAL A 130 6.96 16.08 5.33
C VAL A 130 6.10 15.08 4.56
N ASP A 131 4.85 14.91 4.98
CA ASP A 131 3.94 13.92 4.40
C ASP A 131 2.98 14.57 3.41
N ASP A 132 2.19 15.54 3.87
CA ASP A 132 1.25 16.26 3.01
C ASP A 132 0.78 17.59 3.60
N LEU A 133 0.48 17.58 4.91
CA LEU A 133 -0.05 18.74 5.64
C LEU A 133 1.07 19.73 6.03
N GLY A 134 2.28 19.53 5.49
CA GLY A 134 3.49 20.22 5.92
C GLY A 134 4.03 19.69 7.25
N LYS A 135 3.38 18.69 7.84
CA LYS A 135 3.80 18.08 9.11
C LYS A 135 5.09 17.28 8.89
N PRO A 136 6.07 17.34 9.80
CA PRO A 136 7.39 16.75 9.62
C PRO A 136 7.39 15.22 9.83
N TYR A 137 6.65 14.49 9.00
CA TYR A 137 6.62 13.04 8.97
C TYR A 137 6.99 12.67 7.53
N PRO A 138 8.23 12.26 7.24
CA PRO A 138 8.70 12.10 5.87
C PRO A 138 7.90 11.15 4.97
N LEU A 139 8.14 11.26 3.67
CA LEU A 139 7.68 10.36 2.62
C LEU A 139 8.88 10.13 1.69
N LEU A 140 8.98 8.94 1.14
CA LEU A 140 10.02 8.58 0.16
C LEU A 140 9.33 8.28 -1.15
N ASN A 141 9.98 8.54 -2.28
CA ASN A 141 9.46 8.28 -3.62
C ASN A 141 10.47 7.45 -4.38
N LEU A 142 9.97 6.46 -5.11
CA LEU A 142 10.77 5.42 -5.73
C LEU A 142 10.23 5.17 -7.14
N ALA A 143 11.03 4.53 -7.99
CA ALA A 143 10.69 4.12 -9.34
C ALA A 143 11.14 2.69 -9.53
N TYR A 144 10.45 1.94 -10.38
CA TYR A 144 10.83 0.56 -10.66
C TYR A 144 12.03 0.56 -11.61
N VAL A 145 13.10 -0.15 -11.21
CA VAL A 145 14.36 -0.25 -11.94
C VAL A 145 14.78 -1.71 -12.11
N GLY A 146 14.17 -2.65 -11.37
CA GLY A 146 14.47 -4.07 -11.43
C GLY A 146 14.38 -4.63 -12.85
N ALA A 147 15.28 -5.56 -13.14
CA ALA A 147 15.37 -6.33 -14.37
C ALA A 147 16.03 -7.66 -14.05
N MET A 1 -5.81 -22.60 -1.41
CA MET A 1 -5.59 -21.15 -1.44
C MET A 1 -5.15 -20.72 -2.84
N VAL A 2 -5.66 -19.59 -3.32
CA VAL A 2 -5.25 -18.91 -4.55
C VAL A 2 -5.49 -17.42 -4.31
N ILE A 3 -4.98 -16.55 -5.20
CA ILE A 3 -5.17 -15.11 -5.14
C ILE A 3 -5.70 -14.66 -6.50
N SER A 4 -6.58 -13.66 -6.46
CA SER A 4 -7.03 -12.92 -7.63
C SER A 4 -7.17 -11.47 -7.20
N ILE A 5 -7.28 -10.55 -8.15
CA ILE A 5 -7.40 -9.12 -7.89
C ILE A 5 -8.69 -8.64 -8.57
N ARG A 6 -9.42 -7.72 -7.95
CA ARG A 6 -10.61 -7.09 -8.52
C ARG A 6 -10.79 -5.69 -7.94
N ARG A 7 -11.75 -4.92 -8.44
CA ARG A 7 -12.14 -3.67 -7.81
C ARG A 7 -12.70 -3.97 -6.43
N SER A 8 -12.56 -2.99 -5.55
CA SER A 8 -13.10 -2.98 -4.20
C SER A 8 -14.64 -3.00 -4.18
N ARG A 9 -15.22 -3.09 -2.99
CA ARG A 9 -16.64 -2.93 -2.70
C ARG A 9 -16.73 -1.99 -1.51
N HIS A 10 -17.72 -1.09 -1.48
CA HIS A 10 -17.87 -0.14 -0.38
C HIS A 10 -18.01 -0.88 0.96
N GLU A 11 -18.77 -1.97 0.96
CA GLU A 11 -19.08 -2.74 2.17
C GLU A 11 -17.89 -3.52 2.74
N GLU A 12 -16.81 -3.67 1.98
CA GLU A 12 -15.58 -4.30 2.44
C GLU A 12 -14.55 -3.25 2.87
N GLY A 13 -14.86 -1.95 2.73
CA GLY A 13 -13.93 -0.86 3.02
C GLY A 13 -13.32 -0.95 4.42
N GLU A 14 -14.11 -1.33 5.44
CA GLU A 14 -13.63 -1.42 6.80
C GLU A 14 -12.60 -2.54 6.96
N GLU A 15 -12.66 -3.59 6.14
CA GLU A 15 -11.64 -4.64 6.11
C GLU A 15 -10.34 -4.09 5.53
N LEU A 16 -10.43 -3.15 4.60
CA LEU A 16 -9.26 -2.51 3.99
C LEU A 16 -8.63 -1.56 5.01
N VAL A 17 -9.44 -0.85 5.79
CA VAL A 17 -8.94 -0.08 6.93
C VAL A 17 -8.21 -1.03 7.88
N ALA A 18 -8.81 -2.18 8.21
CA ALA A 18 -8.24 -3.13 9.15
C ALA A 18 -6.90 -3.68 8.65
N ILE A 19 -6.78 -3.93 7.35
CA ILE A 19 -5.55 -4.37 6.69
C ILE A 19 -4.49 -3.27 6.79
N TRP A 20 -4.83 -2.04 6.41
CA TRP A 20 -3.93 -0.90 6.55
C TRP A 20 -3.47 -0.77 8.01
N CYS A 21 -4.40 -0.80 8.96
CA CYS A 21 -4.13 -0.70 10.39
C CYS A 21 -3.10 -1.74 10.84
N ARG A 22 -3.26 -3.02 10.47
CA ARG A 22 -2.33 -4.05 10.92
C ARG A 22 -0.97 -3.99 10.24
N SER A 23 -0.88 -3.60 8.96
CA SER A 23 0.44 -3.38 8.36
C SER A 23 1.11 -2.12 8.93
N VAL A 24 0.33 -1.14 9.39
CA VAL A 24 0.88 0.01 10.09
C VAL A 24 1.42 -0.43 11.45
N ASP A 25 0.68 -1.25 12.20
CA ASP A 25 1.17 -1.78 13.47
C ASP A 25 2.43 -2.64 13.27
N ALA A 26 2.48 -3.41 12.19
CA ALA A 26 3.57 -4.34 11.92
C ALA A 26 4.84 -3.65 11.42
N THR A 27 4.74 -2.59 10.59
CA THR A 27 5.91 -2.04 9.90
C THR A 27 5.99 -0.51 9.85
N HIS A 28 4.98 0.23 10.34
CA HIS A 28 4.95 1.70 10.30
C HIS A 28 4.70 2.26 11.71
N ASP A 29 5.05 1.53 12.76
CA ASP A 29 4.68 1.83 14.15
C ASP A 29 5.21 3.19 14.64
N PHE A 30 6.18 3.75 13.92
CA PHE A 30 6.72 5.11 14.07
C PHE A 30 5.63 6.19 14.04
N LEU A 31 4.47 5.90 13.44
CA LEU A 31 3.28 6.74 13.50
C LEU A 31 2.77 6.75 14.94
N SER A 32 3.13 7.80 15.70
CA SER A 32 2.67 8.05 17.06
C SER A 32 1.14 8.09 17.13
N ALA A 33 0.57 7.81 18.31
CA ALA A 33 -0.87 7.58 18.49
C ALA A 33 -1.76 8.70 17.93
N GLU A 34 -1.36 9.97 18.06
CA GLU A 34 -2.15 11.08 17.55
C GLU A 34 -2.21 11.03 16.03
N TYR A 35 -1.05 10.86 15.38
CA TYR A 35 -0.95 10.74 13.93
C TYR A 35 -1.67 9.48 13.46
N ARG A 36 -1.54 8.37 14.20
CA ARG A 36 -2.23 7.11 13.95
C ARG A 36 -3.74 7.34 13.89
N THR A 37 -4.29 8.07 14.86
CA THR A 37 -5.70 8.32 14.98
C THR A 37 -6.19 9.15 13.79
N GLU A 38 -5.50 10.26 13.47
CA GLU A 38 -5.92 11.14 12.39
C GLU A 38 -5.81 10.43 11.04
N LEU A 39 -4.77 9.62 10.84
CA LEU A 39 -4.62 8.80 9.65
C LEU A 39 -5.78 7.81 9.58
N GLU A 40 -6.01 7.01 10.63
CA GLU A 40 -7.02 5.96 10.60
C GLU A 40 -8.40 6.54 10.25
N ASP A 41 -8.73 7.72 10.78
CA ASP A 41 -9.99 8.40 10.47
C ASP A 41 -10.09 8.77 9.00
N LEU A 42 -9.05 9.40 8.44
CA LEU A 42 -9.07 9.84 7.05
C LEU A 42 -9.04 8.64 6.11
N VAL A 43 -8.30 7.60 6.47
CA VAL A 43 -8.24 6.31 5.79
C VAL A 43 -9.64 5.67 5.79
N ARG A 44 -10.33 5.64 6.93
CA ARG A 44 -11.70 5.14 7.02
C ARG A 44 -12.71 6.06 6.33
N SER A 45 -12.30 7.28 5.94
CA SER A 45 -13.11 8.19 5.16
C SER A 45 -12.73 8.10 3.67
N PHE A 46 -11.85 7.17 3.28
CA PHE A 46 -11.26 7.14 1.96
C PHE A 46 -11.21 5.73 1.38
N LEU A 47 -10.60 4.74 2.03
CA LEU A 47 -10.51 3.38 1.47
C LEU A 47 -11.88 2.79 1.11
N PRO A 48 -12.97 2.98 1.90
CA PRO A 48 -14.29 2.53 1.52
C PRO A 48 -14.85 3.16 0.23
N GLU A 49 -14.27 4.24 -0.32
CA GLU A 49 -14.81 4.94 -1.49
C GLU A 49 -13.77 5.16 -2.60
N ALA A 50 -12.48 4.99 -2.30
CA ALA A 50 -11.37 5.20 -3.21
C ALA A 50 -11.41 4.22 -4.39
N PRO A 51 -10.85 4.58 -5.56
CA PRO A 51 -10.76 3.75 -6.75
C PRO A 51 -9.64 2.70 -6.61
N LEU A 52 -9.75 1.85 -5.60
CA LEU A 52 -8.77 0.80 -5.29
C LEU A 52 -9.01 -0.43 -6.15
N TRP A 53 -8.14 -1.40 -5.91
CA TRP A 53 -8.19 -2.78 -6.36
C TRP A 53 -7.82 -3.59 -5.11
N VAL A 54 -8.46 -4.73 -4.87
CA VAL A 54 -8.20 -5.56 -3.72
C VAL A 54 -7.67 -6.91 -4.17
N ALA A 55 -6.68 -7.43 -3.43
CA ALA A 55 -6.24 -8.80 -3.57
C ALA A 55 -7.24 -9.58 -2.72
N VAL A 56 -7.77 -10.65 -3.25
CA VAL A 56 -8.71 -11.50 -2.56
C VAL A 56 -8.17 -12.92 -2.59
N ASN A 57 -8.36 -13.64 -1.48
CA ASN A 57 -8.05 -15.06 -1.43
C ASN A 57 -9.22 -15.85 -2.03
N GLU A 58 -9.09 -17.18 -2.04
CA GLU A 58 -10.03 -18.14 -2.62
C GLU A 58 -11.49 -17.95 -2.18
N ARG A 59 -11.73 -17.34 -1.00
CA ARG A 59 -13.04 -17.11 -0.42
C ARG A 59 -13.69 -15.82 -0.95
N ASP A 60 -13.04 -15.11 -1.89
CA ASP A 60 -13.41 -13.76 -2.31
C ASP A 60 -13.55 -12.86 -1.09
N GLN A 61 -12.42 -12.79 -0.38
CA GLN A 61 -12.24 -12.21 0.94
C GLN A 61 -11.00 -11.34 0.78
N PRO A 62 -11.08 -10.01 0.98
CA PRO A 62 -9.95 -9.13 0.79
C PRO A 62 -8.83 -9.50 1.76
N VAL A 63 -7.60 -9.47 1.25
CA VAL A 63 -6.38 -9.68 2.02
C VAL A 63 -5.33 -8.58 1.78
N GLY A 64 -5.54 -7.72 0.78
CA GLY A 64 -4.71 -6.54 0.53
C GLY A 64 -5.40 -5.62 -0.45
N PHE A 65 -4.84 -4.43 -0.67
CA PHE A 65 -5.32 -3.49 -1.67
C PHE A 65 -4.17 -2.70 -2.30
N MET A 66 -4.46 -2.14 -3.46
CA MET A 66 -3.56 -1.43 -4.36
C MET A 66 -4.37 -0.25 -4.91
N LEU A 67 -3.82 0.96 -4.85
CA LEU A 67 -4.37 2.15 -5.52
C LEU A 67 -3.40 2.43 -6.65
N LEU A 68 -3.88 2.50 -7.89
CA LEU A 68 -3.09 2.93 -9.04
C LEU A 68 -3.99 3.68 -10.00
N SER A 69 -3.50 4.80 -10.48
CA SER A 69 -4.04 5.61 -11.58
C SER A 69 -2.86 6.47 -12.07
N GLY A 70 -2.88 6.92 -13.32
CA GLY A 70 -1.85 7.82 -13.86
C GLY A 70 -0.42 7.30 -13.70
N GLN A 71 -0.22 5.97 -13.84
CA GLN A 71 1.05 5.27 -13.67
C GLN A 71 1.68 5.46 -12.27
N HIS A 72 0.88 5.81 -11.25
CA HIS A 72 1.34 6.00 -9.88
C HIS A 72 0.54 5.12 -8.93
N MET A 73 1.20 4.12 -8.33
CA MET A 73 0.62 3.28 -7.31
C MET A 73 0.80 3.98 -5.97
N ASP A 74 -0.14 4.86 -5.62
CA ASP A 74 -0.04 5.69 -4.41
C ASP A 74 -0.05 4.85 -3.12
N ALA A 75 -0.70 3.69 -3.14
CA ALA A 75 -0.88 2.85 -1.95
C ALA A 75 -0.80 1.38 -2.33
N LEU A 76 -0.21 0.59 -1.43
CA LEU A 76 -0.13 -0.85 -1.47
C LEU A 76 -0.02 -1.30 -0.01
N PHE A 77 -1.04 -1.97 0.51
CA PHE A 77 -1.08 -2.45 1.88
C PHE A 77 -1.77 -3.81 1.88
N ILE A 78 -1.28 -4.73 2.70
CA ILE A 78 -1.69 -6.13 2.69
C ILE A 78 -1.57 -6.60 4.13
N ASP A 79 -2.34 -7.62 4.49
CA ASP A 79 -2.29 -8.23 5.81
C ASP A 79 -0.90 -8.87 5.98
N PRO A 80 -0.12 -8.54 7.02
CA PRO A 80 1.16 -9.18 7.32
C PRO A 80 1.13 -10.71 7.31
N ASP A 81 -0.02 -11.34 7.58
CA ASP A 81 -0.19 -12.79 7.53
C ASP A 81 0.06 -13.38 6.14
N VAL A 82 -0.10 -12.58 5.07
CA VAL A 82 0.10 -13.01 3.69
C VAL A 82 1.11 -12.15 2.93
N ARG A 83 1.67 -11.09 3.54
CA ARG A 83 2.80 -10.37 2.94
C ARG A 83 3.95 -11.34 2.67
N GLY A 84 4.22 -12.25 3.60
CA GLY A 84 5.24 -13.29 3.44
C GLY A 84 4.89 -14.31 2.34
N CYS A 85 3.60 -14.52 2.05
CA CYS A 85 3.14 -15.41 0.98
C CYS A 85 3.36 -14.81 -0.41
N GLY A 86 3.76 -13.53 -0.52
CA GLY A 86 4.14 -12.92 -1.79
C GLY A 86 2.98 -12.23 -2.49
N VAL A 87 1.85 -11.98 -1.81
CA VAL A 87 0.73 -11.21 -2.38
C VAL A 87 1.23 -9.82 -2.83
N GLY A 88 2.25 -9.27 -2.17
CA GLY A 88 2.96 -8.08 -2.60
C GLY A 88 3.33 -8.13 -4.08
N ARG A 89 3.99 -9.21 -4.53
CA ARG A 89 4.30 -9.34 -5.95
C ARG A 89 3.03 -9.40 -6.77
N VAL A 90 2.01 -10.16 -6.36
CA VAL A 90 0.79 -10.30 -7.17
C VAL A 90 0.17 -8.92 -7.42
N LEU A 91 0.04 -8.10 -6.38
CA LEU A 91 -0.57 -6.78 -6.52
C LEU A 91 0.34 -5.83 -7.34
N VAL A 92 1.66 -5.88 -7.14
CA VAL A 92 2.59 -5.08 -7.92
C VAL A 92 2.53 -5.50 -9.39
N GLU A 93 2.44 -6.80 -9.69
CA GLU A 93 2.37 -7.29 -11.06
C GLU A 93 1.04 -6.84 -11.69
N HIS A 94 -0.05 -6.78 -10.91
CA HIS A 94 -1.32 -6.24 -11.37
C HIS A 94 -1.15 -4.78 -11.78
N ALA A 95 -0.51 -3.99 -10.91
CA ALA A 95 -0.25 -2.59 -11.14
C ALA A 95 0.65 -2.39 -12.38
N LEU A 96 1.75 -3.12 -12.47
CA LEU A 96 2.68 -3.09 -13.59
C LEU A 96 1.99 -3.48 -14.90
N SER A 97 1.00 -4.38 -14.87
CA SER A 97 0.26 -4.78 -16.05
C SER A 97 -0.51 -3.60 -16.66
N MET A 98 -1.03 -2.69 -15.82
CA MET A 98 -1.74 -1.51 -16.30
C MET A 98 -0.78 -0.35 -16.59
N ALA A 99 0.39 -0.32 -15.95
CA ALA A 99 1.35 0.77 -15.99
C ALA A 99 2.77 0.19 -16.04
N PRO A 100 3.39 0.00 -17.21
CA PRO A 100 4.76 -0.50 -17.26
C PRO A 100 5.78 0.50 -16.69
N GLU A 101 5.43 1.79 -16.68
CA GLU A 101 6.30 2.90 -16.29
C GLU A 101 6.01 3.33 -14.85
N LEU A 102 5.56 2.37 -14.04
CA LEU A 102 5.02 2.53 -12.70
C LEU A 102 5.94 3.31 -11.77
N THR A 103 5.29 4.08 -10.90
CA THR A 103 5.90 4.76 -9.77
C THR A 103 5.10 4.44 -8.51
N THR A 104 5.67 4.72 -7.34
CA THR A 104 4.97 4.53 -6.08
C THR A 104 5.57 5.45 -5.01
N ASN A 105 5.12 5.31 -3.77
CA ASN A 105 5.63 6.02 -2.62
C ASN A 105 5.50 5.16 -1.37
N VAL A 106 6.26 5.51 -0.34
CA VAL A 106 6.30 4.80 0.94
C VAL A 106 6.80 5.80 2.00
N ASN A 107 6.36 5.68 3.26
CA ASN A 107 6.89 6.50 4.33
C ASN A 107 8.33 6.06 4.61
N GLU A 108 9.27 7.00 4.66
CA GLU A 108 10.71 6.77 4.75
C GLU A 108 11.06 5.91 5.97
N GLN A 109 10.31 6.05 7.07
CA GLN A 109 10.59 5.37 8.32
C GLN A 109 10.40 3.85 8.19
N ASN A 110 9.53 3.40 7.28
CA ASN A 110 9.30 1.99 7.02
C ASN A 110 10.42 1.45 6.11
N GLU A 111 11.64 1.44 6.63
CA GLU A 111 12.82 0.96 5.92
C GLU A 111 12.64 -0.49 5.46
N GLN A 112 11.80 -1.27 6.15
CA GLN A 112 11.47 -2.64 5.76
C GLN A 112 10.77 -2.64 4.40
N ALA A 113 9.76 -1.78 4.23
CA ALA A 113 9.05 -1.63 2.97
C ALA A 113 9.94 -0.99 1.91
N VAL A 114 10.81 -0.04 2.26
CA VAL A 114 11.79 0.49 1.31
C VAL A 114 12.64 -0.66 0.77
N GLY A 115 13.11 -1.55 1.64
CA GLY A 115 13.87 -2.74 1.24
C GLY A 115 13.02 -3.67 0.38
N PHE A 116 11.80 -3.99 0.81
CA PHE A 116 10.88 -4.87 0.08
C PHE A 116 10.66 -4.35 -1.33
N TYR A 117 10.33 -3.07 -1.47
CA TYR A 117 10.00 -2.51 -2.78
C TYR A 117 11.25 -2.54 -3.67
N LYS A 118 12.45 -2.32 -3.14
CA LYS A 118 13.67 -2.51 -3.92
C LYS A 118 13.89 -3.95 -4.35
N LYS A 119 13.60 -4.96 -3.49
CA LYS A 119 13.68 -6.37 -3.90
C LYS A 119 12.73 -6.63 -5.06
N VAL A 120 11.53 -6.06 -5.00
CA VAL A 120 10.50 -6.20 -6.02
C VAL A 120 10.95 -5.55 -7.34
N GLY A 121 11.71 -4.45 -7.27
CA GLY A 121 12.39 -3.85 -8.41
C GLY A 121 12.28 -2.33 -8.50
N PHE A 122 11.67 -1.67 -7.50
CA PHE A 122 11.64 -0.22 -7.45
C PHE A 122 13.03 0.36 -7.11
N LYS A 123 13.19 1.66 -7.32
CA LYS A 123 14.33 2.48 -6.93
C LYS A 123 13.76 3.82 -6.48
N VAL A 124 14.31 4.41 -5.43
CA VAL A 124 13.90 5.72 -4.96
C VAL A 124 14.41 6.76 -5.95
N THR A 125 13.52 7.62 -6.39
CA THR A 125 13.71 8.60 -7.43
C THR A 125 13.30 10.01 -6.97
N GLY A 126 12.69 10.14 -5.78
CA GLY A 126 12.44 11.42 -5.14
C GLY A 126 12.12 11.22 -3.66
N ARG A 127 11.92 12.30 -2.92
CA ARG A 127 11.44 12.27 -1.54
C ARG A 127 10.81 13.63 -1.19
N SER A 128 10.35 13.74 0.04
CA SER A 128 9.68 14.92 0.59
C SER A 128 10.11 15.05 2.05
N GLU A 129 10.28 16.29 2.54
CA GLU A 129 10.66 16.57 3.94
C GLU A 129 9.52 16.27 4.92
N VAL A 130 8.32 15.98 4.42
CA VAL A 130 7.12 15.70 5.18
C VAL A 130 6.42 14.51 4.51
N ASP A 131 5.34 14.01 5.13
CA ASP A 131 4.58 12.90 4.55
C ASP A 131 3.64 13.42 3.47
N ASP A 132 2.69 14.29 3.84
CA ASP A 132 1.84 15.01 2.88
C ASP A 132 1.19 16.25 3.49
N LEU A 133 0.62 16.13 4.69
CA LEU A 133 -0.17 17.19 5.35
C LEU A 133 0.75 18.08 6.20
N GLY A 134 2.03 18.19 5.81
CA GLY A 134 3.07 18.83 6.62
C GLY A 134 3.50 18.00 7.83
N LYS A 135 3.14 16.71 7.87
CA LYS A 135 3.50 15.79 8.95
C LYS A 135 5.01 15.57 8.90
N PRO A 136 5.78 15.72 9.98
CA PRO A 136 7.25 15.71 9.96
C PRO A 136 7.82 14.29 9.86
N TYR A 137 7.30 13.47 8.94
CA TYR A 137 7.57 12.04 8.83
C TYR A 137 7.73 11.74 7.33
N PRO A 138 8.89 12.05 6.71
CA PRO A 138 9.12 12.01 5.27
C PRO A 138 8.46 10.89 4.45
N LEU A 139 8.10 11.23 3.20
CA LEU A 139 7.65 10.31 2.16
C LEU A 139 8.81 10.15 1.19
N LEU A 140 8.93 8.97 0.59
CA LEU A 140 9.84 8.72 -0.51
C LEU A 140 9.00 8.47 -1.74
N ASN A 141 9.50 8.83 -2.91
CA ASN A 141 8.91 8.51 -4.21
C ASN A 141 9.87 7.59 -4.93
N LEU A 142 9.32 6.59 -5.59
CA LEU A 142 10.09 5.52 -6.22
C LEU A 142 9.52 5.29 -7.60
N ALA A 143 10.33 4.70 -8.49
CA ALA A 143 9.94 4.31 -9.83
C ALA A 143 10.42 2.87 -10.06
N TYR A 144 9.71 2.13 -10.91
CA TYR A 144 10.12 0.76 -11.21
C TYR A 144 11.30 0.79 -12.17
N VAL A 145 12.34 0.03 -11.84
CA VAL A 145 13.60 -0.03 -12.59
C VAL A 145 13.97 -1.51 -12.86
N GLY A 146 13.30 -2.47 -12.22
CA GLY A 146 13.72 -3.87 -12.23
C GLY A 146 15.04 -4.02 -11.49
N ALA A 147 15.22 -3.25 -10.41
CA ALA A 147 16.42 -3.26 -9.58
C ALA A 147 16.79 -4.68 -9.13
N MET A 1 -5.90 -22.84 -1.42
CA MET A 1 -5.69 -21.38 -1.45
C MET A 1 -5.29 -20.95 -2.87
N VAL A 2 -5.79 -19.78 -3.30
CA VAL A 2 -5.44 -19.14 -4.57
C VAL A 2 -5.61 -17.63 -4.34
N ILE A 3 -5.13 -16.81 -5.27
CA ILE A 3 -5.25 -15.36 -5.23
C ILE A 3 -5.76 -14.89 -6.59
N SER A 4 -6.58 -13.84 -6.55
CA SER A 4 -6.99 -13.06 -7.71
C SER A 4 -6.99 -11.60 -7.26
N ILE A 5 -6.98 -10.67 -8.21
CA ILE A 5 -7.14 -9.25 -7.92
C ILE A 5 -8.43 -8.81 -8.62
N ARG A 6 -9.20 -7.94 -7.98
CA ARG A 6 -10.46 -7.41 -8.51
C ARG A 6 -10.75 -6.05 -7.88
N ARG A 7 -11.84 -5.39 -8.28
CA ARG A 7 -12.22 -4.11 -7.72
C ARG A 7 -12.77 -4.34 -6.32
N SER A 8 -12.59 -3.34 -5.47
CA SER A 8 -13.14 -3.29 -4.13
C SER A 8 -14.66 -3.05 -4.17
N ARG A 9 -15.28 -2.93 -3.00
CA ARG A 9 -16.67 -2.47 -2.84
C ARG A 9 -16.66 -1.41 -1.73
N HIS A 10 -17.70 -0.58 -1.66
CA HIS A 10 -17.79 0.41 -0.58
C HIS A 10 -17.98 -0.30 0.76
N GLU A 11 -18.80 -1.35 0.78
CA GLU A 11 -19.23 -2.02 2.02
C GLU A 11 -18.09 -2.79 2.70
N GLU A 12 -17.09 -3.24 1.94
CA GLU A 12 -15.90 -3.90 2.48
C GLU A 12 -14.82 -2.89 2.87
N GLY A 13 -15.06 -1.57 2.71
CA GLY A 13 -14.07 -0.54 2.96
C GLY A 13 -13.41 -0.67 4.33
N GLU A 14 -14.18 -0.98 5.37
CA GLU A 14 -13.67 -1.11 6.73
C GLU A 14 -12.68 -2.28 6.87
N GLU A 15 -12.80 -3.33 6.04
CA GLU A 15 -11.83 -4.42 6.01
C GLU A 15 -10.49 -3.89 5.50
N LEU A 16 -10.52 -2.93 4.57
CA LEU A 16 -9.31 -2.39 3.96
C LEU A 16 -8.67 -1.39 4.93
N VAL A 17 -9.49 -0.61 5.66
CA VAL A 17 -9.03 0.21 6.76
C VAL A 17 -8.33 -0.69 7.79
N ALA A 18 -8.91 -1.84 8.13
CA ALA A 18 -8.33 -2.78 9.08
C ALA A 18 -6.99 -3.33 8.58
N ILE A 19 -6.93 -3.74 7.31
CA ILE A 19 -5.72 -4.26 6.67
C ILE A 19 -4.60 -3.21 6.72
N TRP A 20 -4.91 -1.97 6.34
CA TRP A 20 -4.01 -0.83 6.46
C TRP A 20 -3.52 -0.70 7.90
N CYS A 21 -4.45 -0.68 8.88
CA CYS A 21 -4.10 -0.50 10.29
C CYS A 21 -3.16 -1.61 10.76
N ARG A 22 -3.41 -2.85 10.34
CA ARG A 22 -2.57 -3.99 10.67
C ARG A 22 -1.19 -3.87 10.04
N SER A 23 -1.11 -3.46 8.78
CA SER A 23 0.16 -3.18 8.11
C SER A 23 0.96 -2.11 8.86
N VAL A 24 0.26 -1.12 9.39
CA VAL A 24 0.87 -0.01 10.10
C VAL A 24 1.37 -0.50 11.46
N ASP A 25 0.60 -1.30 12.19
CA ASP A 25 1.04 -1.90 13.44
C ASP A 25 2.27 -2.81 13.21
N ALA A 26 2.28 -3.54 12.10
CA ALA A 26 3.32 -4.51 11.79
C ALA A 26 4.65 -3.87 11.39
N THR A 27 4.64 -2.79 10.60
CA THR A 27 5.87 -2.28 9.98
C THR A 27 6.00 -0.74 9.97
N HIS A 28 4.99 0.01 10.44
CA HIS A 28 4.99 1.47 10.41
C HIS A 28 4.70 2.04 11.81
N ASP A 29 5.02 1.30 12.88
CA ASP A 29 4.69 1.71 14.25
C ASP A 29 5.37 3.02 14.67
N PHE A 30 6.36 3.47 13.88
CA PHE A 30 6.99 4.78 13.97
C PHE A 30 5.99 5.95 13.82
N LEU A 31 4.81 5.71 13.23
CA LEU A 31 3.73 6.69 13.17
C LEU A 31 3.26 6.98 14.59
N SER A 32 3.56 8.19 15.06
CA SER A 32 3.15 8.72 16.36
C SER A 32 1.62 8.70 16.49
N ALA A 33 1.11 8.50 17.70
CA ALA A 33 -0.31 8.25 17.93
C ALA A 33 -1.22 9.37 17.41
N GLU A 34 -0.77 10.61 17.43
CA GLU A 34 -1.55 11.74 16.93
C GLU A 34 -1.74 11.59 15.42
N TYR A 35 -0.64 11.39 14.66
CA TYR A 35 -0.76 11.24 13.21
C TYR A 35 -1.41 9.91 12.86
N ARG A 36 -1.20 8.86 13.67
CA ARG A 36 -1.87 7.57 13.53
C ARG A 36 -3.39 7.77 13.52
N THR A 37 -3.91 8.56 14.46
CA THR A 37 -5.31 8.83 14.61
C THR A 37 -5.83 9.59 13.37
N GLU A 38 -5.16 10.66 12.98
CA GLU A 38 -5.59 11.48 11.84
C GLU A 38 -5.56 10.66 10.55
N LEU A 39 -4.53 9.81 10.37
CA LEU A 39 -4.44 8.91 9.25
C LEU A 39 -5.61 7.94 9.27
N GLU A 40 -5.83 7.21 10.36
CA GLU A 40 -6.85 6.18 10.40
C GLU A 40 -8.24 6.77 10.07
N ASP A 41 -8.53 7.98 10.54
CA ASP A 41 -9.76 8.68 10.24
C ASP A 41 -9.87 9.03 8.76
N LEU A 42 -8.82 9.61 8.17
CA LEU A 42 -8.87 10.04 6.78
C LEU A 42 -8.88 8.83 5.85
N VAL A 43 -8.16 7.77 6.20
CA VAL A 43 -8.16 6.46 5.56
C VAL A 43 -9.58 5.90 5.59
N ARG A 44 -10.25 5.92 6.76
CA ARG A 44 -11.64 5.47 6.87
C ARG A 44 -12.62 6.44 6.21
N SER A 45 -12.17 7.60 5.77
CA SER A 45 -12.96 8.54 4.98
C SER A 45 -12.63 8.43 3.49
N PHE A 46 -11.78 7.46 3.10
CA PHE A 46 -11.22 7.37 1.76
C PHE A 46 -11.27 5.95 1.21
N LEU A 47 -10.73 4.94 1.90
CA LEU A 47 -10.74 3.57 1.37
C LEU A 47 -12.17 3.05 1.09
N PRO A 48 -13.20 3.35 1.91
CA PRO A 48 -14.58 3.01 1.57
C PRO A 48 -15.12 3.65 0.28
N GLU A 49 -14.44 4.60 -0.37
CA GLU A 49 -14.93 5.26 -1.59
C GLU A 49 -13.90 5.31 -2.73
N ALA A 50 -12.62 5.07 -2.44
CA ALA A 50 -11.50 5.21 -3.38
C ALA A 50 -11.56 4.17 -4.52
N PRO A 51 -11.00 4.48 -5.70
CA PRO A 51 -10.96 3.61 -6.88
C PRO A 51 -9.87 2.53 -6.74
N LEU A 52 -10.03 1.68 -5.72
CA LEU A 52 -9.07 0.67 -5.29
C LEU A 52 -9.18 -0.62 -6.10
N TRP A 53 -8.23 -1.51 -5.84
CA TRP A 53 -8.20 -2.89 -6.28
C TRP A 53 -7.80 -3.71 -5.06
N VAL A 54 -8.32 -4.92 -4.91
CA VAL A 54 -8.08 -5.78 -3.77
C VAL A 54 -7.58 -7.14 -4.23
N ALA A 55 -6.62 -7.67 -3.48
CA ALA A 55 -6.20 -9.04 -3.61
C ALA A 55 -7.21 -9.81 -2.78
N VAL A 56 -7.78 -10.87 -3.34
CA VAL A 56 -8.75 -11.69 -2.67
C VAL A 56 -8.23 -13.12 -2.68
N ASN A 57 -8.45 -13.82 -1.58
CA ASN A 57 -8.14 -15.24 -1.47
C ASN A 57 -9.27 -16.08 -2.06
N GLU A 58 -9.18 -17.40 -1.91
CA GLU A 58 -10.15 -18.38 -2.41
C GLU A 58 -11.59 -18.13 -1.92
N ARG A 59 -11.78 -17.41 -0.80
CA ARG A 59 -13.09 -17.08 -0.25
C ARG A 59 -13.71 -15.87 -0.95
N ASP A 60 -13.02 -15.25 -1.91
CA ASP A 60 -13.39 -13.96 -2.51
C ASP A 60 -13.60 -12.93 -1.41
N GLN A 61 -12.54 -12.79 -0.60
CA GLN A 61 -12.48 -12.07 0.65
C GLN A 61 -11.14 -11.31 0.61
N PRO A 62 -11.12 -9.99 0.88
CA PRO A 62 -9.92 -9.18 0.68
C PRO A 62 -8.85 -9.58 1.68
N VAL A 63 -7.61 -9.69 1.19
CA VAL A 63 -6.41 -9.96 2.01
C VAL A 63 -5.36 -8.86 1.84
N GLY A 64 -5.47 -8.02 0.81
CA GLY A 64 -4.64 -6.85 0.59
C GLY A 64 -5.31 -5.95 -0.42
N PHE A 65 -4.77 -4.75 -0.64
CA PHE A 65 -5.28 -3.80 -1.60
C PHE A 65 -4.16 -2.95 -2.18
N MET A 66 -4.43 -2.32 -3.32
CA MET A 66 -3.58 -1.28 -3.90
C MET A 66 -4.47 -0.17 -4.48
N LEU A 67 -3.93 1.05 -4.54
CA LEU A 67 -4.58 2.22 -5.13
C LEU A 67 -3.65 2.65 -6.25
N LEU A 68 -4.12 2.66 -7.48
CA LEU A 68 -3.32 3.03 -8.64
C LEU A 68 -4.21 3.74 -9.66
N SER A 69 -3.71 4.85 -10.19
CA SER A 69 -4.23 5.58 -11.33
C SER A 69 -3.04 6.43 -11.83
N GLY A 70 -3.04 6.84 -13.11
CA GLY A 70 -2.01 7.71 -13.67
C GLY A 70 -0.58 7.16 -13.52
N GLN A 71 -0.42 5.83 -13.58
CA GLN A 71 0.83 5.10 -13.36
C GLN A 71 1.50 5.36 -12.00
N HIS A 72 0.75 5.82 -11.00
CA HIS A 72 1.24 6.01 -9.63
C HIS A 72 0.40 5.20 -8.66
N MET A 73 1.01 4.16 -8.09
CA MET A 73 0.39 3.31 -7.08
C MET A 73 0.62 3.98 -5.73
N ASP A 74 -0.29 4.86 -5.32
CA ASP A 74 -0.17 5.62 -4.08
C ASP A 74 -0.22 4.74 -2.83
N ALA A 75 -0.83 3.54 -2.91
CA ALA A 75 -1.04 2.67 -1.77
C ALA A 75 -0.86 1.20 -2.17
N LEU A 76 -0.32 0.40 -1.24
CA LEU A 76 -0.19 -1.05 -1.32
C LEU A 76 -0.07 -1.54 0.13
N PHE A 77 -1.02 -2.33 0.61
CA PHE A 77 -1.06 -2.84 1.99
C PHE A 77 -1.70 -4.23 1.96
N ILE A 78 -1.23 -5.14 2.83
CA ILE A 78 -1.64 -6.55 2.83
C ILE A 78 -1.57 -7.02 4.27
N ASP A 79 -2.50 -7.87 4.68
CA ASP A 79 -2.66 -8.23 6.08
C ASP A 79 -1.45 -9.02 6.59
N PRO A 80 -0.93 -8.76 7.82
CA PRO A 80 0.18 -9.49 8.39
C PRO A 80 0.05 -11.02 8.43
N ASP A 81 -1.17 -11.57 8.41
CA ASP A 81 -1.40 -13.02 8.34
C ASP A 81 -0.81 -13.64 7.07
N VAL A 82 -0.58 -12.82 6.03
CA VAL A 82 0.00 -13.21 4.75
C VAL A 82 1.18 -12.29 4.39
N ARG A 83 1.84 -11.66 5.38
CA ARG A 83 3.01 -10.83 5.11
C ARG A 83 4.07 -11.68 4.41
N GLY A 84 4.65 -11.14 3.33
CA GLY A 84 5.69 -11.83 2.58
C GLY A 84 5.19 -13.01 1.75
N CYS A 85 3.88 -13.30 1.73
CA CYS A 85 3.31 -14.28 0.81
C CYS A 85 3.34 -13.70 -0.61
N GLY A 86 3.06 -14.54 -1.61
CA GLY A 86 3.08 -14.20 -3.02
C GLY A 86 2.27 -12.95 -3.37
N VAL A 87 1.22 -12.62 -2.60
CA VAL A 87 0.39 -11.43 -2.79
C VAL A 87 1.22 -10.14 -2.90
N GLY A 88 2.33 -10.07 -2.17
CA GLY A 88 3.28 -8.97 -2.24
C GLY A 88 3.79 -8.71 -3.66
N ARG A 89 3.87 -9.74 -4.50
CA ARG A 89 4.12 -9.60 -5.93
C ARG A 89 2.81 -9.50 -6.70
N VAL A 90 1.76 -10.29 -6.40
CA VAL A 90 0.55 -10.32 -7.24
C VAL A 90 -0.02 -8.90 -7.40
N LEU A 91 -0.13 -8.11 -6.32
CA LEU A 91 -0.70 -6.76 -6.40
C LEU A 91 0.19 -5.84 -7.24
N VAL A 92 1.51 -5.95 -7.10
CA VAL A 92 2.47 -5.16 -7.85
C VAL A 92 2.40 -5.56 -9.33
N GLU A 93 2.28 -6.85 -9.63
CA GLU A 93 2.20 -7.36 -10.99
C GLU A 93 0.91 -6.86 -11.64
N HIS A 94 -0.19 -6.77 -10.88
CA HIS A 94 -1.44 -6.21 -11.35
C HIS A 94 -1.26 -4.75 -11.73
N ALA A 95 -0.59 -3.99 -10.86
CA ALA A 95 -0.28 -2.60 -11.09
C ALA A 95 0.57 -2.43 -12.34
N LEU A 96 1.66 -3.19 -12.46
CA LEU A 96 2.56 -3.17 -13.61
C LEU A 96 1.83 -3.56 -14.90
N SER A 97 0.83 -4.45 -14.83
CA SER A 97 0.05 -4.84 -15.99
C SER A 97 -0.75 -3.65 -16.56
N MET A 98 -1.27 -2.78 -15.70
CA MET A 98 -1.99 -1.59 -16.13
C MET A 98 -1.05 -0.43 -16.45
N ALA A 99 0.14 -0.39 -15.82
CA ALA A 99 1.06 0.73 -15.84
C ALA A 99 2.50 0.19 -15.98
N PRO A 100 3.05 0.04 -17.18
CA PRO A 100 4.41 -0.47 -17.35
C PRO A 100 5.46 0.47 -16.75
N GLU A 101 5.15 1.76 -16.60
CA GLU A 101 6.07 2.80 -16.16
C GLU A 101 5.78 3.18 -14.70
N LEU A 102 5.30 2.20 -13.93
CA LEU A 102 4.78 2.33 -12.59
C LEU A 102 5.72 3.08 -11.66
N THR A 103 5.10 3.86 -10.78
CA THR A 103 5.74 4.52 -9.65
C THR A 103 4.93 4.23 -8.39
N THR A 104 5.54 4.45 -7.23
CA THR A 104 4.86 4.31 -5.95
C THR A 104 5.52 5.20 -4.91
N ASN A 105 5.10 5.09 -3.66
CA ASN A 105 5.67 5.82 -2.54
C ASN A 105 5.58 5.00 -1.26
N VAL A 106 6.38 5.38 -0.26
CA VAL A 106 6.44 4.73 1.04
C VAL A 106 6.97 5.75 2.05
N ASN A 107 6.53 5.69 3.31
CA ASN A 107 7.08 6.55 4.37
C ASN A 107 8.48 6.04 4.72
N GLU A 108 9.47 6.94 4.80
CA GLU A 108 10.87 6.59 4.98
C GLU A 108 11.10 5.79 6.26
N GLN A 109 10.30 6.01 7.32
CA GLN A 109 10.48 5.33 8.59
C GLN A 109 10.36 3.81 8.45
N ASN A 110 9.51 3.34 7.52
CA ASN A 110 9.34 1.93 7.22
C ASN A 110 10.44 1.45 6.29
N GLU A 111 11.68 1.45 6.79
CA GLU A 111 12.85 0.97 6.05
C GLU A 111 12.68 -0.48 5.59
N GLN A 112 11.87 -1.28 6.30
CA GLN A 112 11.56 -2.65 5.92
C GLN A 112 10.85 -2.67 4.56
N ALA A 113 9.85 -1.82 4.38
CA ALA A 113 9.14 -1.69 3.13
C ALA A 113 10.01 -1.07 2.04
N VAL A 114 10.89 -0.12 2.38
CA VAL A 114 11.87 0.39 1.42
C VAL A 114 12.70 -0.78 0.87
N GLY A 115 13.17 -1.68 1.75
CA GLY A 115 13.89 -2.87 1.35
C GLY A 115 13.02 -3.80 0.50
N PHE A 116 11.80 -4.09 0.96
CA PHE A 116 10.87 -4.98 0.27
C PHE A 116 10.63 -4.50 -1.16
N TYR A 117 10.29 -3.23 -1.33
CA TYR A 117 9.93 -2.71 -2.63
C TYR A 117 11.16 -2.77 -3.56
N LYS A 118 12.38 -2.55 -3.05
CA LYS A 118 13.60 -2.73 -3.83
C LYS A 118 13.83 -4.19 -4.23
N LYS A 119 13.53 -5.17 -3.37
CA LYS A 119 13.59 -6.59 -3.75
C LYS A 119 12.65 -6.86 -4.92
N VAL A 120 11.45 -6.29 -4.85
CA VAL A 120 10.40 -6.45 -5.86
C VAL A 120 10.84 -5.80 -7.18
N GLY A 121 11.57 -4.68 -7.13
CA GLY A 121 12.23 -4.07 -8.28
C GLY A 121 12.04 -2.55 -8.38
N PHE A 122 11.48 -1.89 -7.37
CA PHE A 122 11.44 -0.43 -7.34
C PHE A 122 12.83 0.16 -7.02
N LYS A 123 13.02 1.44 -7.30
CA LYS A 123 14.22 2.22 -7.01
C LYS A 123 13.74 3.65 -6.74
N VAL A 124 14.34 4.34 -5.76
CA VAL A 124 13.90 5.65 -5.31
C VAL A 124 14.25 6.70 -6.37
N THR A 125 13.28 7.51 -6.74
CA THR A 125 13.33 8.49 -7.80
C THR A 125 12.97 9.90 -7.27
N GLY A 126 12.49 10.02 -6.04
CA GLY A 126 12.28 11.30 -5.39
C GLY A 126 11.99 11.12 -3.91
N ARG A 127 11.78 12.24 -3.20
CA ARG A 127 11.34 12.25 -1.81
C ARG A 127 10.65 13.57 -1.51
N SER A 128 10.17 13.68 -0.28
CA SER A 128 9.54 14.84 0.30
C SER A 128 9.94 14.83 1.77
N GLU A 129 10.44 15.95 2.30
CA GLU A 129 10.98 16.01 3.67
C GLU A 129 9.90 16.03 4.74
N VAL A 130 8.63 15.94 4.35
CA VAL A 130 7.48 15.73 5.22
C VAL A 130 6.64 14.61 4.61
N ASP A 131 5.64 14.12 5.36
CA ASP A 131 4.82 13.01 4.90
C ASP A 131 3.67 13.51 4.02
N ASP A 132 2.80 14.37 4.56
CA ASP A 132 1.76 15.02 3.77
C ASP A 132 1.25 16.33 4.39
N LEU A 133 1.01 16.34 5.70
CA LEU A 133 0.39 17.46 6.42
C LEU A 133 1.47 18.28 7.14
N GLY A 134 2.67 18.35 6.56
CA GLY A 134 3.83 18.98 7.19
C GLY A 134 4.45 18.13 8.30
N LYS A 135 4.04 16.86 8.43
CA LYS A 135 4.53 15.94 9.46
C LYS A 135 6.00 15.64 9.15
N PRO A 136 6.94 15.75 10.09
CA PRO A 136 8.38 15.65 9.82
C PRO A 136 8.85 14.19 9.67
N TYR A 137 8.13 13.39 8.88
CA TYR A 137 8.36 11.96 8.71
C TYR A 137 8.39 11.71 7.19
N PRO A 138 9.50 11.98 6.50
CA PRO A 138 9.57 11.99 5.04
C PRO A 138 8.83 10.89 4.26
N LEU A 139 8.31 11.26 3.09
CA LEU A 139 7.77 10.34 2.09
C LEU A 139 8.87 10.14 1.06
N LEU A 140 8.96 8.95 0.50
CA LEU A 140 9.89 8.63 -0.59
C LEU A 140 9.06 8.26 -1.79
N ASN A 141 9.51 8.61 -2.99
CA ASN A 141 8.88 8.26 -4.25
C ASN A 141 9.84 7.37 -5.01
N LEU A 142 9.28 6.34 -5.64
CA LEU A 142 10.04 5.27 -6.26
C LEU A 142 9.41 4.97 -7.62
N ALA A 143 10.18 4.36 -8.51
CA ALA A 143 9.76 3.94 -9.83
C ALA A 143 10.23 2.50 -10.04
N TYR A 144 9.51 1.75 -10.87
CA TYR A 144 9.91 0.38 -11.16
C TYR A 144 11.07 0.38 -12.15
N VAL A 145 12.16 -0.32 -11.79
CA VAL A 145 13.40 -0.39 -12.56
C VAL A 145 13.83 -1.87 -12.74
N GLY A 146 13.17 -2.82 -12.06
CA GLY A 146 13.44 -4.25 -12.19
C GLY A 146 13.17 -4.81 -13.58
N ALA A 147 12.24 -4.18 -14.32
CA ALA A 147 11.85 -4.57 -15.67
C ALA A 147 13.08 -4.61 -16.60
#